data_8IHP
#
_entry.id   8IHP
#
_cell.length_a   1.00
_cell.length_b   1.00
_cell.length_c   1.00
_cell.angle_alpha   90.00
_cell.angle_beta   90.00
_cell.angle_gamma   90.00
#
_symmetry.space_group_name_H-M   'P 1'
#
loop_
_entity.id
_entity.type
_entity.pdbx_description
1 polymer 'Spike glycoprotein E2'
2 polymer 'Spike glycoprotein E1'
3 polymer 'Capsid protein'
4 polymer 'Very low-density lipoprotein receptor'
5 non-polymer 2-acetamido-2-deoxy-beta-D-glucopyranose
6 non-polymer 'CALCIUM ION'
#
loop_
_entity_poly.entity_id
_entity_poly.type
_entity_poly.pdbx_seq_one_letter_code
_entity_poly.pdbx_strand_id
1 'polypeptide(L)'
;SVSQHFNVYKATRPYIAYCADCGAGHSCHSPVAIEAVRSEATDGMLKIQFSAQIGIDKSDNHDYTKIRYADGHAIENAVR
SSLKVATSGDCFVHGTMGHFILAKCPPGEFLQVSIQDTRNAVRACRIQYHHDPQPVGREKFTIRPHYGKEIPCTTYQQTT
AKTVEEIDMHMPPDTPDRTLLSQQSGNVKITVGGKKVKYNCTCGTGNVGTTNSDMTINTCLIEQCHVSVTDHKKWQFNSP
FVPRADEPARKGKVHIPFPLDNITCRVPMAREPTVIHGKREVTLHLHPDHPTLFSYRTLGEDPQYHEEWVTAAVERTIPV
PVDGMEYHWGNNDPVRLWSQLTTEGKPHGWPHQIVQYYYGLYPAATVSAVVGMSLLALISIFASCYMLVAARSKCLTPYA
LTPGAAVPWTLGILCCAPRAHA
;
A,D,G,J
2 'polypeptide(L)'
;YEHSTVMPNVVGFPYKAHIERPGYSPLTLQMQVVETSLEPTLNLEYITCEYKTVVPSPYVKCCGASECSTKEKPDYQCKV
YTGVYPFMWGGAYCFCDSENTQLSEAYVDRSDVCRHDHASAYKAHTASLKAKVRVMYGNVNQTVDVYVNGDHAVTIGGTQ
FIFGPLSSAWTPFDNKIVVYKDEVFNQDFPPYGSGQPGRFGDIQSRTVESNDLYANTALKLARPSPGMVHVPYTQTPSGF
KYWLKEKGTALNTKAPFGCQIKTNPVRAMNCAVGNIPVSMNLPDSAFTRIVEAPTIIDLTCTVATCTHSSDFGGVLTLTY
KTDKNGDCSVHSHSNVATLQEATAKVKTAGKVTLHFSTASASPSFVVSLCSARATCSASCEPPKDHIVPYAASHSNVVFP
DMSGTALSWVQKISGGLGAFAIGAILVLVVVTCIGLRR
;
B,E,H,K
3 'polypeptide(L)'
;GKRERMCMKIENDCIFEVKHEGKVTGYACLVGDKVMKPAHVKGVIDNADLAKLAFKKSSKYDLECAQIPVHMRSDASKYT
HEKPEGHYNWHHGAVQYSGGRFTIPTGAGKPGDSGRPIFDNKGRVVAIVLGGANEGSRTALSVVTWNKDMVTRVTPEGSE
EW
;
C,F,I,L
4 'polypeptide(L)' RTCRIHEISCGAHSTQCIPVSWRCDGENDCDSGEDEENC M,N,O
#
loop_
_chem_comp.id
_chem_comp.type
_chem_comp.name
_chem_comp.formula
CA non-polymer 'CALCIUM ION' 'Ca 2'
NAG D-saccharide, beta linking 2-acetamido-2-deoxy-beta-D-glucopyranose 'C8 H15 N O6'
#
# COMPACT_ATOMS: atom_id res chain seq x y z
N VAL A 2 -8.67 72.16 -29.23
CA VAL A 2 -9.94 72.53 -29.84
C VAL A 2 -9.83 72.44 -31.35
N SER A 3 -8.62 72.67 -31.87
CA SER A 3 -8.38 72.74 -33.31
C SER A 3 -8.47 71.39 -34.00
N GLN A 4 -8.57 70.29 -33.24
CA GLN A 4 -8.69 68.97 -33.86
C GLN A 4 -9.96 68.87 -34.68
N HIS A 5 -11.08 69.37 -34.14
CA HIS A 5 -12.32 69.39 -34.90
C HIS A 5 -12.17 70.23 -36.17
N PHE A 6 -11.53 71.39 -36.04
CA PHE A 6 -11.33 72.25 -37.21
C PHE A 6 -10.54 71.52 -38.28
N ASN A 7 -9.47 70.83 -37.88
CA ASN A 7 -8.64 70.11 -38.83
C ASN A 7 -9.41 68.96 -39.47
N VAL A 8 -10.20 68.23 -38.69
CA VAL A 8 -10.84 67.04 -39.23
C VAL A 8 -11.98 67.44 -40.15
N TYR A 9 -12.62 68.58 -39.90
CA TYR A 9 -13.71 69.00 -40.77
C TYR A 9 -13.25 69.96 -41.87
N LYS A 10 -11.98 70.35 -41.88
CA LYS A 10 -11.50 71.27 -42.90
C LYS A 10 -10.94 70.56 -44.13
N ALA A 11 -10.73 69.25 -44.05
CA ALA A 11 -10.29 68.46 -45.19
C ALA A 11 -11.44 67.78 -45.92
N THR A 12 -12.68 67.97 -45.45
CA THR A 12 -13.84 67.27 -45.96
C THR A 12 -14.89 68.27 -46.42
N ARG A 13 -15.66 67.89 -47.43
CA ARG A 13 -16.72 68.71 -47.99
C ARG A 13 -18.00 67.90 -48.11
N PRO A 14 -19.15 68.57 -48.16
CA PRO A 14 -20.41 67.86 -48.43
C PRO A 14 -20.50 67.46 -49.90
N TYR A 15 -21.48 66.60 -50.19
CA TYR A 15 -21.63 66.09 -51.55
C TYR A 15 -23.09 66.09 -51.96
N ILE A 16 -23.35 65.53 -53.14
CA ILE A 16 -24.68 65.38 -53.71
C ILE A 16 -24.87 63.92 -54.07
N ALA A 17 -25.90 63.29 -53.52
CA ALA A 17 -26.22 61.91 -53.82
C ALA A 17 -27.59 61.84 -54.45
N TYR A 18 -28.02 60.62 -54.76
CA TYR A 18 -29.30 60.36 -55.38
C TYR A 18 -30.33 60.04 -54.30
N CYS A 19 -31.41 60.81 -54.25
CA CYS A 19 -32.53 60.56 -53.36
C CYS A 19 -33.72 60.16 -54.22
N ALA A 20 -34.32 59.01 -53.89
CA ALA A 20 -35.36 58.43 -54.73
C ALA A 20 -36.73 59.05 -54.51
N ASP A 21 -36.92 59.79 -53.42
CA ASP A 21 -38.18 60.46 -53.12
C ASP A 21 -37.81 61.78 -52.47
N CYS A 22 -37.86 62.87 -53.23
CA CYS A 22 -37.39 64.17 -52.77
C CYS A 22 -38.51 65.03 -52.19
N GLY A 23 -39.52 64.41 -51.58
CA GLY A 23 -40.60 65.12 -50.94
C GLY A 23 -41.89 65.18 -51.73
N ALA A 24 -41.88 64.77 -53.00
CA ALA A 24 -43.06 64.79 -53.84
C ALA A 24 -43.28 63.49 -54.59
N GLY A 25 -42.51 62.45 -54.28
CA GLY A 25 -42.63 61.20 -55.00
C GLY A 25 -41.83 61.12 -56.29
N HIS A 26 -40.86 62.01 -56.49
CA HIS A 26 -40.00 62.02 -57.67
C HIS A 26 -38.56 61.99 -57.22
N SER A 27 -37.73 61.27 -57.95
CA SER A 27 -36.31 61.20 -57.65
C SER A 27 -35.62 62.51 -58.02
N CYS A 28 -34.41 62.68 -57.49
CA CYS A 28 -33.59 63.85 -57.78
C CYS A 28 -32.19 63.59 -57.24
N HIS A 29 -31.28 64.51 -57.56
CA HIS A 29 -29.96 64.55 -56.94
C HIS A 29 -29.99 65.66 -55.91
N SER A 30 -29.84 65.30 -54.63
CA SER A 30 -30.11 66.29 -53.61
C SER A 30 -28.90 66.50 -52.71
N PRO A 31 -28.78 67.68 -52.09
CA PRO A 31 -27.73 67.89 -51.09
C PRO A 31 -28.04 67.34 -49.72
N VAL A 32 -29.22 66.76 -49.52
CA VAL A 32 -29.66 66.31 -48.20
C VAL A 32 -30.05 64.83 -48.22
N ALA A 33 -29.39 64.06 -49.08
CA ALA A 33 -29.66 62.62 -49.13
C ALA A 33 -29.29 61.96 -47.80
N ILE A 34 -30.02 60.90 -47.48
CA ILE A 34 -29.86 60.21 -46.20
C ILE A 34 -29.10 58.91 -46.43
N GLU A 35 -28.07 58.67 -45.62
CA GLU A 35 -27.22 57.50 -45.76
C GLU A 35 -27.62 56.36 -44.83
N ALA A 36 -27.85 56.65 -43.55
CA ALA A 36 -28.19 55.59 -42.62
C ALA A 36 -28.85 56.18 -41.40
N VAL A 37 -29.79 55.43 -40.84
CA VAL A 37 -30.42 55.74 -39.56
C VAL A 37 -29.96 54.69 -38.56
N ARG A 38 -29.40 55.12 -37.44
CA ARG A 38 -28.97 54.25 -36.36
C ARG A 38 -29.93 54.39 -35.19
N SER A 39 -30.31 53.27 -34.59
CA SER A 39 -31.16 53.27 -33.40
C SER A 39 -30.65 52.19 -32.44
N GLU A 40 -29.71 52.57 -31.58
CA GLU A 40 -29.22 51.67 -30.55
C GLU A 40 -29.60 52.11 -29.14
N ALA A 41 -29.99 53.37 -28.96
CA ALA A 41 -30.39 53.84 -27.65
C ALA A 41 -31.73 53.26 -27.27
N THR A 42 -31.80 52.60 -26.11
CA THR A 42 -33.09 52.20 -25.57
C THR A 42 -33.86 53.38 -25.01
N ASP A 43 -33.24 54.56 -24.96
CA ASP A 43 -33.92 55.81 -24.68
C ASP A 43 -34.95 56.18 -25.74
N GLY A 44 -34.89 55.54 -26.91
CA GLY A 44 -35.74 55.92 -28.01
C GLY A 44 -35.13 56.93 -28.95
N MET A 45 -33.92 57.39 -28.69
CA MET A 45 -33.25 58.33 -29.56
C MET A 45 -32.78 57.64 -30.83
N LEU A 46 -32.83 58.35 -31.95
CA LEU A 46 -32.34 57.84 -33.22
C LEU A 46 -31.48 58.89 -33.89
N LYS A 47 -30.37 58.45 -34.47
CA LYS A 47 -29.36 59.34 -35.06
C LYS A 47 -29.18 58.98 -36.53
N ILE A 48 -29.25 59.99 -37.40
CA ILE A 48 -29.30 59.76 -38.84
C ILE A 48 -28.11 60.43 -39.50
N GLN A 49 -27.57 59.78 -40.54
CA GLN A 49 -26.51 60.35 -41.35
C GLN A 49 -27.10 61.16 -42.51
N PHE A 50 -26.26 61.97 -43.13
CA PHE A 50 -26.73 63.17 -43.81
C PHE A 50 -25.61 63.72 -44.69
N SER A 51 -25.89 64.00 -45.96
CA SER A 51 -24.79 64.39 -46.85
C SER A 51 -24.34 65.83 -46.62
N ALA A 52 -25.23 66.71 -46.16
CA ALA A 52 -24.81 68.07 -45.84
C ALA A 52 -24.08 68.08 -44.50
N GLN A 53 -23.49 69.22 -44.17
CA GLN A 53 -22.64 69.34 -42.99
C GLN A 53 -23.14 70.47 -42.10
N ILE A 54 -23.41 70.15 -40.83
CA ILE A 54 -24.02 71.07 -39.88
C ILE A 54 -22.95 71.57 -38.93
N GLY A 55 -22.94 72.88 -38.71
CA GLY A 55 -22.02 73.49 -37.76
C GLY A 55 -20.73 74.03 -38.35
N ILE A 56 -20.56 73.97 -39.66
CA ILE A 56 -19.37 74.47 -40.33
C ILE A 56 -19.78 75.42 -41.45
N ASP A 57 -19.09 76.55 -41.55
CA ASP A 57 -19.34 77.51 -42.61
C ASP A 57 -18.70 77.05 -43.92
N LYS A 58 -19.20 77.61 -45.03
CA LYS A 58 -18.54 77.40 -46.31
C LYS A 58 -17.14 78.01 -46.32
N SER A 59 -16.88 78.94 -45.42
CA SER A 59 -15.56 79.53 -45.22
C SER A 59 -14.72 78.73 -44.23
N ASP A 60 -15.23 77.58 -43.78
CA ASP A 60 -14.55 76.56 -42.98
C ASP A 60 -14.45 76.90 -41.50
N ASN A 61 -14.96 78.06 -41.10
CA ASN A 61 -14.96 78.49 -39.72
C ASN A 61 -16.03 77.72 -38.95
N HIS A 62 -15.87 77.61 -37.64
CA HIS A 62 -16.87 76.90 -36.86
C HIS A 62 -17.97 77.86 -36.44
N ASP A 63 -19.13 77.69 -37.05
CA ASP A 63 -20.30 78.52 -36.75
C ASP A 63 -21.40 77.56 -36.36
N TYR A 64 -22.08 77.83 -35.25
CA TYR A 64 -23.13 76.93 -34.81
C TYR A 64 -24.50 77.32 -35.34
N THR A 65 -24.58 78.34 -36.20
CA THR A 65 -25.84 78.78 -36.77
C THR A 65 -25.89 78.61 -38.28
N LYS A 66 -25.10 77.68 -38.83
CA LYS A 66 -25.05 77.50 -40.27
C LYS A 66 -24.91 76.02 -40.62
N ILE A 67 -25.41 75.68 -41.81
CA ILE A 67 -25.24 74.37 -42.42
C ILE A 67 -24.70 74.60 -43.83
N ARG A 68 -23.60 73.95 -44.16
CA ARG A 68 -22.99 74.10 -45.48
C ARG A 68 -23.31 72.88 -46.32
N TYR A 69 -23.77 73.13 -47.54
CA TYR A 69 -24.18 72.05 -48.43
C TYR A 69 -23.48 72.20 -49.78
N ALA A 70 -23.90 71.42 -50.77
CA ALA A 70 -23.29 71.47 -52.09
C ALA A 70 -24.36 71.48 -53.16
N ASP A 71 -24.29 72.45 -54.07
CA ASP A 71 -25.05 72.42 -55.31
C ASP A 71 -24.11 72.79 -56.44
N GLY A 72 -24.17 72.03 -57.52
CA GLY A 72 -23.20 72.23 -58.58
C GLY A 72 -21.81 71.91 -58.07
N HIS A 73 -20.91 72.89 -58.20
CA HIS A 73 -19.54 72.75 -57.75
C HIS A 73 -19.21 73.62 -56.54
N ALA A 74 -20.07 74.59 -56.22
CA ALA A 74 -19.82 75.52 -55.14
C ALA A 74 -20.26 74.92 -53.80
N ILE A 75 -20.15 75.72 -52.74
CA ILE A 75 -20.54 75.34 -51.39
C ILE A 75 -21.09 76.59 -50.73
N GLU A 76 -22.38 76.60 -50.42
CA GLU A 76 -23.01 77.76 -49.79
C GLU A 76 -23.43 77.45 -48.37
N ASN A 77 -24.08 78.44 -47.75
CA ASN A 77 -24.49 78.38 -46.37
C ASN A 77 -26.01 78.34 -46.27
N ALA A 78 -26.51 77.60 -45.29
CA ALA A 78 -27.93 77.49 -45.03
C ALA A 78 -28.20 77.87 -43.59
N VAL A 79 -29.37 78.46 -43.36
CA VAL A 79 -29.74 78.90 -42.02
C VAL A 79 -30.08 77.68 -41.18
N ARG A 80 -29.41 77.54 -40.04
CA ARG A 80 -29.54 76.33 -39.22
C ARG A 80 -30.92 76.20 -38.62
N SER A 81 -31.66 77.29 -38.47
CA SER A 81 -33.02 77.20 -37.93
C SER A 81 -33.99 76.55 -38.90
N SER A 82 -33.60 76.32 -40.15
CA SER A 82 -34.46 75.72 -41.14
C SER A 82 -34.37 74.20 -41.18
N LEU A 83 -33.59 73.59 -40.29
CA LEU A 83 -33.47 72.14 -40.27
C LEU A 83 -34.72 71.53 -39.67
N LYS A 84 -35.39 70.69 -40.45
CA LYS A 84 -36.58 69.97 -40.02
C LYS A 84 -36.38 68.48 -40.15
N VAL A 85 -36.80 67.73 -39.14
CA VAL A 85 -36.82 66.28 -39.15
C VAL A 85 -38.25 65.84 -38.85
N ALA A 86 -38.78 64.92 -39.64
CA ALA A 86 -40.19 64.58 -39.54
C ALA A 86 -40.41 63.08 -39.72
N THR A 87 -41.55 62.65 -39.19
CA THR A 87 -42.12 61.32 -39.37
C THR A 87 -43.62 61.54 -39.56
N SER A 88 -44.41 60.52 -39.23
CA SER A 88 -45.85 60.72 -39.10
C SER A 88 -46.17 62.05 -38.42
N GLY A 89 -45.41 62.39 -37.39
CA GLY A 89 -45.59 63.65 -36.70
C GLY A 89 -44.52 64.67 -36.98
N ASP A 90 -43.78 65.08 -35.95
CA ASP A 90 -42.77 66.11 -36.07
C ASP A 90 -41.78 65.94 -34.93
N CYS A 91 -40.49 66.11 -35.23
CA CYS A 91 -39.44 65.65 -34.35
C CYS A 91 -38.78 66.80 -33.60
N PHE A 92 -38.08 66.44 -32.52
CA PHE A 92 -37.31 67.37 -31.72
C PHE A 92 -35.83 67.02 -31.85
N VAL A 93 -35.02 68.01 -32.25
CA VAL A 93 -33.61 67.79 -32.52
C VAL A 93 -32.80 68.05 -31.27
N HIS A 94 -32.08 67.03 -30.79
CA HIS A 94 -31.32 67.10 -29.55
C HIS A 94 -29.85 67.41 -29.77
N GLY A 95 -29.38 67.50 -31.01
CA GLY A 95 -27.97 67.72 -31.26
C GLY A 95 -27.58 67.52 -32.71
N THR A 96 -26.63 68.32 -33.18
CA THR A 96 -26.19 68.29 -34.56
C THR A 96 -24.70 68.57 -34.62
N MET A 97 -23.98 67.84 -35.46
CA MET A 97 -22.56 68.10 -35.68
C MET A 97 -22.14 67.41 -36.96
N GLY A 98 -21.79 68.18 -37.98
CA GLY A 98 -21.27 67.61 -39.21
C GLY A 98 -22.30 66.84 -40.02
N HIS A 99 -22.09 65.54 -40.15
CA HIS A 99 -22.97 64.68 -40.94
C HIS A 99 -24.08 64.05 -40.13
N PHE A 100 -24.18 64.33 -38.83
CA PHE A 100 -25.03 63.57 -37.95
C PHE A 100 -26.03 64.47 -37.24
N ILE A 101 -27.27 63.97 -37.11
CA ILE A 101 -28.35 64.63 -36.40
C ILE A 101 -28.79 63.70 -35.27
N LEU A 102 -29.36 64.30 -34.23
CA LEU A 102 -29.75 63.57 -33.02
C LEU A 102 -31.19 63.99 -32.69
N ALA A 103 -32.17 63.18 -33.09
CA ALA A 103 -33.57 63.56 -32.99
C ALA A 103 -34.37 62.49 -32.26
N LYS A 104 -35.53 62.90 -31.76
CA LYS A 104 -36.44 62.01 -31.05
C LYS A 104 -37.84 62.24 -31.59
N CYS A 105 -38.44 61.20 -32.15
CA CYS A 105 -39.54 61.32 -33.10
C CYS A 105 -40.76 60.53 -32.67
N PRO A 106 -41.94 60.91 -33.15
CA PRO A 106 -43.14 60.09 -32.96
C PRO A 106 -43.10 58.87 -33.85
N PRO A 107 -43.84 57.82 -33.52
CA PRO A 107 -43.88 56.64 -34.39
C PRO A 107 -44.42 56.97 -35.77
N GLY A 108 -43.82 56.38 -36.79
CA GLY A 108 -44.23 56.65 -38.15
C GLY A 108 -43.95 55.50 -39.08
N GLU A 109 -43.97 55.75 -40.39
CA GLU A 109 -43.58 54.76 -41.37
C GLU A 109 -42.52 55.27 -42.32
N PHE A 110 -42.09 56.52 -42.17
CA PHE A 110 -41.03 57.08 -42.98
C PHE A 110 -40.32 58.14 -42.15
N LEU A 111 -39.26 58.71 -42.72
CA LEU A 111 -38.49 59.77 -42.09
C LEU A 111 -38.15 60.81 -43.13
N GLN A 112 -38.30 62.08 -42.79
CA GLN A 112 -38.03 63.16 -43.73
C GLN A 112 -37.18 64.24 -43.07
N VAL A 113 -36.18 64.72 -43.80
CA VAL A 113 -35.29 65.78 -43.35
C VAL A 113 -35.18 66.81 -44.47
N SER A 114 -35.11 68.09 -44.10
CA SER A 114 -35.10 69.14 -45.11
C SER A 114 -34.35 70.36 -44.59
N ILE A 115 -33.91 71.20 -45.53
CA ILE A 115 -33.24 72.47 -45.26
C ILE A 115 -33.76 73.51 -46.25
N GLN A 116 -33.19 74.71 -46.16
CA GLN A 116 -33.49 75.79 -47.09
C GLN A 116 -32.18 76.26 -47.72
N ASP A 117 -32.11 76.24 -49.05
CA ASP A 117 -30.93 76.70 -49.74
C ASP A 117 -30.90 78.23 -49.79
N THR A 118 -29.86 78.78 -50.43
CA THR A 118 -29.73 80.23 -50.49
C THR A 118 -30.86 80.88 -51.29
N ARG A 119 -31.44 80.14 -52.22
CA ARG A 119 -32.58 80.62 -52.98
C ARG A 119 -33.88 80.54 -52.19
N ASN A 120 -33.83 80.11 -50.93
CA ASN A 120 -35.01 79.88 -50.10
C ASN A 120 -35.97 78.88 -50.74
N ALA A 121 -35.42 77.85 -51.35
CA ALA A 121 -36.18 76.69 -51.78
C ALA A 121 -35.99 75.57 -50.77
N VAL A 122 -36.90 74.61 -50.78
CA VAL A 122 -36.92 73.54 -49.79
C VAL A 122 -36.40 72.27 -50.45
N ARG A 123 -35.26 71.78 -49.97
CA ARG A 123 -34.68 70.53 -50.43
C ARG A 123 -34.88 69.49 -49.35
N ALA A 124 -35.53 68.38 -49.71
CA ALA A 124 -35.87 67.34 -48.74
C ALA A 124 -35.60 65.97 -49.32
N CYS A 125 -35.42 65.01 -48.43
CA CYS A 125 -35.29 63.60 -48.79
C CYS A 125 -36.16 62.79 -47.85
N ARG A 126 -36.86 61.81 -48.40
CA ARG A 126 -37.77 60.97 -47.63
C ARG A 126 -37.44 59.51 -47.86
N ILE A 127 -37.29 58.75 -46.78
CA ILE A 127 -36.99 57.32 -46.86
C ILE A 127 -37.98 56.56 -45.99
N GLN A 128 -38.11 55.28 -46.29
CA GLN A 128 -38.99 54.40 -45.52
C GLN A 128 -38.23 53.91 -44.28
N TYR A 129 -38.78 54.19 -43.11
CA TYR A 129 -38.18 53.80 -41.84
C TYR A 129 -39.29 53.41 -40.88
N HIS A 130 -39.15 52.28 -40.20
CA HIS A 130 -40.25 51.78 -39.40
C HIS A 130 -40.48 52.60 -38.12
N HIS A 131 -39.53 52.56 -37.17
CA HIS A 131 -39.58 53.40 -35.98
C HIS A 131 -40.86 53.20 -35.16
N ASP A 132 -40.91 52.07 -34.46
CA ASP A 132 -41.90 51.84 -33.40
C ASP A 132 -41.16 51.69 -32.07
N PRO A 133 -40.77 52.79 -31.43
CA PRO A 133 -39.95 52.70 -30.22
C PRO A 133 -40.74 52.20 -29.02
N GLN A 134 -40.02 51.58 -28.08
CA GLN A 134 -40.59 51.03 -26.87
C GLN A 134 -39.69 51.33 -25.67
N PRO A 135 -40.25 51.78 -24.56
CA PRO A 135 -39.43 52.13 -23.40
C PRO A 135 -38.91 50.88 -22.70
N VAL A 136 -38.10 51.10 -21.67
CA VAL A 136 -37.55 50.01 -20.88
C VAL A 136 -38.55 49.65 -19.79
N GLY A 137 -38.47 48.42 -19.31
CA GLY A 137 -39.31 47.97 -18.23
C GLY A 137 -40.44 47.06 -18.68
N ARG A 138 -41.48 47.02 -17.85
CA ARG A 138 -42.61 46.12 -18.06
C ARG A 138 -43.90 46.86 -18.32
N GLU A 139 -43.84 48.13 -18.73
CA GLU A 139 -45.01 48.93 -19.01
C GLU A 139 -44.72 49.81 -20.21
N LYS A 140 -45.68 49.88 -21.13
CA LYS A 140 -45.50 50.66 -22.36
C LYS A 140 -46.10 52.06 -22.18
N PHE A 141 -45.42 52.87 -21.38
CA PHE A 141 -45.90 54.20 -21.08
C PHE A 141 -45.51 55.18 -22.19
N THR A 142 -45.99 56.41 -22.06
CA THR A 142 -45.76 57.45 -23.06
C THR A 142 -44.92 58.61 -22.56
N ILE A 143 -45.19 59.11 -21.36
CA ILE A 143 -44.52 60.29 -20.83
C ILE A 143 -44.09 60.01 -19.40
N ARG A 144 -42.88 60.46 -19.05
CA ARG A 144 -42.31 60.13 -17.75
C ARG A 144 -43.14 60.76 -16.63
N PRO A 145 -43.30 60.08 -15.50
CA PRO A 145 -44.13 60.60 -14.42
C PRO A 145 -43.36 61.49 -13.45
N HIS A 146 -44.12 62.14 -12.57
CA HIS A 146 -43.51 62.87 -11.48
C HIS A 146 -43.09 61.95 -10.34
N TYR A 147 -43.67 60.75 -10.26
CA TYR A 147 -43.33 59.77 -9.24
C TYR A 147 -43.14 58.43 -9.91
N GLY A 148 -42.02 57.77 -9.64
CA GLY A 148 -41.77 56.48 -10.25
C GLY A 148 -40.54 55.76 -9.75
N LYS A 149 -39.92 55.00 -10.64
CA LYS A 149 -38.74 54.21 -10.34
C LYS A 149 -37.66 54.57 -11.35
N GLU A 150 -36.42 54.22 -11.03
CA GLU A 150 -35.29 54.42 -11.92
C GLU A 150 -34.82 53.08 -12.47
N ILE A 151 -34.67 53.01 -13.78
CA ILE A 151 -34.19 51.82 -14.48
C ILE A 151 -33.09 52.28 -15.42
N PRO A 152 -32.06 51.45 -15.65
CA PRO A 152 -30.94 51.79 -16.52
C PRO A 152 -31.34 51.99 -17.98
N CYS A 153 -30.75 52.99 -18.63
CA CYS A 153 -31.04 53.30 -20.03
C CYS A 153 -29.78 53.69 -20.81
N THR A 154 -29.82 53.52 -22.13
CA THR A 154 -28.71 53.86 -23.00
C THR A 154 -29.12 54.96 -23.97
N THR A 155 -28.29 56.01 -24.09
CA THR A 155 -28.60 57.13 -24.96
C THR A 155 -27.39 57.43 -25.85
N TYR A 156 -27.45 58.58 -26.52
CA TYR A 156 -26.36 59.13 -27.31
C TYR A 156 -25.93 60.44 -26.67
N GLN A 157 -24.90 60.40 -25.83
CA GLN A 157 -24.39 61.62 -25.23
C GLN A 157 -23.82 62.56 -26.29
N GLN A 158 -23.96 63.86 -26.03
CA GLN A 158 -23.55 64.90 -26.97
C GLN A 158 -22.15 65.44 -26.66
N THR A 159 -21.25 64.57 -26.20
CA THR A 159 -19.90 65.01 -25.89
C THR A 159 -19.16 65.49 -27.13
N THR A 160 -19.33 64.78 -28.26
CA THR A 160 -18.74 65.13 -29.56
C THR A 160 -17.23 65.30 -29.50
N ALA A 161 -16.55 64.69 -28.53
CA ALA A 161 -15.13 64.89 -28.34
C ALA A 161 -14.31 63.63 -28.56
N LYS A 162 -14.58 62.55 -27.83
CA LYS A 162 -13.75 61.36 -27.83
C LYS A 162 -14.62 60.16 -28.20
N THR A 163 -14.27 59.50 -29.31
CA THR A 163 -15.08 58.41 -29.81
C THR A 163 -14.18 57.38 -30.47
N VAL A 164 -14.61 56.13 -30.43
CA VAL A 164 -13.87 55.04 -31.07
C VAL A 164 -14.28 54.82 -32.52
N GLU A 165 -15.56 55.04 -32.85
CA GLU A 165 -16.08 54.71 -34.17
C GLU A 165 -15.72 55.79 -35.17
N GLU A 166 -15.60 55.39 -36.44
CA GLU A 166 -15.21 56.30 -37.50
C GLU A 166 -15.91 55.89 -38.79
N ILE A 167 -15.79 56.73 -39.81
CA ILE A 167 -16.30 56.45 -41.14
C ILE A 167 -15.19 56.70 -42.16
N ASP A 168 -15.24 55.93 -43.25
CA ASP A 168 -14.25 56.06 -44.30
C ASP A 168 -14.44 57.37 -45.08
N MET A 169 -13.37 57.81 -45.72
CA MET A 169 -13.36 59.05 -46.48
C MET A 169 -12.43 58.84 -47.67
N HIS A 170 -12.75 59.40 -48.82
CA HIS A 170 -11.84 59.29 -49.96
C HIS A 170 -11.94 60.53 -50.82
N MET A 171 -11.13 60.56 -51.87
CA MET A 171 -11.16 61.64 -52.86
C MET A 171 -12.37 61.48 -53.78
N PRO A 172 -13.05 62.57 -54.11
CA PRO A 172 -14.18 62.51 -55.03
C PRO A 172 -13.72 62.13 -56.42
N PRO A 173 -14.60 61.55 -57.23
CA PRO A 173 -14.21 61.19 -58.60
C PRO A 173 -14.31 62.36 -59.56
N ASP A 174 -14.09 62.12 -60.85
CA ASP A 174 -14.26 63.16 -61.85
C ASP A 174 -15.72 63.58 -61.91
N THR A 175 -15.96 64.89 -61.98
CA THR A 175 -17.31 65.41 -61.94
C THR A 175 -17.72 65.90 -63.33
N PRO A 176 -18.56 65.18 -64.05
CA PRO A 176 -19.00 65.65 -65.36
C PRO A 176 -19.77 66.96 -65.25
N ASP A 177 -19.65 67.79 -66.29
CA ASP A 177 -20.37 69.06 -66.34
C ASP A 177 -20.51 69.45 -67.79
N ARG A 178 -21.73 69.38 -68.32
CA ARG A 178 -21.96 69.64 -69.73
C ARG A 178 -22.14 71.10 -70.06
N THR A 179 -22.15 71.98 -69.05
CA THR A 179 -22.25 73.41 -69.30
C THR A 179 -20.89 74.06 -69.54
N LEU A 180 -19.80 73.30 -69.42
CA LEU A 180 -18.46 73.84 -69.63
C LEU A 180 -18.11 73.96 -71.11
N LEU A 181 -18.98 73.50 -72.00
CA LEU A 181 -18.77 73.60 -73.43
C LEU A 181 -19.48 74.83 -73.97
N SER A 182 -18.77 75.64 -74.75
CA SER A 182 -19.34 76.80 -75.42
C SER A 182 -19.08 76.68 -76.91
N GLN A 183 -20.13 76.88 -77.71
CA GLN A 183 -20.06 76.69 -79.15
C GLN A 183 -20.05 78.03 -79.87
N GLN A 184 -19.17 78.15 -80.85
CA GLN A 184 -19.08 79.30 -81.74
C GLN A 184 -19.34 78.82 -83.17
N SER A 185 -19.11 79.69 -84.14
CA SER A 185 -19.24 79.30 -85.53
C SER A 185 -18.10 78.36 -85.86
N GLY A 186 -18.34 77.06 -85.73
CA GLY A 186 -17.34 76.05 -85.96
C GLY A 186 -16.30 75.92 -84.86
N ASN A 187 -16.39 76.71 -83.81
CA ASN A 187 -15.44 76.69 -82.70
C ASN A 187 -16.09 76.09 -81.46
N VAL A 188 -15.27 75.50 -80.61
CA VAL A 188 -15.73 74.81 -79.40
C VAL A 188 -14.95 75.41 -78.23
N LYS A 189 -15.53 76.40 -77.57
CA LYS A 189 -14.86 77.10 -76.48
C LYS A 189 -15.09 76.39 -75.16
N ILE A 190 -14.04 76.29 -74.36
CA ILE A 190 -14.10 75.70 -73.02
C ILE A 190 -13.88 76.82 -72.03
N THR A 191 -14.89 77.11 -71.21
CA THR A 191 -14.84 78.20 -70.26
C THR A 191 -14.55 77.62 -68.87
N VAL A 192 -13.26 77.50 -68.56
CA VAL A 192 -12.85 77.11 -67.22
C VAL A 192 -13.19 78.21 -66.23
N GLY A 193 -13.89 77.85 -65.17
CA GLY A 193 -14.32 78.80 -64.16
C GLY A 193 -13.39 78.96 -62.98
N GLY A 194 -12.16 78.45 -63.07
CA GLY A 194 -11.25 78.53 -61.95
C GLY A 194 -10.95 77.18 -61.35
N LYS A 195 -10.93 76.15 -62.20
CA LYS A 195 -10.81 74.77 -61.74
C LYS A 195 -10.37 73.90 -62.91
N LYS A 196 -9.40 73.02 -62.65
CA LYS A 196 -8.86 72.20 -63.73
C LYS A 196 -9.94 71.28 -64.30
N VAL A 197 -9.87 71.07 -65.62
CA VAL A 197 -10.88 70.33 -66.36
C VAL A 197 -10.21 69.22 -67.11
N LYS A 198 -10.63 67.98 -66.87
CA LYS A 198 -10.17 66.86 -67.68
C LYS A 198 -10.95 66.83 -68.98
N TYR A 199 -10.29 66.36 -70.04
CA TYR A 199 -10.71 66.65 -71.40
C TYR A 199 -10.55 65.44 -72.31
N ASN A 200 -11.50 65.26 -73.23
CA ASN A 200 -11.39 64.23 -74.25
C ASN A 200 -12.37 64.53 -75.38
N CYS A 201 -11.84 64.91 -76.54
CA CYS A 201 -12.60 64.98 -77.79
C CYS A 201 -12.22 63.80 -78.68
N THR A 202 -12.85 63.73 -79.86
CA THR A 202 -12.64 62.62 -80.78
C THR A 202 -11.94 63.04 -82.06
N CYS A 203 -12.50 63.99 -82.80
CA CYS A 203 -12.01 64.27 -84.15
C CYS A 203 -10.66 64.96 -84.15
N GLY A 204 -10.40 65.84 -83.17
CA GLY A 204 -9.18 66.62 -83.18
C GLY A 204 -8.22 66.28 -82.05
N THR A 205 -8.19 67.12 -81.03
CA THR A 205 -7.31 66.92 -79.90
C THR A 205 -8.05 66.17 -78.79
N GLY A 206 -7.47 66.12 -77.61
CA GLY A 206 -8.09 65.46 -76.48
C GLY A 206 -7.06 65.08 -75.45
N ASN A 207 -7.55 64.51 -74.36
CA ASN A 207 -6.73 63.89 -73.34
C ASN A 207 -5.73 64.87 -72.75
N VAL A 208 -6.23 65.98 -72.23
CA VAL A 208 -5.41 66.99 -71.58
C VAL A 208 -6.08 67.40 -70.27
N GLY A 209 -5.31 67.43 -69.19
CA GLY A 209 -5.80 68.02 -67.97
C GLY A 209 -5.42 69.48 -67.93
N THR A 210 -6.36 70.34 -68.31
CA THR A 210 -6.08 71.78 -68.44
C THR A 210 -6.07 72.39 -67.05
N THR A 211 -4.87 72.65 -66.53
CA THR A 211 -4.74 73.26 -65.20
C THR A 211 -5.12 74.72 -65.31
N ASN A 212 -6.42 74.98 -65.27
CA ASN A 212 -6.98 76.34 -65.27
C ASN A 212 -6.61 77.09 -66.54
N SER A 213 -6.93 76.50 -67.68
CA SER A 213 -6.67 77.13 -68.98
C SER A 213 -7.90 77.04 -69.86
N ASP A 214 -8.33 78.16 -70.40
CA ASP A 214 -9.40 78.18 -71.40
C ASP A 214 -8.84 77.74 -72.75
N MET A 215 -9.69 77.09 -73.54
CA MET A 215 -9.29 76.63 -74.86
C MET A 215 -10.42 76.82 -75.85
N THR A 216 -10.08 76.69 -77.12
CA THR A 216 -11.04 76.60 -78.22
C THR A 216 -10.64 75.47 -79.13
N ILE A 217 -11.63 74.81 -79.71
CA ILE A 217 -11.42 73.75 -80.69
C ILE A 217 -12.12 74.16 -81.97
N ASN A 218 -11.34 74.36 -83.04
CA ASN A 218 -11.86 74.83 -84.31
C ASN A 218 -12.10 73.71 -85.30
N THR A 219 -12.05 72.45 -84.85
CA THR A 219 -12.29 71.31 -85.71
C THR A 219 -13.49 70.48 -85.27
N CYS A 220 -13.56 70.10 -84.01
CA CYS A 220 -14.57 69.17 -83.54
C CYS A 220 -15.89 69.91 -83.29
N LEU A 221 -16.83 69.24 -82.66
CA LEU A 221 -18.13 69.80 -82.33
C LEU A 221 -18.39 69.67 -80.84
N ILE A 222 -19.35 70.46 -80.36
CA ILE A 222 -19.72 70.41 -78.95
C ILE A 222 -20.33 69.06 -78.57
N GLU A 223 -20.90 68.33 -79.53
CA GLU A 223 -21.41 66.99 -79.26
C GLU A 223 -20.35 65.90 -79.43
N GLN A 224 -19.12 66.26 -79.77
CA GLN A 224 -18.07 65.29 -80.06
C GLN A 224 -17.02 65.22 -78.96
N CYS A 225 -17.33 65.67 -77.76
CA CYS A 225 -16.29 65.80 -76.74
C CYS A 225 -16.87 65.42 -75.38
N HIS A 226 -16.08 65.62 -74.33
CA HIS A 226 -16.42 65.17 -72.98
C HIS A 226 -15.51 65.87 -71.99
N VAL A 227 -16.10 66.53 -70.99
CA VAL A 227 -15.33 67.27 -70.00
C VAL A 227 -15.79 66.87 -68.61
N SER A 228 -14.91 67.08 -67.63
CA SER A 228 -15.18 66.76 -66.24
C SER A 228 -14.20 67.43 -65.30
N VAL A 229 -14.73 68.18 -64.32
CA VAL A 229 -13.88 68.82 -63.33
C VAL A 229 -13.12 67.75 -62.55
N THR A 230 -11.80 67.93 -62.42
CA THR A 230 -10.93 66.85 -61.96
C THR A 230 -10.04 67.26 -60.78
N ASP A 231 -10.34 68.36 -60.10
CA ASP A 231 -9.57 68.74 -58.93
C ASP A 231 -10.07 67.99 -57.70
N HIS A 232 -9.14 67.62 -56.84
CA HIS A 232 -9.48 66.89 -55.61
C HIS A 232 -8.54 67.38 -54.51
N LYS A 233 -9.00 68.39 -53.76
CA LYS A 233 -8.28 68.89 -52.62
C LYS A 233 -8.93 68.51 -51.29
N LYS A 234 -10.10 67.89 -51.33
CA LYS A 234 -10.88 67.58 -50.13
C LYS A 234 -11.36 66.14 -50.19
N TRP A 235 -11.74 65.62 -49.03
CA TRP A 235 -12.29 64.28 -48.89
C TRP A 235 -13.81 64.33 -48.87
N GLN A 236 -14.43 63.16 -49.03
CA GLN A 236 -15.86 63.02 -48.83
C GLN A 236 -16.17 61.57 -48.53
N PHE A 237 -17.32 61.35 -47.90
CA PHE A 237 -17.69 60.02 -47.41
C PHE A 237 -17.90 59.05 -48.56
N ASN A 238 -17.51 57.79 -48.35
CA ASN A 238 -17.56 56.77 -49.40
C ASN A 238 -18.96 56.17 -49.49
N SER A 239 -19.86 56.95 -50.05
CA SER A 239 -21.23 56.50 -50.21
C SER A 239 -21.34 55.52 -51.37
N PRO A 240 -22.28 54.58 -51.31
CA PRO A 240 -22.54 53.70 -52.46
C PRO A 240 -23.34 54.35 -53.58
N PHE A 241 -23.63 55.64 -53.50
CA PHE A 241 -24.36 56.34 -54.54
C PHE A 241 -23.49 57.28 -55.35
N VAL A 242 -22.18 57.31 -55.09
CA VAL A 242 -21.22 57.99 -55.95
C VAL A 242 -20.11 56.99 -56.25
N PRO A 243 -19.44 57.08 -57.40
CA PRO A 243 -18.36 56.14 -57.70
C PRO A 243 -17.01 56.63 -57.17
N ARG A 244 -16.02 55.75 -57.26
CA ARG A 244 -14.68 56.05 -56.80
C ARG A 244 -13.71 56.07 -57.99
N ALA A 245 -12.48 56.52 -57.71
CA ALA A 245 -11.52 56.82 -58.75
C ALA A 245 -10.39 55.81 -58.88
N ASP A 246 -10.33 54.80 -58.01
CA ASP A 246 -9.24 53.84 -58.10
C ASP A 246 -9.66 52.53 -57.45
N GLU A 247 -9.14 51.43 -57.98
CA GLU A 247 -9.39 50.10 -57.44
C GLU A 247 -8.57 49.81 -56.19
N PRO A 248 -7.30 50.26 -56.10
CA PRO A 248 -6.61 50.16 -54.81
C PRO A 248 -7.38 50.82 -53.69
N ALA A 249 -8.01 51.97 -53.96
CA ALA A 249 -8.98 52.58 -53.07
C ALA A 249 -8.39 52.87 -51.69
N ARG A 250 -7.43 53.78 -51.66
CA ARG A 250 -6.93 54.24 -50.37
C ARG A 250 -7.99 55.08 -49.68
N LYS A 251 -8.05 54.95 -48.36
CA LYS A 251 -9.14 55.53 -47.58
C LYS A 251 -8.57 56.34 -46.42
N GLY A 252 -9.37 57.31 -45.97
CA GLY A 252 -9.12 58.00 -44.72
C GLY A 252 -10.13 57.56 -43.67
N LYS A 253 -10.04 58.21 -42.51
CA LYS A 253 -10.95 57.91 -41.40
C LYS A 253 -11.25 59.20 -40.65
N VAL A 254 -12.50 59.34 -40.22
CA VAL A 254 -12.93 60.50 -39.44
C VAL A 254 -13.81 60.02 -38.31
N HIS A 255 -13.46 60.37 -37.08
CA HIS A 255 -14.25 59.97 -35.92
C HIS A 255 -15.62 60.62 -35.97
N ILE A 256 -16.64 59.84 -35.63
CA ILE A 256 -18.03 60.30 -35.65
C ILE A 256 -18.45 60.68 -34.23
N PRO A 257 -19.37 61.62 -34.06
CA PRO A 257 -19.71 62.07 -32.70
C PRO A 257 -20.82 61.27 -32.05
N PHE A 258 -21.24 61.69 -30.84
CA PHE A 258 -22.38 61.17 -30.09
C PHE A 258 -22.25 59.69 -29.78
N PRO A 259 -21.37 59.31 -28.86
CA PRO A 259 -21.23 57.90 -28.50
C PRO A 259 -22.39 57.42 -27.62
N LEU A 260 -22.43 56.11 -27.41
CA LEU A 260 -23.46 55.48 -26.60
C LEU A 260 -23.02 55.44 -25.15
N ASP A 261 -23.93 55.74 -24.23
CA ASP A 261 -23.58 55.81 -22.82
C ASP A 261 -24.75 55.36 -21.95
N ASN A 262 -24.41 55.01 -20.70
CA ASN A 262 -25.39 54.58 -19.71
C ASN A 262 -25.99 55.78 -19.00
N ILE A 263 -27.31 55.76 -18.89
CA ILE A 263 -28.08 56.80 -18.22
C ILE A 263 -29.28 56.15 -17.55
N THR A 264 -29.89 56.86 -16.60
CA THR A 264 -31.05 56.31 -15.92
C THR A 264 -32.32 57.03 -16.37
N CYS A 265 -33.29 56.25 -16.82
CA CYS A 265 -34.56 56.81 -17.28
C CYS A 265 -35.69 56.36 -16.37
N ARG A 266 -36.46 57.32 -15.88
CA ARG A 266 -37.57 57.04 -14.98
C ARG A 266 -38.73 56.30 -15.66
N VAL A 267 -39.31 55.36 -14.92
CA VAL A 267 -40.46 54.59 -15.38
C VAL A 267 -41.55 54.65 -14.32
N PRO A 268 -42.80 54.47 -14.72
CA PRO A 268 -43.90 54.42 -13.75
C PRO A 268 -44.05 53.05 -13.11
N MET A 269 -44.91 53.00 -12.10
CA MET A 269 -45.26 51.75 -11.44
C MET A 269 -46.77 51.57 -11.46
N ALA A 270 -47.21 50.37 -11.82
CA ALA A 270 -48.65 50.11 -11.93
C ALA A 270 -49.28 50.01 -10.55
N ARG A 271 -50.49 50.55 -10.42
CA ARG A 271 -51.20 50.49 -9.15
C ARG A 271 -51.56 49.06 -8.81
N GLU A 272 -51.41 48.71 -7.54
CA GLU A 272 -51.57 47.32 -7.14
C GLU A 272 -53.01 46.86 -7.37
N PRO A 273 -53.20 45.61 -7.78
CA PRO A 273 -54.55 45.15 -8.12
C PRO A 273 -55.44 44.90 -6.91
N THR A 274 -56.66 44.44 -7.15
CA THR A 274 -57.62 44.10 -6.11
C THR A 274 -57.60 42.59 -5.92
N VAL A 275 -57.25 42.13 -4.72
CA VAL A 275 -57.07 40.72 -4.43
C VAL A 275 -58.27 40.23 -3.63
N ILE A 276 -58.86 39.13 -4.07
CA ILE A 276 -60.03 38.52 -3.43
C ILE A 276 -59.68 37.08 -3.12
N HIS A 277 -59.66 36.74 -1.83
CA HIS A 277 -59.15 35.45 -1.37
C HIS A 277 -60.23 34.38 -1.48
N GLY A 278 -60.16 33.57 -2.52
CA GLY A 278 -61.00 32.39 -2.63
C GLY A 278 -60.37 31.24 -1.86
N LYS A 279 -60.87 30.04 -2.11
CA LYS A 279 -60.32 28.84 -1.50
C LYS A 279 -59.33 28.20 -2.47
N ARG A 280 -58.05 28.22 -2.11
CA ARG A 280 -56.98 27.68 -2.92
C ARG A 280 -56.83 28.42 -4.25
N GLU A 281 -57.24 29.68 -4.28
CA GLU A 281 -57.16 30.51 -5.47
C GLU A 281 -57.53 31.94 -5.10
N VAL A 282 -57.09 32.89 -5.93
CA VAL A 282 -57.41 34.29 -5.73
C VAL A 282 -57.84 34.89 -7.06
N THR A 283 -58.58 35.98 -6.99
CA THR A 283 -59.01 36.74 -8.15
C THR A 283 -58.37 38.11 -8.13
N LEU A 284 -57.86 38.55 -9.28
CA LEU A 284 -57.19 39.83 -9.40
C LEU A 284 -57.94 40.72 -10.38
N HIS A 285 -58.28 41.93 -9.94
CA HIS A 285 -58.81 42.97 -10.81
C HIS A 285 -57.66 43.87 -11.21
N LEU A 286 -57.37 43.93 -12.50
CA LEU A 286 -56.21 44.65 -13.02
C LEU A 286 -56.68 45.84 -13.84
N HIS A 287 -56.33 47.05 -13.39
CA HIS A 287 -56.71 48.27 -14.10
C HIS A 287 -55.47 48.97 -14.62
N PRO A 288 -55.10 48.80 -15.89
CA PRO A 288 -53.91 49.47 -16.42
C PRO A 288 -54.19 50.81 -17.07
N ASP A 289 -53.19 51.69 -17.00
CA ASP A 289 -53.23 52.98 -17.68
C ASP A 289 -52.61 52.91 -19.08
N HIS A 290 -51.96 51.81 -19.42
CA HIS A 290 -51.25 51.56 -20.66
C HIS A 290 -50.92 50.08 -20.68
N PRO A 291 -50.44 49.52 -21.79
CA PRO A 291 -50.12 48.09 -21.80
C PRO A 291 -49.13 47.73 -20.69
N THR A 292 -49.46 46.69 -19.93
CA THR A 292 -48.69 46.29 -18.76
C THR A 292 -48.54 44.79 -18.78
N LEU A 293 -47.38 44.31 -18.34
CA LEU A 293 -47.04 42.90 -18.37
C LEU A 293 -47.34 42.26 -17.02
N PHE A 294 -48.12 41.17 -17.04
CA PHE A 294 -48.51 40.47 -15.83
C PHE A 294 -48.16 39.00 -15.99
N SER A 295 -47.49 38.45 -14.98
CA SER A 295 -47.13 37.03 -14.99
C SER A 295 -47.30 36.46 -13.60
N TYR A 296 -47.46 35.14 -13.53
CA TYR A 296 -47.50 34.43 -12.27
C TYR A 296 -46.85 33.07 -12.43
N ARG A 297 -46.46 32.48 -11.30
CA ARG A 297 -45.93 31.13 -11.25
C ARG A 297 -46.14 30.57 -9.86
N THR A 298 -46.29 29.26 -9.76
CA THR A 298 -46.39 28.61 -8.47
C THR A 298 -45.02 28.11 -8.01
N LEU A 299 -44.81 28.12 -6.70
CA LEU A 299 -43.48 27.86 -6.14
C LEU A 299 -43.29 26.38 -5.82
N GLY A 300 -43.46 25.54 -6.84
CA GLY A 300 -43.37 24.11 -6.63
C GLY A 300 -42.45 23.37 -7.57
N GLU A 301 -42.66 22.05 -7.65
CA GLU A 301 -41.83 21.21 -8.51
C GLU A 301 -42.17 21.41 -9.99
N ASP A 302 -43.45 21.63 -10.30
CA ASP A 302 -43.88 22.08 -11.62
C ASP A 302 -44.45 23.48 -11.50
N PRO A 303 -43.76 24.51 -12.01
CA PRO A 303 -44.17 25.89 -11.71
C PRO A 303 -45.59 26.26 -12.10
N GLN A 304 -46.10 25.83 -13.26
CA GLN A 304 -47.46 26.17 -13.69
C GLN A 304 -47.65 27.69 -13.79
N TYR A 305 -46.97 28.27 -14.77
CA TYR A 305 -46.84 29.71 -14.95
C TYR A 305 -47.79 30.22 -16.04
N HIS A 306 -47.76 31.54 -16.25
CA HIS A 306 -48.46 32.19 -17.36
C HIS A 306 -47.96 33.61 -17.49
N GLU A 307 -48.07 34.17 -18.70
CA GLU A 307 -47.58 35.51 -19.00
C GLU A 307 -48.46 36.15 -20.06
N GLU A 308 -48.56 37.48 -20.04
CA GLU A 308 -49.60 38.17 -20.80
C GLU A 308 -49.38 39.68 -20.76
N TRP A 309 -49.66 40.36 -21.88
CA TRP A 309 -49.74 41.82 -21.91
C TRP A 309 -51.19 42.24 -21.70
N VAL A 310 -51.45 43.02 -20.66
CA VAL A 310 -52.79 43.45 -20.31
C VAL A 310 -52.97 44.89 -20.76
N THR A 311 -53.95 45.13 -21.62
CA THR A 311 -54.20 46.45 -22.17
C THR A 311 -55.49 47.09 -21.67
N ALA A 312 -56.46 46.32 -21.20
CA ALA A 312 -57.72 46.82 -20.69
C ALA A 312 -58.02 46.14 -19.37
N ALA A 313 -58.96 46.70 -18.62
CA ALA A 313 -59.30 46.15 -17.30
C ALA A 313 -59.91 44.77 -17.45
N VAL A 314 -59.34 43.80 -16.73
CA VAL A 314 -59.69 42.40 -16.84
C VAL A 314 -59.77 41.82 -15.44
N GLU A 315 -60.18 40.55 -15.36
CA GLU A 315 -60.15 39.78 -14.13
C GLU A 315 -59.44 38.45 -14.40
N ARG A 316 -58.57 38.06 -13.50
CA ARG A 316 -57.82 36.81 -13.62
C ARG A 316 -57.95 36.03 -12.33
N THR A 317 -58.25 34.74 -12.43
CA THR A 317 -58.26 33.84 -11.29
C THR A 317 -57.10 32.88 -11.42
N ILE A 318 -56.33 32.73 -10.34
CA ILE A 318 -55.08 31.98 -10.38
C ILE A 318 -54.97 31.12 -9.14
N PRO A 319 -54.37 29.95 -9.27
CA PRO A 319 -54.33 29.01 -8.14
C PRO A 319 -53.23 29.34 -7.15
N VAL A 320 -53.55 29.19 -5.87
CA VAL A 320 -52.58 29.38 -4.80
C VAL A 320 -52.53 28.10 -3.97
N PRO A 321 -51.65 27.15 -4.29
CA PRO A 321 -51.55 25.94 -3.48
C PRO A 321 -50.85 26.18 -2.15
N VAL A 322 -50.68 25.13 -1.34
CA VAL A 322 -49.90 25.29 -0.12
C VAL A 322 -48.43 25.52 -0.41
N ASP A 323 -47.96 25.12 -1.60
CA ASP A 323 -46.57 25.35 -1.98
C ASP A 323 -46.28 26.84 -2.10
N GLY A 324 -47.26 27.62 -2.55
CA GLY A 324 -47.12 29.05 -2.71
C GLY A 324 -47.44 29.48 -4.13
N MET A 325 -47.41 30.79 -4.32
CA MET A 325 -47.62 31.38 -5.63
C MET A 325 -46.96 32.74 -5.63
N GLU A 326 -46.63 33.22 -6.83
CA GLU A 326 -45.99 34.52 -7.02
C GLU A 326 -46.58 35.19 -8.24
N TYR A 327 -46.90 36.49 -8.13
CA TYR A 327 -47.33 37.23 -9.30
C TYR A 327 -46.51 38.50 -9.44
N HIS A 328 -46.32 38.91 -10.69
CA HIS A 328 -45.55 40.09 -11.04
C HIS A 328 -46.44 40.96 -11.93
N TRP A 329 -46.66 42.20 -11.52
CA TRP A 329 -47.60 43.09 -12.20
C TRP A 329 -46.90 44.41 -12.45
N GLY A 330 -46.53 44.67 -13.70
CA GLY A 330 -45.93 45.93 -14.05
C GLY A 330 -44.51 46.06 -13.57
N ASN A 331 -44.10 47.29 -13.29
CA ASN A 331 -42.77 47.60 -12.76
C ASN A 331 -42.70 47.49 -11.25
N ASN A 332 -43.66 46.81 -10.63
CA ASN A 332 -43.62 46.58 -9.20
C ASN A 332 -42.83 45.33 -8.88
N ASP A 333 -42.43 45.21 -7.61
CA ASP A 333 -41.74 44.02 -7.17
C ASP A 333 -42.71 42.83 -7.12
N PRO A 334 -42.20 41.62 -7.36
CA PRO A 334 -43.08 40.44 -7.29
C PRO A 334 -43.61 40.20 -5.89
N VAL A 335 -44.82 39.65 -5.84
CA VAL A 335 -45.55 39.42 -4.60
C VAL A 335 -45.82 37.94 -4.45
N ARG A 336 -45.61 37.41 -3.25
CA ARG A 336 -45.78 35.99 -2.98
C ARG A 336 -46.89 35.78 -1.96
N LEU A 337 -47.78 34.83 -2.25
CA LEU A 337 -48.89 34.48 -1.39
C LEU A 337 -48.88 32.99 -1.12
N TRP A 338 -49.46 32.58 0.01
CA TRP A 338 -49.51 31.18 0.39
C TRP A 338 -50.93 30.83 0.80
N SER A 339 -51.17 29.54 0.97
CA SER A 339 -52.50 29.03 1.27
C SER A 339 -52.47 28.26 2.60
N GLN A 340 -53.43 28.56 3.47
CA GLN A 340 -53.56 27.85 4.73
C GLN A 340 -54.51 26.66 4.59
N LEU A 341 -54.48 25.79 5.59
CA LEU A 341 -55.21 24.53 5.53
C LEU A 341 -56.65 24.70 6.03
N THR A 342 -57.39 25.55 5.34
CA THR A 342 -58.78 25.79 5.66
C THR A 342 -59.68 24.78 4.96
N THR A 343 -60.81 24.48 5.58
CA THR A 343 -61.67 23.39 5.14
C THR A 343 -63.07 23.63 5.70
N GLU A 344 -63.92 22.61 5.56
CA GLU A 344 -65.26 22.62 6.10
C GLU A 344 -65.50 21.32 6.84
N GLY A 345 -66.19 21.40 7.97
CA GLY A 345 -66.42 20.26 8.84
C GLY A 345 -65.80 20.47 10.20
N LYS A 346 -65.94 19.45 11.04
CA LYS A 346 -65.43 19.49 12.39
C LYS A 346 -64.37 18.42 12.58
N PRO A 347 -63.13 18.77 12.89
CA PRO A 347 -62.11 17.75 13.12
C PRO A 347 -62.41 16.85 14.30
N HIS A 348 -63.09 17.36 15.33
CA HIS A 348 -63.52 16.57 16.49
C HIS A 348 -65.03 16.72 16.59
N GLY A 349 -65.74 15.86 15.88
CA GLY A 349 -67.19 15.88 15.89
C GLY A 349 -67.69 14.48 15.67
N TRP A 350 -68.86 14.37 15.06
CA TRP A 350 -69.36 13.05 14.69
C TRP A 350 -68.58 12.53 13.50
N PRO A 351 -68.51 11.21 13.32
CA PRO A 351 -67.65 10.66 12.27
C PRO A 351 -67.88 11.23 10.88
N HIS A 352 -69.11 11.53 10.50
CA HIS A 352 -69.32 12.15 9.20
C HIS A 352 -68.71 13.54 9.13
N GLN A 353 -68.69 14.28 10.24
CA GLN A 353 -68.07 15.61 10.24
C GLN A 353 -66.56 15.51 10.09
N ILE A 354 -65.93 14.54 10.74
CA ILE A 354 -64.50 14.31 10.57
C ILE A 354 -64.19 13.90 9.14
N VAL A 355 -65.01 13.02 8.56
CA VAL A 355 -64.81 12.60 7.18
C VAL A 355 -64.92 13.81 6.26
N GLN A 356 -65.88 14.70 6.52
CA GLN A 356 -66.04 15.88 5.69
C GLN A 356 -64.85 16.83 5.82
N TYR A 357 -64.32 16.99 7.03
CA TYR A 357 -63.12 17.80 7.23
C TYR A 357 -61.96 17.28 6.40
N TYR A 358 -61.67 15.98 6.53
CA TYR A 358 -60.53 15.44 5.79
C TYR A 358 -60.77 15.45 4.29
N TYR A 359 -62.01 15.25 3.85
CA TYR A 359 -62.32 15.41 2.44
C TYR A 359 -62.12 16.84 1.97
N GLY A 360 -62.34 17.80 2.86
CA GLY A 360 -62.03 19.17 2.53
C GLY A 360 -60.55 19.39 2.31
N LEU A 361 -59.71 18.72 3.12
CA LEU A 361 -58.27 18.82 2.87
C LEU A 361 -57.83 17.97 1.68
N TYR A 362 -58.02 16.65 1.77
CA TYR A 362 -57.52 15.70 0.77
C TYR A 362 -58.67 14.85 0.25
N PRO A 363 -59.31 15.26 -0.85
CA PRO A 363 -60.50 14.55 -1.31
C PRO A 363 -60.27 13.11 -1.74
N ALA A 364 -59.38 12.91 -2.71
CA ALA A 364 -59.20 11.58 -3.30
C ALA A 364 -58.65 10.58 -2.29
N ALA A 365 -57.65 11.00 -1.51
CA ALA A 365 -57.08 10.12 -0.51
C ALA A 365 -58.11 9.71 0.53
N THR A 366 -58.93 10.68 0.98
CA THR A 366 -59.95 10.36 1.97
C THR A 366 -60.99 9.40 1.42
N VAL A 367 -61.41 9.61 0.17
CA VAL A 367 -62.37 8.69 -0.44
C VAL A 367 -61.79 7.30 -0.51
N SER A 368 -60.52 7.18 -0.94
CA SER A 368 -59.88 5.87 -1.04
C SER A 368 -59.80 5.19 0.32
N ALA A 369 -59.38 5.93 1.35
CA ALA A 369 -59.23 5.34 2.67
C ALA A 369 -60.57 4.88 3.23
N VAL A 370 -61.61 5.71 3.10
CA VAL A 370 -62.91 5.33 3.63
C VAL A 370 -63.47 4.12 2.89
N VAL A 371 -63.31 4.07 1.57
CA VAL A 371 -63.80 2.92 0.82
C VAL A 371 -63.05 1.66 1.21
N GLY A 372 -61.73 1.75 1.37
CA GLY A 372 -60.97 0.59 1.80
C GLY A 372 -61.41 0.08 3.17
N MET A 373 -61.57 1.00 4.12
CA MET A 373 -61.99 0.58 5.45
C MET A 373 -63.38 -0.04 5.45
N SER A 374 -64.30 0.52 4.66
CA SER A 374 -65.64 -0.05 4.59
C SER A 374 -65.61 -1.46 4.00
N LEU A 375 -64.84 -1.65 2.93
CA LEU A 375 -64.71 -2.99 2.36
C LEU A 375 -64.14 -3.96 3.39
N LEU A 376 -63.11 -3.54 4.13
CA LEU A 376 -62.50 -4.42 5.11
C LEU A 376 -63.49 -4.78 6.21
N ALA A 377 -64.29 -3.82 6.66
CA ALA A 377 -65.27 -4.09 7.71
C ALA A 377 -66.32 -5.08 7.24
N LEU A 378 -66.83 -4.89 6.02
CA LEU A 378 -67.81 -5.84 5.48
C LEU A 378 -67.19 -7.23 5.33
N ILE A 379 -65.93 -7.30 4.90
CA ILE A 379 -65.27 -8.59 4.78
C ILE A 379 -65.19 -9.29 6.13
N SER A 380 -64.80 -8.55 7.17
CA SER A 380 -64.70 -9.15 8.49
C SER A 380 -66.06 -9.63 8.99
N ILE A 381 -67.11 -8.83 8.78
CA ILE A 381 -68.43 -9.22 9.24
C ILE A 381 -68.89 -10.48 8.52
N PHE A 382 -68.71 -10.53 7.20
CA PHE A 382 -69.13 -11.70 6.44
C PHE A 382 -68.36 -12.95 6.86
N ALA A 383 -67.05 -12.82 7.06
CA ALA A 383 -66.26 -13.98 7.48
C ALA A 383 -66.72 -14.49 8.85
N SER A 384 -66.95 -13.59 9.80
CA SER A 384 -67.40 -14.02 11.11
C SER A 384 -68.75 -14.70 11.04
N CYS A 385 -69.70 -14.13 10.30
CA CYS A 385 -71.02 -14.74 10.20
C CYS A 385 -70.93 -16.12 9.54
N TYR A 386 -70.11 -16.24 8.50
CA TYR A 386 -69.93 -17.53 7.86
C TYR A 386 -69.35 -18.55 8.83
N MET A 387 -68.41 -18.13 9.68
CA MET A 387 -67.83 -19.07 10.62
C MET A 387 -68.84 -19.53 11.66
N LEU A 388 -69.69 -18.63 12.17
CA LEU A 388 -70.75 -19.09 13.07
C LEU A 388 -71.72 -20.03 12.36
N VAL A 389 -72.04 -19.74 11.09
CA VAL A 389 -72.95 -20.63 10.36
C VAL A 389 -72.34 -22.02 10.22
N ALA A 390 -71.05 -22.09 9.89
CA ALA A 390 -70.39 -23.39 9.76
C ALA A 390 -70.32 -24.12 11.10
N ALA A 391 -70.04 -23.39 12.18
CA ALA A 391 -69.98 -24.03 13.49
C ALA A 391 -71.33 -24.59 13.89
N ARG A 392 -72.42 -23.83 13.65
CA ARG A 392 -73.75 -24.33 13.94
C ARG A 392 -74.07 -25.56 13.09
N SER A 393 -73.72 -25.51 11.81
CA SER A 393 -73.93 -26.67 10.95
C SER A 393 -73.24 -27.90 11.51
N LYS A 394 -71.97 -27.76 11.90
CA LYS A 394 -71.23 -28.92 12.40
C LYS A 394 -71.82 -29.42 13.71
N CYS A 395 -72.27 -28.51 14.57
CA CYS A 395 -72.79 -28.95 15.86
C CYS A 395 -74.16 -29.61 15.73
N LEU A 396 -74.96 -29.21 14.73
CA LEU A 396 -76.33 -29.69 14.64
C LEU A 396 -76.52 -30.81 13.62
N THR A 397 -75.62 -30.98 12.66
CA THR A 397 -75.88 -31.93 11.58
C THR A 397 -75.85 -33.41 11.96
N PRO A 398 -75.08 -33.86 12.97
CA PRO A 398 -75.19 -35.30 13.32
C PRO A 398 -76.58 -35.73 13.72
N TYR A 399 -77.33 -34.87 14.41
CA TYR A 399 -78.69 -35.20 14.79
C TYR A 399 -79.59 -35.35 13.58
N ALA A 400 -79.28 -34.66 12.50
CA ALA A 400 -80.07 -34.76 11.27
C ALA A 400 -79.86 -36.07 10.55
N LEU A 401 -78.82 -36.84 10.91
CA LEU A 401 -78.58 -38.15 10.32
C LEU A 401 -79.12 -39.29 11.16
N THR A 402 -79.17 -39.14 12.47
CA THR A 402 -79.64 -40.22 13.33
C THR A 402 -81.13 -40.47 13.12
N PRO A 403 -81.56 -41.73 12.95
CA PRO A 403 -82.99 -41.98 12.74
C PRO A 403 -83.87 -41.53 13.91
N GLY A 404 -83.40 -41.68 15.14
CA GLY A 404 -84.20 -41.24 16.28
C GLY A 404 -84.40 -39.74 16.29
N ALA A 405 -83.31 -38.99 16.17
CA ALA A 405 -83.34 -37.53 16.05
C ALA A 405 -84.03 -36.87 17.25
N ALA A 406 -83.48 -37.13 18.44
CA ALA A 406 -83.95 -36.49 19.67
C ALA A 406 -82.94 -35.42 20.07
N VAL A 407 -83.07 -34.25 19.45
CA VAL A 407 -82.16 -33.14 19.76
C VAL A 407 -82.53 -32.54 21.11
N PRO A 408 -81.58 -32.29 21.99
CA PRO A 408 -81.90 -31.63 23.26
C PRO A 408 -82.50 -30.26 23.01
N TRP A 409 -83.53 -29.92 23.79
CA TRP A 409 -84.20 -28.64 23.59
C TRP A 409 -83.30 -27.47 23.93
N THR A 410 -82.39 -27.65 24.88
CA THR A 410 -81.46 -26.58 25.23
C THR A 410 -80.52 -26.28 24.07
N LEU A 411 -79.97 -27.31 23.43
CA LEU A 411 -79.10 -27.08 22.28
C LEU A 411 -79.89 -26.60 21.08
N GLY A 412 -81.17 -26.92 21.01
CA GLY A 412 -82.03 -26.33 20.01
C GLY A 412 -82.24 -24.85 20.22
N ILE A 413 -82.33 -24.44 21.49
CA ILE A 413 -82.50 -23.03 21.82
C ILE A 413 -81.31 -22.21 21.30
N LEU A 414 -80.09 -22.67 21.63
CA LEU A 414 -78.90 -21.92 21.27
C LEU A 414 -78.68 -21.89 19.76
N CYS A 415 -78.84 -23.03 19.09
CA CYS A 415 -78.50 -23.15 17.68
C CYS A 415 -79.71 -23.10 16.76
N CYS A 416 -80.89 -22.73 17.28
CA CYS A 416 -82.10 -22.56 16.49
C CYS A 416 -82.42 -23.83 15.69
N ALA A 417 -82.65 -24.92 16.43
CA ALA A 417 -82.88 -26.22 15.83
C ALA A 417 -84.37 -26.49 15.73
N PRO A 418 -84.91 -26.77 14.53
CA PRO A 418 -86.32 -27.09 14.33
C PRO A 418 -86.71 -28.44 14.91
N TYR B 1 -16.73 18.12 21.83
CA TYR B 1 -17.87 17.25 21.64
C TYR B 1 -18.36 17.32 20.20
N GLU B 2 -18.63 16.16 19.60
CA GLU B 2 -19.05 16.06 18.22
C GLU B 2 -20.55 15.82 18.15
N HIS B 3 -21.23 16.57 17.28
CA HIS B 3 -22.67 16.44 17.09
C HIS B 3 -22.98 16.61 15.61
N SER B 4 -23.98 15.89 15.12
CA SER B 4 -24.40 15.97 13.73
C SER B 4 -25.91 16.03 13.65
N THR B 5 -26.43 16.98 12.86
CA THR B 5 -27.86 17.12 12.62
C THR B 5 -28.10 17.28 11.13
N VAL B 6 -29.37 17.37 10.76
CA VAL B 6 -29.79 17.63 9.38
C VAL B 6 -30.81 18.75 9.41
N MET B 7 -30.51 19.85 8.74
CA MET B 7 -31.45 20.96 8.70
C MET B 7 -32.01 21.13 7.30
N PRO B 8 -33.31 21.39 7.16
CA PRO B 8 -33.90 21.56 5.83
C PRO B 8 -33.38 22.80 5.12
N ASN B 9 -33.28 22.70 3.80
CA ASN B 9 -32.80 23.81 2.97
C ASN B 9 -34.00 24.64 2.53
N VAL B 10 -34.51 25.44 3.47
CA VAL B 10 -35.56 26.41 3.19
C VAL B 10 -35.19 27.71 3.90
N VAL B 11 -35.29 28.83 3.20
CA VAL B 11 -34.83 30.10 3.71
C VAL B 11 -35.85 30.65 4.70
N GLY B 12 -35.41 30.93 5.91
CA GLY B 12 -36.24 31.54 6.92
C GLY B 12 -36.79 30.60 7.97
N PHE B 13 -36.70 29.29 7.76
CA PHE B 13 -37.21 28.35 8.73
C PHE B 13 -36.33 28.34 9.97
N PRO B 14 -36.87 28.57 11.16
CA PRO B 14 -36.06 28.53 12.37
C PRO B 14 -35.82 27.10 12.85
N TYR B 15 -34.61 26.61 12.62
CA TYR B 15 -34.25 25.26 13.00
C TYR B 15 -33.58 25.25 14.37
N LYS B 16 -33.88 24.23 15.17
CA LYS B 16 -33.36 24.14 16.52
C LYS B 16 -32.83 22.73 16.75
N ALA B 17 -31.59 22.64 17.23
CA ALA B 17 -30.91 21.38 17.49
C ALA B 17 -30.69 21.21 18.99
N HIS B 18 -31.00 20.02 19.49
CA HIS B 18 -30.84 19.70 20.90
C HIS B 18 -29.63 18.81 21.09
N ILE B 19 -28.73 19.20 21.99
CA ILE B 19 -27.54 18.43 22.31
C ILE B 19 -27.63 17.98 23.75
N GLU B 20 -27.61 16.67 23.96
CA GLU B 20 -27.63 16.06 25.28
C GLU B 20 -26.29 15.37 25.50
N ARG B 21 -25.51 15.89 26.45
CA ARG B 21 -24.16 15.41 26.70
C ARG B 21 -24.04 15.02 28.17
N PRO B 22 -23.69 13.78 28.50
CA PRO B 22 -23.65 13.35 29.90
C PRO B 22 -22.70 14.23 30.73
N GLY B 23 -23.16 14.60 31.92
CA GLY B 23 -22.43 15.47 32.80
C GLY B 23 -22.83 16.92 32.74
N TYR B 24 -23.59 17.31 31.72
CA TYR B 24 -23.96 18.71 31.50
C TYR B 24 -25.45 18.80 31.22
N SER B 25 -25.97 20.01 31.37
CA SER B 25 -27.36 20.29 31.07
C SER B 25 -27.55 20.50 29.57
N PRO B 26 -28.67 20.05 29.02
CA PRO B 26 -28.83 20.06 27.56
C PRO B 26 -28.74 21.45 26.96
N LEU B 27 -28.24 21.50 25.72
CA LEU B 27 -28.04 22.75 25.00
C LEU B 27 -28.90 22.75 23.75
N THR B 28 -29.62 23.85 23.53
CA THR B 28 -30.40 24.04 22.31
C THR B 28 -29.71 25.07 21.46
N LEU B 29 -29.41 24.70 20.22
CA LEU B 29 -28.70 25.56 19.28
C LEU B 29 -29.64 25.87 18.12
N GLN B 30 -29.92 27.15 17.91
CA GLN B 30 -30.79 27.57 16.82
C GLN B 30 -29.95 28.15 15.69
N MET B 31 -30.29 27.78 14.46
CA MET B 31 -29.46 28.10 13.32
C MET B 31 -30.29 28.01 12.05
N GLN B 32 -30.37 29.12 11.31
CA GLN B 32 -31.22 29.22 10.14
C GLN B 32 -30.49 29.91 8.99
N VAL B 33 -30.83 29.52 7.77
CA VAL B 33 -30.21 30.04 6.57
C VAL B 33 -30.95 31.29 6.12
N VAL B 34 -30.19 32.33 5.75
CA VAL B 34 -30.78 33.63 5.46
C VAL B 34 -30.80 33.89 3.96
N GLU B 35 -29.87 33.29 3.23
CA GLU B 35 -29.99 33.22 1.77
C GLU B 35 -29.13 32.08 1.25
N THR B 36 -29.34 31.75 -0.02
CA THR B 36 -28.65 30.66 -0.68
C THR B 36 -28.32 31.06 -2.10
N SER B 37 -27.23 30.54 -2.62
CA SER B 37 -26.81 30.78 -4.00
C SER B 37 -26.42 29.45 -4.64
N LEU B 38 -26.54 29.38 -5.96
CA LEU B 38 -26.22 28.15 -6.68
C LEU B 38 -25.66 28.54 -8.05
N GLU B 39 -24.34 28.50 -8.18
CA GLU B 39 -23.68 28.98 -9.40
C GLU B 39 -23.21 27.82 -10.23
N PRO B 40 -23.68 27.66 -11.47
CA PRO B 40 -23.06 26.68 -12.36
C PRO B 40 -21.74 27.20 -12.92
N THR B 41 -20.93 26.26 -13.41
CA THR B 41 -19.69 26.63 -14.09
C THR B 41 -19.98 26.73 -15.58
N LEU B 42 -19.51 27.81 -16.19
CA LEU B 42 -19.90 28.18 -17.55
C LEU B 42 -18.71 28.13 -18.49
N ASN B 43 -18.89 27.48 -19.64
CA ASN B 43 -17.91 27.48 -20.72
C ASN B 43 -18.50 28.27 -21.88
N LEU B 44 -17.89 29.41 -22.20
CA LEU B 44 -18.40 30.27 -23.27
C LEU B 44 -18.16 29.63 -24.63
N GLU B 45 -19.24 29.39 -25.37
CA GLU B 45 -19.15 28.82 -26.70
C GLU B 45 -18.89 29.89 -27.76
N TYR B 46 -19.73 30.92 -27.83
CA TYR B 46 -19.46 32.05 -28.70
C TYR B 46 -20.32 33.23 -28.27
N ILE B 47 -20.22 34.31 -29.04
CA ILE B 47 -20.90 35.57 -28.80
C ILE B 47 -21.63 35.97 -30.07
N THR B 48 -22.88 36.40 -29.94
CA THR B 48 -23.65 36.82 -31.10
C THR B 48 -24.28 38.18 -30.85
N CYS B 49 -24.45 38.94 -31.92
CA CYS B 49 -25.06 40.26 -31.87
C CYS B 49 -25.64 40.53 -33.26
N GLU B 50 -26.00 41.78 -33.52
CA GLU B 50 -26.49 42.12 -34.84
C GLU B 50 -25.33 42.59 -35.71
N TYR B 51 -25.48 42.41 -37.02
CA TYR B 51 -24.37 42.60 -37.92
C TYR B 51 -24.40 44.00 -38.53
N LYS B 52 -23.50 44.23 -39.48
CA LYS B 52 -23.38 45.50 -40.17
C LYS B 52 -22.85 45.23 -41.56
N THR B 53 -23.63 45.55 -42.58
CA THR B 53 -23.21 45.33 -43.96
C THR B 53 -22.38 46.52 -44.42
N VAL B 54 -21.17 46.24 -44.90
CA VAL B 54 -20.26 47.26 -45.39
C VAL B 54 -20.34 47.30 -46.91
N VAL B 55 -20.62 48.47 -47.45
CA VAL B 55 -20.84 48.64 -48.89
C VAL B 55 -20.05 49.85 -49.37
N PRO B 56 -18.95 49.64 -50.08
CA PRO B 56 -18.13 50.78 -50.53
C PRO B 56 -18.64 51.34 -51.84
N SER B 57 -18.08 52.49 -52.22
CA SER B 57 -18.45 53.12 -53.47
C SER B 57 -18.11 52.19 -54.64
N PRO B 58 -18.99 52.07 -55.62
CA PRO B 58 -18.70 51.17 -56.75
C PRO B 58 -17.55 51.70 -57.59
N TYR B 59 -16.84 50.77 -58.24
CA TYR B 59 -15.79 51.14 -59.18
C TYR B 59 -16.35 51.05 -60.59
N VAL B 60 -16.31 52.17 -61.31
CA VAL B 60 -16.75 52.25 -62.70
C VAL B 60 -15.52 52.51 -63.57
N LYS B 61 -15.39 51.76 -64.65
CA LYS B 61 -14.27 51.89 -65.58
C LYS B 61 -14.83 52.24 -66.95
N CYS B 62 -14.65 53.49 -67.36
CA CYS B 62 -15.15 53.95 -68.65
C CYS B 62 -14.23 53.44 -69.76
N CYS B 63 -14.82 52.82 -70.78
CA CYS B 63 -14.07 52.09 -71.81
C CYS B 63 -13.00 51.20 -71.19
N GLY B 64 -13.46 50.17 -70.49
CA GLY B 64 -12.55 49.24 -69.88
C GLY B 64 -13.27 48.02 -69.35
N ALA B 65 -12.56 47.26 -68.52
CA ALA B 65 -13.11 46.09 -67.88
C ALA B 65 -12.34 45.83 -66.59
N SER B 66 -12.93 45.04 -65.71
CA SER B 66 -12.37 44.77 -64.40
C SER B 66 -12.40 43.26 -64.14
N GLU B 67 -11.82 42.87 -63.01
CA GLU B 67 -11.75 41.47 -62.61
C GLU B 67 -12.07 41.35 -61.13
N CYS B 68 -12.85 40.34 -60.77
CA CYS B 68 -13.20 40.11 -59.38
C CYS B 68 -11.99 39.58 -58.62
N SER B 69 -11.86 40.03 -57.38
CA SER B 69 -10.74 39.63 -56.52
C SER B 69 -11.29 39.10 -55.21
N THR B 70 -10.91 37.88 -54.85
CA THR B 70 -11.35 37.29 -53.60
C THR B 70 -10.70 38.01 -52.41
N LYS B 71 -11.39 37.98 -51.28
CA LYS B 71 -10.90 38.65 -50.08
C LYS B 71 -11.22 37.81 -48.85
N GLU B 72 -10.61 38.19 -47.73
CA GLU B 72 -10.65 37.43 -46.49
C GLU B 72 -11.85 37.78 -45.62
N LYS B 73 -12.71 38.69 -46.06
CA LYS B 73 -13.79 39.19 -45.24
C LYS B 73 -14.87 38.13 -45.06
N PRO B 74 -15.72 38.27 -44.03
CA PRO B 74 -16.84 37.34 -43.86
C PRO B 74 -17.99 37.65 -44.81
N ASP B 75 -18.53 36.60 -45.43
CA ASP B 75 -19.69 36.71 -46.31
C ASP B 75 -19.43 37.69 -47.46
N TYR B 76 -18.20 37.71 -47.95
CA TYR B 76 -17.79 38.68 -48.95
C TYR B 76 -18.29 38.28 -50.33
N GLN B 77 -18.87 39.25 -51.06
CA GLN B 77 -19.33 39.04 -52.42
C GLN B 77 -18.79 40.14 -53.32
N CYS B 78 -18.56 39.79 -54.58
CA CYS B 78 -18.05 40.74 -55.56
C CYS B 78 -18.47 40.30 -56.95
N LYS B 79 -18.96 41.24 -57.77
CA LYS B 79 -19.41 40.93 -59.11
C LYS B 79 -19.04 42.07 -60.05
N VAL B 80 -18.96 41.74 -61.34
CA VAL B 80 -18.67 42.70 -62.39
C VAL B 80 -19.76 42.59 -63.45
N TYR B 81 -20.35 43.73 -63.82
CA TYR B 81 -21.45 43.79 -64.75
C TYR B 81 -21.00 44.43 -66.06
N THR B 82 -21.49 43.90 -67.18
CA THR B 82 -20.79 43.99 -68.45
C THR B 82 -20.92 45.37 -69.12
N GLY B 83 -22.14 45.82 -69.37
CA GLY B 83 -22.31 47.08 -70.08
C GLY B 83 -23.20 48.08 -69.38
N VAL B 84 -22.63 49.21 -68.93
CA VAL B 84 -23.35 50.18 -68.13
C VAL B 84 -23.18 51.57 -68.74
N TYR B 85 -24.00 52.51 -68.24
CA TYR B 85 -23.96 53.90 -68.68
C TYR B 85 -24.44 54.78 -67.55
N PRO B 86 -23.56 55.07 -66.58
CA PRO B 86 -24.04 55.51 -65.25
C PRO B 86 -24.84 56.80 -65.20
N PHE B 87 -24.55 57.81 -66.02
CA PHE B 87 -25.20 59.12 -65.90
C PHE B 87 -25.07 59.68 -64.47
N MET B 88 -23.83 60.00 -64.10
CA MET B 88 -23.56 60.38 -62.71
C MET B 88 -24.44 61.52 -62.23
N TRP B 89 -24.21 62.72 -62.77
CA TRP B 89 -25.06 63.88 -62.52
C TRP B 89 -24.61 65.02 -63.42
N GLY B 90 -25.56 65.67 -64.10
CA GLY B 90 -25.15 66.68 -65.07
C GLY B 90 -24.23 66.13 -66.13
N GLY B 91 -24.48 64.91 -66.58
CA GLY B 91 -23.61 64.27 -67.54
C GLY B 91 -23.73 62.77 -67.45
N ALA B 92 -23.01 62.10 -68.35
CA ALA B 92 -23.07 60.65 -68.45
C ALA B 92 -21.95 59.94 -67.69
N TYR B 93 -20.86 60.65 -67.38
CA TYR B 93 -19.72 60.17 -66.61
C TYR B 93 -18.84 59.20 -67.41
N CYS B 94 -19.32 58.75 -68.56
CA CYS B 94 -18.49 58.02 -69.52
C CYS B 94 -18.74 58.57 -70.91
N PHE B 95 -17.66 58.67 -71.69
CA PHE B 95 -17.73 59.04 -73.10
C PHE B 95 -17.73 57.78 -73.96
N CYS B 96 -18.39 56.74 -73.48
CA CYS B 96 -18.12 55.40 -73.99
C CYS B 96 -19.45 54.65 -73.95
N ASP B 97 -20.02 54.36 -75.12
CA ASP B 97 -21.43 53.99 -75.21
C ASP B 97 -21.73 52.66 -74.53
N SER B 98 -20.89 51.65 -74.74
CA SER B 98 -21.26 50.30 -74.33
C SER B 98 -20.14 49.51 -73.64
N GLU B 99 -18.90 49.97 -73.65
CA GLU B 99 -17.80 49.24 -73.03
C GLU B 99 -17.47 49.80 -71.65
N ASN B 100 -18.43 49.72 -70.74
CA ASN B 100 -18.24 50.19 -69.39
C ASN B 100 -18.68 49.11 -68.42
N THR B 101 -17.88 48.88 -67.38
CA THR B 101 -18.17 47.84 -66.39
C THR B 101 -18.16 48.45 -65.00
N GLN B 102 -19.01 47.91 -64.13
CA GLN B 102 -19.08 48.31 -62.74
C GLN B 102 -18.61 47.18 -61.85
N LEU B 103 -17.80 47.52 -60.84
CA LEU B 103 -17.35 46.58 -59.84
C LEU B 103 -18.17 46.79 -58.57
N SER B 104 -18.98 45.80 -58.21
CA SER B 104 -19.84 45.86 -57.04
C SER B 104 -19.36 44.85 -56.02
N GLU B 105 -19.12 45.30 -54.79
CA GLU B 105 -18.64 44.43 -53.73
C GLU B 105 -19.29 44.84 -52.42
N ALA B 106 -19.44 43.85 -51.53
CA ALA B 106 -19.99 44.10 -50.20
C ALA B 106 -19.61 42.93 -49.31
N TYR B 107 -19.55 43.19 -48.00
CA TYR B 107 -19.24 42.16 -47.03
C TYR B 107 -19.86 42.52 -45.69
N VAL B 108 -19.81 41.56 -44.76
CA VAL B 108 -20.48 41.64 -43.48
C VAL B 108 -19.44 41.85 -42.39
N ASP B 109 -19.75 42.76 -41.47
CA ASP B 109 -18.90 43.02 -40.32
C ASP B 109 -19.69 42.89 -39.03
N ARG B 110 -19.12 43.30 -37.91
CA ARG B 110 -19.80 43.30 -36.62
C ARG B 110 -20.34 44.67 -36.31
N SER B 111 -21.41 44.71 -35.52
CA SER B 111 -22.02 45.98 -35.17
C SER B 111 -21.06 46.83 -34.34
N ASP B 112 -21.14 48.13 -34.52
CA ASP B 112 -20.25 49.03 -33.82
C ASP B 112 -20.47 49.04 -32.31
N VAL B 113 -21.57 48.47 -31.82
CA VAL B 113 -21.88 48.45 -30.40
C VAL B 113 -22.00 47.02 -29.87
N CYS B 114 -21.43 46.05 -30.58
CA CYS B 114 -21.54 44.65 -30.18
C CYS B 114 -20.94 44.39 -28.81
N ARG B 115 -20.04 45.26 -28.34
CA ARG B 115 -19.46 45.09 -27.01
C ARG B 115 -20.38 45.57 -25.91
N HIS B 116 -21.50 46.20 -26.25
CA HIS B 116 -22.53 46.60 -25.30
C HIS B 116 -23.79 45.77 -25.38
N ASP B 117 -24.19 45.37 -26.58
CA ASP B 117 -25.46 44.70 -26.83
C ASP B 117 -25.19 43.37 -27.54
N HIS B 118 -25.10 42.29 -26.75
CA HIS B 118 -24.83 40.98 -27.31
C HIS B 118 -25.37 39.92 -26.36
N ALA B 119 -25.51 38.71 -26.89
CA ALA B 119 -25.90 37.55 -26.12
C ALA B 119 -24.77 36.53 -26.09
N SER B 120 -24.74 35.70 -25.06
CA SER B 120 -23.67 34.74 -24.86
C SER B 120 -24.24 33.34 -24.75
N ALA B 121 -23.71 32.42 -25.56
CA ALA B 121 -24.08 31.01 -25.49
C ALA B 121 -23.11 30.27 -24.60
N TYR B 122 -23.64 29.52 -23.63
CA TYR B 122 -22.81 28.89 -22.61
C TYR B 122 -23.08 27.40 -22.57
N LYS B 123 -22.24 26.71 -21.81
CA LYS B 123 -22.45 25.33 -21.39
C LYS B 123 -22.31 25.26 -19.88
N ALA B 124 -23.32 24.74 -19.21
CA ALA B 124 -23.40 24.76 -17.76
C ALA B 124 -23.15 23.36 -17.22
N HIS B 125 -22.23 23.25 -16.26
CA HIS B 125 -21.85 22.00 -15.63
C HIS B 125 -22.26 22.05 -14.17
N THR B 126 -21.79 21.06 -13.41
CA THR B 126 -22.12 20.93 -12.00
C THR B 126 -21.98 22.27 -11.27
N ALA B 127 -23.02 22.62 -10.52
CA ALA B 127 -23.05 23.87 -9.76
C ALA B 127 -22.56 23.64 -8.33
N SER B 128 -22.34 24.74 -7.63
CA SER B 128 -21.86 24.70 -6.25
C SER B 128 -22.78 25.54 -5.38
N LEU B 129 -23.29 24.92 -4.32
CA LEU B 129 -24.11 25.65 -3.36
C LEU B 129 -23.24 26.52 -2.46
N LYS B 130 -23.80 27.65 -2.02
CA LYS B 130 -23.06 28.62 -1.24
C LYS B 130 -24.07 29.41 -0.42
N ALA B 131 -24.18 29.08 0.86
CA ALA B 131 -25.24 29.59 1.72
C ALA B 131 -24.72 30.66 2.67
N LYS B 132 -25.63 31.16 3.50
CA LYS B 132 -25.33 32.16 4.52
C LYS B 132 -26.21 31.86 5.72
N VAL B 133 -25.60 31.49 6.84
CA VAL B 133 -26.30 30.88 7.96
C VAL B 133 -26.08 31.74 9.19
N ARG B 134 -27.13 31.90 10.00
CA ARG B 134 -27.04 32.59 11.28
C ARG B 134 -27.13 31.56 12.39
N VAL B 135 -26.14 31.56 13.29
CA VAL B 135 -26.06 30.60 14.39
C VAL B 135 -26.24 31.36 15.70
N MET B 136 -27.12 30.86 16.55
CA MET B 136 -27.40 31.45 17.86
C MET B 136 -27.43 30.35 18.91
N TYR B 137 -26.58 30.49 19.93
CA TYR B 137 -26.61 29.60 21.08
C TYR B 137 -25.92 30.31 22.23
N GLY B 138 -26.41 30.06 23.44
CA GLY B 138 -25.89 30.75 24.60
C GLY B 138 -26.08 32.25 24.48
N ASN B 139 -24.99 32.99 24.30
CA ASN B 139 -25.06 34.42 24.12
C ASN B 139 -24.26 34.88 22.90
N VAL B 140 -24.08 34.00 21.92
CA VAL B 140 -23.49 34.37 20.64
C VAL B 140 -24.60 34.45 19.60
N ASN B 141 -24.43 35.36 18.65
CA ASN B 141 -25.44 35.58 17.61
C ASN B 141 -24.68 36.17 16.42
N GLN B 142 -24.41 35.32 15.42
CA GLN B 142 -23.55 35.70 14.32
C GLN B 142 -23.95 34.95 13.07
N THR B 143 -23.79 35.61 11.93
CA THR B 143 -24.08 35.04 10.62
C THR B 143 -22.80 34.93 9.80
N VAL B 144 -22.63 33.80 9.11
CA VAL B 144 -21.39 33.50 8.40
C VAL B 144 -21.71 33.05 6.97
N ASP B 145 -20.74 33.24 6.08
CA ASP B 145 -20.80 32.74 4.71
C ASP B 145 -20.05 31.42 4.62
N VAL B 146 -20.68 30.41 4.06
CA VAL B 146 -20.08 29.08 3.94
C VAL B 146 -20.28 28.56 2.53
N TYR B 147 -19.53 27.52 2.21
CA TYR B 147 -19.74 26.71 1.02
C TYR B 147 -20.39 25.41 1.46
N VAL B 148 -21.49 25.05 0.83
CA VAL B 148 -22.24 23.86 1.25
C VAL B 148 -21.65 22.69 0.50
N ASN B 149 -20.52 22.21 1.01
CA ASN B 149 -19.89 20.95 0.66
C ASN B 149 -19.24 20.43 1.94
N GLY B 150 -18.53 19.33 1.83
CA GLY B 150 -17.85 18.92 3.04
C GLY B 150 -16.59 19.67 3.36
N ASP B 151 -16.16 20.60 2.49
CA ASP B 151 -14.85 21.22 2.65
C ASP B 151 -14.86 22.37 3.64
N HIS B 152 -15.56 23.46 3.32
CA HIS B 152 -15.42 24.69 4.09
C HIS B 152 -15.76 24.45 5.55
N ALA B 153 -14.87 24.90 6.44
CA ALA B 153 -15.07 24.84 7.88
C ALA B 153 -14.97 26.24 8.45
N VAL B 154 -15.92 26.60 9.32
CA VAL B 154 -16.01 27.93 9.90
C VAL B 154 -16.03 27.79 11.42
N THR B 155 -15.77 28.90 12.09
CA THR B 155 -15.75 28.93 13.55
C THR B 155 -16.65 30.06 14.04
N ILE B 156 -17.44 29.77 15.06
CA ILE B 156 -18.35 30.75 15.66
C ILE B 156 -18.27 30.60 17.17
N GLY B 157 -17.55 31.49 17.83
CA GLY B 157 -17.39 31.41 19.27
C GLY B 157 -16.76 30.12 19.75
N GLY B 158 -15.73 29.65 19.04
CA GLY B 158 -15.00 28.46 19.44
C GLY B 158 -15.58 27.15 18.95
N THR B 159 -16.76 27.17 18.33
CA THR B 159 -17.37 25.98 17.75
C THR B 159 -17.04 25.92 16.27
N GLN B 160 -16.79 24.72 15.76
CA GLN B 160 -16.46 24.50 14.36
C GLN B 160 -17.64 23.86 13.66
N PHE B 161 -18.01 24.40 12.50
CA PHE B 161 -19.14 23.91 11.73
C PHE B 161 -18.70 23.51 10.32
N ILE B 162 -19.22 22.40 9.83
CA ILE B 162 -19.07 22.00 8.44
C ILE B 162 -20.45 21.68 7.90
N PHE B 163 -20.89 22.43 6.90
CA PHE B 163 -22.24 22.31 6.34
C PHE B 163 -22.15 21.41 5.11
N GLY B 164 -22.54 20.15 5.27
CA GLY B 164 -22.19 19.13 4.34
C GLY B 164 -22.91 19.28 3.02
N PRO B 165 -22.62 18.38 2.08
CA PRO B 165 -23.18 18.52 0.73
C PRO B 165 -24.69 18.40 0.73
N LEU B 166 -25.32 19.13 -0.17
CA LEU B 166 -26.78 19.06 -0.30
C LEU B 166 -27.19 17.66 -0.75
N SER B 167 -28.29 17.18 -0.19
CA SER B 167 -28.76 15.84 -0.52
C SER B 167 -29.37 15.74 -1.91
N SER B 168 -29.59 16.85 -2.59
CA SER B 168 -30.24 16.86 -3.90
C SER B 168 -29.26 17.39 -4.94
N ALA B 169 -29.27 16.76 -6.12
CA ALA B 169 -28.44 17.17 -7.24
C ALA B 169 -29.20 18.03 -8.25
N TRP B 170 -30.41 18.48 -7.90
CA TRP B 170 -31.24 19.23 -8.82
C TRP B 170 -30.59 20.56 -9.20
N THR B 171 -30.89 21.02 -10.42
CA THR B 171 -30.40 22.31 -10.91
C THR B 171 -31.41 22.87 -11.90
N PRO B 172 -31.64 24.18 -11.90
CA PRO B 172 -32.60 24.74 -12.84
C PRO B 172 -32.08 24.90 -14.25
N PHE B 173 -30.77 24.92 -14.44
CA PHE B 173 -30.17 25.17 -15.73
C PHE B 173 -29.98 23.88 -16.51
N ASP B 174 -29.99 24.00 -17.83
CA ASP B 174 -29.78 22.87 -18.73
C ASP B 174 -28.32 22.82 -19.16
N ASN B 175 -28.02 21.95 -20.12
CA ASN B 175 -26.65 21.87 -20.63
C ASN B 175 -26.27 23.14 -21.38
N LYS B 176 -27.14 23.60 -22.27
CA LYS B 176 -26.92 24.80 -23.05
C LYS B 176 -27.87 25.89 -22.55
N ILE B 177 -27.34 27.09 -22.33
CA ILE B 177 -28.14 28.24 -21.94
C ILE B 177 -27.67 29.45 -22.74
N VAL B 178 -28.54 30.45 -22.85
CA VAL B 178 -28.22 31.73 -23.48
C VAL B 178 -28.51 32.82 -22.47
N VAL B 179 -27.58 33.76 -22.32
CA VAL B 179 -27.68 34.81 -21.31
C VAL B 179 -27.70 36.16 -22.02
N TYR B 180 -28.84 36.82 -22.01
CA TYR B 180 -28.94 38.20 -22.45
C TYR B 180 -28.78 39.10 -21.22
N LYS B 181 -29.19 40.36 -21.34
CA LYS B 181 -28.89 41.41 -20.37
C LYS B 181 -29.02 40.94 -18.92
N ASP B 182 -30.20 40.47 -18.54
CA ASP B 182 -30.44 40.09 -17.16
C ASP B 182 -31.20 38.78 -17.03
N GLU B 183 -31.51 38.11 -18.13
CA GLU B 183 -32.33 36.92 -18.13
C GLU B 183 -31.61 35.76 -18.80
N VAL B 184 -32.05 34.55 -18.46
CA VAL B 184 -31.41 33.31 -18.86
C VAL B 184 -32.43 32.44 -19.56
N PHE B 185 -32.04 31.83 -20.68
CA PHE B 185 -32.91 31.01 -21.49
C PHE B 185 -32.33 29.62 -21.64
N ASN B 186 -33.12 28.59 -21.29
CA ASN B 186 -32.72 27.21 -21.51
C ASN B 186 -32.90 26.91 -23.00
N GLN B 187 -31.90 27.29 -23.78
CA GLN B 187 -31.99 27.24 -25.23
C GLN B 187 -30.93 26.31 -25.80
N ASP B 188 -31.15 25.90 -27.04
CA ASP B 188 -30.31 24.95 -27.77
C ASP B 188 -29.78 25.65 -29.00
N PHE B 189 -28.66 26.35 -28.85
CA PHE B 189 -28.13 27.19 -29.91
C PHE B 189 -27.41 26.36 -30.97
N PRO B 190 -27.19 26.92 -32.16
CA PRO B 190 -26.52 26.16 -33.21
C PRO B 190 -25.07 25.85 -32.87
N PRO B 191 -24.48 24.85 -33.52
CA PRO B 191 -23.05 24.63 -33.37
C PRO B 191 -22.25 25.81 -33.91
N TYR B 192 -21.04 25.97 -33.40
CA TYR B 192 -20.19 27.05 -33.90
C TYR B 192 -19.75 26.74 -35.32
N GLY B 193 -19.76 27.76 -36.16
CA GLY B 193 -19.39 27.59 -37.54
C GLY B 193 -20.45 26.98 -38.42
N SER B 194 -21.67 26.81 -37.91
CA SER B 194 -22.78 26.27 -38.69
C SER B 194 -24.07 27.02 -38.40
N GLY B 195 -24.00 28.35 -38.33
CA GLY B 195 -25.19 29.14 -38.16
C GLY B 195 -25.94 29.35 -39.45
N GLN B 196 -27.20 29.76 -39.32
CA GLN B 196 -28.12 29.82 -40.45
C GLN B 196 -28.70 31.23 -40.59
N PRO B 197 -29.10 31.62 -41.79
CA PRO B 197 -29.53 33.01 -42.01
C PRO B 197 -30.86 33.32 -41.36
N GLY B 198 -30.95 34.50 -40.75
CA GLY B 198 -32.18 35.01 -40.20
C GLY B 198 -32.61 34.45 -38.87
N ARG B 199 -31.83 33.55 -38.28
CA ARG B 199 -32.12 32.95 -36.99
C ARG B 199 -30.97 33.26 -36.03
N PHE B 200 -31.13 32.82 -34.79
CA PHE B 200 -30.13 33.11 -33.76
C PHE B 200 -28.79 32.49 -34.13
N GLY B 201 -27.73 33.27 -33.92
CA GLY B 201 -26.40 32.83 -34.33
C GLY B 201 -26.19 32.80 -35.82
N ASP B 202 -26.73 33.78 -36.55
CA ASP B 202 -26.40 33.91 -37.97
C ASP B 202 -25.02 34.52 -38.17
N ILE B 203 -24.52 35.28 -37.21
CA ILE B 203 -23.11 35.63 -37.12
C ILE B 203 -22.62 35.22 -35.74
N GLN B 204 -21.40 34.68 -35.68
CA GLN B 204 -20.85 34.12 -34.46
C GLN B 204 -19.43 34.63 -34.26
N SER B 205 -19.01 34.66 -32.99
CA SER B 205 -17.68 35.11 -32.62
C SER B 205 -17.33 34.47 -31.29
N ARG B 206 -16.09 33.96 -31.17
CA ARG B 206 -15.71 33.18 -30.00
C ARG B 206 -15.74 34.03 -28.74
N THR B 207 -15.24 35.27 -28.81
CA THR B 207 -15.27 36.20 -27.70
C THR B 207 -15.62 37.57 -28.24
N VAL B 208 -15.67 38.56 -27.36
CA VAL B 208 -16.00 39.91 -27.81
C VAL B 208 -14.85 40.49 -28.63
N GLU B 209 -13.61 40.28 -28.17
CA GLU B 209 -12.43 40.79 -28.87
C GLU B 209 -11.84 39.80 -29.86
N SER B 210 -12.49 38.65 -30.07
CA SER B 210 -12.03 37.71 -31.08
C SER B 210 -12.06 38.37 -32.45
N ASN B 211 -11.44 37.71 -33.43
CA ASN B 211 -11.34 38.26 -34.77
C ASN B 211 -11.60 37.19 -35.83
N ASP B 212 -12.53 36.28 -35.56
CA ASP B 212 -12.93 35.29 -36.54
C ASP B 212 -14.16 35.73 -37.33
N LEU B 213 -15.29 35.94 -36.64
CA LEU B 213 -16.51 36.44 -37.26
C LEU B 213 -16.99 35.52 -38.39
N TYR B 214 -17.48 34.35 -37.98
CA TYR B 214 -18.31 33.56 -38.87
C TYR B 214 -19.59 34.33 -39.20
N ALA B 215 -20.01 34.27 -40.46
CA ALA B 215 -21.21 34.98 -40.89
C ALA B 215 -21.90 34.22 -42.00
N ASN B 216 -23.19 33.94 -41.82
CA ASN B 216 -24.04 33.32 -42.83
C ASN B 216 -25.32 34.16 -42.88
N THR B 217 -25.32 35.20 -43.71
CA THR B 217 -26.44 36.12 -43.77
C THR B 217 -27.13 36.14 -45.13
N ALA B 218 -26.74 35.26 -46.06
CA ALA B 218 -27.37 35.13 -47.37
C ALA B 218 -27.30 36.43 -48.17
N LEU B 219 -26.16 37.12 -48.07
CA LEU B 219 -25.95 38.34 -48.85
C LEU B 219 -25.86 37.99 -50.33
N LYS B 220 -26.31 38.92 -51.18
CA LYS B 220 -26.44 38.64 -52.61
C LYS B 220 -26.56 39.94 -53.38
N LEU B 221 -25.66 40.16 -54.33
CA LEU B 221 -25.63 41.39 -55.10
C LEU B 221 -26.58 41.30 -56.31
N ALA B 222 -26.87 42.46 -56.90
CA ALA B 222 -27.78 42.54 -58.03
C ALA B 222 -27.28 43.57 -59.03
N ARG B 223 -27.71 43.40 -60.28
CA ARG B 223 -27.27 44.29 -61.35
C ARG B 223 -27.84 45.69 -61.15
N PRO B 224 -27.04 46.73 -61.34
CA PRO B 224 -27.55 48.09 -61.21
C PRO B 224 -28.60 48.41 -62.26
N SER B 225 -29.57 49.23 -61.87
CA SER B 225 -30.62 49.65 -62.79
C SER B 225 -30.04 50.62 -63.81
N PRO B 226 -30.45 50.54 -65.07
CA PRO B 226 -29.74 51.25 -66.15
C PRO B 226 -29.91 52.76 -66.03
N GLY B 227 -28.77 53.45 -65.90
CA GLY B 227 -28.75 54.90 -65.92
C GLY B 227 -28.42 55.57 -64.61
N MET B 228 -28.01 54.84 -63.59
CA MET B 228 -27.75 55.44 -62.29
C MET B 228 -26.68 54.65 -61.56
N VAL B 229 -26.02 55.33 -60.63
CA VAL B 229 -24.93 54.76 -59.84
C VAL B 229 -25.51 54.34 -58.50
N HIS B 230 -25.48 53.04 -58.23
CA HIS B 230 -25.93 52.48 -56.97
C HIS B 230 -25.58 51.00 -56.99
N VAL B 231 -25.57 50.40 -55.82
CA VAL B 231 -25.22 48.99 -55.70
C VAL B 231 -26.33 48.23 -54.98
N PRO B 232 -27.31 47.73 -55.72
CA PRO B 232 -28.40 46.97 -55.09
C PRO B 232 -27.93 45.61 -54.60
N TYR B 233 -28.60 45.12 -53.56
CA TYR B 233 -28.33 43.80 -53.01
C TYR B 233 -29.52 43.38 -52.17
N THR B 234 -29.56 42.09 -51.84
CA THR B 234 -30.57 41.55 -50.95
C THR B 234 -29.90 40.67 -49.92
N GLN B 235 -30.51 40.57 -48.74
CA GLN B 235 -29.86 39.92 -47.62
C GLN B 235 -30.88 39.69 -46.52
N THR B 236 -30.86 38.50 -45.93
CA THR B 236 -31.80 38.17 -44.86
C THR B 236 -31.53 39.07 -43.65
N PRO B 237 -32.57 39.65 -43.05
CA PRO B 237 -32.35 40.56 -41.91
C PRO B 237 -31.82 39.80 -40.69
N SER B 238 -31.43 40.59 -39.69
CA SER B 238 -30.63 40.07 -38.59
C SER B 238 -31.38 39.00 -37.82
N GLY B 239 -30.63 37.99 -37.36
CA GLY B 239 -31.20 36.94 -36.55
C GLY B 239 -31.17 37.24 -35.07
N PHE B 240 -30.27 38.12 -34.65
CA PHE B 240 -30.33 38.62 -33.29
C PHE B 240 -31.59 39.44 -33.07
N LYS B 241 -31.95 40.28 -34.04
CA LYS B 241 -33.17 41.07 -33.93
C LYS B 241 -34.41 40.19 -34.03
N TYR B 242 -34.37 39.12 -34.82
CA TYR B 242 -35.46 38.16 -34.79
C TYR B 242 -35.59 37.50 -33.44
N TRP B 243 -34.46 37.08 -32.86
CA TRP B 243 -34.50 36.42 -31.56
C TRP B 243 -34.98 37.36 -30.46
N LEU B 244 -34.71 38.66 -30.59
CA LEU B 244 -35.14 39.60 -29.57
C LEU B 244 -36.65 39.79 -29.54
N LYS B 245 -37.40 39.09 -30.38
CA LYS B 245 -38.86 39.07 -30.32
C LYS B 245 -39.40 37.68 -30.06
N GLU B 246 -38.86 36.67 -30.73
CA GLU B 246 -39.38 35.31 -30.70
C GLU B 246 -38.66 34.43 -29.67
N LYS B 247 -37.94 35.02 -28.72
CA LYS B 247 -37.09 34.23 -27.85
C LYS B 247 -37.89 33.32 -26.95
N GLY B 248 -39.02 33.78 -26.44
CA GLY B 248 -39.85 32.98 -25.57
C GLY B 248 -39.85 33.51 -24.15
N THR B 249 -40.14 32.61 -23.23
CA THR B 249 -40.19 32.94 -21.81
C THR B 249 -38.87 32.57 -21.17
N ALA B 250 -38.38 33.44 -20.29
CA ALA B 250 -37.09 33.25 -19.66
C ALA B 250 -37.20 32.25 -18.51
N LEU B 251 -36.04 31.74 -18.10
CA LEU B 251 -35.99 30.93 -16.89
C LEU B 251 -36.39 31.74 -15.67
N ASN B 252 -36.26 33.06 -15.73
CA ASN B 252 -36.67 33.91 -14.63
C ASN B 252 -38.15 33.74 -14.32
N THR B 253 -38.98 33.65 -15.36
CA THR B 253 -40.42 33.57 -15.19
C THR B 253 -40.88 32.20 -14.73
N LYS B 254 -40.22 31.13 -15.16
CA LYS B 254 -40.67 29.76 -14.91
C LYS B 254 -39.54 28.95 -14.27
N ALA B 255 -39.36 29.07 -12.97
CA ALA B 255 -38.30 28.33 -12.32
C ALA B 255 -38.88 27.58 -11.13
N PRO B 256 -38.65 26.27 -11.03
CA PRO B 256 -39.23 25.50 -9.94
C PRO B 256 -38.67 25.93 -8.59
N PHE B 257 -39.47 25.69 -7.55
CA PHE B 257 -39.07 25.91 -6.17
C PHE B 257 -38.80 27.38 -5.86
N GLY B 258 -39.29 28.28 -6.69
CA GLY B 258 -39.10 29.70 -6.45
C GLY B 258 -37.67 30.17 -6.55
N CYS B 259 -36.89 29.59 -7.45
CA CYS B 259 -35.54 30.09 -7.70
C CYS B 259 -35.61 31.49 -8.29
N GLN B 260 -34.66 32.33 -7.93
CA GLN B 260 -34.58 33.69 -8.45
C GLN B 260 -33.31 33.81 -9.28
N ILE B 261 -33.47 33.69 -10.60
CA ILE B 261 -32.32 33.69 -11.49
C ILE B 261 -31.74 35.09 -11.57
N LYS B 262 -30.42 35.20 -11.41
CA LYS B 262 -29.82 36.49 -11.19
C LYS B 262 -28.69 36.84 -12.15
N THR B 263 -28.03 37.95 -11.84
CA THR B 263 -27.22 38.74 -12.75
C THR B 263 -25.84 38.12 -12.96
N ASN B 264 -24.88 38.93 -13.42
CA ASN B 264 -23.63 38.56 -14.07
C ASN B 264 -23.05 37.23 -13.61
N PRO B 265 -22.79 36.98 -12.31
CA PRO B 265 -22.51 35.59 -11.94
C PRO B 265 -23.81 34.80 -11.98
N VAL B 266 -23.99 34.00 -13.03
CA VAL B 266 -25.26 33.30 -13.25
C VAL B 266 -25.51 32.40 -12.06
N ARG B 267 -26.57 32.68 -11.30
CA ARG B 267 -26.86 31.96 -10.09
C ARG B 267 -28.37 31.84 -9.92
N ALA B 268 -28.78 30.85 -9.14
CA ALA B 268 -30.19 30.61 -8.80
C ALA B 268 -30.35 30.83 -7.31
N MET B 269 -30.74 32.03 -6.92
CA MET B 269 -30.85 32.38 -5.50
C MET B 269 -32.08 31.74 -4.87
N ASN B 270 -31.89 31.15 -3.70
CA ASN B 270 -32.96 30.83 -2.75
C ASN B 270 -33.91 29.75 -3.25
N CYS B 271 -33.42 28.77 -3.99
CA CYS B 271 -34.23 27.59 -4.28
C CYS B 271 -34.46 26.80 -2.99
N ALA B 272 -35.55 26.05 -2.96
CA ALA B 272 -35.95 25.29 -1.77
C ALA B 272 -36.02 23.82 -2.11
N VAL B 273 -34.87 23.15 -2.04
CA VAL B 273 -34.76 21.71 -2.26
C VAL B 273 -33.72 21.13 -1.31
N GLY B 274 -33.98 19.90 -0.88
CA GLY B 274 -32.98 19.11 -0.19
C GLY B 274 -32.81 19.47 1.27
N ASN B 275 -31.85 18.78 1.88
CA ASN B 275 -31.46 18.99 3.27
C ASN B 275 -29.97 19.29 3.32
N ILE B 276 -29.55 19.94 4.40
CA ILE B 276 -28.16 20.31 4.61
C ILE B 276 -27.65 19.58 5.84
N PRO B 277 -26.84 18.54 5.65
CA PRO B 277 -26.17 17.92 6.80
C PRO B 277 -25.12 18.84 7.37
N VAL B 278 -25.09 18.93 8.69
CA VAL B 278 -24.14 19.80 9.40
C VAL B 278 -23.59 19.04 10.59
N SER B 279 -22.27 19.14 10.79
CA SER B 279 -21.59 18.53 11.92
C SER B 279 -20.82 19.60 12.67
N MET B 280 -20.96 19.62 13.99
CA MET B 280 -20.37 20.64 14.83
C MET B 280 -19.50 20.00 15.89
N ASN B 281 -18.50 20.75 16.35
CA ASN B 281 -17.53 20.29 17.35
C ASN B 281 -17.47 21.34 18.45
N LEU B 282 -18.37 21.23 19.42
CA LEU B 282 -18.53 22.28 20.43
C LEU B 282 -17.41 22.21 21.47
N PRO B 283 -16.95 23.36 21.95
CA PRO B 283 -15.96 23.37 23.02
C PRO B 283 -16.58 22.91 24.34
N ASP B 284 -15.71 22.70 25.32
CA ASP B 284 -16.18 22.21 26.60
C ASP B 284 -16.83 23.30 27.44
N SER B 285 -16.54 24.57 27.14
CA SER B 285 -17.03 25.69 27.91
C SER B 285 -18.40 26.18 27.46
N ALA B 286 -18.97 25.58 26.42
CA ALA B 286 -20.27 26.00 25.92
C ALA B 286 -21.43 25.38 26.69
N PHE B 287 -21.15 24.46 27.61
CA PHE B 287 -22.18 23.73 28.34
C PHE B 287 -22.22 24.19 29.80
N THR B 288 -23.21 23.69 30.53
CA THR B 288 -23.42 24.03 31.93
C THR B 288 -23.47 22.75 32.75
N ARG B 289 -22.78 22.74 33.88
CA ARG B 289 -22.79 21.58 34.76
C ARG B 289 -24.18 21.32 35.31
N ILE B 290 -24.50 20.04 35.49
CA ILE B 290 -25.82 19.68 36.01
C ILE B 290 -25.97 20.18 37.45
N VAL B 291 -24.90 20.16 38.22
CA VAL B 291 -24.95 20.69 39.59
C VAL B 291 -25.10 22.20 39.62
N GLU B 292 -24.95 22.87 38.48
CA GLU B 292 -25.09 24.33 38.39
C GLU B 292 -26.38 24.84 37.71
N ALA B 293 -27.19 23.90 37.26
CA ALA B 293 -28.46 24.12 36.58
C ALA B 293 -29.63 23.79 37.51
N PRO B 294 -30.78 24.41 37.29
CA PRO B 294 -31.96 24.09 38.12
C PRO B 294 -32.43 22.65 37.90
N THR B 295 -33.03 22.09 38.95
CA THR B 295 -33.60 20.75 38.91
C THR B 295 -35.10 20.86 38.78
N ILE B 296 -35.66 20.24 37.76
CA ILE B 296 -37.08 20.29 37.47
C ILE B 296 -37.69 18.93 37.78
N ILE B 297 -38.72 18.91 38.61
CA ILE B 297 -39.42 17.69 38.98
C ILE B 297 -40.91 17.89 38.81
N ASP B 298 -41.61 16.79 38.53
CA ASP B 298 -43.06 16.78 38.35
C ASP B 298 -43.50 17.74 37.26
N LEU B 299 -42.80 17.70 36.13
CA LEU B 299 -43.18 18.50 34.98
C LEU B 299 -44.49 17.98 34.40
N THR B 300 -45.42 18.91 34.11
CA THR B 300 -46.71 18.59 33.54
C THR B 300 -46.99 19.58 32.42
N CYS B 301 -47.64 19.13 31.35
CA CYS B 301 -47.91 19.96 30.19
C CYS B 301 -49.40 20.03 29.91
N THR B 302 -49.92 21.24 29.76
CA THR B 302 -51.31 21.47 29.41
C THR B 302 -51.37 22.51 28.31
N VAL B 303 -52.18 22.25 27.28
CA VAL B 303 -52.29 23.12 26.12
C VAL B 303 -53.45 24.07 26.32
N ALA B 304 -53.18 25.37 26.28
CA ALA B 304 -54.24 26.36 26.47
C ALA B 304 -55.10 26.48 25.23
N THR B 305 -54.49 26.84 24.10
CA THR B 305 -55.19 26.98 22.83
C THR B 305 -54.42 26.25 21.74
N CYS B 306 -55.07 26.07 20.60
CA CYS B 306 -54.50 25.26 19.52
C CYS B 306 -55.22 25.65 18.24
N THR B 307 -54.50 26.28 17.31
CA THR B 307 -55.00 26.56 15.97
C THR B 307 -53.88 26.22 14.99
N HIS B 308 -54.12 25.26 14.11
CA HIS B 308 -53.06 24.78 13.23
C HIS B 308 -52.97 25.64 11.98
N SER B 309 -52.49 26.87 12.19
CA SER B 309 -52.29 27.84 11.14
C SER B 309 -50.81 27.86 10.73
N SER B 310 -50.45 28.81 9.86
CA SER B 310 -49.08 28.91 9.38
C SER B 310 -48.14 29.49 10.42
N ASP B 311 -48.62 30.38 11.26
CA ASP B 311 -47.79 30.97 12.30
C ASP B 311 -47.92 30.16 13.58
N PHE B 312 -47.41 30.70 14.70
CA PHE B 312 -47.39 29.98 15.97
C PHE B 312 -48.75 30.09 16.63
N GLY B 313 -49.68 29.25 16.18
CA GLY B 313 -51.05 29.32 16.63
C GLY B 313 -51.40 28.34 17.74
N GLY B 314 -50.49 28.12 18.66
CA GLY B 314 -50.76 27.29 19.82
C GLY B 314 -49.99 27.80 21.02
N VAL B 315 -50.56 27.63 22.21
CA VAL B 315 -49.96 28.04 23.46
C VAL B 315 -50.06 26.88 24.45
N LEU B 316 -48.94 26.53 25.07
CA LEU B 316 -48.93 25.50 26.09
C LEU B 316 -48.28 26.06 27.35
N THR B 317 -48.62 25.44 28.48
CA THR B 317 -48.10 25.88 29.77
C THR B 317 -47.53 24.68 30.51
N LEU B 318 -46.43 24.90 31.22
CA LEU B 318 -45.75 23.85 31.98
C LEU B 318 -45.75 24.21 33.46
N THR B 319 -46.15 23.26 34.29
CA THR B 319 -46.10 23.41 35.74
C THR B 319 -45.08 22.43 36.32
N TYR B 320 -44.31 22.89 37.29
CA TYR B 320 -43.17 22.12 37.79
C TYR B 320 -42.87 22.55 39.21
N LYS B 321 -41.99 21.79 39.85
CA LYS B 321 -41.36 22.18 41.10
C LYS B 321 -39.87 22.30 40.86
N THR B 322 -39.29 23.43 41.25
CA THR B 322 -37.88 23.72 41.04
C THR B 322 -37.19 23.94 42.38
N ASP B 323 -35.88 24.15 42.33
CA ASP B 323 -35.11 24.37 43.54
C ASP B 323 -34.41 25.73 43.57
N LYS B 324 -34.12 26.26 42.39
CA LYS B 324 -33.44 27.55 42.28
C LYS B 324 -33.79 28.24 40.97
N ASN B 325 -33.61 29.56 40.92
CA ASN B 325 -33.89 30.32 39.71
C ASN B 325 -32.74 30.16 38.73
N GLY B 326 -33.07 29.83 37.49
CA GLY B 326 -32.08 29.67 36.44
C GLY B 326 -32.69 29.61 35.06
N ASP B 327 -31.88 29.29 34.06
CA ASP B 327 -32.34 29.12 32.69
C ASP B 327 -32.37 27.65 32.32
N CYS B 328 -33.40 27.27 31.56
CA CYS B 328 -33.60 25.92 31.06
C CYS B 328 -33.83 26.03 29.56
N SER B 329 -33.47 24.98 28.81
CA SER B 329 -33.59 24.98 27.37
C SER B 329 -34.74 24.06 27.01
N VAL B 330 -35.62 24.53 26.15
CA VAL B 330 -36.82 23.79 25.80
C VAL B 330 -36.65 23.21 24.41
N HIS B 331 -37.25 22.05 24.19
CA HIS B 331 -37.15 21.40 22.89
C HIS B 331 -38.38 20.54 22.67
N SER B 332 -38.76 20.37 21.41
CA SER B 332 -39.82 19.47 21.00
C SER B 332 -39.18 18.29 20.28
N HIS B 333 -39.49 17.08 20.73
CA HIS B 333 -38.83 15.90 20.21
C HIS B 333 -39.58 15.26 19.06
N SER B 334 -40.59 15.94 18.51
CA SER B 334 -41.25 15.52 17.28
C SER B 334 -41.37 16.73 16.37
N ASN B 335 -41.40 16.47 15.07
CA ASN B 335 -41.50 17.55 14.09
C ASN B 335 -42.94 17.90 13.75
N VAL B 336 -43.90 17.30 14.44
CA VAL B 336 -45.28 17.75 14.31
C VAL B 336 -45.44 19.17 14.83
N ALA B 337 -44.71 19.51 15.89
CA ALA B 337 -44.83 20.80 16.55
C ALA B 337 -43.48 21.49 16.61
N THR B 338 -43.47 22.79 16.35
CA THR B 338 -42.26 23.60 16.30
C THR B 338 -42.34 24.68 17.37
N LEU B 339 -41.50 24.57 18.40
CA LEU B 339 -41.44 25.62 19.40
C LEU B 339 -40.84 26.89 18.82
N GLN B 340 -41.29 28.03 19.35
CA GLN B 340 -40.79 29.33 18.96
C GLN B 340 -39.54 29.74 19.74
N GLU B 341 -39.38 29.23 20.95
CA GLU B 341 -38.29 29.63 21.83
C GLU B 341 -37.26 28.51 21.93
N ALA B 342 -36.03 28.91 22.29
CA ALA B 342 -34.96 27.96 22.52
C ALA B 342 -34.57 27.84 23.98
N THR B 343 -35.02 28.76 24.84
CA THR B 343 -34.71 28.74 26.26
C THR B 343 -35.81 29.46 27.00
N ALA B 344 -35.88 29.23 28.31
CA ALA B 344 -36.92 29.83 29.13
C ALA B 344 -36.39 30.08 30.53
N LYS B 345 -36.97 31.08 31.20
CA LYS B 345 -36.62 31.41 32.58
C LYS B 345 -37.48 30.58 33.53
N VAL B 346 -36.84 29.86 34.43
CA VAL B 346 -37.51 29.02 35.40
C VAL B 346 -37.47 29.71 36.75
N LYS B 347 -38.62 29.79 37.42
CA LYS B 347 -38.77 30.50 38.67
C LYS B 347 -39.47 29.62 39.69
N THR B 348 -39.44 30.06 40.96
CA THR B 348 -40.03 29.28 42.05
C THR B 348 -41.51 29.07 41.80
N ALA B 349 -42.20 30.13 41.39
CA ALA B 349 -43.59 30.00 40.98
C ALA B 349 -43.63 29.19 39.70
N GLY B 350 -43.95 27.90 39.82
CA GLY B 350 -43.72 26.95 38.75
C GLY B 350 -44.64 27.06 37.55
N LYS B 351 -44.51 28.14 36.77
CA LYS B 351 -45.30 28.34 35.56
C LYS B 351 -44.40 28.86 34.45
N VAL B 352 -44.51 28.26 33.27
CA VAL B 352 -43.81 28.77 32.07
C VAL B 352 -44.64 28.42 30.86
N THR B 353 -44.69 29.35 29.90
CA THR B 353 -45.56 29.23 28.75
C THR B 353 -44.76 29.38 27.46
N LEU B 354 -45.10 28.56 26.46
CA LEU B 354 -44.39 28.54 25.20
C LEU B 354 -45.38 28.48 24.04
N HIS B 355 -45.00 29.07 22.92
CA HIS B 355 -45.79 29.05 21.69
C HIS B 355 -45.21 28.04 20.73
N PHE B 356 -46.07 27.29 20.05
CA PHE B 356 -45.64 26.30 19.08
C PHE B 356 -46.49 26.39 17.82
N SER B 357 -46.05 25.69 16.77
CA SER B 357 -46.72 25.71 15.49
C SER B 357 -46.91 24.30 14.97
N THR B 358 -48.08 24.03 14.40
CA THR B 358 -48.42 22.69 13.97
C THR B 358 -49.40 22.77 12.81
N ALA B 359 -49.57 21.64 12.11
CA ALA B 359 -50.49 21.54 10.99
C ALA B 359 -51.40 20.33 11.13
N SER B 360 -51.54 19.80 12.33
CA SER B 360 -52.30 18.58 12.56
C SER B 360 -53.48 18.88 13.46
N ALA B 361 -54.56 18.13 13.23
CA ALA B 361 -55.76 18.31 14.06
C ALA B 361 -55.50 17.91 15.50
N SER B 362 -54.76 16.82 15.72
CA SER B 362 -54.46 16.33 17.06
C SER B 362 -52.97 16.04 17.18
N PRO B 363 -52.16 17.06 17.44
CA PRO B 363 -50.73 16.83 17.67
C PRO B 363 -50.48 16.13 18.99
N SER B 364 -49.30 15.52 19.09
CA SER B 364 -48.88 14.83 20.31
C SER B 364 -47.36 14.74 20.30
N PHE B 365 -46.71 15.45 21.20
CA PHE B 365 -45.26 15.56 21.19
C PHE B 365 -44.73 15.63 22.61
N VAL B 366 -43.44 15.33 22.75
CA VAL B 366 -42.76 15.36 24.04
C VAL B 366 -41.95 16.65 24.11
N VAL B 367 -42.22 17.46 25.13
CA VAL B 367 -41.48 18.69 25.38
C VAL B 367 -40.60 18.48 26.59
N SER B 368 -39.46 19.17 26.62
CA SER B 368 -38.49 19.01 27.68
C SER B 368 -38.04 20.37 28.19
N LEU B 369 -37.90 20.40 29.51
CA LEU B 369 -37.31 21.51 30.26
C LEU B 369 -35.80 21.17 30.35
N CYS B 370 -35.10 21.76 31.31
CA CYS B 370 -33.65 21.52 31.45
C CYS B 370 -33.28 20.07 31.76
N SER B 371 -34.03 19.43 32.67
CA SER B 371 -33.82 18.04 33.06
C SER B 371 -35.14 17.26 33.15
N ALA B 372 -36.16 17.77 32.48
CA ALA B 372 -37.52 17.23 32.51
C ALA B 372 -38.14 16.86 31.16
N ARG B 373 -38.96 15.81 31.18
CA ARG B 373 -39.66 15.33 30.00
C ARG B 373 -41.15 15.16 30.28
N ALA B 374 -42.00 15.66 29.38
CA ALA B 374 -43.43 15.53 29.54
C ALA B 374 -44.07 15.45 28.16
N THR B 375 -45.30 14.96 28.12
CA THR B 375 -46.05 14.78 26.89
C THR B 375 -47.15 15.83 26.77
N CYS B 376 -47.29 16.39 25.58
CA CYS B 376 -48.32 17.38 25.28
C CYS B 376 -49.23 16.84 24.18
N SER B 377 -50.52 16.74 24.49
CA SER B 377 -51.53 16.39 23.51
C SER B 377 -52.52 17.55 23.40
N ALA B 378 -53.09 17.72 22.22
CA ALA B 378 -53.92 18.89 21.97
C ALA B 378 -54.98 18.56 20.93
N SER B 379 -55.91 19.49 20.73
CA SER B 379 -56.94 19.41 19.71
C SER B 379 -56.99 20.76 19.02
N CYS B 380 -56.24 20.89 17.93
CA CYS B 380 -56.25 22.12 17.16
C CYS B 380 -57.47 22.20 16.27
N GLU B 381 -57.79 23.42 15.86
CA GLU B 381 -58.90 23.71 14.97
C GLU B 381 -58.40 24.46 13.74
N PRO B 382 -58.99 24.21 12.57
CA PRO B 382 -58.47 24.83 11.35
C PRO B 382 -58.69 26.33 11.36
N PRO B 383 -57.84 27.09 10.68
CA PRO B 383 -58.04 28.54 10.61
C PRO B 383 -59.17 28.90 9.67
N LYS B 384 -59.51 30.20 9.66
CA LYS B 384 -60.56 30.71 8.79
C LYS B 384 -60.02 31.49 7.59
N ASP B 385 -58.77 31.93 7.64
CA ASP B 385 -58.21 32.75 6.58
C ASP B 385 -57.67 31.86 5.47
N HIS B 386 -58.11 32.11 4.24
CA HIS B 386 -57.73 31.27 3.12
C HIS B 386 -56.29 31.50 2.69
N ILE B 387 -55.86 32.76 2.61
CA ILE B 387 -54.58 33.13 2.03
C ILE B 387 -53.79 33.94 3.05
N VAL B 388 -52.48 33.70 3.12
CA VAL B 388 -51.57 34.46 3.99
C VAL B 388 -50.34 34.90 3.21
N PRO B 389 -49.69 35.99 3.61
CA PRO B 389 -48.51 36.47 2.86
C PRO B 389 -47.18 35.92 3.35
N TYR B 390 -47.19 34.84 4.14
CA TYR B 390 -45.96 34.26 4.65
C TYR B 390 -46.04 32.74 4.52
N ALA B 391 -44.89 32.09 4.70
CA ALA B 391 -44.81 30.64 4.61
C ALA B 391 -44.93 30.00 5.99
N ALA B 392 -45.28 28.73 6.00
CA ALA B 392 -45.57 28.02 7.24
C ALA B 392 -44.33 27.94 8.13
N SER B 393 -44.55 28.07 9.43
CA SER B 393 -43.49 27.91 10.42
C SER B 393 -43.40 26.48 10.93
N HIS B 394 -43.83 25.51 10.14
CA HIS B 394 -43.87 24.12 10.58
C HIS B 394 -43.53 23.22 9.40
N SER B 395 -43.16 21.99 9.73
CA SER B 395 -43.06 20.95 8.73
C SER B 395 -44.46 20.36 8.52
N ASN B 396 -44.88 20.27 7.26
CA ASN B 396 -46.29 20.02 6.99
C ASN B 396 -46.69 18.60 7.31
N VAL B 397 -46.66 18.26 8.60
CA VAL B 397 -47.01 16.92 9.07
C VAL B 397 -48.46 16.93 9.52
N VAL B 398 -49.30 16.15 8.86
CA VAL B 398 -50.73 16.23 9.02
C VAL B 398 -51.33 15.01 9.72
N PHE B 399 -50.69 13.84 9.61
CA PHE B 399 -51.31 12.61 10.06
C PHE B 399 -51.68 12.69 11.54
N PRO B 400 -52.93 12.40 11.90
CA PRO B 400 -53.36 12.56 13.29
C PRO B 400 -52.71 11.55 14.20
N ASP B 401 -52.57 11.93 15.46
CA ASP B 401 -51.98 11.05 16.45
C ASP B 401 -52.91 9.88 16.78
N MET B 402 -52.31 8.72 17.03
CA MET B 402 -53.05 7.60 17.60
C MET B 402 -53.66 8.04 18.92
N SER B 403 -54.89 7.59 19.19
CA SER B 403 -55.66 8.02 20.35
C SER B 403 -56.06 9.49 20.26
N GLY B 404 -56.17 10.02 19.05
CA GLY B 404 -56.86 11.26 18.81
C GLY B 404 -58.35 11.01 18.61
N THR B 405 -59.06 12.08 18.29
CA THR B 405 -60.50 11.94 18.08
C THR B 405 -60.81 11.05 16.88
N ALA B 406 -60.13 11.26 15.77
CA ALA B 406 -60.45 10.54 14.55
C ALA B 406 -60.01 9.08 14.64
N LEU B 407 -58.85 8.82 15.24
CA LEU B 407 -58.32 7.47 15.29
C LEU B 407 -58.82 6.67 16.49
N SER B 408 -59.35 7.34 17.51
CA SER B 408 -60.02 6.61 18.58
C SER B 408 -61.26 5.90 18.07
N TRP B 409 -62.00 6.52 17.15
CA TRP B 409 -63.15 5.86 16.54
C TRP B 409 -62.73 4.62 15.78
N VAL B 410 -61.65 4.71 14.99
CA VAL B 410 -61.14 3.55 14.29
C VAL B 410 -60.72 2.47 15.28
N GLN B 411 -60.05 2.87 16.36
CA GLN B 411 -59.61 1.89 17.35
C GLN B 411 -60.79 1.16 17.98
N LYS B 412 -61.85 1.90 18.34
CA LYS B 412 -63.01 1.28 18.96
C LYS B 412 -63.75 0.36 17.99
N ILE B 413 -63.94 0.80 16.75
CA ILE B 413 -64.62 -0.05 15.77
C ILE B 413 -63.81 -1.30 15.50
N SER B 414 -62.50 -1.16 15.32
CA SER B 414 -61.64 -2.31 15.10
C SER B 414 -61.66 -3.26 16.30
N GLY B 415 -61.71 -2.69 17.51
CA GLY B 415 -61.82 -3.54 18.69
C GLY B 415 -63.10 -4.34 18.70
N GLY B 416 -64.22 -3.70 18.34
CA GLY B 416 -65.47 -4.43 18.27
C GLY B 416 -65.43 -5.56 17.25
N LEU B 417 -64.95 -5.25 16.04
CA LEU B 417 -64.87 -6.27 15.00
C LEU B 417 -63.92 -7.40 15.40
N GLY B 418 -62.79 -7.07 16.01
CA GLY B 418 -61.85 -8.10 16.43
C GLY B 418 -62.40 -8.97 17.55
N ALA B 419 -63.10 -8.37 18.50
CA ALA B 419 -63.74 -9.16 19.54
C ALA B 419 -64.76 -10.11 18.94
N PHE B 420 -65.56 -9.64 17.98
CA PHE B 420 -66.50 -10.53 17.30
C PHE B 420 -65.78 -11.67 16.59
N ALA B 421 -64.67 -11.35 15.91
CA ALA B 421 -63.93 -12.38 15.18
C ALA B 421 -63.34 -13.41 16.12
N ILE B 422 -62.76 -12.98 17.24
CA ILE B 422 -62.16 -13.94 18.17
C ILE B 422 -63.24 -14.76 18.87
N GLY B 423 -64.41 -14.17 19.14
CA GLY B 423 -65.51 -14.97 19.66
C GLY B 423 -65.96 -16.04 18.69
N ALA B 424 -66.05 -15.68 17.40
CA ALA B 424 -66.36 -16.67 16.38
C ALA B 424 -65.31 -17.77 16.32
N ILE B 425 -64.04 -17.40 16.37
CA ILE B 425 -62.96 -18.39 16.30
C ILE B 425 -63.04 -19.33 17.49
N LEU B 426 -63.25 -18.78 18.69
CA LEU B 426 -63.34 -19.62 19.88
C LEU B 426 -64.52 -20.58 19.80
N VAL B 427 -65.68 -20.08 19.34
CA VAL B 427 -66.84 -20.96 19.21
C VAL B 427 -66.54 -22.10 18.25
N LEU B 428 -66.03 -21.77 17.06
CA LEU B 428 -65.79 -22.80 16.06
C LEU B 428 -64.75 -23.80 16.53
N VAL B 429 -63.67 -23.31 17.15
CA VAL B 429 -62.61 -24.21 17.59
C VAL B 429 -63.11 -25.14 18.69
N VAL B 430 -63.85 -24.61 19.66
CA VAL B 430 -64.37 -25.45 20.74
C VAL B 430 -65.32 -26.50 20.19
N VAL B 431 -66.22 -26.09 19.28
CA VAL B 431 -67.16 -27.03 18.70
C VAL B 431 -66.42 -28.13 17.95
N THR B 432 -65.43 -27.76 17.14
CA THR B 432 -64.72 -28.77 16.35
C THR B 432 -63.92 -29.71 17.23
N CYS B 433 -63.27 -29.18 18.27
CA CYS B 433 -62.51 -30.05 19.17
C CYS B 433 -63.42 -31.00 19.95
N ILE B 434 -64.58 -30.52 20.39
CA ILE B 434 -65.51 -31.38 21.10
C ILE B 434 -66.07 -32.45 20.18
N GLY B 435 -66.50 -32.07 18.98
CA GLY B 435 -67.09 -33.02 18.07
C GLY B 435 -66.12 -33.98 17.44
N LEU B 436 -64.83 -33.63 17.40
CA LEU B 436 -63.84 -34.52 16.82
C LEU B 436 -63.74 -35.81 17.60
N ARG B 437 -63.54 -35.72 18.91
CA ARG B 437 -63.55 -36.87 19.80
C ARG B 437 -64.09 -36.49 21.18
N GLY C 1 -82.42 -70.02 8.27
CA GLY C 1 -83.54 -70.54 7.50
C GLY C 1 -84.73 -69.61 7.52
N LYS C 2 -85.36 -69.47 8.68
CA LYS C 2 -86.48 -68.54 8.82
C LYS C 2 -86.01 -67.10 8.93
N ARG C 3 -84.91 -66.86 9.64
CA ARG C 3 -84.42 -65.51 9.83
C ARG C 3 -83.96 -64.89 8.51
N GLU C 4 -83.33 -65.70 7.65
CA GLU C 4 -82.94 -65.20 6.34
C GLU C 4 -84.16 -64.73 5.56
N ARG C 5 -85.23 -65.52 5.57
CA ARG C 5 -86.44 -65.14 4.85
C ARG C 5 -87.05 -63.88 5.46
N MET C 6 -87.06 -63.78 6.78
CA MET C 6 -87.60 -62.58 7.43
C MET C 6 -86.81 -61.34 7.03
N CYS C 7 -85.48 -61.41 7.11
CA CYS C 7 -84.64 -60.27 6.77
C CYS C 7 -84.80 -59.88 5.31
N MET C 8 -84.93 -60.87 4.42
CA MET C 8 -85.13 -60.55 3.01
C MET C 8 -86.52 -59.94 2.78
N LYS C 9 -87.52 -60.36 3.56
CA LYS C 9 -88.84 -59.78 3.45
C LYS C 9 -88.85 -58.33 3.92
N ILE C 10 -88.05 -58.01 4.94
CA ILE C 10 -87.99 -56.64 5.43
C ILE C 10 -87.43 -55.72 4.36
N GLU C 11 -86.38 -56.16 3.66
CA GLU C 11 -85.73 -55.34 2.65
C GLU C 11 -86.26 -55.59 1.24
N ASN C 12 -87.39 -56.26 1.11
CA ASN C 12 -87.96 -56.47 -0.22
C ASN C 12 -88.31 -55.14 -0.88
N ASP C 13 -88.94 -54.23 -0.13
CA ASP C 13 -89.27 -52.89 -0.59
C ASP C 13 -88.70 -51.84 0.35
N CYS C 14 -87.54 -52.11 0.93
CA CYS C 14 -86.85 -51.18 1.81
C CYS C 14 -85.53 -50.72 1.23
N ILE C 15 -85.16 -51.19 0.04
CA ILE C 15 -83.87 -50.88 -0.57
C ILE C 15 -84.14 -50.31 -1.97
N PHE C 16 -83.63 -49.11 -2.22
CA PHE C 16 -83.71 -48.49 -3.53
C PHE C 16 -82.30 -48.33 -4.08
N GLU C 17 -82.08 -48.83 -5.29
CA GLU C 17 -80.78 -48.77 -5.91
C GLU C 17 -80.54 -47.40 -6.55
N VAL C 18 -79.32 -46.89 -6.38
CA VAL C 18 -78.95 -45.59 -6.93
C VAL C 18 -78.16 -45.84 -8.20
N LYS C 19 -78.87 -45.90 -9.33
CA LYS C 19 -78.21 -46.17 -10.60
C LYS C 19 -77.44 -44.95 -11.10
N HIS C 20 -76.40 -45.23 -11.89
CA HIS C 20 -75.67 -44.23 -12.64
C HIS C 20 -75.64 -44.66 -14.10
N GLU C 21 -76.04 -43.76 -15.00
CA GLU C 21 -76.20 -44.01 -16.43
C GLU C 21 -76.80 -45.40 -16.71
N GLY C 22 -77.87 -45.71 -15.97
CA GLY C 22 -78.62 -46.92 -16.20
C GLY C 22 -78.07 -48.17 -15.56
N LYS C 23 -76.95 -48.10 -14.85
CA LYS C 23 -76.34 -49.25 -14.23
C LYS C 23 -76.37 -49.10 -12.71
N VAL C 24 -76.50 -50.23 -12.02
CA VAL C 24 -76.54 -50.22 -10.56
C VAL C 24 -75.15 -49.91 -10.03
N THR C 25 -75.06 -48.93 -9.13
CA THR C 25 -73.81 -48.58 -8.48
C THR C 25 -73.91 -48.56 -6.96
N GLY C 26 -75.10 -48.69 -6.40
CA GLY C 26 -75.26 -48.63 -4.95
C GLY C 26 -76.71 -48.78 -4.58
N TYR C 27 -77.03 -48.43 -3.34
CA TYR C 27 -78.40 -48.54 -2.85
C TYR C 27 -78.68 -47.42 -1.86
N ALA C 28 -79.93 -47.37 -1.41
CA ALA C 28 -80.37 -46.46 -0.36
C ALA C 28 -81.41 -47.17 0.50
N CYS C 29 -81.28 -47.04 1.81
CA CYS C 29 -82.16 -47.71 2.75
C CYS C 29 -83.13 -46.72 3.37
N LEU C 30 -84.30 -47.22 3.76
CA LEU C 30 -85.38 -46.43 4.33
C LEU C 30 -85.57 -46.83 5.78
N VAL C 31 -85.34 -45.89 6.70
CA VAL C 31 -85.54 -46.17 8.11
C VAL C 31 -85.72 -44.88 8.91
N GLY C 32 -86.75 -44.85 9.76
CA GLY C 32 -86.98 -43.74 10.66
C GLY C 32 -87.14 -42.39 9.99
N ASP C 33 -87.92 -42.34 8.92
CA ASP C 33 -88.14 -41.11 8.16
C ASP C 33 -86.84 -40.53 7.63
N LYS C 34 -85.85 -41.39 7.37
CA LYS C 34 -84.55 -40.95 6.88
C LYS C 34 -84.15 -41.83 5.71
N VAL C 35 -83.98 -41.22 4.54
CA VAL C 35 -83.48 -41.95 3.36
C VAL C 35 -81.97 -41.79 3.39
N MET C 36 -81.33 -42.63 4.20
CA MET C 36 -79.89 -42.55 4.36
C MET C 36 -79.18 -43.43 3.33
N LYS C 37 -78.05 -42.94 2.85
CA LYS C 37 -77.25 -43.63 1.85
C LYS C 37 -75.83 -43.11 1.95
N PRO C 38 -74.85 -43.87 1.46
CA PRO C 38 -73.47 -43.37 1.45
C PRO C 38 -73.34 -42.11 0.62
N ALA C 39 -72.51 -41.19 1.08
CA ALA C 39 -72.29 -39.93 0.40
C ALA C 39 -71.22 -40.02 -0.69
N HIS C 40 -70.64 -41.20 -0.88
CA HIS C 40 -69.62 -41.39 -1.92
C HIS C 40 -70.16 -42.06 -3.17
N VAL C 41 -71.21 -42.87 -3.05
CA VAL C 41 -71.75 -43.56 -4.22
C VAL C 41 -72.41 -42.55 -5.14
N LYS C 42 -72.11 -42.66 -6.44
CA LYS C 42 -72.52 -41.66 -7.43
C LYS C 42 -73.60 -42.23 -8.33
N GLY C 43 -74.53 -41.36 -8.73
CA GLY C 43 -75.66 -41.74 -9.55
C GLY C 43 -76.92 -41.13 -8.98
N VAL C 44 -78.05 -41.57 -9.51
CA VAL C 44 -79.36 -41.12 -9.05
C VAL C 44 -80.28 -42.33 -8.90
N ILE C 45 -81.09 -42.31 -7.85
CA ILE C 45 -82.07 -43.38 -7.66
C ILE C 45 -83.11 -43.33 -8.78
N ASP C 46 -83.62 -44.50 -9.15
CA ASP C 46 -84.62 -44.57 -10.21
C ASP C 46 -85.86 -43.78 -9.86
N ASN C 47 -86.32 -43.89 -8.62
CA ASN C 47 -87.58 -43.28 -8.21
C ASN C 47 -87.52 -41.76 -8.37
N ALA C 48 -88.38 -41.25 -9.26
CA ALA C 48 -88.49 -39.80 -9.42
C ALA C 48 -89.13 -39.15 -8.19
N ASP C 49 -90.03 -39.87 -7.52
CA ASP C 49 -90.62 -39.37 -6.28
C ASP C 49 -89.56 -39.23 -5.18
N LEU C 50 -88.49 -40.00 -5.27
CA LEU C 50 -87.36 -39.86 -4.35
C LEU C 50 -86.23 -39.02 -4.92
N ALA C 51 -86.28 -38.67 -6.21
CA ALA C 51 -85.26 -37.81 -6.80
C ALA C 51 -85.44 -36.35 -6.41
N LYS C 52 -86.67 -35.93 -6.11
CA LYS C 52 -86.96 -34.54 -5.77
C LYS C 52 -86.86 -34.29 -4.26
N LEU C 53 -85.74 -34.71 -3.68
CA LEU C 53 -85.47 -34.47 -2.27
C LEU C 53 -84.15 -33.74 -2.12
N ALA C 54 -84.00 -33.02 -1.00
CA ALA C 54 -82.80 -32.26 -0.70
C ALA C 54 -82.08 -32.93 0.47
N PHE C 55 -80.96 -33.59 0.17
CA PHE C 55 -80.19 -34.29 1.17
C PHE C 55 -79.30 -33.32 1.94
N LYS C 56 -78.76 -33.81 3.05
CA LYS C 56 -77.81 -33.06 3.88
C LYS C 56 -76.53 -33.87 3.91
N LYS C 57 -75.61 -33.58 3.00
CA LYS C 57 -74.39 -34.37 2.88
C LYS C 57 -73.48 -34.15 4.08
N SER C 58 -72.63 -35.14 4.35
CA SER C 58 -71.63 -35.05 5.39
C SER C 58 -70.39 -35.81 4.93
N SER C 59 -69.28 -35.10 4.80
CA SER C 59 -68.03 -35.77 4.42
C SER C 59 -67.46 -36.55 5.59
N LYS C 60 -67.74 -36.13 6.82
CA LYS C 60 -67.16 -36.77 8.00
C LYS C 60 -67.63 -38.22 8.13
N TYR C 61 -68.92 -38.47 7.93
CA TYR C 61 -69.49 -39.80 8.08
C TYR C 61 -69.77 -40.49 6.76
N ASP C 62 -69.51 -39.82 5.63
CA ASP C 62 -69.85 -40.35 4.31
C ASP C 62 -71.33 -40.68 4.20
N LEU C 63 -72.17 -39.90 4.89
CA LEU C 63 -73.59 -40.22 5.01
C LEU C 63 -74.42 -39.00 4.65
N GLU C 64 -75.22 -39.12 3.59
CA GLU C 64 -76.21 -38.13 3.23
C GLU C 64 -77.60 -38.75 3.36
N CYS C 65 -78.52 -38.01 3.98
CA CYS C 65 -79.87 -38.51 4.21
C CYS C 65 -80.88 -37.40 3.99
N ALA C 66 -82.15 -37.79 3.89
CA ALA C 66 -83.23 -36.86 3.64
C ALA C 66 -84.42 -37.29 4.49
N GLN C 67 -85.59 -36.74 4.18
CA GLN C 67 -86.84 -37.13 4.81
C GLN C 67 -87.59 -38.10 3.90
N ILE C 68 -88.42 -38.93 4.51
CA ILE C 68 -89.23 -39.89 3.76
C ILE C 68 -90.60 -39.28 3.48
N PRO C 69 -91.06 -39.27 2.23
CA PRO C 69 -92.44 -38.82 1.97
C PRO C 69 -93.44 -39.71 2.68
N VAL C 70 -94.52 -39.11 3.15
CA VAL C 70 -95.53 -39.82 3.94
C VAL C 70 -96.22 -40.91 3.13
N HIS C 71 -96.07 -40.91 1.81
CA HIS C 71 -96.72 -41.91 0.98
C HIS C 71 -96.22 -43.31 1.29
N MET C 72 -94.92 -43.47 1.50
CA MET C 72 -94.31 -44.78 1.70
C MET C 72 -93.62 -44.91 3.06
N ARG C 73 -93.99 -44.08 4.04
CA ARG C 73 -93.39 -44.19 5.36
C ARG C 73 -93.72 -45.51 6.03
N SER C 74 -94.81 -46.16 5.64
CA SER C 74 -95.11 -47.49 6.17
C SER C 74 -94.03 -48.49 5.79
N ASP C 75 -93.54 -48.42 4.56
CA ASP C 75 -92.47 -49.29 4.08
C ASP C 75 -91.12 -48.71 4.51
N ALA C 76 -90.88 -48.77 5.82
CA ALA C 76 -89.62 -48.32 6.40
C ALA C 76 -89.16 -49.34 7.42
N SER C 77 -87.85 -49.46 7.56
CA SER C 77 -87.28 -50.43 8.47
C SER C 77 -87.47 -49.99 9.92
N LYS C 78 -86.89 -50.77 10.83
CA LYS C 78 -86.81 -50.44 12.24
C LYS C 78 -85.35 -50.51 12.66
N TYR C 79 -85.01 -49.78 13.71
CA TYR C 79 -83.62 -49.54 14.07
C TYR C 79 -83.37 -49.96 15.52
N THR C 80 -82.13 -50.33 15.79
CA THR C 80 -81.70 -50.68 17.14
C THR C 80 -80.38 -49.99 17.44
N HIS C 81 -80.14 -49.75 18.73
CA HIS C 81 -78.98 -48.99 19.17
C HIS C 81 -78.15 -49.78 20.19
N GLU C 82 -78.22 -51.10 20.13
CA GLU C 82 -77.41 -51.97 20.98
C GLU C 82 -76.92 -53.16 20.18
N LYS C 83 -75.65 -53.50 20.38
CA LYS C 83 -74.96 -54.53 19.62
C LYS C 83 -74.27 -55.49 20.59
N PRO C 84 -75.02 -56.40 21.20
CA PRO C 84 -74.39 -57.44 22.01
C PRO C 84 -73.60 -58.40 21.15
N GLU C 85 -72.57 -58.99 21.73
CA GLU C 85 -71.74 -59.96 21.01
C GLU C 85 -72.59 -61.09 20.47
N GLY C 86 -72.44 -61.39 19.18
CA GLY C 86 -73.20 -62.48 18.60
C GLY C 86 -73.25 -62.53 17.10
N HIS C 87 -74.45 -62.79 16.57
CA HIS C 87 -74.66 -63.12 15.16
C HIS C 87 -75.61 -62.11 14.54
N TYR C 88 -75.27 -61.61 13.36
CA TYR C 88 -76.07 -60.63 12.65
C TYR C 88 -76.18 -61.02 11.18
N ASN C 89 -77.24 -60.55 10.54
CA ASN C 89 -77.64 -61.02 9.22
C ASN C 89 -77.31 -60.00 8.14
N TRP C 90 -77.09 -60.51 6.92
CA TRP C 90 -76.73 -59.67 5.79
C TRP C 90 -77.31 -60.29 4.52
N HIS C 91 -77.38 -59.48 3.46
CA HIS C 91 -77.89 -59.97 2.18
C HIS C 91 -77.02 -61.08 1.61
N HIS C 92 -75.72 -61.04 1.88
CA HIS C 92 -74.79 -62.08 1.42
C HIS C 92 -74.33 -62.86 2.65
N GLY C 93 -75.11 -63.86 3.03
CA GLY C 93 -74.72 -64.69 4.15
C GLY C 93 -74.96 -63.99 5.49
N ALA C 94 -74.07 -64.25 6.42
CA ALA C 94 -74.20 -63.76 7.78
C ALA C 94 -72.93 -63.05 8.21
N VAL C 95 -73.07 -62.16 9.20
CA VAL C 95 -71.96 -61.36 9.68
C VAL C 95 -71.82 -61.56 11.18
N GLN C 96 -70.62 -61.33 11.69
CA GLN C 96 -70.32 -61.46 13.11
C GLN C 96 -69.78 -60.14 13.64
N TYR C 97 -70.25 -59.77 14.83
CA TYR C 97 -69.83 -58.54 15.50
C TYR C 97 -68.91 -58.96 16.64
N SER C 98 -67.63 -59.10 16.34
CA SER C 98 -66.62 -59.58 17.28
C SER C 98 -65.69 -58.44 17.66
N GLY C 99 -65.65 -58.10 18.94
CA GLY C 99 -64.75 -57.06 19.42
C GLY C 99 -64.99 -55.71 18.77
N GLY C 100 -66.24 -55.31 18.63
CA GLY C 100 -66.56 -54.03 18.02
C GLY C 100 -66.30 -53.97 16.53
N ARG C 101 -66.27 -55.11 15.85
CA ARG C 101 -65.98 -55.16 14.43
C ARG C 101 -67.00 -56.04 13.72
N PHE C 102 -67.48 -55.57 12.57
CA PHE C 102 -68.34 -56.37 11.71
C PHE C 102 -67.47 -57.15 10.73
N THR C 103 -67.66 -58.47 10.70
CA THR C 103 -66.78 -59.36 9.96
C THR C 103 -67.58 -60.25 9.02
N ILE C 104 -67.05 -60.44 7.82
CA ILE C 104 -67.61 -61.38 6.85
C ILE C 104 -66.48 -62.24 6.31
N PRO C 105 -66.79 -63.44 5.83
CA PRO C 105 -65.77 -64.22 5.12
C PRO C 105 -65.36 -63.52 3.84
N THR C 106 -64.09 -63.72 3.46
CA THR C 106 -63.59 -63.10 2.25
C THR C 106 -64.34 -63.62 1.04
N GLY C 107 -64.09 -62.98 -0.10
CA GLY C 107 -64.80 -63.33 -1.32
C GLY C 107 -66.22 -62.80 -1.30
N ALA C 108 -67.04 -63.34 -0.41
CA ALA C 108 -68.38 -62.79 -0.21
C ALA C 108 -68.26 -61.34 0.25
N GLY C 109 -68.97 -60.44 -0.43
CA GLY C 109 -68.79 -59.03 -0.22
C GLY C 109 -67.86 -58.44 -1.25
N LYS C 110 -68.42 -57.72 -2.21
CA LYS C 110 -67.70 -57.18 -3.35
C LYS C 110 -68.18 -55.76 -3.58
N PRO C 111 -67.39 -54.92 -4.24
CA PRO C 111 -67.80 -53.52 -4.43
C PRO C 111 -69.03 -53.42 -5.31
N GLY C 112 -69.84 -52.41 -5.02
CA GLY C 112 -71.08 -52.18 -5.74
C GLY C 112 -72.33 -52.41 -4.92
N ASP C 113 -72.23 -53.11 -3.80
CA ASP C 113 -73.35 -53.31 -2.88
C ASP C 113 -73.06 -52.70 -1.53
N SER C 114 -72.48 -51.50 -1.53
CA SER C 114 -72.08 -50.85 -0.30
C SER C 114 -73.28 -50.36 0.50
N GLY C 115 -74.29 -49.80 -0.17
CA GLY C 115 -75.36 -49.12 0.53
C GLY C 115 -76.24 -50.02 1.39
N ARG C 116 -76.33 -51.30 1.06
CA ARG C 116 -77.30 -52.17 1.71
C ARG C 116 -77.01 -52.32 3.21
N PRO C 117 -78.05 -52.45 4.04
CA PRO C 117 -77.85 -52.43 5.50
C PRO C 117 -77.51 -53.78 6.10
N ILE C 118 -77.47 -53.83 7.43
CA ILE C 118 -77.24 -55.05 8.19
C ILE C 118 -78.37 -55.19 9.20
N PHE C 119 -78.98 -56.38 9.25
CA PHE C 119 -80.09 -56.64 10.16
C PHE C 119 -79.60 -57.41 11.38
N ASP C 120 -80.54 -57.74 12.26
CA ASP C 120 -80.26 -58.52 13.46
C ASP C 120 -81.22 -59.69 13.56
N ASN C 121 -81.19 -60.41 14.68
CA ASN C 121 -82.07 -61.56 14.86
C ASN C 121 -83.54 -61.13 14.90
N LYS C 122 -83.83 -60.02 15.58
CA LYS C 122 -85.20 -59.53 15.67
C LYS C 122 -85.71 -58.93 14.36
N GLY C 123 -84.84 -58.68 13.39
CA GLY C 123 -85.26 -58.18 12.11
C GLY C 123 -85.34 -56.66 12.02
N ARG C 124 -84.34 -55.97 12.55
CA ARG C 124 -84.26 -54.52 12.49
C ARG C 124 -82.87 -54.11 12.01
N VAL C 125 -82.80 -52.98 11.32
CA VAL C 125 -81.54 -52.51 10.79
C VAL C 125 -80.66 -52.03 11.93
N VAL C 126 -79.42 -52.54 11.96
CA VAL C 126 -78.48 -52.19 13.02
C VAL C 126 -77.36 -51.31 12.52
N ALA C 127 -77.02 -51.34 11.24
CA ALA C 127 -75.91 -50.56 10.70
C ALA C 127 -76.03 -50.53 9.19
N ILE C 128 -75.30 -49.61 8.57
CA ILE C 128 -75.27 -49.44 7.12
C ILE C 128 -73.83 -49.64 6.65
N VAL C 129 -73.66 -50.47 5.64
CA VAL C 129 -72.33 -50.78 5.12
C VAL C 129 -71.82 -49.60 4.30
N LEU C 130 -70.50 -49.37 4.36
CA LEU C 130 -69.82 -48.48 3.42
C LEU C 130 -68.73 -49.19 2.66
N GLY C 131 -67.88 -49.95 3.34
CA GLY C 131 -66.82 -50.67 2.68
C GLY C 131 -66.24 -51.73 3.60
N GLY C 132 -65.16 -52.35 3.14
CA GLY C 132 -64.53 -53.42 3.90
C GLY C 132 -63.03 -53.31 3.87
N ALA C 133 -62.41 -53.99 4.82
CA ALA C 133 -60.96 -54.10 4.92
C ALA C 133 -60.58 -55.56 4.66
N ASN C 134 -60.15 -55.85 3.44
CA ASN C 134 -59.82 -57.22 3.08
C ASN C 134 -58.52 -57.65 3.74
N GLU C 135 -58.55 -58.79 4.41
CA GLU C 135 -57.39 -59.30 5.12
C GLU C 135 -57.57 -60.77 5.49
N GLY C 136 -56.58 -61.59 5.16
CA GLY C 136 -56.68 -63.01 5.47
C GLY C 136 -57.89 -63.64 4.80
N SER C 137 -58.71 -64.31 5.61
CA SER C 137 -59.93 -64.95 5.11
C SER C 137 -61.20 -64.27 5.60
N ARG C 138 -61.11 -63.34 6.54
CA ARG C 138 -62.27 -62.62 7.05
C ARG C 138 -62.13 -61.14 6.69
N THR C 139 -63.14 -60.60 6.03
CA THR C 139 -63.10 -59.22 5.55
C THR C 139 -63.75 -58.34 6.60
N ALA C 140 -62.93 -57.58 7.34
CA ALA C 140 -63.46 -56.61 8.28
C ALA C 140 -64.14 -55.48 7.51
N LEU C 141 -65.23 -54.97 8.09
CA LEU C 141 -66.11 -54.04 7.40
C LEU C 141 -65.94 -52.63 7.95
N SER C 142 -65.93 -51.66 7.05
CA SER C 142 -66.01 -50.24 7.42
C SER C 142 -67.48 -49.86 7.41
N VAL C 143 -68.02 -49.53 8.58
CA VAL C 143 -69.46 -49.38 8.75
C VAL C 143 -69.76 -47.99 9.31
N VAL C 144 -70.93 -47.48 8.97
CA VAL C 144 -71.54 -46.36 9.68
C VAL C 144 -72.67 -46.94 10.53
N THR C 145 -72.56 -46.77 11.84
CA THR C 145 -73.53 -47.34 12.76
C THR C 145 -73.88 -46.29 13.81
N TRP C 146 -75.15 -46.17 14.12
CA TRP C 146 -75.60 -45.14 15.04
C TRP C 146 -75.65 -45.70 16.45
N ASN C 147 -75.08 -44.95 17.39
CA ASN C 147 -75.18 -45.26 18.80
C ASN C 147 -76.56 -44.75 19.24
N LYS C 148 -76.82 -44.72 20.55
CA LYS C 148 -78.15 -44.32 21.02
C LYS C 148 -78.49 -42.89 20.62
N ASP C 149 -77.50 -42.01 20.54
CA ASP C 149 -77.74 -40.60 20.24
C ASP C 149 -77.15 -40.16 18.92
N MET C 150 -75.84 -40.31 18.72
CA MET C 150 -75.18 -39.81 17.53
C MET C 150 -75.10 -40.87 16.44
N VAL C 151 -74.67 -40.44 15.26
CA VAL C 151 -74.26 -41.32 14.18
C VAL C 151 -72.76 -41.47 14.25
N THR C 152 -72.29 -42.71 14.32
CA THR C 152 -70.88 -43.01 14.47
C THR C 152 -70.40 -43.79 13.25
N ARG C 153 -69.15 -43.58 12.87
CA ARG C 153 -68.52 -44.36 11.82
C ARG C 153 -67.38 -45.18 12.41
N VAL C 154 -67.38 -46.47 12.11
CA VAL C 154 -66.31 -47.37 12.54
C VAL C 154 -65.62 -47.89 11.30
N THR C 155 -64.32 -47.65 11.19
CA THR C 155 -63.55 -48.03 10.01
C THR C 155 -62.27 -48.71 10.45
N PRO C 156 -62.02 -49.95 10.03
CA PRO C 156 -60.73 -50.58 10.31
C PRO C 156 -59.65 -49.97 9.44
N GLU C 157 -58.42 -50.12 9.89
CA GLU C 157 -57.27 -49.61 9.13
C GLU C 157 -57.15 -50.36 7.81
N GLY C 158 -56.76 -49.64 6.77
CA GLY C 158 -56.56 -50.23 5.46
C GLY C 158 -57.81 -50.74 4.78
N SER C 159 -58.95 -50.06 4.98
CA SER C 159 -60.19 -50.43 4.32
C SER C 159 -60.42 -49.56 3.10
N GLU C 160 -61.19 -50.09 2.15
CA GLU C 160 -61.42 -49.43 0.88
C GLU C 160 -62.91 -49.43 0.55
N GLU C 161 -63.33 -48.42 -0.21
CA GLU C 161 -64.74 -48.21 -0.48
C GLU C 161 -65.33 -49.33 -1.33
N TRP C 162 -66.59 -49.64 -1.08
CA TRP C 162 -67.34 -50.56 -1.92
C TRP C 162 -68.36 -49.82 -2.77
N VAL D 2 56.34 35.33 43.28
CA VAL D 2 56.23 35.72 41.88
C VAL D 2 57.54 35.48 41.15
N SER D 3 58.25 34.42 41.56
CA SER D 3 59.49 34.02 40.91
C SER D 3 59.50 32.58 40.42
N GLN D 4 58.66 31.71 40.95
CA GLN D 4 58.63 30.32 40.48
C GLN D 4 58.13 30.22 39.05
N HIS D 5 57.22 31.10 38.64
CA HIS D 5 56.77 31.11 37.24
C HIS D 5 57.93 31.37 36.30
N PHE D 6 58.85 32.27 36.69
CA PHE D 6 60.05 32.49 35.89
C PHE D 6 61.05 31.36 36.05
N ASN D 7 61.09 30.74 37.23
CA ASN D 7 62.18 29.85 37.59
C ASN D 7 61.96 28.41 37.14
N VAL D 8 60.72 28.01 36.87
CA VAL D 8 60.47 26.62 36.50
C VAL D 8 61.00 26.31 35.10
N TYR D 9 60.88 27.26 34.18
CA TYR D 9 61.23 27.01 32.79
C TYR D 9 62.67 27.36 32.45
N LYS D 10 63.46 27.83 33.42
CA LYS D 10 64.82 28.23 33.10
C LYS D 10 65.78 27.05 33.05
N ALA D 11 65.37 25.90 33.58
CA ALA D 11 66.19 24.69 33.54
C ALA D 11 65.80 23.77 32.38
N THR D 12 64.96 24.24 31.47
CA THR D 12 64.39 23.43 30.41
C THR D 12 64.77 23.99 29.05
N ARG D 13 64.42 23.27 27.99
CA ARG D 13 64.81 23.63 26.65
C ARG D 13 63.86 22.96 25.66
N PRO D 14 63.69 23.52 24.47
CA PRO D 14 63.04 22.78 23.39
C PRO D 14 64.02 21.84 22.70
N TYR D 15 63.48 20.91 21.91
CA TYR D 15 64.29 19.87 21.32
C TYR D 15 63.83 19.58 19.91
N ILE D 16 64.55 18.67 19.25
CA ILE D 16 64.26 18.23 17.89
C ILE D 16 63.98 16.74 17.94
N ALA D 17 62.82 16.34 17.43
CA ALA D 17 62.43 14.95 17.34
C ALA D 17 62.08 14.62 15.90
N TYR D 18 61.71 13.36 15.68
CA TYR D 18 61.40 12.88 14.34
C TYR D 18 59.90 12.97 14.09
N CYS D 19 59.51 13.76 13.10
CA CYS D 19 58.14 13.84 12.62
C CYS D 19 58.06 13.10 11.29
N ALA D 20 57.13 12.16 11.18
CA ALA D 20 57.06 11.30 10.01
C ALA D 20 56.35 11.93 8.82
N ASP D 21 55.73 13.10 9.00
CA ASP D 21 55.00 13.78 7.92
C ASP D 21 55.12 15.27 8.21
N CYS D 22 56.00 15.94 7.49
CA CYS D 22 56.35 17.34 7.79
C CYS D 22 55.60 18.31 6.92
N GLY D 23 54.33 18.02 6.62
CA GLY D 23 53.49 18.89 5.83
C GLY D 23 53.41 18.53 4.37
N ALA D 24 54.26 17.62 3.87
CA ALA D 24 54.27 17.27 2.47
C ALA D 24 54.42 15.78 2.22
N GLY D 25 54.23 14.95 3.25
CA GLY D 25 54.38 13.52 3.09
C GLY D 25 55.80 13.01 3.19
N HIS D 26 56.71 13.83 3.72
CA HIS D 26 58.11 13.46 3.87
C HIS D 26 58.50 13.58 5.34
N SER D 27 59.23 12.58 5.83
CA SER D 27 59.70 12.62 7.21
C SER D 27 60.86 13.59 7.34
N CYS D 28 61.04 14.09 8.56
CA CYS D 28 62.13 15.01 8.85
C CYS D 28 62.34 15.04 10.36
N HIS D 29 63.40 15.73 10.77
CA HIS D 29 63.65 16.04 12.17
C HIS D 29 63.12 17.45 12.42
N SER D 30 62.03 17.56 13.17
CA SER D 30 61.38 18.85 13.20
C SER D 30 61.40 19.45 14.59
N PRO D 31 61.38 20.77 14.71
CA PRO D 31 61.28 21.42 16.02
C PRO D 31 59.84 21.60 16.51
N VAL D 32 58.86 21.03 15.83
CA VAL D 32 57.45 21.23 16.18
C VAL D 32 56.76 19.89 16.32
N ALA D 33 57.53 18.82 16.50
CA ALA D 33 56.98 17.48 16.53
C ALA D 33 55.93 17.33 17.63
N ILE D 34 54.79 16.75 17.28
CA ILE D 34 53.69 16.57 18.23
C ILE D 34 53.94 15.33 19.06
N GLU D 35 53.79 15.45 20.37
CA GLU D 35 54.00 14.32 21.27
C GLU D 35 52.70 13.57 21.55
N ALA D 36 51.71 14.26 22.11
CA ALA D 36 50.45 13.63 22.46
C ALA D 36 49.32 14.65 22.42
N VAL D 37 48.13 14.17 22.08
CA VAL D 37 46.93 15.00 22.08
C VAL D 37 45.99 14.47 23.16
N ARG D 38 45.71 15.30 24.15
CA ARG D 38 44.83 14.94 25.24
C ARG D 38 43.46 15.56 24.99
N SER D 39 42.45 14.71 24.84
CA SER D 39 41.09 15.15 24.57
C SER D 39 40.17 14.43 25.53
N GLU D 40 40.00 15.00 26.72
CA GLU D 40 39.17 14.38 27.73
C GLU D 40 38.29 15.39 28.46
N ALA D 41 38.02 16.52 27.83
CA ALA D 41 37.01 17.46 28.29
C ALA D 41 35.75 17.27 27.46
N THR D 42 34.61 17.18 28.12
CA THR D 42 33.34 17.06 27.41
C THR D 42 32.89 18.35 26.76
N ASP D 43 33.74 19.38 26.79
CA ASP D 43 33.51 20.62 26.07
C ASP D 43 33.96 20.55 24.62
N GLY D 44 34.63 19.48 24.22
CA GLY D 44 35.14 19.38 22.87
C GLY D 44 36.48 20.04 22.65
N MET D 45 37.15 20.49 23.71
CA MET D 45 38.45 21.10 23.60
C MET D 45 39.54 20.06 23.80
N LEU D 46 40.64 20.21 23.08
CA LEU D 46 41.72 19.23 23.08
C LEU D 46 43.05 19.94 23.31
N LYS D 47 43.98 19.22 23.93
CA LYS D 47 45.26 19.78 24.38
C LYS D 47 46.40 19.08 23.68
N ILE D 48 47.22 19.84 22.96
CA ILE D 48 48.29 19.30 22.13
C ILE D 48 49.63 19.56 22.81
N GLN D 49 50.40 18.49 23.04
CA GLN D 49 51.75 18.63 23.57
C GLN D 49 52.74 18.73 22.42
N PHE D 50 53.67 19.66 22.54
CA PHE D 50 54.34 20.31 21.43
C PHE D 50 55.82 20.43 21.74
N SER D 51 56.66 20.20 20.72
CA SER D 51 58.09 20.10 20.96
C SER D 51 58.73 21.45 21.30
N ALA D 52 58.23 22.54 20.72
CA ALA D 52 58.75 23.86 21.03
C ALA D 52 58.09 24.39 22.30
N GLN D 53 58.53 25.58 22.73
CA GLN D 53 58.01 26.20 23.94
C GLN D 53 57.43 27.57 23.58
N ILE D 54 56.29 27.89 24.19
CA ILE D 54 55.51 29.07 23.82
C ILE D 54 55.43 29.99 25.03
N GLY D 55 55.73 31.26 24.81
CA GLY D 55 55.68 32.25 25.86
C GLY D 55 57.00 32.54 26.56
N ILE D 56 58.13 32.12 25.99
CA ILE D 56 59.44 32.31 26.59
C ILE D 56 60.42 32.74 25.52
N ASP D 57 61.29 33.70 25.86
CA ASP D 57 62.37 34.08 24.98
C ASP D 57 63.53 33.09 25.11
N LYS D 58 64.45 33.14 24.15
CA LYS D 58 65.70 32.42 24.32
C LYS D 58 66.57 33.06 25.40
N SER D 59 66.33 34.32 25.73
CA SER D 59 66.92 34.95 26.90
C SER D 59 66.21 34.56 28.19
N ASP D 60 65.21 33.68 28.09
CA ASP D 60 64.58 32.98 29.21
C ASP D 60 63.60 33.85 29.99
N ASN D 61 63.15 34.95 29.41
CA ASN D 61 62.12 35.77 30.05
C ASN D 61 60.75 35.24 29.67
N HIS D 62 59.69 35.97 30.01
CA HIS D 62 58.34 35.69 29.54
C HIS D 62 57.86 36.84 28.65
N ASP D 63 57.89 36.61 27.35
CA ASP D 63 57.22 37.46 26.37
C ASP D 63 56.09 36.66 25.76
N TYR D 64 54.88 37.22 25.78
CA TYR D 64 53.76 36.51 25.18
C TYR D 64 53.75 36.60 23.67
N THR D 65 54.66 37.39 23.09
CA THR D 65 54.78 37.50 21.65
C THR D 65 55.85 36.60 21.06
N LYS D 66 56.55 35.82 21.87
CA LYS D 66 57.68 35.02 21.43
C LYS D 66 57.38 33.53 21.57
N ILE D 67 57.94 32.75 20.65
CA ILE D 67 57.94 31.30 20.74
C ILE D 67 59.39 30.84 20.61
N ARG D 68 59.83 30.00 21.54
CA ARG D 68 61.21 29.54 21.61
C ARG D 68 61.32 28.14 21.02
N TYR D 69 62.19 27.97 20.03
CA TYR D 69 62.34 26.67 19.39
C TYR D 69 63.83 26.38 19.20
N ALA D 70 64.14 25.08 19.09
CA ALA D 70 65.51 24.61 19.03
C ALA D 70 65.82 24.10 17.63
N ASP D 71 66.72 24.78 16.93
CA ASP D 71 67.26 24.32 15.67
C ASP D 71 68.77 24.23 15.77
N GLY D 72 69.33 23.13 15.27
CA GLY D 72 70.74 22.89 15.46
C GLY D 72 71.06 22.77 16.93
N HIS D 73 72.23 23.28 17.31
CA HIS D 73 72.61 23.38 18.71
C HIS D 73 72.14 24.69 19.33
N ALA D 74 71.63 25.61 18.52
CA ALA D 74 71.21 26.91 18.97
C ALA D 74 69.78 26.86 19.51
N ILE D 75 69.30 28.01 19.96
CA ILE D 75 67.91 28.20 20.37
C ILE D 75 67.48 29.55 19.86
N GLU D 76 66.47 29.57 18.98
CA GLU D 76 66.04 30.77 18.28
C GLU D 76 64.72 31.25 18.85
N ASN D 77 64.18 32.31 18.26
CA ASN D 77 62.86 32.83 18.61
C ASN D 77 61.95 32.81 17.39
N ALA D 78 60.65 32.79 17.67
CA ALA D 78 59.63 32.89 16.64
C ALA D 78 58.53 33.81 17.15
N VAL D 79 57.70 34.27 16.22
CA VAL D 79 56.60 35.16 16.55
C VAL D 79 55.37 34.32 16.88
N ARG D 80 54.78 34.56 18.05
CA ARG D 80 53.62 33.80 18.47
C ARG D 80 52.42 34.02 17.55
N SER D 81 52.39 35.14 16.83
CA SER D 81 51.28 35.41 15.93
C SER D 81 51.25 34.49 14.72
N SER D 82 52.29 33.69 14.51
CA SER D 82 52.38 32.79 13.37
C SER D 82 52.03 31.35 13.71
N LEU D 83 51.56 31.09 14.93
CA LEU D 83 51.19 29.73 15.33
C LEU D 83 49.86 29.36 14.70
N LYS D 84 49.83 28.18 14.07
CA LYS D 84 48.64 27.69 13.40
C LYS D 84 48.35 26.26 13.84
N VAL D 85 47.09 25.97 14.09
CA VAL D 85 46.60 24.62 14.34
C VAL D 85 45.50 24.34 13.33
N ALA D 86 45.45 23.10 12.83
CA ALA D 86 44.53 22.81 11.75
C ALA D 86 44.02 21.38 11.81
N THR D 87 42.87 21.19 11.19
CA THR D 87 42.22 19.90 10.94
C THR D 87 41.68 20.02 9.52
N SER D 88 40.64 19.24 9.20
CA SER D 88 39.85 19.51 8.01
C SER D 88 39.66 21.00 7.78
N GLY D 89 39.45 21.77 8.85
CA GLY D 89 39.35 23.21 8.74
C GLY D 89 40.45 23.96 9.48
N ASP D 90 40.07 25.00 10.22
CA ASP D 90 41.02 25.84 10.94
C ASP D 90 40.52 26.01 12.37
N CYS D 91 41.45 26.01 13.33
CA CYS D 91 41.11 25.92 14.74
C CYS D 91 41.27 27.26 15.43
N PHE D 92 40.69 27.35 16.63
CA PHE D 92 40.75 28.54 17.47
C PHE D 92 41.57 28.22 18.71
N VAL D 93 42.70 28.89 18.86
CA VAL D 93 43.62 28.63 19.96
C VAL D 93 43.14 29.40 21.19
N HIS D 94 42.89 28.68 22.29
CA HIS D 94 42.33 29.27 23.49
C HIS D 94 43.34 29.55 24.59
N GLY D 95 44.51 28.95 24.51
CA GLY D 95 45.51 29.13 25.54
C GLY D 95 46.78 28.42 25.15
N THR D 96 47.86 28.86 25.77
CA THR D 96 49.17 28.36 25.38
C THR D 96 50.20 28.71 26.45
N MET D 97 51.03 27.73 26.80
CA MET D 97 52.08 27.91 27.79
C MET D 97 53.05 26.75 27.66
N GLY D 98 54.32 27.04 27.41
CA GLY D 98 55.32 26.00 27.34
C GLY D 98 55.11 25.03 26.21
N HIS D 99 54.93 23.75 26.55
CA HIS D 99 54.80 22.70 25.56
C HIS D 99 53.36 22.42 25.16
N PHE D 100 52.40 23.18 25.65
CA PHE D 100 50.99 22.80 25.54
C PHE D 100 50.18 23.90 24.88
N ILE D 101 49.41 23.52 23.85
CA ILE D 101 48.46 24.39 23.17
C ILE D 101 47.07 23.94 23.54
N LEU D 102 46.11 24.86 23.46
CA LEU D 102 44.73 24.63 23.90
C LEU D 102 43.81 25.09 22.77
N ALA D 103 43.43 24.18 21.89
CA ALA D 103 42.69 24.50 20.67
C ALA D 103 41.32 23.86 20.66
N LYS D 104 40.47 24.35 19.76
CA LYS D 104 39.13 23.83 19.53
C LYS D 104 38.90 23.76 18.02
N CYS D 105 38.70 22.56 17.49
CA CYS D 105 38.85 22.29 16.08
C CYS D 105 37.59 21.71 15.45
N PRO D 106 37.43 21.87 14.14
CA PRO D 106 36.38 21.13 13.42
C PRO D 106 36.72 19.67 13.28
N PRO D 107 35.76 18.80 12.99
CA PRO D 107 36.06 17.38 12.85
C PRO D 107 36.86 17.09 11.59
N GLY D 108 37.89 16.28 11.74
CA GLY D 108 38.73 15.93 10.61
C GLY D 108 39.66 14.79 10.97
N GLU D 109 40.20 14.16 9.93
CA GLU D 109 40.95 12.93 10.09
C GLU D 109 42.42 13.13 10.40
N PHE D 110 42.90 14.36 10.53
CA PHE D 110 44.29 14.60 10.90
C PHE D 110 44.38 15.86 11.73
N LEU D 111 45.57 16.10 12.28
CA LEU D 111 45.85 17.30 13.04
C LEU D 111 47.22 17.83 12.64
N GLN D 112 47.34 19.15 12.51
CA GLN D 112 48.57 19.76 12.07
C GLN D 112 48.81 21.07 12.79
N VAL D 113 50.04 21.26 13.27
CA VAL D 113 50.47 22.48 13.94
C VAL D 113 51.76 22.96 13.29
N SER D 114 51.94 24.28 13.24
CA SER D 114 53.10 24.85 12.56
C SER D 114 53.47 26.20 13.17
N ILE D 115 54.70 26.62 12.91
CA ILE D 115 55.22 27.93 13.31
C ILE D 115 56.01 28.53 12.16
N GLN D 116 56.59 29.69 12.41
CA GLN D 116 57.38 30.43 11.43
C GLN D 116 58.78 30.63 12.01
N ASP D 117 59.80 30.13 11.33
CA ASP D 117 61.15 30.20 11.88
C ASP D 117 61.78 31.55 11.59
N THR D 118 63.05 31.71 11.98
CA THR D 118 63.74 32.98 11.79
C THR D 118 63.94 33.28 10.31
N ARG D 119 64.16 32.25 9.50
CA ARG D 119 64.34 32.40 8.06
C ARG D 119 63.03 32.58 7.32
N ASN D 120 61.91 32.71 8.04
CA ASN D 120 60.58 32.91 7.50
C ASN D 120 60.01 31.66 6.82
N ALA D 121 60.61 30.50 7.05
CA ALA D 121 60.08 29.25 6.54
C ALA D 121 58.98 28.72 7.47
N VAL D 122 58.25 27.73 6.98
CA VAL D 122 57.15 27.12 7.72
C VAL D 122 57.57 25.73 8.15
N ARG D 123 57.53 25.47 9.45
CA ARG D 123 57.83 24.16 10.01
C ARG D 123 56.55 23.58 10.58
N ALA D 124 56.06 22.50 9.96
CA ALA D 124 54.80 21.88 10.36
C ALA D 124 55.01 20.40 10.62
N CYS D 125 54.23 19.86 11.54
CA CYS D 125 54.09 18.43 11.75
C CYS D 125 52.64 18.06 11.61
N ARG D 126 52.37 16.92 10.97
CA ARG D 126 51.01 16.45 10.75
C ARG D 126 50.89 15.02 11.24
N ILE D 127 49.90 14.76 12.09
CA ILE D 127 49.66 13.43 12.62
C ILE D 127 48.24 13.00 12.27
N GLN D 128 47.99 11.70 12.43
CA GLN D 128 46.67 11.13 12.24
C GLN D 128 45.91 11.15 13.56
N TYR D 129 44.82 11.91 13.59
CA TYR D 129 43.97 12.02 14.77
C TYR D 129 42.52 11.99 14.32
N HIS D 130 41.66 11.36 15.11
CA HIS D 130 40.28 11.13 14.64
C HIS D 130 39.40 12.36 14.85
N HIS D 131 39.13 12.72 16.10
CA HIS D 131 38.43 13.96 16.44
C HIS D 131 37.05 14.07 15.76
N ASP D 132 36.11 13.26 16.25
CA ASP D 132 34.70 13.42 15.94
C ASP D 132 33.96 13.74 17.24
N PRO D 133 33.90 15.01 17.66
CA PRO D 133 33.33 15.34 18.96
C PRO D 133 31.83 15.59 18.96
N GLN D 134 31.18 15.17 20.03
CA GLN D 134 29.75 15.37 20.24
C GLN D 134 29.51 16.02 21.60
N PRO D 135 28.47 16.83 21.72
CA PRO D 135 28.23 17.56 22.96
C PRO D 135 27.45 16.75 23.98
N VAL D 136 27.36 17.30 25.19
CA VAL D 136 26.65 16.68 26.29
C VAL D 136 25.13 16.76 26.09
N GLY D 137 24.42 15.77 26.63
CA GLY D 137 22.98 15.74 26.51
C GLY D 137 22.49 14.77 25.46
N ARG D 138 21.22 14.95 25.08
CA ARG D 138 20.53 14.02 24.19
C ARG D 138 20.26 14.62 22.81
N GLU D 139 21.03 15.62 22.41
CA GLU D 139 20.91 16.22 21.08
C GLU D 139 22.30 16.58 20.56
N LYS D 140 22.49 16.44 19.24
CA LYS D 140 23.77 16.71 18.61
C LYS D 140 23.73 18.07 17.91
N PHE D 141 23.81 19.13 18.70
CA PHE D 141 23.77 20.47 18.16
C PHE D 141 25.16 20.96 17.80
N THR D 142 25.22 22.05 17.04
CA THR D 142 26.47 22.61 16.56
C THR D 142 26.86 23.91 17.26
N ILE D 143 25.91 24.84 17.41
CA ILE D 143 26.17 26.14 18.00
C ILE D 143 25.24 26.31 19.19
N ARG D 144 25.73 26.93 20.25
CA ARG D 144 24.91 27.12 21.44
C ARG D 144 23.79 28.11 21.15
N PRO D 145 22.61 27.90 21.71
CA PRO D 145 21.47 28.76 21.40
C PRO D 145 21.39 29.99 22.30
N HIS D 146 20.45 30.88 22.04
CA HIS D 146 20.17 31.96 22.97
C HIS D 146 19.15 31.56 24.02
N TYR D 147 18.24 30.65 23.68
CA TYR D 147 17.34 30.04 24.65
C TYR D 147 17.69 28.56 24.78
N GLY D 148 17.93 28.12 26.01
CA GLY D 148 18.29 26.74 26.21
C GLY D 148 18.27 26.36 27.67
N LYS D 149 18.96 25.27 27.97
CA LYS D 149 19.06 24.73 29.31
C LYS D 149 20.52 24.55 29.66
N GLU D 150 20.84 24.61 30.95
CA GLU D 150 22.22 24.52 31.41
C GLU D 150 22.49 23.13 31.98
N ILE D 151 23.47 22.45 31.39
CA ILE D 151 23.83 21.08 31.75
C ILE D 151 25.30 21.12 32.15
N PRO D 152 25.75 20.31 33.11
CA PRO D 152 27.17 20.31 33.45
C PRO D 152 28.04 19.61 32.40
N CYS D 153 29.18 20.25 32.14
CA CYS D 153 30.22 19.81 31.20
C CYS D 153 31.59 20.23 31.75
N THR D 154 32.68 19.60 31.32
CA THR D 154 34.01 19.94 31.81
C THR D 154 34.86 20.51 30.70
N THR D 155 35.83 21.34 31.09
CA THR D 155 36.73 21.99 30.14
C THR D 155 38.13 22.08 30.75
N TYR D 156 39.06 22.58 29.95
CA TYR D 156 40.43 22.86 30.39
C TYR D 156 40.52 24.35 30.68
N GLN D 157 40.68 24.72 31.95
CA GLN D 157 40.81 26.12 32.29
C GLN D 157 42.18 26.65 31.92
N GLN D 158 42.21 27.91 31.49
CA GLN D 158 43.43 28.54 31.01
C GLN D 158 44.36 29.01 32.13
N THR D 159 43.94 28.89 33.38
CA THR D 159 44.80 29.24 34.49
C THR D 159 45.96 28.25 34.61
N THR D 160 47.16 28.78 34.83
CA THR D 160 48.35 27.94 34.99
C THR D 160 48.34 27.30 36.37
N ALA D 161 47.43 26.34 36.52
CA ALA D 161 47.27 25.60 37.77
C ALA D 161 47.98 24.25 37.66
N LYS D 162 48.43 23.75 38.80
CA LYS D 162 49.40 22.66 38.84
C LYS D 162 49.06 21.66 39.93
N THR D 163 47.78 21.27 40.03
CA THR D 163 47.37 20.51 41.21
C THR D 163 48.13 19.18 41.34
N VAL D 164 47.84 18.21 40.47
CA VAL D 164 48.66 17.00 40.38
C VAL D 164 48.86 16.64 38.91
N GLU D 165 49.94 17.15 38.32
CA GLU D 165 50.20 16.92 36.91
C GLU D 165 51.68 17.14 36.69
N GLU D 166 52.33 16.24 35.95
CA GLU D 166 53.76 16.34 35.81
C GLU D 166 54.22 15.57 34.59
N ILE D 167 55.40 15.92 34.10
CA ILE D 167 56.07 15.22 33.01
C ILE D 167 57.52 15.02 33.38
N ASP D 168 58.04 13.82 33.09
CA ASP D 168 59.42 13.50 33.41
C ASP D 168 60.37 14.27 32.50
N MET D 169 61.53 14.64 33.05
CA MET D 169 62.56 15.33 32.31
C MET D 169 63.93 14.76 32.66
N HIS D 170 64.86 14.84 31.73
CA HIS D 170 66.19 14.27 31.92
C HIS D 170 67.19 15.04 31.08
N MET D 171 68.47 14.75 31.31
CA MET D 171 69.53 15.43 30.59
C MET D 171 69.58 14.94 29.14
N PRO D 172 69.74 15.85 28.18
CA PRO D 172 69.89 15.41 26.79
C PRO D 172 71.17 14.63 26.61
N PRO D 173 71.20 13.67 25.69
CA PRO D 173 72.42 12.90 25.46
C PRO D 173 73.38 13.62 24.54
N ASP D 174 74.47 12.94 24.17
CA ASP D 174 75.43 13.52 23.25
C ASP D 174 74.79 13.73 21.88
N THR D 175 75.09 14.87 21.26
CA THR D 175 74.49 15.25 19.99
C THR D 175 75.52 15.08 18.89
N PRO D 176 75.48 14.01 18.10
CA PRO D 176 76.51 13.81 17.07
C PRO D 176 76.37 14.80 15.91
N ASP D 177 77.27 15.76 15.85
CA ASP D 177 77.29 16.77 14.79
C ASP D 177 78.57 16.59 13.99
N ARG D 178 78.43 16.45 12.67
CA ARG D 178 79.58 16.21 11.81
C ARG D 178 80.23 17.48 11.28
N THR D 179 79.56 18.63 11.38
CA THR D 179 80.15 19.88 10.96
C THR D 179 81.18 20.40 11.96
N LEU D 180 81.51 19.61 12.98
CA LEU D 180 82.53 19.95 13.95
C LEU D 180 83.90 19.38 13.57
N LEU D 181 84.08 19.02 12.30
CA LEU D 181 85.35 18.54 11.78
C LEU D 181 85.73 19.37 10.57
N SER D 182 86.95 19.90 10.58
CA SER D 182 87.54 20.57 9.43
C SER D 182 88.83 19.86 9.07
N GLN D 183 88.95 19.46 7.81
CA GLN D 183 90.12 18.72 7.36
C GLN D 183 91.19 19.70 6.86
N GLN D 184 92.40 19.55 7.37
CA GLN D 184 93.56 20.23 6.81
C GLN D 184 94.04 19.45 5.59
N SER D 185 95.26 19.74 5.12
CA SER D 185 95.80 18.99 4.01
C SER D 185 95.95 17.51 4.37
N GLY D 186 96.45 17.23 5.56
CA GLY D 186 96.60 15.85 6.00
C GLY D 186 96.25 15.65 7.46
N ASN D 187 95.62 16.66 8.06
CA ASN D 187 95.25 16.64 9.48
C ASN D 187 93.75 16.86 9.62
N VAL D 188 93.30 16.88 10.87
CA VAL D 188 91.88 17.08 11.22
C VAL D 188 91.78 18.14 12.30
N LYS D 189 91.04 19.20 12.02
CA LYS D 189 90.83 20.29 12.96
C LYS D 189 89.42 20.18 13.54
N ILE D 190 89.32 20.26 14.86
CA ILE D 190 88.04 20.17 15.56
C ILE D 190 87.63 21.59 15.91
N THR D 191 86.89 22.23 15.01
CA THR D 191 86.38 23.58 15.27
C THR D 191 85.27 23.49 16.31
N VAL D 192 85.42 24.22 17.41
CA VAL D 192 84.50 24.18 18.53
C VAL D 192 83.91 25.57 18.72
N GLY D 193 82.58 25.65 18.79
CA GLY D 193 81.92 26.91 19.02
C GLY D 193 81.62 27.18 20.48
N GLY D 194 82.65 27.16 21.32
CA GLY D 194 82.44 27.38 22.75
C GLY D 194 81.57 26.32 23.39
N LYS D 195 81.70 25.07 22.95
CA LYS D 195 80.87 23.98 23.43
C LYS D 195 81.76 22.85 23.94
N LYS D 196 81.38 22.28 25.09
CA LYS D 196 82.02 21.08 25.58
C LYS D 196 81.79 19.94 24.59
N VAL D 197 82.88 19.41 24.03
CA VAL D 197 82.79 18.47 22.91
C VAL D 197 83.45 17.16 23.29
N LYS D 198 82.79 16.05 22.96
CA LYS D 198 83.35 14.71 23.10
C LYS D 198 84.12 14.35 21.84
N TYR D 199 84.99 13.35 21.96
CA TYR D 199 85.95 13.07 20.90
C TYR D 199 86.40 11.63 20.97
N ASN D 200 86.41 10.95 19.82
CA ASN D 200 86.90 9.57 19.71
C ASN D 200 87.37 9.36 18.28
N CYS D 201 88.68 9.42 18.08
CA CYS D 201 89.30 9.03 16.83
C CYS D 201 89.81 7.59 16.98
N THR D 202 90.33 7.03 15.89
CA THR D 202 90.82 5.65 15.91
C THR D 202 92.33 5.58 15.73
N CYS D 203 92.86 6.16 14.65
CA CYS D 203 94.25 5.91 14.30
C CYS D 203 95.19 6.51 15.33
N GLY D 204 95.16 7.84 15.50
CA GLY D 204 96.10 8.47 16.39
C GLY D 204 95.73 8.39 17.87
N THR D 205 94.65 9.07 18.24
CA THR D 205 94.26 9.20 19.64
C THR D 205 92.73 9.08 19.72
N GLY D 206 92.18 9.47 20.85
CA GLY D 206 90.75 9.43 21.05
C GLY D 206 90.44 9.16 22.50
N ASN D 207 89.17 8.84 22.75
CA ASN D 207 88.70 8.44 24.07
C ASN D 207 88.91 9.53 25.12
N VAL D 208 89.06 10.78 24.70
CA VAL D 208 89.21 11.89 25.63
C VAL D 208 88.21 12.97 25.25
N GLY D 209 87.80 13.75 26.25
CA GLY D 209 86.76 14.74 26.08
C GLY D 209 87.26 16.17 26.07
N THR D 210 87.14 16.83 24.93
CA THR D 210 87.57 18.22 24.80
C THR D 210 86.74 19.12 25.71
N THR D 211 87.33 20.23 26.14
CA THR D 211 86.62 21.28 26.89
C THR D 211 86.96 22.63 26.24
N ASN D 212 86.21 22.96 25.19
CA ASN D 212 86.33 24.25 24.47
C ASN D 212 87.71 24.43 23.85
N SER D 213 88.39 23.33 23.54
CA SER D 213 89.73 23.40 22.95
C SER D 213 89.65 23.07 21.47
N ASP D 214 90.04 24.03 20.64
CA ASP D 214 90.20 23.75 19.21
C ASP D 214 91.51 23.00 19.03
N MET D 215 91.43 21.80 18.47
CA MET D 215 92.61 20.95 18.38
C MET D 215 92.75 20.37 16.98
N THR D 216 93.99 20.07 16.61
CA THR D 216 94.30 19.48 15.32
C THR D 216 94.85 18.08 15.54
N ILE D 217 94.29 17.10 14.84
CA ILE D 217 94.73 15.72 14.93
C ILE D 217 95.54 15.41 13.68
N ASN D 218 96.75 14.88 13.88
CA ASN D 218 97.73 14.80 12.79
C ASN D 218 97.49 13.59 11.89
N THR D 219 97.57 12.38 12.44
CA THR D 219 97.61 11.19 11.59
C THR D 219 96.23 10.88 11.01
N CYS D 220 95.17 11.03 11.80
CA CYS D 220 93.85 10.56 11.40
C CYS D 220 93.25 11.46 10.33
N LEU D 221 92.21 10.94 9.68
CA LEU D 221 91.44 11.65 8.66
C LEU D 221 90.11 12.10 9.26
N ILE D 222 89.35 12.86 8.46
CA ILE D 222 88.06 13.35 8.92
C ILE D 222 87.12 12.18 9.18
N GLU D 223 87.34 11.07 8.50
CA GLU D 223 86.61 9.84 8.76
C GLU D 223 87.21 9.18 9.99
N GLN D 224 86.85 7.93 10.25
CA GLN D 224 87.43 7.09 11.30
C GLN D 224 87.55 7.84 12.62
N CYS D 225 86.64 8.78 12.89
CA CYS D 225 86.67 9.52 14.13
C CYS D 225 85.25 10.03 14.44
N HIS D 226 84.97 10.23 15.72
CA HIS D 226 83.65 10.57 16.21
C HIS D 226 83.70 11.87 17.00
N VAL D 227 82.69 12.72 16.81
CA VAL D 227 82.60 14.00 17.51
C VAL D 227 81.15 14.24 17.88
N SER D 228 80.91 14.76 19.08
CA SER D 228 79.57 15.05 19.56
C SER D 228 79.58 15.95 20.77
N VAL D 229 78.72 16.98 20.78
CA VAL D 229 78.57 17.83 21.95
C VAL D 229 78.10 16.99 23.13
N THR D 230 78.70 17.24 24.31
CA THR D 230 78.57 16.29 25.41
C THR D 230 78.25 16.91 26.76
N ASP D 231 77.98 18.20 26.85
CA ASP D 231 77.61 18.79 28.13
C ASP D 231 76.32 19.59 27.99
N HIS D 232 75.52 19.55 29.05
CA HIS D 232 74.23 20.22 29.08
C HIS D 232 73.89 20.53 30.53
N LYS D 233 73.38 21.73 30.77
CA LYS D 233 72.86 22.12 32.08
C LYS D 233 71.34 22.34 32.02
N LYS D 234 70.69 21.78 31.00
CA LYS D 234 69.26 21.92 30.79
C LYS D 234 68.59 20.56 30.83
N TRP D 235 67.33 20.55 31.23
CA TRP D 235 66.45 19.40 31.11
C TRP D 235 65.61 19.49 29.85
N GLN D 236 65.11 18.34 29.42
CA GLN D 236 64.17 18.28 28.31
C GLN D 236 63.29 17.05 28.47
N PHE D 237 62.17 17.06 27.76
CA PHE D 237 61.14 16.05 27.99
C PHE D 237 61.64 14.65 27.68
N ASN D 238 61.16 13.69 28.47
CA ASN D 238 61.54 12.28 28.36
C ASN D 238 60.82 11.65 27.16
N SER D 239 61.23 12.08 25.96
CA SER D 239 60.57 11.67 24.73
C SER D 239 61.05 10.31 24.26
N PRO D 240 60.16 9.51 23.67
CA PRO D 240 60.58 8.22 23.10
C PRO D 240 61.25 8.32 21.73
N PHE D 241 61.46 9.53 21.20
CA PHE D 241 62.11 9.70 19.92
C PHE D 241 63.53 10.24 20.06
N VAL D 242 64.02 10.42 21.28
CA VAL D 242 65.43 10.74 21.52
C VAL D 242 65.97 9.73 22.52
N PRO D 243 67.24 9.37 22.46
CA PRO D 243 67.79 8.40 23.41
C PRO D 243 68.18 9.08 24.72
N ARG D 244 68.43 8.25 25.73
CA ARG D 244 68.81 8.72 27.05
C ARG D 244 70.23 8.26 27.38
N ALA D 245 70.89 9.01 28.26
CA ALA D 245 72.31 8.81 28.51
C ALA D 245 72.59 7.61 29.40
N ASP D 246 72.09 7.64 30.63
CA ASP D 246 72.38 6.61 31.61
C ASP D 246 71.24 5.60 31.72
N GLU D 247 71.59 4.40 32.18
CA GLU D 247 70.62 3.31 32.21
C GLU D 247 69.70 3.37 33.43
N PRO D 248 70.21 3.63 34.66
CA PRO D 248 69.29 3.86 35.77
C PRO D 248 68.34 5.03 35.52
N ALA D 249 68.78 6.04 34.78
CA ALA D 249 67.92 7.08 34.24
C ALA D 249 67.20 7.86 35.36
N ARG D 250 67.99 8.59 36.13
CA ARG D 250 67.40 9.55 37.05
C ARG D 250 66.72 10.66 36.26
N LYS D 251 65.61 11.15 36.79
CA LYS D 251 64.78 12.10 36.06
C LYS D 251 64.43 13.33 36.91
N GLY D 252 63.53 14.15 36.39
CA GLY D 252 63.00 15.28 37.12
C GLY D 252 61.50 15.38 36.91
N LYS D 253 60.87 16.47 37.36
CA LYS D 253 59.43 16.61 37.24
C LYS D 253 59.10 18.08 37.01
N VAL D 254 58.15 18.33 36.12
CA VAL D 254 57.68 19.68 35.80
C VAL D 254 56.17 19.63 35.65
N HIS D 255 55.47 20.58 36.24
CA HIS D 255 54.02 20.55 36.27
C HIS D 255 53.42 20.89 34.91
N ILE D 256 52.20 20.44 34.70
CA ILE D 256 51.43 20.60 33.46
C ILE D 256 50.38 21.68 33.70
N PRO D 257 50.34 22.74 32.91
CA PRO D 257 49.27 23.74 33.06
C PRO D 257 47.92 23.24 32.58
N PHE D 258 46.89 24.08 32.70
CA PHE D 258 45.55 23.83 32.19
C PHE D 258 44.93 22.57 32.78
N PRO D 259 44.51 22.60 34.04
CA PRO D 259 43.83 21.45 34.63
C PRO D 259 42.39 21.33 34.18
N LEU D 260 41.82 20.15 34.43
CA LEU D 260 40.43 19.87 34.11
C LEU D 260 39.53 20.44 35.20
N ASP D 261 38.39 21.01 34.81
CA ASP D 261 37.51 21.64 35.79
C ASP D 261 36.06 21.56 35.34
N ASN D 262 35.16 21.64 36.31
CA ASN D 262 33.72 21.64 36.06
C ASN D 262 33.26 23.00 35.58
N ILE D 263 32.39 22.97 34.58
CA ILE D 263 31.81 24.17 33.97
C ILE D 263 30.42 23.81 33.48
N THR D 264 29.59 24.81 33.22
CA THR D 264 28.24 24.55 32.72
C THR D 264 28.12 25.00 31.27
N CYS D 265 27.68 24.09 30.41
CA CYS D 265 27.51 24.40 29.00
C CYS D 265 26.04 24.29 28.60
N ARG D 266 25.53 25.35 27.99
CA ARG D 266 24.14 25.39 27.55
C ARG D 266 23.82 24.46 26.39
N VAL D 267 22.64 23.84 26.44
CA VAL D 267 22.16 22.96 25.39
C VAL D 267 20.76 23.39 24.98
N PRO D 268 20.32 23.11 23.75
CA PRO D 268 18.96 23.44 23.33
C PRO D 268 17.96 22.38 23.78
N MET D 269 16.69 22.66 23.51
CA MET D 269 15.60 21.75 23.81
C MET D 269 14.72 21.62 22.59
N ALA D 270 14.31 20.39 22.29
CA ALA D 270 13.58 20.13 21.06
C ALA D 270 12.14 20.63 21.16
N ARG D 271 11.59 21.00 20.00
CA ARG D 271 10.21 21.47 19.95
C ARG D 271 9.25 20.32 20.22
N GLU D 272 8.19 20.63 20.96
CA GLU D 272 7.25 19.61 21.38
C GLU D 272 6.62 18.91 20.18
N PRO D 273 6.55 17.59 20.18
CA PRO D 273 5.99 16.87 19.01
C PRO D 273 4.48 17.05 18.89
N THR D 274 3.99 16.78 17.69
CA THR D 274 2.56 16.82 17.42
C THR D 274 1.93 15.50 17.84
N VAL D 275 0.94 15.56 18.72
CA VAL D 275 0.38 14.40 19.38
C VAL D 275 -1.03 14.17 18.86
N ILE D 276 -1.32 12.94 18.44
CA ILE D 276 -2.62 12.57 17.90
C ILE D 276 -3.13 11.37 18.70
N HIS D 277 -4.23 11.58 19.43
CA HIS D 277 -4.76 10.56 20.33
C HIS D 277 -5.52 9.51 19.55
N GLY D 278 -5.10 8.25 19.66
CA GLY D 278 -5.83 7.13 19.15
C GLY D 278 -6.46 6.31 20.26
N LYS D 279 -6.97 5.15 19.89
CA LYS D 279 -7.57 4.24 20.87
C LYS D 279 -6.48 3.32 21.42
N ARG D 280 -6.13 3.52 22.69
CA ARG D 280 -5.08 2.77 23.36
C ARG D 280 -3.73 2.93 22.66
N GLU D 281 -3.48 4.11 22.09
CA GLU D 281 -2.24 4.38 21.37
C GLU D 281 -2.16 5.87 21.12
N VAL D 282 -1.04 6.30 20.55
CA VAL D 282 -0.80 7.70 20.24
C VAL D 282 0.20 7.74 19.10
N THR D 283 0.14 8.80 18.30
CA THR D 283 1.02 8.97 17.15
C THR D 283 1.72 10.31 17.26
N LEU D 284 3.04 10.32 17.06
CA LEU D 284 3.87 11.49 17.26
C LEU D 284 4.55 11.88 15.96
N HIS D 285 4.43 13.17 15.59
CA HIS D 285 5.21 13.76 14.52
C HIS D 285 6.42 14.45 15.14
N LEU D 286 7.62 14.06 14.73
CA LEU D 286 8.85 14.56 15.33
C LEU D 286 9.63 15.33 14.28
N HIS D 287 9.94 16.59 14.57
CA HIS D 287 10.67 17.47 13.66
C HIS D 287 11.97 17.91 14.30
N PRO D 288 13.09 17.27 13.99
CA PRO D 288 14.36 17.68 14.59
C PRO D 288 15.15 18.67 13.73
N ASP D 289 15.86 19.56 14.43
CA ASP D 289 16.82 20.45 13.78
C ASP D 289 18.17 19.80 13.56
N HIS D 290 18.42 18.68 14.21
CA HIS D 290 19.68 17.96 14.29
C HIS D 290 19.39 16.62 14.95
N PRO D 291 20.32 15.66 14.96
CA PRO D 291 20.03 14.36 15.56
C PRO D 291 19.61 14.49 17.02
N THR D 292 18.41 14.00 17.31
CA THR D 292 17.80 14.08 18.63
C THR D 292 17.45 12.68 19.10
N LEU D 293 17.61 12.42 20.39
CA LEU D 293 17.35 11.11 20.97
C LEU D 293 15.89 11.00 21.35
N PHE D 294 15.26 9.88 20.99
CA PHE D 294 13.88 9.61 21.32
C PHE D 294 13.76 8.24 21.95
N SER D 295 13.07 8.15 23.07
CA SER D 295 12.86 6.89 23.75
C SER D 295 11.48 6.89 24.40
N TYR D 296 10.97 5.68 24.66
CA TYR D 296 9.70 5.52 25.33
C TYR D 296 9.71 4.21 26.11
N ARG D 297 8.74 4.07 27.02
CA ARG D 297 8.53 2.85 27.76
C ARG D 297 7.14 2.87 28.36
N THR D 298 6.62 1.69 28.68
CA THR D 298 5.35 1.57 29.38
C THR D 298 5.59 1.33 30.86
N LEU D 299 4.66 1.80 31.67
CA LEU D 299 4.81 1.82 33.12
C LEU D 299 4.13 0.61 33.77
N GLY D 300 4.61 -0.58 33.42
CA GLY D 300 4.03 -1.80 33.94
C GLY D 300 5.06 -2.85 34.31
N GLU D 301 4.65 -4.11 34.35
CA GLU D 301 5.55 -5.20 34.71
C GLU D 301 6.49 -5.57 33.57
N ASP D 302 6.00 -5.52 32.33
CA ASP D 302 6.86 -5.68 31.16
C ASP D 302 6.99 -4.32 30.48
N PRO D 303 8.12 -3.64 30.62
CA PRO D 303 8.20 -2.24 30.16
C PRO D 303 7.91 -2.00 28.69
N GLN D 304 8.38 -2.84 27.77
CA GLN D 304 8.15 -2.63 26.34
C GLN D 304 8.65 -1.25 25.89
N TYR D 305 9.97 -1.11 25.89
CA TYR D 305 10.66 0.14 25.65
C TYR D 305 11.19 0.23 24.22
N HIS D 306 11.82 1.37 23.90
CA HIS D 306 12.53 1.57 22.65
C HIS D 306 13.51 2.73 22.84
N GLU D 307 14.34 2.95 21.83
CA GLU D 307 15.50 3.84 21.95
C GLU D 307 16.04 4.12 20.55
N GLU D 308 16.24 5.38 20.18
CA GLU D 308 16.47 5.66 18.77
C GLU D 308 16.98 7.09 18.58
N TRP D 309 17.96 7.25 17.69
CA TRP D 309 18.44 8.57 17.28
C TRP D 309 17.69 9.00 16.04
N VAL D 310 17.00 10.14 16.12
CA VAL D 310 16.14 10.63 15.05
C VAL D 310 16.86 11.77 14.34
N THR D 311 16.99 11.66 13.03
CA THR D 311 17.71 12.66 12.24
C THR D 311 16.85 13.37 11.21
N ALA D 312 15.73 12.80 10.80
CA ALA D 312 14.80 13.42 9.87
C ALA D 312 13.42 13.50 10.51
N ALA D 313 12.45 14.01 9.77
CA ALA D 313 11.08 14.09 10.26
C ALA D 313 10.37 12.78 10.01
N VAL D 314 9.79 12.21 11.06
CA VAL D 314 9.21 10.88 11.02
C VAL D 314 7.87 10.90 11.75
N GLU D 315 7.23 9.73 11.82
CA GLU D 315 6.02 9.52 12.59
C GLU D 315 6.16 8.21 13.34
N ARG D 316 5.85 8.21 14.63
CA ARG D 316 6.00 7.04 15.46
C ARG D 316 4.69 6.78 16.20
N THR D 317 4.18 5.57 16.10
CA THR D 317 2.99 5.14 16.81
C THR D 317 3.42 4.26 17.98
N ILE D 318 3.06 4.65 19.19
CA ILE D 318 3.53 3.95 20.39
C ILE D 318 2.34 3.64 21.29
N PRO D 319 2.31 2.47 21.92
CA PRO D 319 1.11 2.05 22.65
C PRO D 319 1.00 2.71 24.01
N VAL D 320 -0.23 3.06 24.39
CA VAL D 320 -0.49 3.64 25.69
C VAL D 320 -1.47 2.73 26.43
N PRO D 321 -1.00 1.76 27.19
CA PRO D 321 -1.92 0.89 27.92
C PRO D 321 -2.59 1.60 29.08
N VAL D 322 -3.46 0.89 29.79
CA VAL D 322 -4.12 1.47 30.94
C VAL D 322 -3.10 1.77 32.04
N ASP D 323 -2.03 0.99 32.12
CA ASP D 323 -0.96 1.28 33.06
C ASP D 323 -0.19 2.55 32.70
N GLY D 324 -0.28 3.01 31.45
CA GLY D 324 0.35 4.23 31.03
C GLY D 324 1.62 3.99 30.24
N MET D 325 2.24 5.09 29.84
CA MET D 325 3.54 5.05 29.19
C MET D 325 4.22 6.39 29.38
N GLU D 326 5.48 6.45 28.97
CA GLU D 326 6.28 7.65 29.14
C GLU D 326 7.23 7.77 27.97
N TYR D 327 7.35 8.97 27.41
CA TYR D 327 8.27 9.21 26.31
C TYR D 327 9.17 10.38 26.65
N HIS D 328 10.38 10.36 26.09
CA HIS D 328 11.42 11.32 26.39
C HIS D 328 12.03 11.76 25.06
N TRP D 329 11.82 13.03 24.71
CA TRP D 329 12.18 13.56 23.39
C TRP D 329 13.24 14.63 23.57
N GLY D 330 14.50 14.26 23.35
CA GLY D 330 15.57 15.23 23.37
C GLY D 330 15.98 15.67 24.76
N ASN D 331 16.32 16.95 24.90
CA ASN D 331 16.74 17.53 26.16
C ASN D 331 15.58 18.01 27.01
N ASN D 332 14.35 17.60 26.69
CA ASN D 332 13.18 17.97 27.48
C ASN D 332 13.09 17.07 28.70
N ASP D 333 11.97 17.13 29.38
CA ASP D 333 11.58 16.27 30.48
C ASP D 333 10.71 15.12 29.96
N PRO D 334 10.70 13.98 30.63
CA PRO D 334 9.78 12.91 30.24
C PRO D 334 8.33 13.31 30.46
N VAL D 335 7.47 12.79 29.59
CA VAL D 335 6.04 13.08 29.61
C VAL D 335 5.29 11.77 29.74
N ARG D 336 4.39 11.70 30.71
CA ARG D 336 3.62 10.49 30.98
C ARG D 336 2.19 10.64 30.51
N LEU D 337 1.67 9.60 29.88
CA LEU D 337 0.30 9.58 29.37
C LEU D 337 -0.37 8.29 29.79
N TRP D 338 -1.66 8.37 30.07
CA TRP D 338 -2.47 7.22 30.44
C TRP D 338 -3.64 7.07 29.47
N SER D 339 -4.34 5.96 29.59
CA SER D 339 -5.43 5.63 28.68
C SER D 339 -6.72 5.46 29.47
N GLN D 340 -7.82 5.99 28.93
CA GLN D 340 -9.12 5.88 29.55
C GLN D 340 -9.89 4.69 28.97
N LEU D 341 -11.04 4.41 29.55
CA LEU D 341 -11.83 3.23 29.18
C LEU D 341 -12.88 3.57 28.13
N THR D 342 -12.42 4.12 27.01
CA THR D 342 -13.31 4.39 25.89
C THR D 342 -13.61 3.11 25.14
N THR D 343 -14.77 3.08 24.48
CA THR D 343 -15.27 1.87 23.86
C THR D 343 -16.43 2.21 22.94
N GLU D 344 -16.94 1.19 22.25
CA GLU D 344 -18.09 1.32 21.38
C GLU D 344 -19.34 0.75 22.07
N GLY D 345 -20.46 0.79 21.37
CA GLY D 345 -21.67 0.24 21.94
C GLY D 345 -22.21 1.12 23.05
N LYS D 346 -23.09 0.51 23.86
CA LYS D 346 -23.77 1.19 24.96
C LYS D 346 -23.79 0.30 26.18
N PRO D 347 -23.32 0.77 27.34
CA PRO D 347 -23.33 -0.07 28.54
C PRO D 347 -24.72 -0.45 29.01
N HIS D 348 -25.74 0.34 28.68
CA HIS D 348 -27.13 0.06 29.06
C HIS D 348 -27.98 0.27 27.81
N GLY D 349 -28.28 -0.79 27.12
CA GLY D 349 -29.10 -0.72 25.91
C GLY D 349 -29.65 -2.08 25.61
N TRP D 350 -29.84 -2.34 24.31
CA TRP D 350 -30.27 -3.66 23.91
C TRP D 350 -29.15 -4.67 24.20
N PRO D 351 -29.50 -5.92 24.51
CA PRO D 351 -28.48 -6.88 24.94
C PRO D 351 -27.35 -7.09 23.94
N HIS D 352 -27.58 -6.81 22.66
CA HIS D 352 -26.51 -6.89 21.67
C HIS D 352 -25.63 -5.65 21.67
N GLN D 353 -25.96 -4.64 22.48
CA GLN D 353 -25.13 -3.45 22.61
C GLN D 353 -24.26 -3.47 23.87
N ILE D 354 -24.72 -4.10 24.95
CA ILE D 354 -23.85 -4.32 26.09
C ILE D 354 -22.68 -5.23 25.71
N VAL D 355 -22.95 -6.21 24.85
CA VAL D 355 -21.88 -7.10 24.39
C VAL D 355 -20.84 -6.30 23.60
N GLN D 356 -21.28 -5.36 22.77
CA GLN D 356 -20.33 -4.49 22.08
C GLN D 356 -19.55 -3.64 23.06
N TYR D 357 -20.24 -3.10 24.07
CA TYR D 357 -19.55 -2.29 25.09
C TYR D 357 -18.43 -3.08 25.74
N TYR D 358 -18.72 -4.30 26.16
CA TYR D 358 -17.71 -5.09 26.86
C TYR D 358 -16.70 -5.75 25.93
N TYR D 359 -17.02 -5.85 24.63
CA TYR D 359 -16.04 -6.33 23.67
C TYR D 359 -15.04 -5.24 23.31
N GLY D 360 -15.45 -3.97 23.40
CA GLY D 360 -14.51 -2.89 23.19
C GLY D 360 -13.47 -2.76 24.28
N LEU D 361 -13.69 -3.37 25.44
CA LEU D 361 -12.74 -3.32 26.55
C LEU D 361 -11.89 -4.59 26.63
N TYR D 362 -12.54 -5.75 26.78
CA TYR D 362 -11.85 -7.03 27.01
C TYR D 362 -12.38 -8.04 26.01
N PRO D 363 -11.81 -8.08 24.80
CA PRO D 363 -12.40 -8.90 23.73
C PRO D 363 -12.41 -10.40 24.03
N ALA D 364 -11.27 -10.97 24.42
CA ALA D 364 -11.19 -12.43 24.60
C ALA D 364 -12.11 -12.90 25.71
N ALA D 365 -12.09 -12.21 26.86
CA ALA D 365 -12.94 -12.60 27.97
C ALA D 365 -14.41 -12.46 27.60
N THR D 366 -14.76 -11.39 26.88
CA THR D 366 -16.16 -11.19 26.48
C THR D 366 -16.63 -12.31 25.58
N VAL D 367 -15.83 -12.67 24.57
CA VAL D 367 -16.22 -13.72 23.64
C VAL D 367 -16.37 -15.04 24.39
N SER D 368 -15.41 -15.37 25.26
CA SER D 368 -15.47 -16.63 25.98
C SER D 368 -16.69 -16.68 26.90
N ALA D 369 -17.00 -15.57 27.58
CA ALA D 369 -18.14 -15.57 28.48
C ALA D 369 -19.46 -15.67 27.72
N VAL D 370 -19.57 -15.02 26.57
CA VAL D 370 -20.77 -15.13 25.76
C VAL D 370 -20.95 -16.57 25.29
N VAL D 371 -19.87 -17.19 24.82
CA VAL D 371 -19.94 -18.59 24.40
C VAL D 371 -20.35 -19.49 25.56
N GLY D 372 -19.80 -19.24 26.75
CA GLY D 372 -20.14 -20.06 27.90
C GLY D 372 -21.61 -19.95 28.28
N MET D 373 -22.14 -18.73 28.31
CA MET D 373 -23.56 -18.56 28.60
C MET D 373 -24.43 -19.24 27.56
N SER D 374 -24.07 -19.09 26.27
CA SER D 374 -24.86 -19.74 25.23
C SER D 374 -24.84 -21.25 25.38
N LEU D 375 -23.67 -21.82 25.67
CA LEU D 375 -23.55 -23.26 25.82
C LEU D 375 -24.38 -23.76 27.00
N LEU D 376 -24.28 -23.08 28.14
CA LEU D 376 -25.04 -23.50 29.31
C LEU D 376 -26.55 -23.42 29.05
N ALA D 377 -27.00 -22.33 28.42
CA ALA D 377 -28.42 -22.21 28.12
C ALA D 377 -28.90 -23.30 27.17
N LEU D 378 -28.12 -23.59 26.13
CA LEU D 378 -28.52 -24.65 25.19
C LEU D 378 -28.57 -26.00 25.89
N ILE D 379 -27.59 -26.29 26.74
CA ILE D 379 -27.58 -27.58 27.43
C ILE D 379 -28.78 -27.69 28.36
N SER D 380 -29.12 -26.62 29.07
CA SER D 380 -30.29 -26.65 29.94
C SER D 380 -31.57 -26.88 29.15
N ILE D 381 -31.71 -26.21 28.00
CA ILE D 381 -32.89 -26.42 27.17
C ILE D 381 -32.99 -27.86 26.73
N PHE D 382 -31.86 -28.45 26.27
CA PHE D 382 -31.90 -29.83 25.80
C PHE D 382 -32.23 -30.79 26.93
N ALA D 383 -31.67 -30.57 28.12
CA ALA D 383 -31.97 -31.45 29.24
C ALA D 383 -33.44 -31.41 29.62
N SER D 384 -34.02 -30.20 29.66
CA SER D 384 -35.44 -30.09 29.99
C SER D 384 -36.31 -30.74 28.93
N CYS D 385 -35.98 -30.55 27.65
CA CYS D 385 -36.76 -31.20 26.61
C CYS D 385 -36.65 -32.71 26.67
N TYR D 386 -35.46 -33.24 26.98
CA TYR D 386 -35.31 -34.67 27.13
C TYR D 386 -36.12 -35.20 28.30
N MET D 387 -36.14 -34.49 29.43
CA MET D 387 -36.97 -34.92 30.54
C MET D 387 -38.46 -34.82 30.24
N LEU D 388 -38.88 -33.92 29.35
CA LEU D 388 -40.27 -33.91 28.95
C LEU D 388 -40.61 -35.08 28.03
N VAL D 389 -39.73 -35.36 27.07
CA VAL D 389 -39.99 -36.47 26.14
C VAL D 389 -40.00 -37.80 26.87
N ALA D 390 -39.08 -37.98 27.82
CA ALA D 390 -39.07 -39.22 28.59
C ALA D 390 -40.36 -39.37 29.40
N ALA D 391 -40.84 -38.28 29.99
CA ALA D 391 -42.09 -38.33 30.74
C ALA D 391 -43.26 -38.69 29.85
N ARG D 392 -43.32 -38.11 28.65
CA ARG D 392 -44.42 -38.44 27.75
C ARG D 392 -44.38 -39.90 27.34
N SER D 393 -43.18 -40.42 27.02
CA SER D 393 -43.06 -41.83 26.67
C SER D 393 -43.46 -42.73 27.83
N LYS D 394 -43.02 -42.38 29.04
CA LYS D 394 -43.35 -43.16 30.23
C LYS D 394 -44.83 -43.10 30.56
N CYS D 395 -45.54 -42.05 30.15
CA CYS D 395 -46.97 -41.98 30.39
C CYS D 395 -47.82 -42.56 29.26
N LEU D 396 -47.24 -42.76 28.07
CA LEU D 396 -48.03 -43.29 26.96
C LEU D 396 -47.68 -44.72 26.54
N THR D 397 -46.55 -45.28 26.98
CA THR D 397 -46.21 -46.61 26.47
C THR D 397 -47.13 -47.74 26.93
N PRO D 398 -47.66 -47.74 28.17
CA PRO D 398 -48.57 -48.84 28.55
C PRO D 398 -49.74 -49.02 27.61
N TYR D 399 -50.31 -47.93 27.09
CA TYR D 399 -51.47 -48.02 26.22
C TYR D 399 -51.12 -48.49 24.81
N ALA D 400 -49.84 -48.49 24.45
CA ALA D 400 -49.39 -49.06 23.19
C ALA D 400 -48.92 -50.50 23.34
N LEU D 401 -49.02 -51.06 24.54
CA LEU D 401 -48.67 -52.45 24.79
C LEU D 401 -49.89 -53.35 24.92
N THR D 402 -50.93 -52.92 25.62
CA THR D 402 -52.10 -53.75 25.81
C THR D 402 -52.86 -53.90 24.49
N PRO D 403 -53.47 -55.07 24.26
CA PRO D 403 -54.25 -55.26 23.04
C PRO D 403 -55.65 -54.71 23.18
N GLY D 404 -56.17 -54.15 22.10
CA GLY D 404 -57.54 -53.69 22.06
C GLY D 404 -57.88 -52.63 23.10
N ALA D 405 -57.07 -51.59 23.21
CA ALA D 405 -57.32 -50.51 24.15
C ALA D 405 -57.11 -49.17 23.46
N ALA D 406 -57.41 -48.11 24.20
CA ALA D 406 -57.28 -46.75 23.68
C ALA D 406 -56.95 -45.81 24.83
N VAL D 407 -56.47 -44.63 24.47
CA VAL D 407 -56.03 -43.62 25.42
C VAL D 407 -57.20 -42.75 25.84
N PRO D 408 -57.31 -42.37 27.12
CA PRO D 408 -58.39 -41.45 27.52
C PRO D 408 -58.32 -40.14 26.76
N TRP D 409 -59.50 -39.56 26.52
CA TRP D 409 -59.59 -38.40 25.64
C TRP D 409 -58.84 -37.21 26.21
N THR D 410 -59.08 -36.88 27.47
CA THR D 410 -58.42 -35.73 28.09
C THR D 410 -56.91 -35.92 28.14
N LEU D 411 -56.47 -37.10 28.55
CA LEU D 411 -55.04 -37.37 28.57
C LEU D 411 -54.49 -37.54 27.16
N GLY D 412 -55.33 -37.99 26.23
CA GLY D 412 -54.88 -38.16 24.86
C GLY D 412 -54.58 -36.84 24.18
N ILE D 413 -55.43 -35.83 24.37
CA ILE D 413 -55.29 -34.59 23.62
C ILE D 413 -54.00 -33.86 23.99
N LEU D 414 -53.58 -33.93 25.25
CA LEU D 414 -52.38 -33.20 25.67
C LEU D 414 -51.13 -33.74 25.01
N CYS D 415 -50.91 -35.05 25.09
CA CYS D 415 -49.66 -35.65 24.66
C CYS D 415 -49.66 -36.09 23.20
N CYS D 416 -50.61 -35.58 22.40
CA CYS D 416 -50.68 -35.85 20.96
C CYS D 416 -50.69 -37.35 20.69
N ALA D 417 -51.50 -38.08 21.45
CA ALA D 417 -51.53 -39.52 21.34
C ALA D 417 -52.05 -39.94 19.97
N PRO D 418 -51.45 -40.98 19.36
CA PRO D 418 -51.90 -41.50 18.06
C PRO D 418 -53.20 -42.29 18.15
N TYR E 1 -6.60 4.63 71.26
CA TYR E 1 -7.16 3.60 70.39
C TYR E 1 -6.13 3.13 69.37
N GLU E 2 -6.11 1.82 69.12
CA GLU E 2 -5.20 1.22 68.17
C GLU E 2 -5.96 0.76 66.93
N HIS E 3 -5.48 1.13 65.76
CA HIS E 3 -6.10 0.77 64.49
C HIS E 3 -5.04 0.31 63.52
N SER E 4 -5.43 -0.59 62.61
CA SER E 4 -4.52 -1.13 61.61
C SER E 4 -5.21 -1.19 60.26
N THR E 5 -4.52 -0.72 59.23
CA THR E 5 -5.06 -0.72 57.88
C THR E 5 -3.91 -0.88 56.90
N VAL E 6 -4.25 -1.24 55.66
CA VAL E 6 -3.27 -1.41 54.59
C VAL E 6 -3.64 -0.49 53.44
N MET E 7 -2.67 0.31 53.00
CA MET E 7 -2.85 1.24 51.91
C MET E 7 -2.01 0.84 50.71
N PRO E 8 -2.46 1.13 49.49
CA PRO E 8 -1.66 0.79 48.31
C PRO E 8 -0.44 1.69 48.20
N ASN E 9 0.63 1.15 47.60
CA ASN E 9 1.85 1.90 47.37
C ASN E 9 1.75 2.56 45.99
N VAL E 10 0.99 3.64 45.94
CA VAL E 10 0.82 4.45 44.74
C VAL E 10 1.00 5.90 45.11
N VAL E 11 1.88 6.60 44.41
CA VAL E 11 2.20 7.99 44.75
C VAL E 11 1.10 8.89 44.19
N GLY E 12 0.49 9.68 45.07
CA GLY E 12 -0.57 10.58 44.68
C GLY E 12 -1.98 10.04 44.79
N PHE E 13 -2.13 8.75 45.10
CA PHE E 13 -3.45 8.17 45.27
C PHE E 13 -4.00 8.55 46.65
N PRO E 14 -5.17 9.16 46.74
CA PRO E 14 -5.69 9.61 48.04
C PRO E 14 -6.42 8.48 48.76
N TYR E 15 -5.91 8.09 49.92
CA TYR E 15 -6.44 6.98 50.69
C TYR E 15 -7.21 7.51 51.88
N LYS E 16 -8.40 6.95 52.11
CA LYS E 16 -9.26 7.32 53.23
C LYS E 16 -9.46 6.12 54.12
N ALA E 17 -9.17 6.29 55.41
CA ALA E 17 -9.35 5.24 56.41
C ALA E 17 -10.52 5.60 57.32
N HIS E 18 -11.39 4.62 57.58
CA HIS E 18 -12.56 4.80 58.41
C HIS E 18 -12.37 4.08 59.74
N ILE E 19 -12.68 4.76 60.84
CA ILE E 19 -12.49 4.23 62.18
C ILE E 19 -13.83 4.23 62.91
N GLU E 20 -14.16 3.10 63.51
CA GLU E 20 -15.39 2.93 64.30
C GLU E 20 -15.02 2.66 65.75
N ARG E 21 -15.64 3.40 66.67
CA ARG E 21 -15.40 3.21 68.08
C ARG E 21 -16.70 3.41 68.85
N PRO E 22 -17.05 2.50 69.76
CA PRO E 22 -18.28 2.66 70.52
C PRO E 22 -18.25 3.90 71.40
N GLY E 23 -19.40 4.56 71.51
CA GLY E 23 -19.53 5.77 72.30
C GLY E 23 -18.97 7.01 71.64
N TYR E 24 -18.34 6.90 70.48
CA TYR E 24 -17.71 8.01 69.80
C TYR E 24 -18.22 8.09 68.37
N SER E 25 -18.02 9.24 67.77
CA SER E 25 -18.42 9.31 66.37
C SER E 25 -17.30 8.80 65.46
N PRO E 26 -17.65 8.24 64.31
CA PRO E 26 -16.63 7.70 63.41
C PRO E 26 -15.69 8.78 62.88
N LEU E 27 -14.45 8.37 62.63
CA LEU E 27 -13.41 9.25 62.11
C LEU E 27 -13.01 8.79 60.71
N THR E 28 -12.46 9.73 59.94
CA THR E 28 -11.99 9.45 58.60
C THR E 28 -10.63 10.11 58.41
N LEU E 29 -9.58 9.30 58.37
CA LEU E 29 -8.22 9.77 58.13
C LEU E 29 -7.95 9.88 56.64
N GLN E 30 -7.20 10.92 56.26
CA GLN E 30 -6.66 11.05 54.91
C GLN E 30 -5.15 10.92 54.99
N MET E 31 -4.59 10.01 54.19
CA MET E 31 -3.15 9.86 54.13
C MET E 31 -2.74 9.28 52.78
N GLN E 32 -1.82 9.98 52.11
CA GLN E 32 -1.33 9.57 50.80
C GLN E 32 0.18 9.77 50.75
N VAL E 33 0.85 8.92 50.01
CA VAL E 33 2.30 9.03 49.86
C VAL E 33 2.60 10.06 48.78
N VAL E 34 3.66 10.82 48.98
CA VAL E 34 4.04 11.84 48.01
C VAL E 34 5.37 11.55 47.34
N GLU E 35 6.18 10.65 47.89
CA GLU E 35 7.52 10.40 47.39
C GLU E 35 8.10 9.14 48.02
N THR E 36 8.60 8.23 47.21
CA THR E 36 9.13 6.95 47.69
C THR E 36 10.57 6.79 47.23
N SER E 37 11.36 6.05 47.99
CA SER E 37 12.77 5.84 47.70
C SER E 37 13.16 4.44 48.12
N LEU E 38 14.00 3.79 47.32
CA LEU E 38 14.39 2.39 47.55
C LEU E 38 15.88 2.26 47.29
N GLU E 39 16.68 2.24 48.36
CA GLU E 39 18.13 2.24 48.25
C GLU E 39 18.69 0.87 48.59
N PRO E 40 19.37 0.20 47.68
CA PRO E 40 20.03 -1.07 48.01
C PRO E 40 21.32 -0.83 48.76
N THR E 41 21.96 -1.92 49.16
CA THR E 41 23.24 -1.87 49.85
C THR E 41 24.34 -2.27 48.90
N LEU E 42 25.37 -1.44 48.79
CA LEU E 42 26.38 -1.57 47.74
C LEU E 42 27.74 -1.84 48.35
N ASN E 43 28.44 -2.83 47.79
CA ASN E 43 29.85 -3.07 48.08
C ASN E 43 30.65 -2.82 46.81
N LEU E 44 31.53 -1.83 46.85
CA LEU E 44 32.34 -1.50 45.69
C LEU E 44 33.33 -2.62 45.39
N GLU E 45 33.29 -3.13 44.16
CA GLU E 45 34.19 -4.19 43.73
C GLU E 45 35.51 -3.62 43.22
N TYR E 46 35.45 -2.75 42.22
CA TYR E 46 36.66 -2.09 41.73
C TYR E 46 36.26 -0.87 40.91
N ILE E 47 37.25 -0.26 40.28
CA ILE E 47 37.13 0.94 39.45
C ILE E 47 37.83 0.69 38.13
N THR E 48 37.22 1.12 37.03
CA THR E 48 37.86 1.05 35.73
C THR E 48 37.72 2.39 35.02
N CYS E 49 38.69 2.68 34.16
CA CYS E 49 38.73 3.94 33.43
C CYS E 49 39.64 3.73 32.23
N GLU E 50 39.93 4.83 31.53
CA GLU E 50 40.88 4.77 30.42
C GLU E 50 42.29 4.62 30.98
N TYR E 51 43.10 3.82 30.30
CA TYR E 51 44.46 3.62 30.79
C TYR E 51 45.39 4.66 30.18
N LYS E 52 46.68 4.52 30.43
CA LYS E 52 47.68 5.41 29.87
C LYS E 52 48.98 4.63 29.78
N THR E 53 49.44 4.36 28.56
CA THR E 53 50.71 3.69 28.36
C THR E 53 51.84 4.72 28.36
N VAL E 54 52.89 4.43 29.12
CA VAL E 54 54.04 5.32 29.23
C VAL E 54 55.26 4.60 28.69
N VAL E 55 55.95 5.27 27.76
CA VAL E 55 57.11 4.71 27.08
C VAL E 55 58.28 5.66 27.29
N PRO E 56 59.29 5.27 28.06
CA PRO E 56 60.43 6.16 28.29
C PRO E 56 61.36 6.20 27.08
N SER E 57 62.31 7.13 27.14
CA SER E 57 63.29 7.28 26.08
C SER E 57 64.12 6.01 25.96
N PRO E 58 64.35 5.50 24.76
CA PRO E 58 65.12 4.27 24.62
C PRO E 58 66.55 4.47 25.05
N TYR E 59 67.14 3.41 25.60
CA TYR E 59 68.53 3.41 26.01
C TYR E 59 69.35 2.73 24.92
N VAL E 60 70.28 3.47 24.34
CA VAL E 60 71.15 2.96 23.27
C VAL E 60 72.56 2.85 23.82
N LYS E 61 73.14 1.67 23.70
CA LYS E 61 74.47 1.38 24.24
C LYS E 61 75.42 1.15 23.07
N CYS E 62 76.27 2.13 22.80
CA CYS E 62 77.24 2.01 21.72
C CYS E 62 78.42 1.15 22.17
N CYS E 63 78.86 0.26 21.28
CA CYS E 63 79.99 -0.63 21.54
C CYS E 63 79.80 -1.41 22.83
N GLY E 64 78.76 -2.25 22.84
CA GLY E 64 78.47 -3.06 24.01
C GLY E 64 77.11 -3.70 23.89
N ALA E 65 76.59 -4.14 25.04
CA ALA E 65 75.28 -4.78 25.11
C ALA E 65 74.72 -4.59 26.51
N SER E 66 73.41 -4.76 26.62
CA SER E 66 72.70 -4.58 27.88
C SER E 66 71.87 -5.83 28.17
N GLU E 67 71.32 -5.88 29.38
CA GLU E 67 70.48 -6.98 29.82
C GLU E 67 69.15 -6.43 30.30
N CYS E 68 68.08 -7.16 30.02
CA CYS E 68 66.75 -6.74 30.42
C CYS E 68 66.57 -6.96 31.92
N SER E 69 66.08 -5.93 32.61
CA SER E 69 65.80 -5.99 34.03
C SER E 69 64.29 -5.97 34.25
N THR E 70 63.80 -6.88 35.09
CA THR E 70 62.37 -6.97 35.35
C THR E 70 61.94 -5.97 36.42
N LYS E 71 60.70 -5.50 36.30
CA LYS E 71 60.13 -4.56 37.27
C LYS E 71 58.72 -5.01 37.61
N GLU E 72 58.16 -4.38 38.64
CA GLU E 72 56.84 -4.73 39.17
C GLU E 72 55.76 -3.78 38.68
N LYS E 73 55.96 -3.15 37.52
CA LYS E 73 54.98 -2.27 36.94
C LYS E 73 53.85 -3.09 36.31
N PRO E 74 52.68 -2.49 36.10
CA PRO E 74 51.57 -3.24 35.50
C PRO E 74 51.75 -3.41 34.00
N ASP E 75 51.63 -4.66 33.55
CA ASP E 75 51.73 -5.00 32.13
C ASP E 75 53.09 -4.57 31.58
N TYR E 76 54.14 -4.86 32.34
CA TYR E 76 55.47 -4.38 32.03
C TYR E 76 56.15 -5.25 30.99
N GLN E 77 56.79 -4.60 30.01
CA GLN E 77 57.50 -5.26 28.93
C GLN E 77 58.88 -4.65 28.77
N CYS E 78 59.83 -5.48 28.35
CA CYS E 78 61.20 -5.00 28.12
C CYS E 78 61.91 -5.98 27.19
N LYS E 79 62.38 -5.48 26.05
CA LYS E 79 63.17 -6.27 25.12
C LYS E 79 64.44 -5.52 24.76
N VAL E 80 65.46 -6.28 24.37
CA VAL E 80 66.74 -5.74 23.92
C VAL E 80 67.01 -6.26 22.51
N TYR E 81 67.46 -5.36 21.64
CA TYR E 81 67.65 -5.67 20.23
C TYR E 81 69.12 -5.49 19.88
N THR E 82 69.67 -6.42 19.11
CA THR E 82 71.11 -6.66 19.14
C THR E 82 71.89 -5.76 18.19
N GLY E 83 71.48 -5.68 16.93
CA GLY E 83 72.25 -4.89 15.99
C GLY E 83 71.52 -3.68 15.46
N VAL E 84 71.91 -2.48 15.89
CA VAL E 84 71.22 -1.25 15.50
C VAL E 84 72.25 -0.23 15.04
N TYR E 85 71.75 0.86 14.49
CA TYR E 85 72.57 1.98 14.02
C TYR E 85 71.68 3.21 13.94
N PRO E 86 71.47 3.90 15.05
CA PRO E 86 70.33 4.84 15.15
C PRO E 86 70.30 6.00 14.16
N PHE E 87 71.44 6.58 13.78
CA PHE E 87 71.45 7.74 12.89
C PHE E 87 70.59 8.88 13.46
N MET E 88 71.07 9.42 14.58
CA MET E 88 70.24 10.31 15.39
C MET E 88 69.68 11.49 14.62
N TRP E 89 70.52 12.43 14.21
CA TRP E 89 70.04 13.68 13.63
C TRP E 89 70.86 14.11 12.43
N GLY E 90 71.91 13.40 12.08
CA GLY E 90 72.97 13.95 11.24
C GLY E 90 74.28 13.38 11.70
N GLY E 91 74.22 12.53 12.72
CA GLY E 91 75.32 11.69 13.09
C GLY E 91 74.82 10.29 13.35
N ALA E 92 75.77 9.34 13.34
CA ALA E 92 75.41 7.95 13.53
C ALA E 92 75.08 7.65 15.00
N TYR E 93 75.63 8.45 15.91
CA TYR E 93 75.41 8.36 17.35
C TYR E 93 76.14 7.16 17.97
N CYS E 94 76.69 6.28 17.14
CA CYS E 94 77.43 5.13 17.65
C CYS E 94 78.54 4.82 16.66
N PHE E 95 79.78 4.78 17.14
CA PHE E 95 80.90 4.51 16.23
C PHE E 95 80.91 3.05 15.78
N CYS E 96 80.65 2.13 16.68
CA CYS E 96 80.57 0.72 16.31
C CYS E 96 79.37 0.51 15.38
N ASP E 97 79.64 0.04 14.18
CA ASP E 97 78.61 -0.08 13.16
C ASP E 97 77.74 -1.32 13.33
N SER E 98 78.08 -2.24 14.24
CA SER E 98 77.21 -3.38 14.50
C SER E 98 77.00 -3.70 15.97
N GLU E 99 77.88 -3.27 16.87
CA GLU E 99 77.79 -3.66 18.28
C GLU E 99 77.10 -2.59 19.11
N ASN E 100 75.87 -2.26 18.71
CA ASN E 100 75.04 -1.32 19.45
C ASN E 100 73.70 -1.99 19.73
N THR E 101 73.24 -1.91 20.98
CA THR E 101 71.97 -2.51 21.38
C THR E 101 71.05 -1.46 21.97
N GLN E 102 69.76 -1.59 21.69
CA GLN E 102 68.74 -0.71 22.24
C GLN E 102 67.88 -1.50 23.22
N LEU E 103 67.62 -0.90 24.38
CA LEU E 103 66.73 -1.47 25.38
C LEU E 103 65.44 -0.67 25.38
N SER E 104 64.34 -1.31 24.99
CA SER E 104 63.04 -0.68 24.91
C SER E 104 62.11 -1.28 25.96
N GLU E 105 61.32 -0.43 26.61
CA GLU E 105 60.41 -0.90 27.64
C GLU E 105 59.18 -0.01 27.69
N ALA E 106 58.09 -0.56 28.23
CA ALA E 106 56.83 0.14 28.32
C ALA E 106 55.95 -0.55 29.33
N TYR E 107 55.04 0.22 29.95
CA TYR E 107 54.09 -0.35 30.89
C TYR E 107 52.84 0.53 30.90
N VAL E 108 51.84 0.07 31.64
CA VAL E 108 50.52 0.69 31.67
C VAL E 108 50.30 1.36 33.01
N ASP E 109 49.75 2.56 32.98
CA ASP E 109 49.37 3.29 34.18
C ASP E 109 47.88 3.60 34.14
N ARG E 110 47.43 4.41 35.09
CA ARG E 110 46.05 4.86 35.17
C ARG E 110 45.95 6.25 34.56
N SER E 111 44.74 6.61 34.15
CA SER E 111 44.53 7.89 33.51
C SER E 111 44.79 9.04 34.47
N ASP E 112 45.13 10.20 33.91
CA ASP E 112 45.34 11.38 34.73
C ASP E 112 44.04 11.96 35.26
N VAL E 113 42.90 11.55 34.72
CA VAL E 113 41.62 12.07 35.16
C VAL E 113 40.72 10.91 35.55
N CYS E 114 41.32 9.80 36.00
CA CYS E 114 40.54 8.64 36.37
C CYS E 114 39.62 8.92 37.55
N ARG E 115 40.00 9.86 38.43
CA ARG E 115 39.13 10.20 39.55
C ARG E 115 37.94 11.01 39.10
N HIS E 116 38.11 11.81 38.05
CA HIS E 116 37.03 12.68 37.59
C HIS E 116 35.97 11.91 36.80
N ASP E 117 36.37 10.89 36.05
CA ASP E 117 35.38 10.07 35.35
C ASP E 117 35.86 8.62 35.31
N HIS E 118 34.99 7.71 35.72
CA HIS E 118 35.26 6.28 35.78
C HIS E 118 33.92 5.59 35.98
N ALA E 119 33.96 4.27 36.06
CA ALA E 119 32.78 3.47 36.32
C ALA E 119 33.03 2.59 37.53
N SER E 120 32.02 2.44 38.37
CA SER E 120 32.13 1.67 39.60
C SER E 120 31.34 0.38 39.48
N ALA E 121 32.00 -0.74 39.72
CA ALA E 121 31.34 -2.04 39.76
C ALA E 121 30.94 -2.34 41.20
N TYR E 122 29.66 -2.65 41.40
CA TYR E 122 29.09 -2.80 42.73
C TYR E 122 28.42 -4.16 42.84
N LYS E 123 28.13 -4.54 44.09
CA LYS E 123 27.24 -5.66 44.40
C LYS E 123 26.09 -5.14 45.24
N ALA E 124 24.87 -5.43 44.82
CA ALA E 124 23.68 -4.87 45.42
C ALA E 124 22.98 -5.92 46.28
N HIS E 125 22.53 -5.51 47.45
CA HIS E 125 21.86 -6.39 48.40
C HIS E 125 20.50 -5.80 48.75
N THR E 126 19.88 -6.37 49.78
CA THR E 126 18.53 -6.00 50.17
C THR E 126 18.40 -4.50 50.37
N ALA E 127 17.34 -3.94 49.80
CA ALA E 127 17.09 -2.51 49.79
C ALA E 127 16.22 -2.10 50.97
N SER E 128 16.21 -0.80 51.25
CA SER E 128 15.44 -0.24 52.35
C SER E 128 14.49 0.81 51.82
N LEU E 129 13.20 0.61 52.04
CA LEU E 129 12.19 1.54 51.59
C LEU E 129 12.00 2.65 52.60
N LYS E 130 12.02 3.90 52.13
CA LYS E 130 11.66 5.05 52.94
C LYS E 130 10.70 5.92 52.14
N ALA E 131 9.65 6.39 52.81
CA ALA E 131 8.58 7.11 52.14
C ALA E 131 8.46 8.52 52.70
N LYS E 132 7.40 9.21 52.28
CA LYS E 132 7.08 10.55 52.74
C LYS E 132 5.57 10.71 52.60
N VAL E 133 4.85 10.66 53.71
CA VAL E 133 3.40 10.59 53.71
C VAL E 133 2.83 11.88 54.26
N ARG E 134 1.68 12.29 53.74
CA ARG E 134 0.94 13.44 54.23
C ARG E 134 -0.33 12.96 54.92
N VAL E 135 -0.46 13.26 56.20
CA VAL E 135 -1.56 12.77 57.03
C VAL E 135 -2.48 13.93 57.36
N MET E 136 -3.77 13.75 57.12
CA MET E 136 -4.77 14.79 57.38
C MET E 136 -5.95 14.18 58.12
N TYR E 137 -6.25 14.72 59.29
CA TYR E 137 -7.46 14.37 60.03
C TYR E 137 -7.77 15.51 60.98
N GLY E 138 -9.03 15.90 61.06
CA GLY E 138 -9.40 17.00 61.92
C GLY E 138 -8.75 18.29 61.48
N ASN E 139 -7.75 18.75 62.23
CA ASN E 139 -7.08 20.01 61.95
C ASN E 139 -5.64 19.82 61.48
N VAL E 140 -5.02 18.68 61.77
CA VAL E 140 -3.61 18.50 61.45
C VAL E 140 -3.42 18.42 59.94
N ASN E 141 -2.28 18.92 59.48
CA ASN E 141 -1.93 18.94 58.06
C ASN E 141 -0.40 18.88 58.00
N GLN E 142 0.13 17.66 57.92
CA GLN E 142 1.56 17.48 58.13
C GLN E 142 2.08 16.37 57.24
N THR E 143 3.26 16.60 56.66
CA THR E 143 3.95 15.61 55.84
C THR E 143 5.26 15.23 56.52
N VAL E 144 5.51 13.94 56.65
CA VAL E 144 6.68 13.43 57.37
C VAL E 144 7.28 12.26 56.61
N ASP E 145 8.59 12.10 56.75
CA ASP E 145 9.33 11.03 56.09
C ASP E 145 9.65 9.91 57.07
N VAL E 146 9.30 8.68 56.69
CA VAL E 146 9.38 7.54 57.59
C VAL E 146 10.27 6.46 56.99
N TYR E 147 10.47 5.38 57.73
CA TYR E 147 11.11 4.18 57.22
C TYR E 147 10.05 3.09 57.17
N VAL E 148 9.87 2.48 56.00
CA VAL E 148 8.76 1.55 55.80
C VAL E 148 9.24 0.19 56.26
N ASN E 149 9.18 -0.01 57.58
CA ASN E 149 9.44 -1.29 58.23
C ASN E 149 8.65 -1.31 59.52
N GLY E 150 8.51 -2.49 60.10
CA GLY E 150 7.72 -2.62 61.30
C GLY E 150 8.37 -2.10 62.56
N ASP E 151 9.34 -1.18 62.44
CA ASP E 151 10.11 -0.72 63.58
C ASP E 151 10.04 0.77 63.83
N HIS E 152 9.91 1.59 62.79
CA HIS E 152 9.95 3.03 62.97
C HIS E 152 8.65 3.55 63.55
N ALA E 153 8.74 4.56 64.41
CA ALA E 153 7.58 5.19 65.02
C ALA E 153 7.66 6.69 64.80
N VAL E 154 6.57 7.27 64.34
CA VAL E 154 6.46 8.72 64.14
C VAL E 154 5.11 9.16 64.69
N THR E 155 5.09 10.30 65.37
CA THR E 155 3.88 10.82 66.00
C THR E 155 3.42 12.08 65.26
N ILE E 156 2.16 12.09 64.85
CA ILE E 156 1.57 13.19 64.10
C ILE E 156 0.37 13.71 64.88
N GLY E 157 0.48 14.92 65.39
CA GLY E 157 -0.65 15.57 66.05
C GLY E 157 -1.24 14.79 67.21
N GLY E 158 -0.40 14.18 68.04
CA GLY E 158 -0.87 13.47 69.20
C GLY E 158 -1.10 11.99 69.01
N THR E 159 -1.02 11.47 67.79
CA THR E 159 -1.11 10.05 67.54
C THR E 159 0.13 9.60 66.78
N GLN E 160 0.53 8.35 67.01
CA GLN E 160 1.69 7.80 66.34
C GLN E 160 1.26 6.81 65.26
N PHE E 161 2.15 6.59 64.30
CA PHE E 161 1.92 5.63 63.23
C PHE E 161 3.14 4.73 63.08
N ILE E 162 2.89 3.50 62.64
CA ILE E 162 3.93 2.57 62.23
C ILE E 162 3.59 2.13 60.81
N PHE E 163 4.57 2.22 59.91
CA PHE E 163 4.39 1.86 58.50
C PHE E 163 5.11 0.56 58.24
N GLY E 164 4.35 -0.51 58.06
CA GLY E 164 4.88 -1.86 58.10
C GLY E 164 5.59 -2.23 56.82
N PRO E 165 6.27 -3.38 56.85
CA PRO E 165 7.11 -3.78 55.71
C PRO E 165 6.28 -3.94 54.44
N LEU E 166 6.89 -3.59 53.31
CA LEU E 166 6.20 -3.71 52.03
C LEU E 166 5.89 -5.16 51.73
N SER E 167 4.74 -5.39 51.11
CA SER E 167 4.25 -6.75 50.87
C SER E 167 5.08 -7.50 49.83
N SER E 168 6.00 -6.84 49.15
CA SER E 168 6.80 -7.47 48.11
C SER E 168 8.28 -7.16 48.33
N ALA E 169 9.14 -8.08 47.90
CA ALA E 169 10.58 -7.92 47.97
C ALA E 169 11.19 -7.60 46.62
N TRP E 170 10.39 -7.14 45.67
CA TRP E 170 10.88 -6.83 44.34
C TRP E 170 11.86 -5.67 44.37
N THR E 171 12.96 -5.79 43.61
CA THR E 171 13.93 -4.74 43.46
C THR E 171 14.30 -4.65 41.98
N PRO E 172 14.54 -3.44 41.45
CA PRO E 172 14.90 -3.31 40.04
C PRO E 172 16.34 -3.67 39.74
N PHE E 173 17.19 -3.81 40.74
CA PHE E 173 18.61 -4.02 40.55
C PHE E 173 18.94 -5.52 40.61
N ASP E 174 20.07 -5.87 40.01
CA ASP E 174 20.55 -7.23 40.02
C ASP E 174 21.64 -7.38 41.08
N ASN E 175 22.25 -8.56 41.13
CA ASN E 175 23.35 -8.78 42.05
C ASN E 175 24.54 -7.91 41.71
N LYS E 176 24.84 -7.77 40.43
CA LYS E 176 25.98 -6.99 39.95
C LYS E 176 25.48 -5.84 39.09
N ILE E 177 25.89 -4.62 39.42
CA ILE E 177 25.50 -3.43 38.68
C ILE E 177 26.75 -2.57 38.42
N VAL E 178 26.66 -1.74 37.38
CA VAL E 178 27.71 -0.79 37.03
C VAL E 178 27.09 0.60 37.04
N VAL E 179 27.75 1.53 37.72
CA VAL E 179 27.24 2.88 37.88
C VAL E 179 28.22 3.83 37.21
N TYR E 180 27.89 4.29 36.01
CA TYR E 180 28.61 5.40 35.40
C TYR E 180 28.03 6.69 35.97
N LYS E 181 28.33 7.83 35.34
CA LYS E 181 28.04 9.14 35.91
C LYS E 181 26.67 9.25 36.54
N ASP E 182 25.63 9.05 35.75
CA ASP E 182 24.27 9.23 36.25
C ASP E 182 23.37 8.08 35.81
N GLU E 183 23.94 7.01 35.26
CA GLU E 183 23.19 5.85 34.81
C GLU E 183 23.57 4.63 35.63
N VAL E 184 22.69 3.63 35.60
CA VAL E 184 22.92 2.35 36.25
C VAL E 184 22.65 1.26 35.23
N PHE E 185 23.54 0.28 35.15
CA PHE E 185 23.42 -0.83 34.22
C PHE E 185 23.44 -2.13 35.00
N ASN E 186 22.50 -3.03 34.69
CA ASN E 186 22.50 -4.37 35.25
C ASN E 186 23.49 -5.21 34.44
N GLN E 187 24.77 -5.06 34.78
CA GLN E 187 25.86 -5.62 34.01
C GLN E 187 26.63 -6.64 34.82
N ASP E 188 27.04 -7.72 34.17
CA ASP E 188 27.75 -8.84 34.80
C ASP E 188 29.25 -8.67 34.54
N PHE E 189 29.88 -7.81 35.33
CA PHE E 189 31.28 -7.49 35.15
C PHE E 189 32.16 -8.67 35.57
N PRO E 190 33.41 -8.71 35.11
CA PRO E 190 34.28 -9.86 35.40
C PRO E 190 34.77 -9.86 36.84
N PRO E 191 35.31 -10.98 37.31
CA PRO E 191 35.99 -10.98 38.61
C PRO E 191 37.17 -10.03 38.62
N TYR E 192 37.49 -9.51 39.80
CA TYR E 192 38.65 -8.66 39.94
C TYR E 192 39.92 -9.48 39.70
N GLY E 193 40.86 -8.89 38.96
CA GLY E 193 42.05 -9.62 38.57
C GLY E 193 41.83 -10.61 37.46
N SER E 194 40.81 -10.40 36.63
CA SER E 194 40.51 -11.31 35.54
C SER E 194 40.10 -10.60 34.26
N GLY E 195 40.41 -9.30 34.11
CA GLY E 195 39.96 -8.57 32.95
C GLY E 195 40.74 -8.93 31.70
N GLN E 196 40.10 -8.73 30.55
CA GLN E 196 40.59 -9.09 29.23
C GLN E 196 40.79 -7.85 28.37
N PRO E 197 41.65 -7.92 27.36
CA PRO E 197 41.96 -6.70 26.60
C PRO E 197 40.81 -6.28 25.70
N GLY E 198 40.58 -4.97 25.65
CA GLY E 198 39.61 -4.40 24.74
C GLY E 198 38.17 -4.48 25.18
N ARG E 199 37.90 -5.05 26.34
CA ARG E 199 36.55 -5.16 26.88
C ARG E 199 36.54 -4.53 28.27
N PHE E 200 35.33 -4.21 28.74
CA PHE E 200 35.16 -3.50 30.01
C PHE E 200 35.86 -4.23 31.14
N GLY E 201 36.80 -3.56 31.79
CA GLY E 201 37.55 -4.15 32.86
C GLY E 201 38.94 -4.62 32.51
N ASP E 202 39.55 -4.08 31.45
CA ASP E 202 40.91 -4.49 31.12
C ASP E 202 41.92 -3.95 32.10
N ILE E 203 41.60 -2.87 32.82
CA ILE E 203 42.38 -2.39 33.94
C ILE E 203 41.43 -2.19 35.11
N GLN E 204 41.88 -2.53 36.32
CA GLN E 204 41.05 -2.46 37.50
C GLN E 204 41.84 -1.97 38.70
N SER E 205 41.22 -1.13 39.51
CA SER E 205 41.75 -0.68 40.78
C SER E 205 40.72 -0.97 41.86
N ARG E 206 41.19 -1.39 43.04
CA ARG E 206 40.27 -1.73 44.11
C ARG E 206 39.49 -0.51 44.57
N THR E 207 40.14 0.65 44.65
CA THR E 207 39.47 1.91 44.92
C THR E 207 40.06 2.98 44.00
N VAL E 208 39.52 4.19 44.10
CA VAL E 208 40.00 5.29 43.27
C VAL E 208 41.44 5.63 43.63
N GLU E 209 41.73 5.72 44.92
CA GLU E 209 43.04 6.14 45.41
C GLU E 209 43.97 4.97 45.66
N SER E 210 43.56 3.75 45.33
CA SER E 210 44.41 2.58 45.50
C SER E 210 45.63 2.68 44.59
N ASN E 211 46.57 1.76 44.79
CA ASN E 211 47.77 1.70 43.96
C ASN E 211 48.11 0.24 43.62
N ASP E 212 47.10 -0.52 43.22
CA ASP E 212 47.31 -1.90 42.78
C ASP E 212 47.34 -2.02 41.26
N LEU E 213 46.24 -1.65 40.59
CA LEU E 213 46.18 -1.52 39.13
C LEU E 213 46.54 -2.83 38.41
N TYR E 214 45.63 -3.78 38.50
CA TYR E 214 45.64 -4.86 37.52
C TYR E 214 45.47 -4.32 36.11
N ALA E 215 46.26 -4.83 35.16
CA ALA E 215 46.16 -4.40 33.78
C ALA E 215 46.44 -5.56 32.84
N ASN E 216 45.52 -5.80 31.90
CA ASN E 216 45.69 -6.81 30.85
C ASN E 216 45.27 -6.16 29.53
N THR E 217 46.20 -5.45 28.88
CA THR E 217 45.89 -4.70 27.67
C THR E 217 46.65 -5.22 26.46
N ALA E 218 47.17 -6.44 26.54
CA ALA E 218 47.83 -7.11 25.41
C ALA E 218 48.94 -6.24 24.82
N LEU E 219 49.69 -5.57 25.67
CA LEU E 219 50.80 -4.75 25.22
C LEU E 219 51.91 -5.64 24.68
N LYS E 220 52.55 -5.19 23.61
CA LYS E 220 53.56 -5.96 22.90
C LYS E 220 54.56 -5.00 22.31
N LEU E 221 55.75 -5.50 22.00
CA LEU E 221 56.88 -4.63 21.68
C LEU E 221 57.55 -5.16 20.42
N ALA E 222 58.10 -4.25 19.61
CA ALA E 222 58.60 -4.62 18.29
C ALA E 222 59.96 -3.99 18.03
N ARG E 223 60.69 -4.60 17.10
CA ARG E 223 62.04 -4.16 16.77
C ARG E 223 62.00 -2.85 16.00
N PRO E 224 62.81 -1.86 16.36
CA PRO E 224 62.77 -0.57 15.66
C PRO E 224 63.27 -0.69 14.22
N SER E 225 62.76 0.21 13.38
CA SER E 225 63.12 0.21 11.98
C SER E 225 64.59 0.57 11.81
N PRO E 226 65.25 0.04 10.79
CA PRO E 226 66.69 0.27 10.62
C PRO E 226 67.06 1.71 10.40
N GLY E 227 67.75 2.31 11.36
CA GLY E 227 68.30 3.64 11.22
C GLY E 227 67.53 4.76 11.86
N MET E 228 66.78 4.49 12.92
CA MET E 228 66.04 5.57 13.58
C MET E 228 65.75 5.18 15.02
N VAL E 229 65.41 6.18 15.81
CA VAL E 229 65.26 6.04 17.26
C VAL E 229 63.78 6.16 17.59
N HIS E 230 63.15 5.04 17.94
CA HIS E 230 61.76 5.05 18.35
C HIS E 230 61.45 3.72 19.00
N VAL E 231 60.33 3.66 19.71
CA VAL E 231 59.93 2.45 20.43
C VAL E 231 58.61 1.97 19.86
N PRO E 232 58.61 1.14 18.83
CA PRO E 232 57.35 0.65 18.27
C PRO E 232 56.72 -0.43 19.14
N TYR E 233 55.40 -0.38 19.23
CA TYR E 233 54.63 -1.30 20.05
C TYR E 233 53.20 -1.34 19.55
N THR E 234 52.47 -2.38 19.92
CA THR E 234 51.05 -2.47 19.64
C THR E 234 50.33 -2.97 20.89
N GLN E 235 49.16 -2.41 21.16
CA GLN E 235 48.29 -2.94 22.20
C GLN E 235 46.84 -2.65 21.85
N THR E 236 45.95 -3.44 22.42
CA THR E 236 44.53 -3.28 22.15
C THR E 236 44.03 -1.96 22.74
N PRO E 237 43.23 -1.19 22.00
CA PRO E 237 42.74 0.07 22.53
C PRO E 237 41.78 -0.13 23.69
N SER E 238 41.61 0.93 24.46
CA SER E 238 41.02 0.82 25.80
C SER E 238 39.63 0.22 25.75
N GLY E 239 39.33 -0.64 26.73
CA GLY E 239 38.02 -1.22 26.86
C GLY E 239 37.01 -0.34 27.55
N PHE E 240 37.47 0.70 28.25
CA PHE E 240 36.54 1.69 28.77
C PHE E 240 35.93 2.50 27.64
N LYS E 241 36.73 2.89 26.65
CA LYS E 241 36.19 3.61 25.50
C LYS E 241 35.34 2.70 24.63
N TYR E 242 35.68 1.41 24.53
CA TYR E 242 34.81 0.47 23.85
C TYR E 242 33.48 0.35 24.56
N TRP E 243 33.49 0.27 25.89
CA TRP E 243 32.26 0.14 26.66
C TRP E 243 31.42 1.41 26.55
N LEU E 244 32.06 2.57 26.46
CA LEU E 244 31.32 3.82 26.35
C LEU E 244 30.54 3.94 25.05
N LYS E 245 30.81 3.08 24.06
CA LYS E 245 30.08 3.09 22.81
C LYS E 245 29.08 1.95 22.68
N GLU E 246 29.30 0.83 23.36
CA GLU E 246 28.38 -0.30 23.30
C GLU E 246 27.96 -0.74 24.69
N LYS E 247 27.80 0.22 25.60
CA LYS E 247 27.37 -0.12 26.95
C LYS E 247 25.97 -0.70 26.99
N GLY E 248 25.16 -0.46 25.97
CA GLY E 248 23.81 -0.98 25.93
C GLY E 248 22.78 0.05 26.32
N THR E 249 21.64 -0.40 26.83
CA THR E 249 20.59 0.49 27.32
C THR E 249 20.56 0.44 28.84
N ALA E 250 20.47 1.61 29.45
CA ALA E 250 20.58 1.71 30.89
C ALA E 250 19.31 1.27 31.58
N LEU E 251 19.42 0.99 32.87
CA LEU E 251 18.26 0.73 33.71
C LEU E 251 17.32 1.92 33.77
N ASN E 252 17.83 3.13 33.49
CA ASN E 252 16.97 4.30 33.52
C ASN E 252 15.92 4.23 32.42
N THR E 253 16.30 3.74 31.24
CA THR E 253 15.40 3.68 30.11
C THR E 253 14.39 2.56 30.23
N LYS E 254 14.79 1.41 30.75
CA LYS E 254 13.88 0.28 30.94
C LYS E 254 13.80 -0.02 32.42
N ALA E 255 12.64 0.13 33.00
CA ALA E 255 12.48 -0.20 34.41
C ALA E 255 11.00 -0.39 34.70
N PRO E 256 10.62 -1.53 35.24
CA PRO E 256 9.20 -1.80 35.46
C PRO E 256 8.60 -0.87 36.50
N PHE E 257 7.29 -0.67 36.38
CA PHE E 257 6.48 0.09 37.34
C PHE E 257 6.85 1.56 37.40
N GLY E 258 7.48 2.09 36.35
CA GLY E 258 7.81 3.50 36.34
C GLY E 258 8.80 3.94 37.39
N CYS E 259 9.78 3.09 37.71
CA CYS E 259 10.83 3.51 38.62
C CYS E 259 11.69 4.59 37.99
N GLN E 260 12.18 5.50 38.83
CA GLN E 260 13.06 6.57 38.39
C GLN E 260 14.42 6.37 39.04
N ILE E 261 15.36 5.82 38.28
CA ILE E 261 16.69 5.52 38.81
C ILE E 261 17.47 6.81 38.94
N LYS E 262 18.12 7.01 40.10
CA LYS E 262 18.65 8.32 40.41
C LYS E 262 20.12 8.34 40.81
N THR E 263 20.55 9.50 41.31
CA THR E 263 21.95 9.92 41.40
C THR E 263 22.68 9.27 42.57
N ASN E 264 23.81 9.86 42.96
CA ASN E 264 24.89 9.29 43.76
C ASN E 264 24.43 8.27 44.81
N PRO E 265 23.46 8.56 45.69
CA PRO E 265 22.86 7.45 46.43
C PRO E 265 21.99 6.64 45.48
N VAL E 266 22.48 5.48 45.03
CA VAL E 266 21.77 4.74 44.00
C VAL E 266 20.43 4.30 44.54
N ARG E 267 19.36 4.73 43.89
CA ARG E 267 18.02 4.50 44.41
C ARG E 267 17.01 4.49 43.27
N ALA E 268 15.89 3.81 43.52
CA ALA E 268 14.73 3.83 42.65
C ALA E 268 13.60 4.57 43.34
N MET E 269 13.01 5.54 42.65
CA MET E 269 12.02 6.43 43.23
C MET E 269 10.66 6.20 42.59
N ASN E 270 9.63 6.10 43.43
CA ASN E 270 8.24 6.07 43.00
C ASN E 270 7.93 4.87 42.12
N CYS E 271 8.32 3.69 42.59
CA CYS E 271 7.92 2.44 41.95
C CYS E 271 6.56 2.04 42.49
N ALA E 272 5.58 1.84 41.60
CA ALA E 272 4.22 1.52 42.01
C ALA E 272 4.09 0.01 42.13
N VAL E 273 4.47 -0.51 43.29
CA VAL E 273 4.33 -1.94 43.56
C VAL E 273 4.16 -2.14 45.07
N GLY E 274 3.33 -3.11 45.44
CA GLY E 274 3.17 -3.49 46.82
C GLY E 274 2.11 -2.70 47.56
N ASN E 275 1.91 -3.10 48.82
CA ASN E 275 1.01 -2.43 49.75
C ASN E 275 1.77 -2.11 51.02
N ILE E 276 1.40 -1.00 51.66
CA ILE E 276 2.05 -0.56 52.89
C ILE E 276 1.07 -0.78 54.04
N PRO E 277 1.33 -1.71 54.95
CA PRO E 277 0.48 -1.84 56.14
C PRO E 277 0.81 -0.78 57.17
N VAL E 278 -0.24 -0.17 57.74
CA VAL E 278 -0.11 0.91 58.70
C VAL E 278 -0.81 0.52 59.98
N SER E 279 -0.14 0.74 61.12
CA SER E 279 -0.75 0.61 62.43
C SER E 279 -0.61 1.94 63.15
N MET E 280 -1.61 2.28 63.96
CA MET E 280 -1.69 3.60 64.56
C MET E 280 -2.22 3.49 65.98
N ASN E 281 -1.93 4.53 66.78
CA ASN E 281 -2.30 4.59 68.19
C ASN E 281 -2.99 5.93 68.43
N LEU E 282 -4.30 5.96 68.25
CA LEU E 282 -5.05 7.21 68.33
C LEU E 282 -5.43 7.52 69.77
N PRO E 283 -5.13 8.71 70.28
CA PRO E 283 -5.63 9.09 71.60
C PRO E 283 -7.13 9.30 71.58
N ASP E 284 -7.74 9.17 72.76
CA ASP E 284 -9.17 9.38 72.88
C ASP E 284 -9.58 10.82 72.63
N SER E 285 -8.64 11.76 72.74
CA SER E 285 -8.96 13.15 72.45
C SER E 285 -9.18 13.41 70.97
N ALA E 286 -8.75 12.49 70.11
CA ALA E 286 -8.94 12.68 68.67
C ALA E 286 -10.37 12.38 68.24
N PHE E 287 -11.07 11.54 68.98
CA PHE E 287 -12.43 11.15 68.60
C PHE E 287 -13.41 12.25 68.98
N THR E 288 -14.70 11.94 68.90
CA THR E 288 -15.76 12.87 69.30
C THR E 288 -16.94 12.05 69.80
N ARG E 289 -17.48 12.43 70.95
CA ARG E 289 -18.57 11.69 71.55
C ARG E 289 -19.82 11.75 70.68
N ILE E 290 -20.62 10.68 70.74
CA ILE E 290 -21.79 10.57 69.87
C ILE E 290 -22.81 11.67 70.17
N VAL E 291 -22.86 12.15 71.42
CA VAL E 291 -23.79 13.21 71.74
C VAL E 291 -23.39 14.52 71.08
N GLU E 292 -22.10 14.75 70.96
CA GLU E 292 -21.62 15.92 70.27
C GLU E 292 -22.00 15.83 68.78
N ALA E 293 -22.07 14.61 68.27
CA ALA E 293 -22.30 14.36 66.85
C ALA E 293 -23.77 14.48 66.52
N PRO E 294 -24.15 15.30 65.54
CA PRO E 294 -25.56 15.39 65.15
C PRO E 294 -26.12 14.04 64.72
N THR E 295 -27.37 13.79 65.08
CA THR E 295 -28.03 12.54 64.78
C THR E 295 -28.70 12.62 63.42
N ILE E 296 -28.44 11.62 62.58
CA ILE E 296 -28.94 11.55 61.22
C ILE E 296 -29.86 10.35 61.11
N ILE E 297 -31.05 10.55 60.55
CA ILE E 297 -31.98 9.46 60.30
C ILE E 297 -32.59 9.64 58.92
N ASP E 298 -33.01 8.52 58.32
CA ASP E 298 -33.64 8.50 57.01
C ASP E 298 -32.74 9.11 55.94
N LEU E 299 -31.60 8.47 55.71
CA LEU E 299 -30.64 8.91 54.71
C LEU E 299 -30.94 8.24 53.37
N THR E 300 -31.03 9.06 52.32
CA THR E 300 -31.27 8.60 50.96
C THR E 300 -30.20 9.17 50.05
N CYS E 301 -29.68 8.34 49.15
CA CYS E 301 -28.57 8.70 48.28
C CYS E 301 -29.01 8.52 46.83
N THR E 302 -29.10 9.62 46.09
CA THR E 302 -29.48 9.58 44.69
C THR E 302 -28.38 10.22 43.84
N VAL E 303 -28.14 9.64 42.66
CA VAL E 303 -26.99 9.98 41.84
C VAL E 303 -27.43 10.91 40.73
N ALA E 304 -26.76 12.06 40.62
CA ALA E 304 -27.09 13.03 39.58
C ALA E 304 -26.39 12.71 38.28
N THR E 305 -25.08 12.53 38.32
CA THR E 305 -24.26 12.31 37.14
C THR E 305 -23.33 11.13 37.39
N CYS E 306 -22.99 10.41 36.34
CA CYS E 306 -22.18 9.21 36.46
C CYS E 306 -21.48 8.99 35.13
N THR E 307 -20.16 9.17 35.10
CA THR E 307 -19.33 8.86 33.94
C THR E 307 -18.06 8.20 34.44
N HIS E 308 -17.81 6.98 34.01
CA HIS E 308 -16.69 6.22 34.58
C HIS E 308 -15.41 6.65 33.87
N SER E 309 -14.90 7.80 34.29
CA SER E 309 -13.68 8.39 33.78
C SER E 309 -12.59 8.33 34.84
N SER E 310 -11.45 8.93 34.52
CA SER E 310 -10.28 8.84 35.40
C SER E 310 -10.38 9.76 36.60
N ASP E 311 -11.01 10.91 36.46
CA ASP E 311 -11.15 11.84 37.56
C ASP E 311 -12.46 11.58 38.31
N PHE E 312 -12.87 12.50 39.17
CA PHE E 312 -14.12 12.35 39.93
C PHE E 312 -15.29 12.75 39.04
N GLY E 313 -15.74 11.79 38.23
CA GLY E 313 -16.79 12.04 37.27
C GLY E 313 -18.19 11.63 37.69
N GLY E 314 -18.42 11.48 38.98
CA GLY E 314 -19.73 11.12 39.48
C GLY E 314 -20.16 12.02 40.62
N VAL E 315 -21.45 12.28 40.68
CA VAL E 315 -22.05 13.18 41.67
C VAL E 315 -23.21 12.46 42.34
N LEU E 316 -23.26 12.51 43.67
CA LEU E 316 -24.39 11.97 44.44
C LEU E 316 -24.84 13.00 45.46
N THR E 317 -26.13 13.05 45.71
CA THR E 317 -26.71 13.93 46.71
C THR E 317 -27.32 13.10 47.83
N LEU E 318 -27.17 13.57 49.07
CA LEU E 318 -27.70 12.89 50.24
C LEU E 318 -28.83 13.70 50.85
N THR E 319 -29.98 13.09 51.03
CA THR E 319 -31.10 13.70 51.74
C THR E 319 -31.15 13.14 53.16
N TYR E 320 -31.36 14.03 54.12
CA TYR E 320 -31.31 13.64 55.53
C TYR E 320 -32.15 14.61 56.34
N LYS E 321 -32.32 14.29 57.61
CA LYS E 321 -32.86 15.21 58.60
C LYS E 321 -32.05 15.10 59.87
N THR E 322 -31.57 16.25 60.36
CA THR E 322 -30.68 16.31 61.51
C THR E 322 -31.31 17.13 62.61
N ASP E 323 -30.95 16.80 63.85
CA ASP E 323 -31.43 17.59 64.99
C ASP E 323 -30.71 18.92 65.06
N LYS E 324 -29.39 18.90 64.92
CA LYS E 324 -28.58 20.11 65.00
C LYS E 324 -27.46 20.18 63.95
N ASN E 325 -26.99 21.40 63.68
CA ASN E 325 -25.94 21.61 62.70
C ASN E 325 -24.59 21.18 63.26
N GLY E 326 -23.76 20.60 62.41
CA GLY E 326 -22.46 20.15 62.86
C GLY E 326 -21.61 19.66 61.71
N ASP E 327 -20.61 18.84 62.05
CA ASP E 327 -19.70 18.25 61.09
C ASP E 327 -19.81 16.74 61.17
N CYS E 328 -20.01 16.11 60.02
CA CYS E 328 -20.07 14.65 59.93
C CYS E 328 -19.02 14.18 58.92
N SER E 329 -18.57 12.93 59.09
CA SER E 329 -17.53 12.36 58.26
C SER E 329 -18.13 11.32 57.34
N VAL E 330 -17.92 11.50 56.03
CA VAL E 330 -18.48 10.60 55.02
C VAL E 330 -17.45 9.52 54.70
N HIS E 331 -17.95 8.38 54.25
CA HIS E 331 -17.08 7.28 53.85
C HIS E 331 -17.83 6.39 52.87
N SER E 332 -17.07 5.62 52.11
CA SER E 332 -17.62 4.64 51.17
C SER E 332 -17.02 3.27 51.48
N HIS E 333 -17.87 2.26 51.61
CA HIS E 333 -17.45 0.95 52.09
C HIS E 333 -17.20 -0.04 50.97
N SER E 334 -16.82 0.45 49.79
CA SER E 334 -16.38 -0.39 48.71
C SER E 334 -15.30 0.34 47.93
N ASN E 335 -14.35 -0.40 47.39
CA ASN E 335 -13.31 0.18 46.55
C ASN E 335 -13.80 0.47 45.14
N VAL E 336 -15.03 0.08 44.81
CA VAL E 336 -15.58 0.35 43.49
C VAL E 336 -15.89 1.82 43.28
N ALA E 337 -15.93 2.61 44.35
CA ALA E 337 -16.12 4.05 44.23
C ALA E 337 -15.28 4.75 45.29
N THR E 338 -14.58 5.81 44.87
CA THR E 338 -13.69 6.57 45.74
C THR E 338 -14.28 7.95 45.93
N LEU E 339 -14.39 8.37 47.19
CA LEU E 339 -14.95 9.69 47.52
C LEU E 339 -13.88 10.76 47.53
N GLN E 340 -14.21 11.91 46.97
CA GLN E 340 -13.24 13.01 46.90
C GLN E 340 -13.05 13.69 48.25
N GLU E 341 -14.13 13.83 49.02
CA GLU E 341 -14.12 14.55 50.29
C GLU E 341 -14.11 13.57 51.45
N ALA E 342 -13.50 14.00 52.55
CA ALA E 342 -13.41 13.16 53.75
C ALA E 342 -14.53 13.46 54.74
N THR E 343 -14.92 14.72 54.88
CA THR E 343 -15.98 15.14 55.77
C THR E 343 -16.92 16.08 55.03
N ALA E 344 -17.96 16.51 55.73
CA ALA E 344 -18.96 17.42 55.16
C ALA E 344 -19.61 18.20 56.28
N LYS E 345 -20.31 19.26 55.91
CA LYS E 345 -21.08 20.08 56.85
C LYS E 345 -22.54 19.66 56.77
N VAL E 346 -23.08 19.19 57.88
CA VAL E 346 -24.47 18.80 57.96
C VAL E 346 -25.27 19.98 58.50
N LYS E 347 -26.34 20.34 57.79
CA LYS E 347 -27.14 21.52 58.12
C LYS E 347 -28.59 21.12 58.35
N THR E 348 -29.31 21.98 59.06
CA THR E 348 -30.65 21.63 59.55
C THR E 348 -31.59 21.30 58.39
N ALA E 349 -31.58 22.13 57.35
CA ALA E 349 -32.42 21.91 56.18
C ALA E 349 -31.56 21.96 54.93
N GLY E 350 -31.68 20.93 54.10
CA GLY E 350 -30.95 20.85 52.86
C GLY E 350 -30.32 19.50 52.69
N LYS E 351 -29.39 19.43 51.73
CA LYS E 351 -28.72 18.20 51.35
C LYS E 351 -27.22 18.44 51.36
N VAL E 352 -26.47 17.39 51.01
CA VAL E 352 -25.04 17.48 50.77
C VAL E 352 -24.76 16.78 49.45
N THR E 353 -23.81 17.32 48.68
CA THR E 353 -23.43 16.73 47.41
C THR E 353 -21.96 16.32 47.47
N LEU E 354 -21.67 15.09 47.04
CA LEU E 354 -20.33 14.54 47.06
C LEU E 354 -19.96 14.03 45.68
N HIS E 355 -18.66 14.11 45.37
CA HIS E 355 -18.12 13.61 44.11
C HIS E 355 -17.39 12.29 44.35
N PHE E 356 -17.47 11.41 43.36
CA PHE E 356 -16.81 10.12 43.45
C PHE E 356 -16.26 9.72 42.09
N SER E 357 -15.35 8.76 42.10
CA SER E 357 -14.72 8.26 40.89
C SER E 357 -14.89 6.75 40.81
N THR E 358 -15.17 6.24 39.63
CA THR E 358 -15.41 4.81 39.45
C THR E 358 -15.01 4.42 38.04
N ALA E 359 -14.89 3.10 37.83
CA ALA E 359 -14.58 2.55 36.53
C ALA E 359 -15.60 1.52 36.07
N SER E 360 -16.69 1.35 36.82
CA SER E 360 -17.71 0.37 36.50
C SER E 360 -18.87 1.04 35.77
N ALA E 361 -19.45 0.31 34.82
CA ALA E 361 -20.62 0.82 34.11
C ALA E 361 -21.85 0.88 34.98
N SER E 362 -21.81 0.30 36.18
CA SER E 362 -22.93 0.33 37.11
C SER E 362 -22.42 0.12 38.52
N PRO E 363 -21.85 1.14 39.14
CA PRO E 363 -21.36 1.00 40.52
C PRO E 363 -22.51 0.86 41.49
N SER E 364 -22.20 0.25 42.64
CA SER E 364 -23.19 0.09 43.70
C SER E 364 -22.45 -0.09 45.00
N PHE E 365 -22.64 0.83 45.93
CA PHE E 365 -21.87 0.88 47.16
C PHE E 365 -22.73 1.52 48.23
N VAL E 366 -22.20 1.53 49.46
CA VAL E 366 -22.88 2.14 50.59
C VAL E 366 -22.04 3.30 51.09
N VAL E 367 -22.67 4.46 51.22
CA VAL E 367 -22.04 5.66 51.76
C VAL E 367 -22.60 5.89 53.16
N SER E 368 -21.72 6.03 54.13
CA SER E 368 -22.11 6.19 55.52
C SER E 368 -21.85 7.62 55.95
N LEU E 369 -22.90 8.43 56.01
CA LEU E 369 -22.81 9.68 56.74
C LEU E 369 -22.53 9.38 58.21
N CYS E 370 -22.14 10.42 58.96
CA CYS E 370 -21.41 10.25 60.20
C CYS E 370 -21.89 9.08 61.07
N SER E 371 -23.18 8.79 61.08
CA SER E 371 -23.62 7.54 61.70
C SER E 371 -24.63 6.74 60.89
N ALA E 372 -25.37 7.36 59.97
CA ALA E 372 -26.35 6.66 59.16
C ALA E 372 -25.66 5.86 58.06
N ARG E 373 -26.45 5.16 57.25
CA ARG E 373 -25.92 4.36 56.16
C ARG E 373 -26.97 4.28 55.06
N ALA E 374 -26.59 4.69 53.85
CA ALA E 374 -27.48 4.62 52.70
C ALA E 374 -26.76 3.94 51.55
N THR E 375 -27.53 3.25 50.72
CA THR E 375 -26.99 2.50 49.60
C THR E 375 -27.16 3.31 48.32
N CYS E 376 -26.06 3.57 47.62
CA CYS E 376 -26.08 4.29 46.36
C CYS E 376 -25.89 3.31 45.21
N SER E 377 -26.72 3.44 44.18
CA SER E 377 -26.61 2.65 42.97
C SER E 377 -26.78 3.57 41.78
N ALA E 378 -25.87 3.46 40.81
CA ALA E 378 -25.80 4.41 39.71
C ALA E 378 -25.67 3.66 38.39
N SER E 379 -25.65 4.43 37.30
CA SER E 379 -25.45 3.91 35.94
C SER E 379 -24.51 4.87 35.24
N CYS E 380 -23.21 4.61 35.35
CA CYS E 380 -22.20 5.43 34.70
C CYS E 380 -22.11 5.12 33.21
N GLU E 381 -21.54 6.07 32.48
CA GLU E 381 -21.36 5.98 31.03
C GLU E 381 -19.89 6.16 30.68
N PRO E 382 -19.43 5.59 29.58
CA PRO E 382 -18.01 5.72 29.23
C PRO E 382 -17.68 7.15 28.83
N PRO E 383 -16.42 7.56 28.98
CA PRO E 383 -16.00 8.87 28.51
C PRO E 383 -15.81 8.88 27.00
N LYS E 384 -15.40 10.04 26.48
CA LYS E 384 -15.12 10.20 25.07
C LYS E 384 -13.65 10.45 24.76
N ASP E 385 -12.87 10.88 25.74
CA ASP E 385 -11.46 11.17 25.56
C ASP E 385 -10.64 9.91 25.75
N HIS E 386 -9.77 9.61 24.78
CA HIS E 386 -8.98 8.38 24.85
C HIS E 386 -7.85 8.52 25.87
N ILE E 387 -7.04 9.56 25.75
CA ILE E 387 -5.80 9.71 26.50
C ILE E 387 -5.96 10.86 27.49
N VAL E 388 -5.41 10.70 28.68
CA VAL E 388 -5.40 11.77 29.70
C VAL E 388 -3.99 11.92 30.25
N PRO E 389 -3.61 13.11 30.74
CA PRO E 389 -2.25 13.29 31.27
C PRO E 389 -2.11 12.99 32.76
N TYR E 390 -3.05 12.28 33.36
CA TYR E 390 -3.01 11.99 34.78
C TYR E 390 -3.46 10.56 35.03
N ALA E 391 -3.11 10.03 36.19
CA ALA E 391 -3.46 8.67 36.56
C ALA E 391 -4.89 8.59 37.06
N ALA E 392 -5.43 7.38 37.05
CA ALA E 392 -6.79 7.15 37.51
C ALA E 392 -6.92 7.42 39.00
N SER E 393 -8.02 8.06 39.37
CA SER E 393 -8.31 8.37 40.76
C SER E 393 -9.01 7.24 41.49
N HIS E 394 -9.16 6.10 40.84
CA HIS E 394 -9.92 4.98 41.36
C HIS E 394 -9.05 3.74 41.36
N SER E 395 -9.59 2.65 41.88
CA SER E 395 -9.02 1.32 41.73
C SER E 395 -9.82 0.59 40.66
N ASN E 396 -9.12 -0.09 39.76
CA ASN E 396 -9.74 -0.58 38.54
C ASN E 396 -10.69 -1.74 38.79
N VAL E 397 -11.81 -1.47 39.46
CA VAL E 397 -12.85 -2.47 39.68
C VAL E 397 -13.89 -2.27 38.59
N VAL E 398 -14.03 -3.27 37.72
CA VAL E 398 -14.85 -3.14 36.53
C VAL E 398 -16.12 -3.98 36.59
N PHE E 399 -16.11 -5.09 37.32
CA PHE E 399 -17.24 -6.02 37.31
C PHE E 399 -18.49 -5.33 37.85
N PRO E 400 -19.59 -5.33 37.11
CA PRO E 400 -20.79 -4.64 37.58
C PRO E 400 -21.46 -5.41 38.70
N ASP E 401 -22.30 -4.70 39.45
CA ASP E 401 -23.05 -5.34 40.51
C ASP E 401 -24.42 -5.71 39.98
N MET E 402 -24.97 -6.81 40.52
CA MET E 402 -26.29 -7.27 40.11
C MET E 402 -27.33 -6.21 40.41
N SER E 403 -28.42 -6.25 39.65
CA SER E 403 -29.44 -5.20 39.48
C SER E 403 -28.94 -4.13 38.51
N GLY E 404 -27.74 -4.28 37.96
CA GLY E 404 -27.38 -3.53 36.77
C GLY E 404 -28.06 -4.11 35.55
N THR E 405 -27.93 -3.42 34.43
CA THR E 405 -28.65 -3.81 33.24
C THR E 405 -28.21 -5.18 32.73
N ALA E 406 -26.90 -5.37 32.56
CA ALA E 406 -26.41 -6.61 31.97
C ALA E 406 -26.65 -7.80 32.89
N LEU E 407 -26.30 -7.67 34.16
CA LEU E 407 -26.51 -8.76 35.10
C LEU E 407 -27.99 -9.02 35.32
N SER E 408 -28.85 -7.99 35.24
CA SER E 408 -30.28 -8.21 35.36
C SER E 408 -30.84 -8.96 34.16
N TRP E 409 -30.37 -8.64 32.95
CA TRP E 409 -30.77 -9.40 31.79
C TRP E 409 -30.37 -10.87 31.92
N VAL E 410 -29.13 -11.10 32.36
CA VAL E 410 -28.68 -12.48 32.57
C VAL E 410 -29.54 -13.17 33.61
N GLN E 411 -29.85 -12.48 34.70
CA GLN E 411 -30.68 -13.05 35.76
C GLN E 411 -32.05 -13.44 35.25
N LYS E 412 -32.68 -12.56 34.46
CA LYS E 412 -34.02 -12.86 33.95
C LYS E 412 -33.99 -14.06 33.02
N ILE E 413 -33.03 -14.11 32.10
CA ILE E 413 -32.97 -15.23 31.16
C ILE E 413 -32.71 -16.53 31.90
N SER E 414 -31.74 -16.52 32.83
CA SER E 414 -31.42 -17.74 33.57
C SER E 414 -32.57 -18.16 34.48
N GLY E 415 -33.32 -17.20 35.01
CA GLY E 415 -34.48 -17.55 35.81
C GLY E 415 -35.58 -18.20 34.99
N GLY E 416 -35.78 -17.71 33.77
CA GLY E 416 -36.70 -18.39 32.87
C GLY E 416 -36.25 -19.81 32.56
N LEU E 417 -34.96 -19.98 32.30
CA LEU E 417 -34.43 -21.33 32.05
C LEU E 417 -34.63 -22.23 33.26
N GLY E 418 -34.37 -21.72 34.46
CA GLY E 418 -34.56 -22.51 35.66
C GLY E 418 -36.02 -22.87 35.89
N ALA E 419 -36.93 -21.93 35.62
CA ALA E 419 -38.35 -22.23 35.75
C ALA E 419 -38.77 -23.34 34.79
N PHE E 420 -38.30 -23.27 33.54
CA PHE E 420 -38.61 -24.34 32.59
C PHE E 420 -38.04 -25.67 33.03
N ALA E 421 -36.79 -25.66 33.54
CA ALA E 421 -36.16 -26.90 33.98
C ALA E 421 -36.91 -27.51 35.16
N ILE E 422 -37.31 -26.70 36.14
CA ILE E 422 -38.01 -27.25 37.29
C ILE E 422 -39.41 -27.70 36.91
N GLY E 423 -40.05 -27.03 35.94
CA GLY E 423 -41.33 -27.52 35.44
C GLY E 423 -41.19 -28.89 34.81
N ALA E 424 -40.16 -29.08 33.97
CA ALA E 424 -39.94 -30.39 33.38
C ALA E 424 -39.65 -31.44 34.44
N ILE E 425 -38.85 -31.09 35.45
CA ILE E 425 -38.53 -32.04 36.52
C ILE E 425 -39.80 -32.44 37.26
N LEU E 426 -40.65 -31.47 37.59
CA LEU E 426 -41.89 -31.79 38.30
C LEU E 426 -42.80 -32.67 37.46
N VAL E 427 -42.90 -32.40 36.15
CA VAL E 427 -43.75 -33.22 35.30
C VAL E 427 -43.24 -34.65 35.27
N LEU E 428 -41.94 -34.84 35.10
CA LEU E 428 -41.37 -36.19 35.09
C LEU E 428 -41.58 -36.88 36.42
N VAL E 429 -41.44 -36.14 37.53
CA VAL E 429 -41.57 -36.76 38.84
C VAL E 429 -43.01 -37.18 39.09
N VAL E 430 -43.97 -36.37 38.65
CA VAL E 430 -45.38 -36.76 38.80
C VAL E 430 -45.67 -38.00 37.98
N VAL E 431 -45.15 -38.06 36.75
CA VAL E 431 -45.35 -39.26 35.93
C VAL E 431 -44.76 -40.49 36.63
N THR E 432 -43.55 -40.37 37.17
CA THR E 432 -42.94 -41.51 37.85
C THR E 432 -43.73 -41.92 39.08
N CYS E 433 -44.22 -40.93 39.85
CA CYS E 433 -45.02 -41.23 41.04
C CYS E 433 -46.27 -42.00 40.67
N ILE E 434 -46.94 -41.60 39.59
CA ILE E 434 -48.06 -42.39 39.09
C ILE E 434 -47.59 -43.78 38.67
N GLY E 435 -46.37 -43.85 38.12
CA GLY E 435 -45.86 -45.13 37.63
C GLY E 435 -45.65 -46.17 38.71
N LEU E 436 -45.16 -45.76 39.88
CA LEU E 436 -44.92 -46.75 40.93
C LEU E 436 -46.21 -47.34 41.51
N ARG E 437 -47.37 -46.81 41.18
CA ARG E 437 -48.61 -47.42 41.63
C ARG E 437 -48.90 -48.66 40.80
N GLY F 1 -59.69 -84.40 26.76
CA GLY F 1 -60.83 -83.52 26.61
C GLY F 1 -60.85 -82.78 25.29
N LYS F 2 -61.57 -81.66 25.24
CA LYS F 2 -61.65 -80.83 24.05
C LYS F 2 -60.97 -79.48 24.20
N ARG F 3 -60.74 -79.01 25.43
CA ARG F 3 -60.00 -77.77 25.62
C ARG F 3 -58.59 -77.89 25.08
N GLU F 4 -57.90 -79.00 25.41
CA GLU F 4 -56.58 -79.24 24.86
C GLU F 4 -56.62 -79.54 23.37
N ARG F 5 -57.77 -79.99 22.86
CA ARG F 5 -57.94 -80.14 21.42
C ARG F 5 -57.92 -78.78 20.73
N MET F 6 -58.75 -77.86 21.23
CA MET F 6 -58.97 -76.60 20.54
C MET F 6 -57.83 -75.60 20.77
N CYS F 7 -57.24 -75.61 21.96
CA CYS F 7 -56.17 -74.67 22.27
C CYS F 7 -54.97 -74.86 21.34
N MET F 8 -54.64 -76.12 21.03
CA MET F 8 -53.56 -76.38 20.10
C MET F 8 -53.88 -75.82 18.72
N LYS F 9 -55.12 -75.96 18.27
CA LYS F 9 -55.51 -75.43 16.97
C LYS F 9 -55.39 -73.92 16.93
N ILE F 10 -55.87 -73.24 17.98
CA ILE F 10 -55.72 -71.79 18.03
C ILE F 10 -54.25 -71.40 18.15
N GLU F 11 -53.52 -72.06 19.04
CA GLU F 11 -52.12 -71.76 19.24
C GLU F 11 -51.26 -72.10 18.03
N ASN F 12 -51.79 -72.84 17.06
CA ASN F 12 -50.99 -73.24 15.91
C ASN F 12 -50.51 -72.03 15.12
N ASP F 13 -51.41 -71.10 14.82
CA ASP F 13 -51.05 -69.93 14.03
C ASP F 13 -50.96 -68.65 14.88
N CYS F 14 -51.15 -68.77 16.19
CA CYS F 14 -50.95 -67.63 17.08
C CYS F 14 -49.54 -67.56 17.64
N ILE F 15 -48.65 -68.43 17.20
CA ILE F 15 -47.26 -68.46 17.67
C ILE F 15 -46.34 -68.22 16.49
N PHE F 16 -45.33 -67.37 16.69
CA PHE F 16 -44.27 -67.12 15.71
C PHE F 16 -42.97 -67.03 16.50
N GLU F 17 -42.28 -68.16 16.60
CA GLU F 17 -41.10 -68.26 17.45
C GLU F 17 -39.99 -67.34 16.96
N VAL F 18 -38.98 -67.16 17.82
CA VAL F 18 -37.86 -66.27 17.55
C VAL F 18 -36.57 -67.09 17.64
N LYS F 19 -35.68 -66.90 16.67
CA LYS F 19 -34.50 -67.74 16.51
C LYS F 19 -33.25 -66.94 16.83
N HIS F 20 -32.37 -67.51 17.66
CA HIS F 20 -31.10 -66.89 18.02
C HIS F 20 -29.99 -67.68 17.34
N GLU F 21 -29.41 -67.09 16.28
CA GLU F 21 -28.48 -67.76 15.37
C GLU F 21 -28.89 -69.22 15.12
N GLY F 22 -30.18 -69.41 14.85
CA GLY F 22 -30.71 -70.72 14.57
C GLY F 22 -31.21 -71.50 15.77
N LYS F 23 -31.26 -70.89 16.95
CA LYS F 23 -31.72 -71.57 18.15
C LYS F 23 -33.03 -70.94 18.61
N VAL F 24 -34.03 -71.78 18.90
CA VAL F 24 -35.30 -71.29 19.42
C VAL F 24 -35.12 -70.83 20.86
N THR F 25 -35.58 -69.62 21.14
CA THR F 25 -35.43 -69.04 22.47
C THR F 25 -36.72 -68.47 23.06
N GLY F 26 -37.75 -68.23 22.25
CA GLY F 26 -38.98 -67.69 22.75
C GLY F 26 -40.06 -67.75 21.70
N TYR F 27 -41.18 -67.10 21.98
CA TYR F 27 -42.32 -67.09 21.07
C TYR F 27 -42.95 -65.71 21.06
N ALA F 28 -43.58 -65.38 19.94
CA ALA F 28 -44.33 -64.14 19.78
C ALA F 28 -45.79 -64.50 19.51
N CYS F 29 -46.69 -63.89 20.28
CA CYS F 29 -48.11 -64.17 20.17
C CYS F 29 -48.80 -63.07 19.40
N LEU F 30 -49.77 -63.44 18.57
CA LEU F 30 -50.54 -62.50 17.75
C LEU F 30 -51.94 -62.43 18.35
N VAL F 31 -52.12 -61.54 19.32
CA VAL F 31 -53.38 -61.40 20.03
C VAL F 31 -53.88 -59.97 19.90
N GLY F 32 -55.10 -59.82 19.41
CA GLY F 32 -55.82 -58.56 19.49
C GLY F 32 -55.11 -57.32 18.96
N ASP F 33 -54.92 -57.24 17.66
CA ASP F 33 -54.40 -56.06 16.98
C ASP F 33 -52.96 -55.72 17.34
N LYS F 34 -52.27 -56.58 18.10
CA LYS F 34 -50.92 -56.28 18.50
C LYS F 34 -50.09 -57.56 18.55
N VAL F 35 -48.87 -57.48 18.00
CA VAL F 35 -47.87 -58.53 18.14
C VAL F 35 -47.06 -58.22 19.39
N MET F 36 -46.96 -59.18 20.29
CA MET F 36 -46.21 -58.96 21.52
C MET F 36 -45.34 -60.16 21.86
N LYS F 37 -44.24 -59.88 22.58
CA LYS F 37 -43.27 -60.88 22.99
C LYS F 37 -42.50 -60.31 24.16
N PRO F 38 -41.93 -61.16 25.02
CA PRO F 38 -41.13 -60.65 26.13
C PRO F 38 -39.83 -60.03 25.64
N ALA F 39 -39.24 -59.20 26.50
CA ALA F 39 -38.07 -58.42 26.13
C ALA F 39 -36.74 -59.11 26.44
N HIS F 40 -36.76 -60.25 27.12
CA HIS F 40 -35.50 -60.90 27.48
C HIS F 40 -35.00 -61.87 26.43
N VAL F 41 -35.85 -62.31 25.52
CA VAL F 41 -35.43 -63.20 24.45
C VAL F 41 -34.80 -62.35 23.34
N LYS F 42 -33.78 -62.91 22.71
CA LYS F 42 -33.05 -62.28 21.61
C LYS F 42 -33.39 -62.98 20.30
N GLY F 43 -32.73 -62.51 19.23
CA GLY F 43 -32.92 -63.08 17.92
C GLY F 43 -33.89 -62.31 17.06
N VAL F 44 -34.36 -62.97 16.02
CA VAL F 44 -35.30 -62.40 15.06
C VAL F 44 -36.48 -63.33 14.93
N ILE F 45 -37.70 -62.75 14.89
CA ILE F 45 -38.89 -63.55 14.69
C ILE F 45 -38.80 -64.24 13.34
N ASP F 46 -39.09 -65.54 13.31
CA ASP F 46 -38.91 -66.32 12.10
C ASP F 46 -39.89 -65.90 11.01
N ASN F 47 -40.98 -65.23 11.36
CA ASN F 47 -41.95 -64.80 10.37
C ASN F 47 -41.34 -63.77 9.42
N ALA F 48 -41.70 -63.87 8.14
CA ALA F 48 -41.14 -62.97 7.15
C ALA F 48 -41.64 -61.56 7.34
N ASP F 49 -42.96 -61.39 7.48
CA ASP F 49 -43.54 -60.06 7.57
C ASP F 49 -43.29 -59.41 8.93
N LEU F 50 -43.15 -60.22 9.98
CA LEU F 50 -42.99 -59.70 11.33
C LEU F 50 -41.54 -59.45 11.70
N ALA F 51 -40.61 -59.67 10.78
CA ALA F 51 -39.20 -59.42 11.09
C ALA F 51 -38.91 -57.92 11.18
N LYS F 52 -39.51 -57.13 10.30
CA LYS F 52 -39.17 -55.71 10.17
C LYS F 52 -40.39 -54.87 10.58
N LEU F 53 -40.50 -54.61 11.89
CA LEU F 53 -41.46 -53.66 12.41
C LEU F 53 -40.77 -52.81 13.46
N ALA F 54 -41.46 -51.76 13.90
CA ALA F 54 -40.93 -50.84 14.91
C ALA F 54 -41.53 -51.22 16.26
N PHE F 55 -40.91 -52.20 16.90
CA PHE F 55 -41.37 -52.66 18.21
C PHE F 55 -41.08 -51.61 19.27
N LYS F 56 -41.97 -51.54 20.27
CA LYS F 56 -41.79 -50.67 21.41
C LYS F 56 -41.43 -51.52 22.62
N LYS F 57 -40.30 -51.23 23.23
CA LYS F 57 -39.78 -52.02 24.35
C LYS F 57 -40.03 -51.28 25.66
N SER F 58 -40.44 -52.03 26.68
CA SER F 58 -40.67 -51.49 28.02
C SER F 58 -39.96 -52.40 29.01
N SER F 59 -38.81 -51.94 29.51
CA SER F 59 -38.03 -52.74 30.44
C SER F 59 -38.73 -52.98 31.76
N LYS F 60 -39.71 -52.13 32.11
CA LYS F 60 -40.43 -52.32 33.37
C LYS F 60 -41.31 -53.55 33.33
N TYR F 61 -42.07 -53.72 32.25
CA TYR F 61 -42.99 -54.85 32.11
C TYR F 61 -42.36 -56.03 31.38
N ASP F 62 -41.11 -55.91 30.95
CA ASP F 62 -40.41 -56.99 30.26
C ASP F 62 -41.18 -57.45 29.02
N LEU F 63 -41.77 -56.50 28.31
CA LEU F 63 -42.65 -56.81 27.19
C LEU F 63 -42.32 -55.89 26.02
N GLU F 64 -42.63 -56.36 24.82
CA GLU F 64 -42.35 -55.63 23.59
C GLU F 64 -43.50 -55.86 22.62
N CYS F 65 -44.15 -54.77 22.19
CA CYS F 65 -45.35 -54.86 21.38
C CYS F 65 -45.24 -54.00 20.12
N ALA F 66 -45.87 -54.48 19.05
CA ALA F 66 -45.91 -53.78 17.77
C ALA F 66 -47.33 -53.80 17.25
N GLN F 67 -47.51 -53.27 16.04
CA GLN F 67 -48.81 -53.23 15.37
C GLN F 67 -48.82 -54.27 14.26
N ILE F 68 -49.73 -55.23 14.37
CA ILE F 68 -49.72 -56.38 13.44
C ILE F 68 -50.04 -55.89 12.03
N PRO F 69 -49.38 -56.42 11.00
CA PRO F 69 -49.78 -56.12 9.63
C PRO F 69 -51.29 -56.23 9.44
N VAL F 70 -51.80 -55.44 8.50
CA VAL F 70 -53.23 -55.47 8.23
C VAL F 70 -53.62 -56.78 7.57
N HIS F 71 -52.81 -57.27 6.64
CA HIS F 71 -53.19 -58.43 5.83
C HIS F 71 -53.04 -59.76 6.57
N MET F 72 -52.86 -59.75 7.89
CA MET F 72 -52.97 -60.99 8.65
C MET F 72 -53.73 -60.81 9.96
N ARG F 73 -54.66 -59.84 10.03
CA ARG F 73 -55.43 -59.65 11.24
C ARG F 73 -56.35 -60.84 11.54
N SER F 74 -56.81 -61.53 10.50
CA SER F 74 -57.75 -62.63 10.70
C SER F 74 -57.16 -63.77 11.51
N ASP F 75 -55.84 -63.92 11.51
CA ASP F 75 -55.16 -64.96 12.26
C ASP F 75 -54.74 -64.48 13.65
N ALA F 76 -55.67 -63.90 14.39
CA ALA F 76 -55.41 -63.33 15.70
C ALA F 76 -56.36 -63.92 16.72
N SER F 77 -55.84 -64.21 17.91
CA SER F 77 -56.61 -64.87 18.94
C SER F 77 -57.54 -63.88 19.63
N LYS F 78 -58.13 -64.31 20.73
CA LYS F 78 -59.04 -63.48 21.52
C LYS F 78 -58.42 -63.21 22.88
N TYR F 79 -58.69 -62.03 23.42
CA TYR F 79 -58.10 -61.57 24.66
C TYR F 79 -59.18 -61.27 25.67
N THR F 80 -58.79 -61.24 26.94
CA THR F 80 -59.71 -60.93 28.02
C THR F 80 -58.92 -60.52 29.26
N HIS F 81 -59.63 -59.93 30.21
CA HIS F 81 -59.04 -59.48 31.46
C HIS F 81 -59.58 -60.18 32.69
N GLU F 82 -60.83 -60.64 32.66
CA GLU F 82 -61.41 -61.33 33.79
C GLU F 82 -60.80 -62.72 33.93
N LYS F 83 -60.33 -63.04 35.14
CA LYS F 83 -59.63 -64.30 35.41
C LYS F 83 -60.13 -64.85 36.74
N PRO F 84 -61.31 -65.45 36.76
CA PRO F 84 -61.85 -65.96 38.03
C PRO F 84 -61.14 -67.21 38.49
N GLU F 85 -61.57 -67.75 39.62
CA GLU F 85 -60.96 -68.97 40.15
C GLU F 85 -61.24 -70.15 39.23
N GLY F 86 -60.30 -71.09 39.20
CA GLY F 86 -60.44 -72.25 38.36
C GLY F 86 -59.15 -72.72 37.74
N HIS F 87 -59.23 -73.37 36.59
CA HIS F 87 -58.08 -73.95 35.91
C HIS F 87 -58.01 -73.41 34.49
N TYR F 88 -56.80 -73.30 33.98
CA TYR F 88 -56.56 -72.60 32.72
C TYR F 88 -55.66 -73.45 31.84
N ASN F 89 -55.78 -73.23 30.53
CA ASN F 89 -55.11 -74.06 29.55
C ASN F 89 -53.68 -73.59 29.32
N TRP F 90 -52.85 -74.51 28.81
CA TRP F 90 -51.47 -74.22 28.52
C TRP F 90 -50.98 -75.18 27.45
N HIS F 91 -49.89 -74.83 26.79
CA HIS F 91 -49.30 -75.71 25.78
C HIS F 91 -48.74 -76.97 26.41
N HIS F 92 -47.99 -76.82 27.50
CA HIS F 92 -47.39 -77.97 28.17
C HIS F 92 -48.22 -78.44 29.36
N GLY F 93 -49.51 -78.70 29.12
CA GLY F 93 -50.40 -79.22 30.13
C GLY F 93 -51.50 -78.23 30.49
N ALA F 94 -51.83 -78.16 31.77
CA ALA F 94 -52.87 -77.28 32.27
C ALA F 94 -52.38 -76.56 33.51
N VAL F 95 -52.95 -75.37 33.75
CA VAL F 95 -52.58 -74.52 34.87
C VAL F 95 -53.83 -74.08 35.60
N GLN F 96 -53.66 -73.71 36.87
CA GLN F 96 -54.78 -73.22 37.67
C GLN F 96 -54.36 -71.96 38.40
N TYR F 97 -55.29 -71.00 38.48
CA TYR F 97 -55.05 -69.69 39.08
C TYR F 97 -55.72 -69.65 40.44
N SER F 98 -54.91 -69.58 41.50
CA SER F 98 -55.44 -69.65 42.86
C SER F 98 -54.72 -68.64 43.73
N GLY F 99 -55.48 -67.74 44.36
CA GLY F 99 -54.91 -66.79 45.30
C GLY F 99 -53.91 -65.83 44.69
N GLY F 100 -54.13 -65.42 43.45
CA GLY F 100 -53.24 -64.49 42.79
C GLY F 100 -51.94 -65.08 42.29
N ARG F 101 -51.75 -66.38 42.39
CA ARG F 101 -50.55 -67.06 41.91
C ARG F 101 -50.96 -68.13 40.91
N PHE F 102 -50.37 -68.08 39.72
CA PHE F 102 -50.56 -69.14 38.74
C PHE F 102 -49.65 -70.30 39.13
N THR F 103 -50.24 -71.43 39.48
CA THR F 103 -49.49 -72.56 40.01
C THR F 103 -49.29 -73.63 38.94
N ILE F 104 -48.08 -74.18 38.90
CA ILE F 104 -47.74 -75.32 38.06
C ILE F 104 -46.90 -76.29 38.88
N PRO F 105 -47.16 -77.60 38.83
CA PRO F 105 -46.23 -78.55 39.45
C PRO F 105 -44.86 -78.45 38.81
N THR F 106 -43.81 -78.55 39.62
CA THR F 106 -42.47 -78.33 39.11
C THR F 106 -42.09 -79.40 38.09
N GLY F 107 -41.15 -79.05 37.23
CA GLY F 107 -40.72 -79.95 36.18
C GLY F 107 -41.38 -79.62 34.85
N ALA F 108 -42.64 -79.18 34.90
CA ALA F 108 -43.36 -78.81 33.68
C ALA F 108 -42.99 -77.38 33.30
N GLY F 109 -42.44 -77.22 32.11
CA GLY F 109 -42.01 -75.90 31.65
C GLY F 109 -40.51 -75.70 31.78
N LYS F 110 -39.83 -75.77 30.67
CA LYS F 110 -38.38 -75.63 30.67
C LYS F 110 -37.98 -74.22 30.25
N PRO F 111 -36.80 -73.75 30.66
CA PRO F 111 -36.31 -72.48 30.11
C PRO F 111 -36.22 -72.55 28.59
N GLY F 112 -37.06 -71.78 27.92
CA GLY F 112 -37.17 -71.85 26.48
C GLY F 112 -38.60 -71.73 26.01
N ASP F 113 -39.55 -71.70 26.95
CA ASP F 113 -40.97 -71.54 26.66
C ASP F 113 -41.52 -70.27 27.29
N SER F 114 -40.78 -69.18 27.17
CA SER F 114 -41.26 -67.86 27.58
C SER F 114 -42.02 -67.23 26.43
N GLY F 115 -43.23 -66.75 26.72
CA GLY F 115 -44.09 -66.20 25.70
C GLY F 115 -45.26 -67.09 25.33
N ARG F 116 -45.42 -68.23 25.99
CA ARG F 116 -46.56 -69.08 25.73
C ARG F 116 -47.81 -68.45 26.30
N PRO F 117 -48.81 -68.15 25.49
CA PRO F 117 -50.06 -67.59 26.03
C PRO F 117 -50.79 -68.62 26.88
N ILE F 118 -51.54 -68.13 27.85
CA ILE F 118 -52.37 -68.96 28.72
C ILE F 118 -53.82 -68.69 28.35
N PHE F 119 -54.54 -69.74 27.98
CA PHE F 119 -55.93 -69.65 27.54
C PHE F 119 -56.87 -70.06 28.65
N ASP F 120 -58.15 -69.72 28.45
CA ASP F 120 -59.23 -70.25 29.26
C ASP F 120 -59.92 -71.37 28.50
N ASN F 121 -60.98 -71.90 29.08
CA ASN F 121 -61.74 -72.96 28.41
C ASN F 121 -62.34 -72.49 27.10
N LYS F 122 -62.48 -71.18 26.91
CA LYS F 122 -63.09 -70.62 25.72
C LYS F 122 -62.06 -70.12 24.71
N GLY F 123 -60.79 -70.46 24.90
CA GLY F 123 -59.75 -70.06 23.95
C GLY F 123 -59.48 -68.57 23.89
N ARG F 124 -59.41 -67.90 25.03
CA ARG F 124 -59.15 -66.47 25.11
C ARG F 124 -57.94 -66.24 26.00
N VAL F 125 -56.92 -65.57 25.46
CA VAL F 125 -55.65 -65.44 26.14
C VAL F 125 -55.79 -64.53 27.36
N VAL F 126 -55.21 -64.94 28.48
CA VAL F 126 -55.25 -64.16 29.71
C VAL F 126 -53.88 -63.71 30.18
N ALA F 127 -52.80 -64.29 29.67
CA ALA F 127 -51.50 -64.09 30.30
C ALA F 127 -50.39 -64.48 29.34
N ILE F 128 -49.16 -64.18 29.73
CA ILE F 128 -47.96 -64.57 29.00
C ILE F 128 -46.87 -64.91 30.01
N VAL F 129 -46.19 -66.03 29.81
CA VAL F 129 -45.24 -66.56 30.78
C VAL F 129 -43.90 -65.85 30.64
N LEU F 130 -43.22 -65.65 31.78
CA LEU F 130 -41.91 -65.02 31.79
C LEU F 130 -40.86 -65.76 32.61
N GLY F 131 -41.26 -66.70 33.46
CA GLY F 131 -40.30 -67.40 34.30
C GLY F 131 -41.01 -68.22 35.34
N GLY F 132 -40.22 -68.77 36.27
CA GLY F 132 -40.77 -69.64 37.28
C GLY F 132 -39.92 -69.65 38.54
N ALA F 133 -40.52 -70.18 39.61
CA ALA F 133 -39.86 -70.27 40.91
C ALA F 133 -40.39 -71.49 41.64
N ASN F 134 -39.50 -72.40 42.01
CA ASN F 134 -39.91 -73.61 42.71
C ASN F 134 -40.29 -73.30 44.15
N GLU F 135 -41.45 -73.78 44.57
CA GLU F 135 -41.89 -73.73 45.96
C GLU F 135 -42.21 -75.16 46.35
N GLY F 136 -41.20 -75.88 46.85
CA GLY F 136 -41.36 -77.28 47.17
C GLY F 136 -41.55 -78.13 45.94
N SER F 137 -42.75 -78.67 45.76
CA SER F 137 -43.07 -79.56 44.65
C SER F 137 -43.71 -78.84 43.47
N ARG F 138 -43.97 -77.54 43.57
CA ARG F 138 -44.68 -76.80 42.54
C ARG F 138 -43.87 -75.56 42.17
N THR F 139 -44.36 -74.83 41.16
CA THR F 139 -43.71 -73.61 40.70
C THR F 139 -44.76 -72.54 40.44
N ALA F 140 -44.43 -71.30 40.79
CA ALA F 140 -45.24 -70.14 40.47
C ALA F 140 -44.63 -69.40 39.30
N LEU F 141 -45.48 -68.89 38.41
CA LEU F 141 -45.03 -68.28 37.17
C LEU F 141 -44.85 -66.77 37.35
N SER F 142 -43.70 -66.26 36.95
CA SER F 142 -43.56 -64.83 36.67
C SER F 142 -44.32 -64.54 35.39
N VAL F 143 -45.40 -63.79 35.49
CA VAL F 143 -46.35 -63.65 34.39
C VAL F 143 -46.73 -62.19 34.22
N VAL F 144 -46.84 -61.76 32.96
CA VAL F 144 -47.39 -60.45 32.62
C VAL F 144 -48.84 -60.62 32.20
N THR F 145 -49.74 -59.89 32.85
CA THR F 145 -51.17 -60.04 32.60
C THR F 145 -51.80 -58.70 32.27
N TRP F 146 -53.12 -58.64 32.20
CA TRP F 146 -53.82 -57.42 31.84
C TRP F 146 -54.91 -57.10 32.84
N ASN F 147 -55.39 -55.87 32.77
CA ASN F 147 -56.60 -55.43 33.46
C ASN F 147 -57.52 -54.83 32.41
N LYS F 148 -58.58 -54.15 32.86
CA LYS F 148 -59.49 -53.55 31.89
C LYS F 148 -58.79 -52.49 31.05
N ASP F 149 -57.77 -51.82 31.61
CA ASP F 149 -57.15 -50.70 30.91
C ASP F 149 -55.66 -50.91 30.65
N MET F 150 -54.87 -51.21 31.68
CA MET F 150 -53.41 -51.28 31.55
C MET F 150 -52.92 -52.71 31.70
N VAL F 151 -51.75 -52.97 31.11
CA VAL F 151 -51.05 -54.23 31.28
C VAL F 151 -50.37 -54.24 32.62
N THR F 152 -50.30 -55.42 33.24
CA THR F 152 -49.71 -55.58 34.56
C THR F 152 -48.77 -56.77 34.55
N ARG F 153 -47.68 -56.67 35.32
CA ARG F 153 -46.73 -57.75 35.46
C ARG F 153 -46.62 -58.12 36.93
N VAL F 154 -46.81 -59.40 37.24
CA VAL F 154 -46.68 -59.92 38.60
C VAL F 154 -45.61 -61.00 38.60
N THR F 155 -44.68 -60.91 39.55
CA THR F 155 -43.54 -61.81 39.62
C THR F 155 -43.40 -62.32 41.05
N PRO F 156 -43.21 -63.63 41.23
CA PRO F 156 -43.04 -64.17 42.59
C PRO F 156 -41.67 -63.86 43.17
N GLU F 157 -41.38 -64.43 44.33
CA GLU F 157 -40.13 -64.15 45.04
C GLU F 157 -39.10 -65.22 44.70
N GLY F 158 -37.91 -64.77 44.30
CA GLY F 158 -36.83 -65.68 43.96
C GLY F 158 -37.09 -66.54 42.75
N SER F 159 -37.56 -65.93 41.67
CA SER F 159 -37.86 -66.66 40.45
C SER F 159 -36.66 -66.70 39.52
N GLU F 160 -36.62 -67.73 38.67
CA GLU F 160 -35.62 -67.87 37.64
C GLU F 160 -36.16 -67.28 36.33
N GLU F 161 -35.32 -67.30 35.29
CA GLU F 161 -35.66 -66.71 34.00
C GLU F 161 -35.70 -67.81 32.95
N TRP F 162 -36.77 -67.84 32.17
CA TRP F 162 -36.94 -68.86 31.14
C TRP F 162 -36.80 -68.28 29.75
N VAL G 2 22.13 59.47 -6.49
CA VAL G 2 21.54 60.79 -6.69
C VAL G 2 21.37 61.51 -5.34
N SER G 3 20.25 62.20 -5.19
CA SER G 3 20.02 63.00 -3.98
C SER G 3 19.29 62.20 -2.91
N GLN G 4 18.09 61.73 -3.20
CA GLN G 4 17.25 61.04 -2.23
C GLN G 4 17.40 59.52 -2.26
N HIS G 5 18.35 59.00 -3.04
CA HIS G 5 18.53 57.56 -3.14
C HIS G 5 18.99 56.98 -1.81
N PHE G 6 19.88 57.69 -1.11
CA PHE G 6 20.32 57.33 0.23
C PHE G 6 19.79 58.30 1.27
N ASN G 7 18.74 59.05 0.93
CA ASN G 7 18.05 59.83 1.94
C ASN G 7 17.38 58.93 2.97
N VAL G 8 17.14 57.67 2.63
CA VAL G 8 16.53 56.74 3.58
C VAL G 8 17.49 56.38 4.70
N TYR G 9 18.77 56.24 4.38
CA TYR G 9 19.74 55.79 5.37
C TYR G 9 20.32 56.91 6.21
N LYS G 10 19.90 58.15 5.99
CA LYS G 10 20.33 59.23 6.87
C LYS G 10 19.55 59.24 8.17
N ALA G 11 18.39 58.58 8.23
CA ALA G 11 17.52 58.60 9.39
C ALA G 11 17.66 57.37 10.26
N THR G 12 18.56 56.44 9.93
CA THR G 12 18.69 55.17 10.63
C THR G 12 20.15 54.94 11.02
N ARG G 13 20.34 54.20 12.11
CA ARG G 13 21.66 53.94 12.67
C ARG G 13 21.84 52.46 12.93
N PRO G 14 23.09 51.98 12.92
CA PRO G 14 23.35 50.61 13.34
C PRO G 14 23.23 50.46 14.85
N TYR G 15 23.03 49.23 15.30
CA TYR G 15 22.75 48.98 16.71
C TYR G 15 23.59 47.82 17.21
N ILE G 16 23.39 47.48 18.49
CA ILE G 16 24.08 46.40 19.16
C ILE G 16 23.02 45.44 19.69
N ALA G 17 23.17 44.16 19.36
CA ALA G 17 22.28 43.12 19.86
C ALA G 17 23.10 41.97 20.39
N TYR G 18 22.42 41.00 20.98
CA TYR G 18 23.04 39.88 21.68
C TYR G 18 23.33 38.75 20.69
N CYS G 19 24.59 38.36 20.61
CA CYS G 19 25.02 37.21 19.82
C CYS G 19 25.50 36.14 20.78
N ALA G 20 24.94 34.94 20.69
CA ALA G 20 25.18 33.87 21.65
C ALA G 20 26.42 33.06 21.35
N ASP G 21 27.13 33.35 20.26
CA ASP G 21 28.38 32.67 19.95
C ASP G 21 29.19 33.63 19.08
N CYS G 22 30.17 34.28 19.68
CA CYS G 22 30.91 35.36 19.03
C CYS G 22 32.23 34.87 18.46
N GLY G 23 32.27 33.64 17.96
CA GLY G 23 33.41 33.09 17.28
C GLY G 23 34.26 32.16 18.12
N ALA G 24 34.25 32.34 19.44
CA ALA G 24 35.05 31.53 20.35
C ALA G 24 34.21 30.63 21.23
N GLY G 25 32.91 30.53 20.97
CA GLY G 25 32.04 29.72 21.79
C GLY G 25 31.42 30.44 22.97
N HIS G 26 31.64 31.74 23.10
CA HIS G 26 31.11 32.53 24.20
C HIS G 26 30.15 33.58 23.67
N SER G 27 29.21 33.96 24.52
CA SER G 27 28.24 34.99 24.15
C SER G 27 28.83 36.38 24.36
N CYS G 28 28.20 37.37 23.75
CA CYS G 28 28.64 38.76 23.85
C CYS G 28 27.54 39.65 23.31
N HIS G 29 27.80 40.96 23.32
CA HIS G 29 26.93 41.95 22.69
C HIS G 29 27.63 42.41 21.42
N SER G 30 27.07 42.05 20.29
CA SER G 30 27.88 42.20 19.09
C SER G 30 27.37 43.35 18.23
N PRO G 31 28.28 44.03 17.53
CA PRO G 31 27.87 45.00 16.52
C PRO G 31 27.57 44.39 15.16
N VAL G 32 27.68 43.06 15.02
CA VAL G 32 27.44 42.38 13.76
C VAL G 32 26.48 41.21 13.97
N ALA G 33 25.59 41.31 14.95
CA ALA G 33 24.68 40.22 15.26
C ALA G 33 23.77 39.90 14.07
N ILE G 34 23.65 38.62 13.74
CA ILE G 34 22.85 38.20 12.60
C ILE G 34 21.39 38.10 13.01
N GLU G 35 20.51 38.69 12.21
CA GLU G 35 19.09 38.71 12.48
C GLU G 35 18.31 37.64 11.73
N ALA G 36 18.59 37.43 10.44
CA ALA G 36 17.86 36.44 9.67
C ALA G 36 18.67 36.09 8.42
N VAL G 37 18.49 34.86 7.96
CA VAL G 37 19.04 34.41 6.69
C VAL G 37 17.88 33.97 5.82
N ARG G 38 17.77 34.57 4.63
CA ARG G 38 16.73 34.23 3.67
C ARG G 38 17.35 33.41 2.55
N SER G 39 16.76 32.25 2.27
CA SER G 39 17.22 31.36 1.21
C SER G 39 16.01 31.02 0.36
N GLU G 40 15.69 31.91 -0.59
CA GLU G 40 14.57 31.73 -1.49
C GLU G 40 14.99 31.60 -2.93
N ALA G 41 16.17 32.10 -3.29
CA ALA G 41 16.68 31.98 -4.65
C ALA G 41 17.00 30.52 -4.93
N THR G 42 16.35 29.97 -5.96
CA THR G 42 16.64 28.60 -6.38
C THR G 42 18.02 28.48 -7.00
N ASP G 43 18.65 29.61 -7.30
CA ASP G 43 20.02 29.65 -7.78
C ASP G 43 21.00 29.04 -6.78
N GLY G 44 20.72 29.16 -5.49
CA GLY G 44 21.66 28.76 -4.46
C GLY G 44 22.23 29.91 -3.66
N MET G 45 21.68 31.10 -3.80
CA MET G 45 22.20 32.29 -3.14
C MET G 45 21.36 32.64 -1.93
N LEU G 46 22.02 33.08 -0.87
CA LEU G 46 21.36 33.36 0.40
C LEU G 46 21.72 34.77 0.86
N LYS G 47 20.79 35.38 1.58
CA LYS G 47 20.85 36.79 1.93
C LYS G 47 20.84 36.96 3.45
N ILE G 48 21.88 37.58 3.98
CA ILE G 48 22.07 37.71 5.42
C ILE G 48 21.73 39.13 5.85
N GLN G 49 20.99 39.26 6.94
CA GLN G 49 20.70 40.54 7.56
C GLN G 49 21.33 40.58 8.95
N PHE G 50 22.12 41.62 9.23
CA PHE G 50 22.85 41.69 10.48
C PHE G 50 22.68 43.10 11.04
N SER G 51 23.48 43.44 12.05
CA SER G 51 23.25 44.66 12.80
C SER G 51 23.97 45.89 12.24
N ALA G 52 25.15 45.73 11.65
CA ALA G 52 25.89 46.86 11.13
C ALA G 52 25.34 47.27 9.76
N GLN G 53 25.95 48.29 9.15
CA GLN G 53 25.51 48.81 7.87
C GLN G 53 26.69 48.90 6.91
N ILE G 54 26.43 48.64 5.63
CA ILE G 54 27.45 48.54 4.60
C ILE G 54 27.22 49.62 3.56
N GLY G 55 28.31 50.23 3.10
CA GLY G 55 28.24 51.24 2.07
C GLY G 55 27.85 52.63 2.55
N ILE G 56 27.74 52.83 3.86
CA ILE G 56 27.34 54.10 4.44
C ILE G 56 28.44 54.52 5.40
N ASP G 57 28.53 55.83 5.63
CA ASP G 57 29.54 56.40 6.50
C ASP G 57 28.89 56.98 7.75
N LYS G 58 29.70 57.19 8.79
CA LYS G 58 29.18 57.90 9.96
C LYS G 58 28.88 59.34 9.62
N SER G 59 29.64 59.93 8.69
CA SER G 59 29.27 61.20 8.09
C SER G 59 28.02 61.09 7.23
N ASP G 60 27.46 59.89 7.13
CA ASP G 60 26.11 59.66 6.60
C ASP G 60 26.03 59.90 5.10
N ASN G 61 27.07 59.43 4.40
CA ASN G 61 27.17 59.57 2.95
C ASN G 61 27.61 58.24 2.32
N HIS G 62 27.26 58.03 1.07
CA HIS G 62 27.62 56.80 0.37
C HIS G 62 29.13 56.68 0.19
N ASP G 63 29.67 55.51 0.52
CA ASP G 63 31.09 55.23 0.34
C ASP G 63 31.24 53.72 0.27
N TYR G 64 31.53 53.20 -0.92
CA TYR G 64 31.54 51.76 -1.12
C TYR G 64 32.78 51.08 -0.57
N THR G 65 33.63 51.80 0.13
CA THR G 65 34.82 51.24 0.75
C THR G 65 34.75 51.25 2.27
N LYS G 66 33.56 51.42 2.85
CA LYS G 66 33.41 51.50 4.29
C LYS G 66 32.11 50.84 4.74
N ILE G 67 32.11 50.41 6.00
CA ILE G 67 30.92 49.93 6.67
C ILE G 67 30.81 50.69 7.99
N ARG G 68 29.60 50.76 8.51
CA ARG G 68 29.29 51.62 9.64
C ARG G 68 28.67 50.79 10.76
N TYR G 69 29.38 50.65 11.87
CA TYR G 69 28.90 49.90 13.02
C TYR G 69 28.80 50.80 14.24
N ALA G 70 28.16 50.29 15.29
CA ALA G 70 27.89 51.06 16.50
C ALA G 70 28.61 50.41 17.67
N ASP G 71 29.44 51.19 18.36
CA ASP G 71 30.12 50.77 19.57
C ASP G 71 29.87 51.80 20.66
N GLY G 72 29.55 51.32 21.86
CA GLY G 72 29.18 52.24 22.92
C GLY G 72 27.96 53.03 22.52
N HIS G 73 28.06 54.36 22.63
CA HIS G 73 27.07 55.27 22.05
C HIS G 73 27.54 55.89 20.75
N ALA G 74 28.79 55.70 20.37
CA ALA G 74 29.35 56.31 19.19
C ALA G 74 28.99 55.48 17.95
N ILE G 75 29.44 55.96 16.80
CA ILE G 75 29.22 55.27 15.53
C ILE G 75 30.51 55.36 14.73
N GLU G 76 31.29 54.28 14.71
CA GLU G 76 32.61 54.30 14.10
C GLU G 76 32.52 53.83 12.65
N ASN G 77 33.68 53.64 12.02
CA ASN G 77 33.76 53.17 10.65
C ASN G 77 34.76 52.02 10.56
N ALA G 78 34.55 51.15 9.57
CA ALA G 78 35.42 50.01 9.36
C ALA G 78 35.63 49.81 7.86
N VAL G 79 36.71 49.11 7.53
CA VAL G 79 37.06 48.87 6.14
C VAL G 79 36.16 47.75 5.59
N ARG G 80 35.56 48.00 4.42
CA ARG G 80 34.69 47.00 3.83
C ARG G 80 35.46 45.77 3.36
N SER G 81 36.73 45.94 3.00
CA SER G 81 37.53 44.79 2.56
C SER G 81 37.84 43.82 3.69
N SER G 82 37.32 44.06 4.89
CA SER G 82 37.51 43.16 6.02
C SER G 82 36.30 42.28 6.30
N LEU G 83 35.24 42.39 5.51
CA LEU G 83 34.04 41.61 5.71
C LEU G 83 34.27 40.18 5.21
N LYS G 84 33.90 39.20 6.03
CA LYS G 84 34.04 37.80 5.71
C LYS G 84 32.76 37.06 6.06
N VAL G 85 32.36 36.13 5.20
CA VAL G 85 31.25 35.23 5.45
C VAL G 85 31.76 33.81 5.28
N ALA G 86 31.30 32.91 6.13
CA ALA G 86 31.85 31.56 6.13
C ALA G 86 30.80 30.53 6.49
N THR G 87 31.09 29.30 6.10
CA THR G 87 30.41 28.07 6.44
C THR G 87 31.55 27.08 6.66
N SER G 88 31.32 25.79 6.44
CA SER G 88 32.42 24.85 6.37
C SER G 88 33.62 25.39 5.59
N GLY G 89 33.38 26.29 4.62
CA GLY G 89 34.44 27.00 3.94
C GLY G 89 34.05 28.44 3.67
N ASP G 90 34.99 29.19 3.11
CA ASP G 90 34.77 30.60 2.79
C ASP G 90 33.77 30.75 1.65
N CYS G 91 33.11 31.91 1.63
CA CYS G 91 32.04 32.20 0.69
C CYS G 91 32.40 33.39 -0.19
N PHE G 92 31.67 33.52 -1.29
CA PHE G 92 31.84 34.62 -2.23
C PHE G 92 30.73 35.64 -2.00
N VAL G 93 31.11 36.90 -1.80
CA VAL G 93 30.16 37.98 -1.57
C VAL G 93 29.80 38.59 -2.91
N HIS G 94 28.51 38.60 -3.24
CA HIS G 94 28.04 39.05 -4.54
C HIS G 94 27.43 40.45 -4.53
N GLY G 95 27.11 40.99 -3.36
CA GLY G 95 26.50 42.29 -3.29
C GLY G 95 26.13 42.68 -1.87
N THR G 96 26.35 43.94 -1.51
CA THR G 96 26.11 44.41 -0.15
C THR G 96 25.57 45.82 -0.19
N MET G 97 24.55 46.10 0.61
CA MET G 97 24.05 47.46 0.77
C MET G 97 23.25 47.53 2.06
N GLY G 98 23.73 48.32 3.01
CA GLY G 98 22.95 48.53 4.22
C GLY G 98 23.02 47.32 5.12
N HIS G 99 21.86 46.83 5.53
CA HIS G 99 21.78 45.73 6.48
C HIS G 99 21.91 44.35 5.84
N PHE G 100 22.09 44.26 4.53
CA PHE G 100 21.96 43.00 3.82
C PHE G 100 23.23 42.65 3.06
N ILE G 101 23.64 41.39 3.15
CA ILE G 101 24.74 40.80 2.39
C ILE G 101 24.14 39.79 1.44
N LEU G 102 24.79 39.60 0.28
CA LEU G 102 24.32 38.69 -0.75
C LEU G 102 25.48 37.75 -1.08
N ALA G 103 25.48 36.55 -0.50
CA ALA G 103 26.63 35.65 -0.54
C ALA G 103 26.21 34.28 -1.10
N LYS G 104 27.22 33.52 -1.52
CA LYS G 104 27.00 32.17 -2.06
C LYS G 104 28.04 31.24 -1.43
N CYS G 105 27.58 30.29 -0.61
CA CYS G 105 28.39 29.58 0.36
C CYS G 105 28.46 28.09 0.06
N PRO G 106 29.53 27.42 0.50
CA PRO G 106 29.57 25.94 0.44
C PRO G 106 28.71 25.33 1.52
N PRO G 107 28.32 24.06 1.38
CA PRO G 107 27.49 23.42 2.41
C PRO G 107 28.19 23.30 3.75
N GLY G 108 27.43 23.44 4.81
CA GLY G 108 27.99 23.38 6.15
C GLY G 108 26.94 23.70 7.18
N GLU G 109 27.27 23.38 8.43
CA GLU G 109 26.29 23.34 9.50
C GLU G 109 26.16 24.65 10.28
N PHE G 110 26.87 25.71 9.89
CA PHE G 110 26.77 26.98 10.58
C PHE G 110 27.10 28.11 9.61
N LEU G 111 26.84 29.33 10.04
CA LEU G 111 27.17 30.53 9.28
C LEU G 111 27.82 31.56 10.19
N GLN G 112 28.85 32.23 9.69
CA GLN G 112 29.58 33.22 10.46
C GLN G 112 29.93 34.43 9.62
N VAL G 113 29.79 35.63 10.22
CA VAL G 113 30.20 36.89 9.61
C VAL G 113 31.14 37.59 10.56
N SER G 114 32.07 38.37 10.01
CA SER G 114 33.08 39.01 10.85
C SER G 114 33.64 40.23 10.15
N ILE G 115 34.00 41.25 10.95
CA ILE G 115 34.62 42.48 10.46
C ILE G 115 35.74 42.91 11.41
N GLN G 116 36.59 43.81 10.92
CA GLN G 116 37.63 44.45 11.71
C GLN G 116 37.08 45.74 12.31
N ASP G 117 37.30 45.94 13.61
CA ASP G 117 36.88 47.19 14.23
C ASP G 117 38.00 48.22 14.09
N THR G 118 37.80 49.40 14.68
CA THR G 118 38.79 50.47 14.57
C THR G 118 40.10 50.09 15.26
N ARG G 119 40.02 49.39 16.38
CA ARG G 119 41.21 48.86 17.04
C ARG G 119 41.79 47.65 16.34
N ASN G 120 41.18 47.22 15.23
CA ASN G 120 41.64 46.12 14.37
C ASN G 120 41.44 44.75 15.01
N ALA G 121 40.59 44.63 16.02
CA ALA G 121 40.19 43.32 16.49
C ALA G 121 39.12 42.74 15.58
N VAL G 122 38.86 41.45 15.74
CA VAL G 122 37.87 40.75 14.92
C VAL G 122 36.61 40.59 15.74
N ARG G 123 35.50 41.11 15.23
CA ARG G 123 34.18 40.95 15.84
C ARG G 123 33.35 40.04 14.94
N ALA G 124 32.85 38.95 15.51
CA ALA G 124 32.18 37.91 14.74
C ALA G 124 30.89 37.48 15.43
N CYS G 125 29.96 36.98 14.63
CA CYS G 125 28.76 36.31 15.11
C CYS G 125 28.62 34.99 14.35
N ARG G 126 28.24 33.94 15.07
CA ARG G 126 28.13 32.61 14.51
C ARG G 126 26.78 32.01 14.91
N ILE G 127 26.08 31.44 13.94
CA ILE G 127 24.77 30.85 14.19
C ILE G 127 24.69 29.49 13.50
N GLN G 128 23.71 28.70 13.93
CA GLN G 128 23.48 27.37 13.37
C GLN G 128 22.58 27.49 12.14
N TYR G 129 23.07 27.03 11.01
CA TYR G 129 22.34 27.12 9.75
C TYR G 129 22.68 25.92 8.88
N HIS G 130 21.67 25.28 8.31
CA HIS G 130 21.89 23.97 7.68
C HIS G 130 22.52 24.09 6.30
N HIS G 131 21.83 24.71 5.34
CA HIS G 131 22.41 25.07 4.04
C HIS G 131 22.97 23.86 3.29
N ASP G 132 22.06 23.04 2.77
CA ASP G 132 22.41 22.03 1.77
C ASP G 132 21.70 22.35 0.46
N PRO G 133 22.33 23.10 -0.45
CA PRO G 133 21.65 23.50 -1.68
C PRO G 133 21.86 22.55 -2.84
N GLN G 134 20.80 22.35 -3.62
CA GLN G 134 20.85 21.53 -4.81
C GLN G 134 20.30 22.30 -6.00
N PRO G 135 20.81 22.04 -7.20
CA PRO G 135 20.45 22.84 -8.37
C PRO G 135 19.12 22.40 -8.99
N VAL G 136 18.78 23.05 -10.10
CA VAL G 136 17.56 22.74 -10.82
C VAL G 136 17.81 21.60 -11.80
N GLY G 137 16.74 20.90 -12.16
CA GLY G 137 16.84 19.79 -13.06
C GLY G 137 16.83 18.45 -12.35
N ARG G 138 17.28 17.43 -13.07
CA ARG G 138 17.29 16.06 -12.58
C ARG G 138 18.71 15.53 -12.37
N GLU G 139 19.68 16.42 -12.19
CA GLU G 139 21.06 16.02 -11.95
C GLU G 139 21.66 16.91 -10.88
N LYS G 140 22.39 16.32 -9.93
CA LYS G 140 22.96 17.05 -8.81
C LYS G 140 24.43 17.38 -9.09
N PHE G 141 24.63 18.26 -10.06
CA PHE G 141 25.98 18.65 -10.45
C PHE G 141 26.53 19.67 -9.46
N THR G 142 27.77 20.08 -9.67
CA THR G 142 28.42 21.05 -8.80
C THR G 142 28.82 22.34 -9.51
N ILE G 143 29.17 22.27 -10.79
CA ILE G 143 29.69 23.43 -11.52
C ILE G 143 29.14 23.39 -12.93
N ARG G 144 28.81 24.57 -13.46
CA ARG G 144 28.18 24.65 -14.77
C ARG G 144 29.14 24.16 -15.86
N PRO G 145 28.65 23.40 -16.82
CA PRO G 145 29.51 22.92 -17.90
C PRO G 145 29.67 23.98 -18.99
N HIS G 146 30.54 23.67 -19.95
CA HIS G 146 30.64 24.52 -21.12
C HIS G 146 29.60 24.18 -22.17
N TYR G 147 28.92 23.05 -22.04
CA TYR G 147 27.90 22.63 -23.00
C TYR G 147 26.75 22.01 -22.24
N GLY G 148 25.59 22.63 -22.29
CA GLY G 148 24.42 22.09 -21.62
C GLY G 148 23.12 22.66 -22.12
N LYS G 149 22.13 22.69 -21.25
CA LYS G 149 20.79 23.14 -21.54
C LYS G 149 20.45 24.26 -20.57
N GLU G 150 19.44 25.05 -20.92
CA GLU G 150 19.01 26.15 -20.07
C GLU G 150 17.68 25.80 -19.40
N ILE G 151 17.58 26.15 -18.12
CA ILE G 151 16.39 25.89 -17.32
C ILE G 151 16.09 27.15 -16.51
N PRO G 152 14.84 27.56 -16.37
CA PRO G 152 14.54 28.74 -15.55
C PRO G 152 14.86 28.52 -14.08
N CYS G 153 15.52 29.51 -13.48
CA CYS G 153 15.80 29.56 -12.06
C CYS G 153 15.60 30.99 -11.57
N THR G 154 15.47 31.15 -10.27
CA THR G 154 15.35 32.47 -9.65
C THR G 154 16.62 32.83 -8.91
N THR G 155 16.76 34.12 -8.62
CA THR G 155 17.93 34.63 -7.93
C THR G 155 17.57 35.91 -7.19
N TYR G 156 18.56 36.48 -6.50
CA TYR G 156 18.44 37.79 -5.88
C TYR G 156 19.22 38.77 -6.74
N GLN G 157 18.52 39.65 -7.44
CA GLN G 157 19.17 40.59 -8.32
C GLN G 157 19.92 41.64 -7.52
N GLN G 158 21.04 42.11 -8.07
CA GLN G 158 21.93 43.04 -7.38
C GLN G 158 21.59 44.50 -7.69
N THR G 159 20.33 44.81 -7.94
CA THR G 159 19.88 46.16 -8.17
C THR G 159 19.03 46.63 -7.00
N THR G 160 19.09 47.94 -6.73
CA THR G 160 18.36 48.54 -5.61
C THR G 160 16.93 48.86 -6.05
N ALA G 161 16.15 47.79 -6.23
CA ALA G 161 14.74 47.91 -6.57
C ALA G 161 13.92 47.93 -5.28
N LYS G 162 13.25 49.04 -5.04
CA LYS G 162 12.57 49.31 -3.77
C LYS G 162 11.06 49.13 -3.89
N THR G 163 10.62 48.09 -4.62
CA THR G 163 9.20 47.95 -4.89
C THR G 163 8.43 47.57 -3.63
N VAL G 164 8.72 46.40 -3.07
CA VAL G 164 7.95 45.86 -1.96
C VAL G 164 8.96 45.45 -0.90
N GLU G 165 8.52 44.75 0.15
CA GLU G 165 9.40 44.19 1.17
C GLU G 165 10.13 45.29 1.95
N GLU G 166 9.36 45.98 2.77
CA GLU G 166 9.94 46.91 3.72
C GLU G 166 10.38 46.17 4.99
N ILE G 167 10.92 46.92 5.95
CA ILE G 167 11.18 46.42 7.30
C ILE G 167 10.78 47.50 8.30
N ASP G 168 10.26 47.08 9.45
CA ASP G 168 9.81 48.01 10.47
C ASP G 168 10.99 48.62 11.21
N MET G 169 10.84 49.89 11.60
CA MET G 169 11.90 50.62 12.27
C MET G 169 11.30 51.58 13.29
N HIS G 170 11.76 51.51 14.53
CA HIS G 170 11.24 52.34 15.61
C HIS G 170 12.37 53.15 16.23
N MET G 171 12.02 53.93 17.26
CA MET G 171 12.98 54.72 18.01
C MET G 171 13.72 53.84 19.01
N PRO G 172 15.03 54.02 19.17
CA PRO G 172 15.77 53.25 20.15
C PRO G 172 15.27 53.56 21.55
N PRO G 173 15.33 52.59 22.46
CA PRO G 173 14.90 52.83 23.83
C PRO G 173 16.01 53.54 24.62
N ASP G 174 15.74 53.76 25.90
CA ASP G 174 16.72 54.40 26.76
C ASP G 174 17.86 53.44 27.05
N THR G 175 19.08 53.84 26.71
CA THR G 175 20.24 52.98 26.91
C THR G 175 20.82 53.23 28.30
N PRO G 176 20.77 52.26 29.21
CA PRO G 176 21.41 52.44 30.50
C PRO G 176 22.92 52.55 30.36
N ASP G 177 23.55 53.10 31.39
CA ASP G 177 25.00 53.23 31.42
C ASP G 177 25.44 53.39 32.87
N ARG G 178 26.73 53.13 33.09
CA ARG G 178 27.30 53.33 34.41
C ARG G 178 28.67 54.00 34.36
N THR G 179 29.13 54.42 33.19
CA THR G 179 30.34 55.22 33.08
C THR G 179 30.04 56.72 33.06
N LEU G 180 28.78 57.10 33.19
CA LEU G 180 28.40 58.49 33.36
C LEU G 180 28.34 58.91 34.83
N LEU G 181 28.99 58.16 35.71
CA LEU G 181 28.96 58.41 37.15
C LEU G 181 30.37 58.40 37.70
N SER G 182 30.64 59.34 38.62
CA SER G 182 31.88 59.38 39.37
C SER G 182 31.54 59.57 40.84
N GLN G 183 32.27 58.85 41.71
CA GLN G 183 31.96 58.85 43.13
C GLN G 183 32.03 60.27 43.70
N GLN G 184 33.22 60.86 43.69
CA GLN G 184 33.42 62.27 44.04
C GLN G 184 32.82 62.59 45.41
N SER G 185 33.42 61.97 46.43
CA SER G 185 32.83 61.75 47.75
C SER G 185 31.92 62.88 48.21
N GLY G 186 32.34 64.13 48.03
CA GLY G 186 31.53 65.24 48.48
C GLY G 186 30.32 65.53 47.62
N ASN G 187 30.18 64.84 46.48
CA ASN G 187 29.07 65.08 45.57
C ASN G 187 28.89 63.83 44.70
N VAL G 188 28.15 63.98 43.61
CA VAL G 188 28.05 62.96 42.56
C VAL G 188 28.23 63.65 41.22
N LYS G 189 29.16 63.16 40.42
CA LYS G 189 29.50 63.79 39.15
C LYS G 189 28.83 63.02 38.01
N ILE G 190 27.73 63.57 37.49
CA ILE G 190 27.08 63.03 36.32
C ILE G 190 27.72 63.70 35.11
N THR G 191 28.59 62.97 34.42
CA THR G 191 29.23 63.49 33.23
C THR G 191 28.28 63.39 32.03
N VAL G 192 28.45 64.32 31.10
CA VAL G 192 27.75 64.30 29.82
C VAL G 192 28.77 64.48 28.71
N GLY G 193 28.69 63.63 27.68
CA GLY G 193 29.59 63.74 26.56
C GLY G 193 28.96 64.46 25.39
N GLY G 194 27.87 65.18 25.66
CA GLY G 194 27.07 65.79 24.61
C GLY G 194 25.76 65.09 24.34
N LYS G 195 25.31 64.22 25.25
CA LYS G 195 24.10 63.45 25.05
C LYS G 195 23.17 63.69 26.23
N LYS G 196 21.94 64.10 25.96
CA LYS G 196 20.98 64.33 27.01
C LYS G 196 20.59 63.00 27.68
N VAL G 197 20.49 63.00 29.00
CA VAL G 197 20.33 61.77 29.75
C VAL G 197 19.03 61.79 30.55
N LYS G 198 18.75 60.71 31.25
CA LYS G 198 17.71 60.63 32.26
C LYS G 198 18.35 60.45 33.63
N TYR G 199 17.52 60.37 34.66
CA TYR G 199 18.03 60.48 36.02
C TYR G 199 17.00 60.02 37.04
N ASN G 200 17.41 59.16 37.97
CA ASN G 200 16.52 58.73 39.06
C ASN G 200 17.37 58.20 40.20
N CYS G 201 17.33 58.89 41.34
CA CYS G 201 18.06 58.49 42.54
C CYS G 201 17.13 58.58 43.73
N THR G 202 17.08 57.52 44.54
CA THR G 202 16.17 57.52 45.68
C THR G 202 16.70 58.39 46.81
N CYS G 203 18.01 58.58 46.89
CA CYS G 203 18.62 59.36 47.97
C CYS G 203 18.17 60.82 47.94
N GLY G 204 18.59 61.55 46.91
CA GLY G 204 18.28 62.98 46.84
C GLY G 204 17.06 63.33 46.03
N THR G 205 17.04 62.93 44.77
CA THR G 205 15.97 63.29 43.85
C THR G 205 16.11 62.45 42.59
N GLY G 206 15.08 62.51 41.75
CA GLY G 206 15.09 61.81 40.50
C GLY G 206 14.14 62.48 39.52
N ASN G 207 14.00 61.85 38.35
CA ASN G 207 13.02 62.25 37.36
C ASN G 207 13.30 63.66 36.83
N VAL G 208 14.53 63.87 36.35
CA VAL G 208 14.86 65.08 35.61
C VAL G 208 15.68 64.69 34.38
N GLY G 209 15.30 65.22 33.22
CA GLY G 209 16.04 64.97 32.02
C GLY G 209 17.07 66.04 31.73
N THR G 210 18.32 65.79 32.12
CA THR G 210 19.37 66.76 31.87
C THR G 210 19.72 66.79 30.38
N THR G 211 20.00 67.99 29.87
CA THR G 211 20.25 68.20 28.45
C THR G 211 21.63 68.82 28.29
N ASN G 212 22.63 67.98 27.99
CA ASN G 212 23.98 68.42 27.66
C ASN G 212 24.60 69.23 28.80
N SER G 213 24.28 68.87 30.04
CA SER G 213 24.77 69.58 31.20
C SER G 213 25.31 68.59 32.21
N ASP G 214 26.46 68.91 32.80
CA ASP G 214 26.94 68.14 33.92
C ASP G 214 26.12 68.50 35.16
N MET G 215 25.68 67.48 35.87
CA MET G 215 24.79 67.64 37.02
C MET G 215 25.46 67.08 38.27
N THR G 216 25.17 67.72 39.40
CA THR G 216 25.80 67.36 40.66
C THR G 216 24.74 67.19 41.74
N ILE G 217 24.81 66.07 42.47
CA ILE G 217 24.06 65.88 43.70
C ILE G 217 25.07 65.51 44.77
N ASN G 218 24.77 65.85 46.02
CA ASN G 218 25.81 66.02 47.04
C ASN G 218 26.05 64.79 47.90
N THR G 219 25.04 64.35 48.64
CA THR G 219 25.23 63.40 49.73
C THR G 219 24.88 61.96 49.33
N CYS G 220 25.07 61.61 48.07
CA CYS G 220 24.66 60.30 47.58
C CYS G 220 25.85 59.51 47.04
N LEU G 221 25.68 58.19 47.00
CA LEU G 221 26.65 57.28 46.42
C LEU G 221 26.21 56.85 45.03
N ILE G 222 27.16 56.35 44.25
CA ILE G 222 26.86 55.93 42.88
C ILE G 222 25.91 54.76 42.85
N GLU G 223 25.83 53.99 43.92
CA GLU G 223 24.94 52.83 43.95
C GLU G 223 23.47 53.22 43.90
N GLN G 224 23.12 54.38 44.45
CA GLN G 224 21.72 54.80 44.54
C GLN G 224 21.30 55.67 43.37
N CYS G 225 21.90 55.50 42.20
CA CYS G 225 21.52 56.29 41.04
C CYS G 225 21.47 55.42 39.79
N HIS G 226 20.45 55.64 38.97
CA HIS G 226 20.28 54.96 37.69
C HIS G 226 20.18 56.01 36.61
N VAL G 227 21.08 55.95 35.63
CA VAL G 227 21.20 56.98 34.60
C VAL G 227 21.20 56.32 33.23
N SER G 228 20.48 56.91 32.28
CA SER G 228 20.34 56.36 30.94
C SER G 228 20.36 57.47 29.90
N VAL G 229 21.08 57.25 28.81
CA VAL G 229 21.16 58.21 27.71
C VAL G 229 19.85 58.21 26.93
N THR G 230 19.49 59.38 26.41
CA THR G 230 18.34 59.53 25.54
C THR G 230 18.76 60.17 24.23
N ASP G 231 18.33 59.56 23.11
CA ASP G 231 18.59 60.12 21.79
C ASP G 231 17.52 59.59 20.84
N HIS G 232 16.87 60.48 20.11
CA HIS G 232 15.79 60.11 19.20
C HIS G 232 15.97 60.77 17.83
N LYS G 233 17.21 61.02 17.43
CA LYS G 233 17.46 61.60 16.13
C LYS G 233 17.44 60.57 15.00
N LYS G 234 17.44 59.28 15.33
CA LYS G 234 17.55 58.23 14.32
C LYS G 234 16.75 57.01 14.73
N TRP G 235 16.06 56.41 13.77
CA TRP G 235 15.39 55.13 13.91
C TRP G 235 16.39 53.99 13.94
N GLN G 236 15.90 52.80 14.30
CA GLN G 236 16.67 51.57 14.20
C GLN G 236 15.69 50.41 14.05
N PHE G 237 16.22 49.26 13.65
CA PHE G 237 15.38 48.13 13.29
C PHE G 237 14.63 47.56 14.48
N ASN G 238 13.43 47.03 14.20
CA ASN G 238 12.53 46.48 15.20
C ASN G 238 13.00 45.10 15.67
N SER G 239 14.21 45.08 16.22
CA SER G 239 14.85 43.83 16.59
C SER G 239 14.16 43.20 17.79
N PRO G 240 14.12 41.86 17.87
CA PRO G 240 13.55 41.20 19.05
C PRO G 240 14.53 40.99 20.20
N PHE G 241 15.77 41.44 20.06
CA PHE G 241 16.74 41.38 21.15
C PHE G 241 16.95 42.73 21.81
N VAL G 242 16.24 43.77 21.38
CA VAL G 242 16.31 45.08 22.01
C VAL G 242 14.91 45.46 22.47
N PRO G 243 14.76 46.18 23.59
CA PRO G 243 13.42 46.48 24.09
C PRO G 243 12.78 47.66 23.38
N ARG G 244 11.47 47.76 23.55
CA ARG G 244 10.68 48.83 22.95
C ARG G 244 10.65 50.06 23.86
N ALA G 245 10.23 51.18 23.27
CA ALA G 245 10.15 52.44 24.00
C ALA G 245 8.74 52.67 24.58
N ASP G 246 7.74 52.70 23.71
CA ASP G 246 6.37 52.95 24.12
C ASP G 246 5.50 51.76 23.77
N GLU G 247 4.50 51.50 24.61
CA GLU G 247 3.61 50.36 24.39
C GLU G 247 2.84 50.44 23.07
N PRO G 248 2.22 51.57 22.70
CA PRO G 248 1.52 51.60 21.40
C PRO G 248 2.43 51.29 20.23
N ALA G 249 3.72 51.64 20.34
CA ALA G 249 4.74 51.24 19.37
C ALA G 249 4.43 51.78 17.97
N ARG G 250 4.47 53.10 17.85
CA ARG G 250 4.49 53.70 16.53
C ARG G 250 5.84 53.41 15.87
N LYS G 251 5.82 53.14 14.58
CA LYS G 251 6.97 52.60 13.88
C LYS G 251 7.07 53.26 12.51
N GLY G 252 7.92 52.69 11.65
CA GLY G 252 8.10 53.18 10.30
C GLY G 252 8.42 52.05 9.35
N LYS G 253 8.91 52.37 8.15
CA LYS G 253 9.21 51.36 7.14
C LYS G 253 10.41 51.80 6.32
N VAL G 254 11.12 50.81 5.78
CA VAL G 254 12.30 51.04 4.95
C VAL G 254 12.37 49.91 3.93
N HIS G 255 12.36 50.26 2.64
CA HIS G 255 12.47 49.26 1.60
C HIS G 255 13.84 48.63 1.62
N ILE G 256 13.90 47.32 1.35
CA ILE G 256 15.16 46.59 1.43
C ILE G 256 15.61 46.19 0.03
N PRO G 257 16.91 46.05 -0.23
CA PRO G 257 17.39 45.81 -1.59
C PRO G 257 17.23 44.35 -1.98
N PHE G 258 17.73 44.03 -3.17
CA PHE G 258 17.86 42.67 -3.70
C PHE G 258 16.53 41.93 -3.77
N PRO G 259 15.66 42.27 -4.71
CA PRO G 259 14.42 41.50 -4.88
C PRO G 259 14.67 40.19 -5.64
N LEU G 260 13.67 39.32 -5.58
CA LEU G 260 13.70 38.09 -6.36
C LEU G 260 13.45 38.36 -7.83
N ASP G 261 14.07 37.57 -8.69
CA ASP G 261 13.93 37.75 -10.14
C ASP G 261 14.18 36.44 -10.85
N ASN G 262 13.78 36.40 -12.12
CA ASN G 262 13.90 35.23 -12.97
C ASN G 262 15.19 35.27 -13.78
N ILE G 263 15.89 34.15 -13.83
CA ILE G 263 17.03 33.98 -14.73
C ILE G 263 16.97 32.58 -15.35
N THR G 264 17.99 32.21 -16.10
CA THR G 264 18.16 30.84 -16.55
C THR G 264 19.45 30.25 -15.98
N CYS G 265 19.45 28.94 -15.79
CA CYS G 265 20.57 28.21 -15.25
C CYS G 265 21.01 27.16 -16.26
N ARG G 266 22.32 27.04 -16.47
CA ARG G 266 22.86 26.04 -17.40
C ARG G 266 23.06 24.71 -16.67
N VAL G 267 22.50 23.64 -17.22
CA VAL G 267 22.56 22.33 -16.60
C VAL G 267 23.14 21.35 -17.62
N PRO G 268 23.83 20.31 -17.19
CA PRO G 268 24.35 19.32 -18.13
C PRO G 268 23.32 18.28 -18.53
N MET G 269 23.56 17.65 -19.67
CA MET G 269 22.79 16.49 -20.09
C MET G 269 23.63 15.25 -19.85
N ALA G 270 23.02 14.22 -19.28
CA ALA G 270 23.74 12.98 -19.04
C ALA G 270 24.04 12.28 -20.36
N ARG G 271 25.04 11.42 -20.34
CA ARG G 271 25.41 10.67 -21.54
C ARG G 271 24.45 9.52 -21.78
N GLU G 272 24.22 9.21 -23.04
CA GLU G 272 23.25 8.19 -23.40
C GLU G 272 23.66 6.83 -22.84
N PRO G 273 22.74 6.08 -22.25
CA PRO G 273 23.07 4.73 -21.79
C PRO G 273 23.30 3.78 -22.96
N THR G 274 23.70 2.56 -22.62
CA THR G 274 23.88 1.49 -23.58
C THR G 274 22.68 0.57 -23.51
N VAL G 275 22.12 0.24 -24.66
CA VAL G 275 20.85 -0.49 -24.75
C VAL G 275 21.12 -1.85 -25.36
N ILE G 276 20.67 -2.90 -24.68
CA ILE G 276 20.77 -4.28 -25.14
C ILE G 276 19.35 -4.79 -25.35
N HIS G 277 19.04 -5.21 -26.58
CA HIS G 277 17.67 -5.58 -26.94
C HIS G 277 17.41 -7.04 -26.57
N GLY G 278 16.66 -7.25 -25.49
CA GLY G 278 16.18 -8.57 -25.14
C GLY G 278 14.88 -8.87 -25.82
N LYS G 279 14.25 -9.96 -25.40
CA LYS G 279 12.93 -10.33 -25.88
C LYS G 279 11.90 -9.79 -24.90
N ARG G 280 11.19 -8.74 -25.29
CA ARG G 280 10.26 -8.02 -24.42
C ARG G 280 10.99 -7.38 -23.24
N GLU G 281 12.23 -6.95 -23.47
CA GLU G 281 13.11 -6.47 -22.42
C GLU G 281 14.13 -5.52 -23.01
N VAL G 282 14.76 -4.76 -22.12
CA VAL G 282 15.89 -3.89 -22.44
C VAL G 282 16.77 -3.79 -21.20
N THR G 283 18.08 -3.91 -21.40
CA THR G 283 19.06 -3.70 -20.34
C THR G 283 19.79 -2.40 -20.62
N LEU G 284 19.89 -1.55 -19.60
CA LEU G 284 20.53 -0.25 -19.73
C LEU G 284 21.76 -0.19 -18.83
N HIS G 285 22.88 0.24 -19.39
CA HIS G 285 24.09 0.48 -18.63
C HIS G 285 24.18 1.98 -18.37
N LEU G 286 24.00 2.39 -17.11
CA LEU G 286 23.92 3.79 -16.74
C LEU G 286 25.21 4.22 -16.07
N HIS G 287 25.90 5.18 -16.69
CA HIS G 287 27.18 5.68 -16.18
C HIS G 287 27.02 7.13 -15.76
N PRO G 288 26.81 7.43 -14.49
CA PRO G 288 26.64 8.81 -14.06
C PRO G 288 27.94 9.46 -13.59
N ASP G 289 28.03 10.76 -13.84
CA ASP G 289 29.11 11.60 -13.34
C ASP G 289 28.85 12.13 -11.94
N HIS G 290 27.61 12.06 -11.48
CA HIS G 290 27.09 12.63 -10.25
C HIS G 290 25.68 12.09 -10.09
N PRO G 291 24.99 12.32 -8.97
CA PRO G 291 23.64 11.77 -8.83
C PRO G 291 22.70 12.30 -9.90
N THR G 292 22.06 11.37 -10.61
CA THR G 292 21.09 11.70 -11.65
C THR G 292 19.83 10.90 -11.45
N LEU G 293 18.70 11.48 -11.86
CA LEU G 293 17.40 10.86 -11.73
C LEU G 293 17.12 9.96 -12.93
N PHE G 294 16.58 8.78 -12.66
CA PHE G 294 16.20 7.82 -13.69
C PHE G 294 14.81 7.30 -13.40
N SER G 295 13.94 7.35 -14.40
CA SER G 295 12.57 6.84 -14.25
C SER G 295 12.13 6.21 -15.56
N TYR G 296 11.08 5.39 -15.46
CA TYR G 296 10.51 4.73 -16.63
C TYR G 296 9.06 4.41 -16.35
N ARG G 297 8.31 4.13 -17.42
CA ARG G 297 6.93 3.68 -17.33
C ARG G 297 6.55 3.01 -18.64
N THR G 298 5.47 2.24 -18.60
CA THR G 298 4.92 1.63 -19.80
C THR G 298 3.71 2.42 -20.29
N LEU G 299 3.47 2.35 -21.60
CA LEU G 299 2.44 3.17 -22.24
C LEU G 299 1.15 2.37 -22.44
N GLY G 300 0.55 1.96 -21.34
CA GLY G 300 -0.70 1.22 -21.43
C GLY G 300 -1.70 1.58 -20.35
N GLU G 301 -2.57 0.63 -20.01
CA GLU G 301 -3.60 0.89 -19.02
C GLU G 301 -3.08 0.89 -17.59
N ASP G 302 -2.06 0.08 -17.30
CA ASP G 302 -1.36 0.10 -16.01
C ASP G 302 0.10 0.42 -16.24
N PRO G 303 0.55 1.63 -15.89
CA PRO G 303 1.88 2.08 -16.34
C PRO G 303 3.07 1.24 -15.86
N GLN G 304 3.07 0.71 -14.65
CA GLN G 304 4.20 -0.08 -14.16
C GLN G 304 5.50 0.74 -14.21
N TYR G 305 5.55 1.77 -13.37
CA TYR G 305 6.60 2.77 -13.36
C TYR G 305 7.64 2.47 -12.28
N HIS G 306 8.68 3.30 -12.24
CA HIS G 306 9.71 3.30 -11.19
C HIS G 306 10.55 4.56 -11.31
N GLU G 307 11.01 5.06 -10.16
CA GLU G 307 11.86 6.25 -10.10
C GLU G 307 12.95 6.04 -9.06
N GLU G 308 14.10 6.66 -9.29
CA GLU G 308 15.30 6.32 -8.52
C GLU G 308 16.41 7.32 -8.81
N TRP G 309 17.21 7.61 -7.79
CA TRP G 309 18.40 8.45 -7.92
C TRP G 309 19.63 7.56 -8.04
N VAL G 310 20.33 7.64 -9.16
CA VAL G 310 21.46 6.77 -9.47
C VAL G 310 22.75 7.52 -9.19
N THR G 311 23.64 6.91 -8.43
CA THR G 311 24.88 7.54 -8.02
C THR G 311 26.13 6.85 -8.53
N ALA G 312 26.11 5.54 -8.72
CA ALA G 312 27.21 4.76 -9.28
C ALA G 312 26.79 4.18 -10.63
N ALA G 313 27.69 3.39 -11.21
CA ALA G 313 27.44 2.74 -12.49
C ALA G 313 26.73 1.42 -12.25
N VAL G 314 25.50 1.30 -12.75
CA VAL G 314 24.63 0.17 -12.46
C VAL G 314 24.12 -0.42 -13.78
N GLU G 315 23.26 -1.43 -13.65
CA GLU G 315 22.54 -2.00 -14.78
C GLU G 315 21.09 -2.18 -14.38
N ARG G 316 20.18 -1.93 -15.32
CA ARG G 316 18.75 -2.03 -15.08
C ARG G 316 18.09 -2.75 -16.23
N THR G 317 17.18 -3.66 -15.92
CA THR G 317 16.40 -4.39 -16.92
C THR G 317 14.96 -3.95 -16.85
N ILE G 318 14.41 -3.55 -18.00
CA ILE G 318 13.08 -2.95 -18.06
C ILE G 318 12.20 -3.75 -19.01
N PRO G 319 10.94 -4.03 -18.66
CA PRO G 319 10.04 -4.67 -19.62
C PRO G 319 9.56 -3.71 -20.67
N VAL G 320 9.55 -4.16 -21.93
CA VAL G 320 9.09 -3.36 -23.04
C VAL G 320 7.97 -4.12 -23.75
N PRO G 321 6.71 -3.95 -23.36
CA PRO G 321 5.62 -4.68 -24.01
C PRO G 321 5.32 -4.09 -25.37
N VAL G 322 4.41 -4.76 -26.09
CA VAL G 322 3.97 -4.27 -27.39
C VAL G 322 3.28 -2.92 -27.26
N ASP G 323 2.71 -2.62 -26.10
CA ASP G 323 2.11 -1.31 -25.87
C ASP G 323 3.14 -0.20 -25.95
N GLY G 324 4.33 -0.43 -25.41
CA GLY G 324 5.41 0.53 -25.45
C GLY G 324 6.03 0.73 -24.09
N MET G 325 7.11 1.52 -24.08
CA MET G 325 7.82 1.83 -22.85
C MET G 325 8.52 3.16 -23.05
N GLU G 326 8.70 3.90 -21.96
CA GLU G 326 9.33 5.21 -21.99
C GLU G 326 10.27 5.34 -20.81
N TYR G 327 11.49 5.81 -21.04
CA TYR G 327 12.41 6.06 -19.95
C TYR G 327 12.97 7.47 -20.07
N HIS G 328 13.31 8.04 -18.92
CA HIS G 328 13.78 9.41 -18.81
C HIS G 328 15.03 9.39 -17.95
N TRP G 329 16.17 9.76 -18.53
CA TRP G 329 17.48 9.62 -17.88
C TRP G 329 18.12 11.00 -17.78
N GLY G 330 18.19 11.54 -16.57
CA GLY G 330 18.85 12.81 -16.36
C GLY G 330 18.08 13.98 -16.94
N ASN G 331 18.81 15.00 -17.34
CA ASN G 331 18.25 16.20 -17.97
C ASN G 331 18.01 16.03 -19.45
N ASN G 332 17.94 14.80 -19.93
CA ASN G 332 17.54 14.53 -21.31
C ASN G 332 16.03 14.49 -21.40
N ASP G 333 15.53 14.42 -22.62
CA ASP G 333 14.10 14.27 -22.80
C ASP G 333 13.74 12.84 -23.18
N PRO G 334 12.54 12.38 -22.84
CA PRO G 334 12.27 10.93 -22.80
C PRO G 334 12.44 10.23 -24.14
N VAL G 335 12.64 8.92 -24.06
CA VAL G 335 12.85 8.05 -25.20
C VAL G 335 11.87 6.90 -25.11
N ARG G 336 11.16 6.62 -26.21
CA ARG G 336 10.14 5.59 -26.25
C ARG G 336 10.58 4.42 -27.11
N LEU G 337 10.25 3.21 -26.67
CA LEU G 337 10.66 1.99 -27.33
C LEU G 337 9.47 1.03 -27.41
N TRP G 338 9.35 0.33 -28.53
CA TRP G 338 8.25 -0.59 -28.76
C TRP G 338 8.79 -1.97 -29.10
N SER G 339 7.98 -2.98 -28.83
CA SER G 339 8.35 -4.38 -29.01
C SER G 339 7.67 -4.94 -30.25
N GLN G 340 8.42 -5.65 -31.09
CA GLN G 340 7.87 -6.29 -32.27
C GLN G 340 7.34 -7.68 -31.93
N LEU G 341 6.73 -8.32 -32.90
CA LEU G 341 6.14 -9.65 -32.71
C LEU G 341 7.09 -10.75 -33.16
N THR G 342 8.22 -10.85 -32.47
CA THR G 342 9.19 -11.89 -32.73
C THR G 342 8.88 -13.11 -31.88
N THR G 343 9.07 -14.29 -32.48
CA THR G 343 8.65 -15.54 -31.86
C THR G 343 9.49 -16.67 -32.41
N GLU G 344 9.43 -17.82 -31.73
CA GLU G 344 10.16 -19.01 -32.13
C GLU G 344 9.22 -20.00 -32.79
N GLY G 345 9.69 -20.63 -33.86
CA GLY G 345 8.93 -21.64 -34.57
C GLY G 345 8.73 -21.27 -36.02
N LYS G 346 7.93 -22.09 -36.69
CA LYS G 346 7.60 -21.86 -38.10
C LYS G 346 6.11 -21.58 -38.21
N PRO G 347 5.71 -20.40 -38.70
CA PRO G 347 4.28 -20.14 -38.89
C PRO G 347 3.65 -21.02 -39.96
N HIS G 348 4.44 -21.55 -40.88
CA HIS G 348 3.95 -22.39 -41.98
C HIS G 348 4.80 -23.65 -42.02
N GLY G 349 4.42 -24.65 -41.26
CA GLY G 349 5.16 -25.89 -41.20
C GLY G 349 4.31 -26.99 -40.60
N TRP G 350 4.97 -27.89 -39.87
CA TRP G 350 4.25 -28.96 -39.22
C TRP G 350 3.49 -28.41 -38.01
N PRO G 351 2.39 -29.05 -37.62
CA PRO G 351 1.58 -28.52 -36.51
C PRO G 351 2.37 -28.26 -35.24
N HIS G 352 3.35 -29.10 -34.92
CA HIS G 352 4.18 -28.84 -33.76
C HIS G 352 5.04 -27.58 -33.93
N GLN G 353 5.15 -27.05 -35.14
CA GLN G 353 5.84 -25.79 -35.36
C GLN G 353 4.90 -24.59 -35.31
N ILE G 354 3.66 -24.73 -35.79
CA ILE G 354 2.67 -23.67 -35.58
C ILE G 354 2.38 -23.49 -34.11
N VAL G 355 2.30 -24.59 -33.36
CA VAL G 355 2.05 -24.47 -31.92
C VAL G 355 3.21 -23.74 -31.25
N GLN G 356 4.45 -24.04 -31.67
CA GLN G 356 5.60 -23.30 -31.14
C GLN G 356 5.51 -21.82 -31.50
N TYR G 357 5.13 -21.51 -32.74
CA TYR G 357 5.03 -20.13 -33.17
C TYR G 357 4.03 -19.37 -32.30
N TYR G 358 2.85 -19.93 -32.10
CA TYR G 358 1.82 -19.22 -31.37
C TYR G 358 2.01 -19.28 -29.86
N TYR G 359 2.81 -20.22 -29.36
CA TYR G 359 3.20 -20.20 -27.95
C TYR G 359 4.32 -19.21 -27.69
N GLY G 360 5.07 -18.84 -28.72
CA GLY G 360 6.05 -17.79 -28.54
C GLY G 360 5.46 -16.40 -28.45
N LEU G 361 4.14 -16.27 -28.64
CA LEU G 361 3.46 -14.98 -28.56
C LEU G 361 2.40 -14.96 -27.46
N TYR G 362 1.54 -15.96 -27.41
CA TYR G 362 0.46 -16.04 -26.40
C TYR G 362 0.49 -17.41 -25.77
N PRO G 363 1.22 -17.59 -24.67
CA PRO G 363 1.34 -18.93 -24.09
C PRO G 363 0.03 -19.51 -23.58
N ALA G 364 -0.67 -18.79 -22.71
CA ALA G 364 -1.88 -19.33 -22.09
C ALA G 364 -2.96 -19.60 -23.13
N ALA G 365 -3.15 -18.67 -24.07
CA ALA G 365 -4.16 -18.86 -25.10
C ALA G 365 -3.83 -20.07 -25.97
N THR G 366 -2.57 -20.23 -26.35
CA THR G 366 -2.18 -21.37 -27.17
C THR G 366 -2.43 -22.68 -26.43
N VAL G 367 -2.05 -22.73 -25.15
CA VAL G 367 -2.22 -23.96 -24.37
C VAL G 367 -3.71 -24.29 -24.24
N SER G 368 -4.53 -23.30 -23.91
CA SER G 368 -5.96 -23.55 -23.74
C SER G 368 -6.60 -23.99 -25.04
N ALA G 369 -6.26 -23.33 -26.16
CA ALA G 369 -6.83 -23.71 -27.44
C ALA G 369 -6.46 -25.13 -27.81
N VAL G 370 -5.18 -25.48 -27.67
CA VAL G 370 -4.74 -26.82 -28.06
C VAL G 370 -5.41 -27.88 -27.19
N VAL G 371 -5.49 -27.63 -25.87
CA VAL G 371 -6.11 -28.60 -24.98
C VAL G 371 -7.59 -28.78 -25.33
N GLY G 372 -8.31 -27.68 -25.54
CA GLY G 372 -9.73 -27.80 -25.85
C GLY G 372 -9.99 -28.51 -27.17
N MET G 373 -9.20 -28.18 -28.20
CA MET G 373 -9.37 -28.85 -29.48
C MET G 373 -9.09 -30.34 -29.37
N SER G 374 -8.02 -30.71 -28.66
CA SER G 374 -7.71 -32.13 -28.50
C SER G 374 -8.82 -32.85 -27.74
N LEU G 375 -9.36 -32.22 -26.69
CA LEU G 375 -10.42 -32.87 -25.92
C LEU G 375 -11.66 -33.08 -26.78
N LEU G 376 -12.05 -32.08 -27.57
CA LEU G 376 -13.23 -32.27 -28.42
C LEU G 376 -13.00 -33.32 -29.49
N ALA G 377 -11.81 -33.38 -30.07
CA ALA G 377 -11.52 -34.43 -31.04
C ALA G 377 -11.62 -35.80 -30.39
N LEU G 378 -11.09 -35.94 -29.18
CA LEU G 378 -11.14 -37.21 -28.47
C LEU G 378 -12.59 -37.61 -28.16
N ILE G 379 -13.40 -36.64 -27.74
CA ILE G 379 -14.82 -36.92 -27.46
C ILE G 379 -15.52 -37.40 -28.72
N SER G 380 -15.25 -36.74 -29.86
CA SER G 380 -15.87 -37.16 -31.11
C SER G 380 -15.47 -38.59 -31.46
N ILE G 381 -14.19 -38.92 -31.32
CA ILE G 381 -13.72 -40.26 -31.65
C ILE G 381 -14.40 -41.29 -30.76
N PHE G 382 -14.46 -41.02 -29.45
CA PHE G 382 -15.07 -41.97 -28.53
C PHE G 382 -16.55 -42.16 -28.83
N ALA G 383 -17.27 -41.06 -29.12
CA ALA G 383 -18.69 -41.18 -29.42
C ALA G 383 -18.92 -42.01 -30.68
N SER G 384 -18.10 -41.79 -31.71
CA SER G 384 -18.24 -42.59 -32.92
C SER G 384 -17.98 -44.07 -32.65
N CYS G 385 -16.94 -44.37 -31.84
CA CYS G 385 -16.66 -45.77 -31.54
C CYS G 385 -17.78 -46.42 -30.74
N TYR G 386 -18.34 -45.69 -29.77
CA TYR G 386 -19.45 -46.23 -28.99
C TYR G 386 -20.66 -46.49 -29.89
N MET G 387 -20.93 -45.57 -30.81
CA MET G 387 -22.02 -45.75 -31.77
C MET G 387 -21.80 -46.99 -32.63
N LEU G 388 -20.58 -47.19 -33.11
CA LEU G 388 -20.28 -48.38 -33.91
C LEU G 388 -20.40 -49.65 -33.07
N VAL G 389 -20.03 -49.60 -31.80
CA VAL G 389 -20.19 -50.76 -30.92
C VAL G 389 -21.65 -51.11 -30.77
N ALA G 390 -22.51 -50.09 -30.57
CA ALA G 390 -23.94 -50.35 -30.47
C ALA G 390 -24.48 -50.95 -31.76
N ALA G 391 -24.02 -50.46 -32.91
CA ALA G 391 -24.46 -51.01 -34.18
C ALA G 391 -24.04 -52.47 -34.32
N ARG G 392 -22.79 -52.79 -33.97
CA ARG G 392 -22.32 -54.16 -34.09
C ARG G 392 -23.09 -55.09 -33.16
N SER G 393 -23.40 -54.62 -31.94
CA SER G 393 -24.18 -55.44 -31.02
C SER G 393 -25.59 -55.66 -31.53
N LYS G 394 -26.21 -54.63 -32.11
CA LYS G 394 -27.55 -54.80 -32.64
C LYS G 394 -27.58 -55.68 -33.89
N CYS G 395 -26.46 -55.78 -34.60
CA CYS G 395 -26.39 -56.70 -35.74
C CYS G 395 -26.18 -58.15 -35.34
N LEU G 396 -25.82 -58.44 -34.09
CA LEU G 396 -25.41 -59.79 -33.73
C LEU G 396 -26.26 -60.39 -32.64
N THR G 397 -26.89 -59.56 -31.80
CA THR G 397 -27.74 -60.09 -30.74
C THR G 397 -28.92 -60.91 -31.25
N PRO G 398 -29.69 -60.47 -32.26
CA PRO G 398 -30.82 -61.32 -32.70
C PRO G 398 -30.40 -62.68 -33.20
N TYR G 399 -29.22 -62.81 -33.79
CA TYR G 399 -28.72 -64.11 -34.24
C TYR G 399 -28.02 -64.89 -33.13
N ALA G 400 -27.85 -64.31 -31.94
CA ALA G 400 -27.37 -65.05 -30.79
C ALA G 400 -28.49 -65.43 -29.84
N LEU G 401 -29.71 -64.98 -30.09
CA LEU G 401 -30.87 -65.31 -29.28
C LEU G 401 -31.71 -66.42 -29.91
N THR G 402 -31.13 -67.20 -30.81
CA THR G 402 -31.80 -68.29 -31.51
C THR G 402 -31.18 -69.61 -31.13
N PRO G 403 -31.99 -70.64 -30.82
CA PRO G 403 -31.42 -71.93 -30.43
C PRO G 403 -30.46 -72.52 -31.45
N GLY G 404 -30.75 -72.37 -32.73
CA GLY G 404 -29.87 -72.86 -33.76
C GLY G 404 -28.63 -71.99 -33.91
N ALA G 405 -27.78 -72.38 -34.86
CA ALA G 405 -26.59 -71.58 -35.14
C ALA G 405 -26.96 -70.17 -35.57
N ALA G 406 -27.84 -70.06 -36.56
CA ALA G 406 -28.40 -68.78 -37.00
C ALA G 406 -27.32 -67.75 -37.31
N VAL G 407 -26.21 -68.23 -37.86
CA VAL G 407 -25.08 -67.35 -38.21
C VAL G 407 -24.72 -67.57 -39.67
N PRO G 408 -24.68 -66.51 -40.48
CA PRO G 408 -24.36 -66.66 -41.90
C PRO G 408 -22.87 -66.53 -42.17
N TRP G 409 -22.50 -66.91 -43.39
CA TRP G 409 -21.12 -66.84 -43.85
C TRP G 409 -20.72 -65.45 -44.35
N THR G 410 -21.67 -64.52 -44.45
CA THR G 410 -21.38 -63.17 -44.90
C THR G 410 -21.04 -62.25 -43.74
N LEU G 411 -21.83 -62.29 -42.66
CA LEU G 411 -21.67 -61.40 -41.53
C LEU G 411 -20.62 -61.88 -40.53
N GLY G 412 -19.72 -62.78 -40.94
CA GLY G 412 -18.71 -63.29 -40.03
C GLY G 412 -17.67 -62.28 -39.61
N ILE G 413 -17.58 -61.14 -40.29
CA ILE G 413 -16.58 -60.13 -39.97
C ILE G 413 -16.82 -59.57 -38.57
N LEU G 414 -18.06 -59.16 -38.30
CA LEU G 414 -18.36 -58.53 -37.02
C LEU G 414 -18.28 -59.50 -35.86
N CYS G 415 -18.40 -60.81 -36.12
CA CYS G 415 -18.47 -61.79 -35.04
C CYS G 415 -17.15 -61.85 -34.28
N CYS G 416 -16.03 -62.00 -35.00
CA CYS G 416 -14.69 -62.08 -34.42
C CYS G 416 -14.57 -63.18 -33.38
N ALA G 417 -15.47 -64.17 -33.42
CA ALA G 417 -15.45 -65.28 -32.48
C ALA G 417 -16.27 -66.43 -33.04
N PRO G 418 -15.73 -67.65 -33.09
CA PRO G 418 -16.42 -68.79 -33.69
C PRO G 418 -17.60 -69.26 -32.84
N TYR H 1 -22.75 15.84 -50.60
CA TYR H 1 -22.74 14.43 -50.22
C TYR H 1 -22.26 14.26 -48.79
N GLU H 2 -22.99 13.51 -47.99
CA GLU H 2 -22.69 13.33 -46.58
C GLU H 2 -22.15 11.94 -46.34
N HIS H 3 -21.01 11.87 -45.66
CA HIS H 3 -20.36 10.61 -45.33
C HIS H 3 -19.87 10.67 -43.89
N SER H 4 -19.90 9.52 -43.21
CA SER H 4 -19.53 9.47 -41.81
C SER H 4 -18.69 8.22 -41.53
N THR H 5 -17.55 8.42 -40.84
CA THR H 5 -16.66 7.33 -40.49
C THR H 5 -16.34 7.32 -39.00
N VAL H 6 -15.38 6.48 -38.60
CA VAL H 6 -14.85 6.43 -37.24
C VAL H 6 -13.34 6.27 -37.34
N MET H 7 -12.59 7.21 -36.77
CA MET H 7 -11.14 7.11 -36.79
C MET H 7 -10.60 6.89 -35.38
N PRO H 8 -9.48 6.20 -35.23
CA PRO H 8 -8.93 5.95 -33.90
C PRO H 8 -8.18 7.15 -33.34
N ASN H 9 -8.19 7.25 -32.01
CA ASN H 9 -7.48 8.32 -31.30
C ASN H 9 -6.03 7.87 -31.05
N VAL H 10 -5.25 7.87 -32.13
CA VAL H 10 -3.84 7.51 -32.08
C VAL H 10 -3.08 8.56 -32.87
N VAL H 11 -2.15 9.22 -32.23
CA VAL H 11 -1.40 10.31 -32.87
C VAL H 11 -0.40 9.72 -33.84
N GLY H 12 -0.44 10.18 -35.09
CA GLY H 12 0.48 9.73 -36.10
C GLY H 12 0.02 8.52 -36.89
N PHE H 13 -1.08 7.91 -36.53
CA PHE H 13 -1.59 6.76 -37.28
C PHE H 13 -2.18 7.25 -38.60
N PRO H 14 -1.75 6.70 -39.74
CA PRO H 14 -2.27 7.16 -41.03
C PRO H 14 -3.61 6.51 -41.34
N TYR H 15 -4.67 7.29 -41.26
CA TYR H 15 -6.02 6.79 -41.49
C TYR H 15 -6.48 7.17 -42.88
N LYS H 16 -7.17 6.24 -43.54
CA LYS H 16 -7.66 6.45 -44.90
C LYS H 16 -9.13 6.05 -44.97
N ALA H 17 -9.95 6.94 -45.52
CA ALA H 17 -11.38 6.74 -45.63
C ALA H 17 -11.77 6.57 -47.09
N HIS H 18 -12.72 5.67 -47.34
CA HIS H 18 -13.17 5.34 -48.69
C HIS H 18 -14.56 5.89 -48.92
N ILE H 19 -14.72 6.62 -50.02
CA ILE H 19 -16.00 7.21 -50.39
C ILE H 19 -16.37 6.70 -51.77
N GLU H 20 -17.52 6.04 -51.87
CA GLU H 20 -17.96 5.40 -53.12
C GLU H 20 -19.34 5.95 -53.47
N ARG H 21 -19.37 7.05 -54.18
CA ARG H 21 -20.58 7.76 -54.58
C ARG H 21 -21.02 7.30 -55.97
N PRO H 22 -22.26 6.86 -56.14
CA PRO H 22 -22.71 6.40 -57.46
C PRO H 22 -22.59 7.50 -58.51
N GLY H 23 -22.20 7.10 -59.72
CA GLY H 23 -21.99 8.03 -60.80
C GLY H 23 -20.66 8.75 -60.80
N TYR H 24 -19.82 8.50 -59.81
CA TYR H 24 -18.52 9.12 -59.70
C TYR H 24 -17.49 8.06 -59.34
N SER H 25 -16.23 8.34 -59.67
CA SER H 25 -15.16 7.43 -59.33
C SER H 25 -14.82 7.52 -57.84
N PRO H 26 -14.53 6.39 -57.20
CA PRO H 26 -14.30 6.40 -55.75
C PRO H 26 -13.14 7.30 -55.37
N LEU H 27 -13.27 7.93 -54.21
CA LEU H 27 -12.30 8.88 -53.69
C LEU H 27 -11.82 8.42 -52.33
N THR H 28 -10.50 8.39 -52.14
CA THR H 28 -9.89 8.00 -50.89
C THR H 28 -9.42 9.25 -50.17
N LEU H 29 -9.95 9.48 -48.98
CA LEU H 29 -9.64 10.66 -48.20
C LEU H 29 -8.85 10.21 -46.97
N GLN H 30 -7.66 10.77 -46.78
CA GLN H 30 -6.77 10.37 -45.72
C GLN H 30 -6.56 11.53 -44.75
N MET H 31 -6.65 11.23 -43.46
CA MET H 31 -6.56 12.23 -42.41
C MET H 31 -6.04 11.62 -41.13
N GLN H 32 -5.12 12.32 -40.46
CA GLN H 32 -4.43 11.78 -39.29
C GLN H 32 -4.35 12.83 -38.19
N VAL H 33 -4.36 12.36 -36.95
CA VAL H 33 -4.26 13.22 -35.78
C VAL H 33 -2.80 13.62 -35.58
N VAL H 34 -2.57 14.92 -35.38
CA VAL H 34 -1.22 15.46 -35.23
C VAL H 34 -0.94 15.71 -33.77
N GLU H 35 -1.96 16.13 -33.02
CA GLU H 35 -1.81 16.52 -31.63
C GLU H 35 -3.13 16.28 -30.91
N THR H 36 -3.08 16.30 -29.59
CA THR H 36 -4.26 16.05 -28.78
C THR H 36 -4.06 16.70 -27.42
N SER H 37 -5.10 17.35 -26.91
CA SER H 37 -5.09 17.95 -25.59
C SER H 37 -6.40 17.63 -24.88
N LEU H 38 -6.33 17.43 -23.57
CA LEU H 38 -7.49 17.07 -22.78
C LEU H 38 -7.46 17.89 -21.49
N GLU H 39 -8.25 18.95 -21.45
CA GLU H 39 -8.16 19.98 -20.42
C GLU H 39 -9.33 19.89 -19.45
N PRO H 40 -9.11 19.66 -18.16
CA PRO H 40 -10.21 19.70 -17.21
C PRO H 40 -10.57 21.14 -16.86
N THR H 41 -11.71 21.29 -16.19
CA THR H 41 -12.13 22.58 -15.67
C THR H 41 -11.85 22.60 -14.17
N LEU H 42 -11.17 23.65 -13.72
CA LEU H 42 -10.60 23.68 -12.39
C LEU H 42 -11.27 24.75 -11.53
N ASN H 43 -11.65 24.38 -10.32
CA ASN H 43 -12.12 25.32 -9.31
C ASN H 43 -11.05 25.43 -8.23
N LEU H 44 -10.47 26.61 -8.09
CA LEU H 44 -9.42 26.81 -7.10
C LEU H 44 -10.00 26.74 -5.70
N GLU H 45 -9.37 25.94 -4.84
CA GLU H 45 -9.82 25.81 -3.46
C GLU H 45 -9.12 26.83 -2.56
N TYR H 46 -7.79 26.78 -2.52
CA TYR H 46 -7.04 27.76 -1.75
C TYR H 46 -5.59 27.72 -2.21
N ILE H 47 -4.75 28.45 -1.49
CA ILE H 47 -3.34 28.64 -1.80
C ILE H 47 -2.55 28.38 -0.52
N THR H 48 -1.42 27.68 -0.65
CA THR H 48 -0.54 27.45 0.48
C THR H 48 0.89 27.76 0.08
N CYS H 49 1.68 28.18 1.06
CA CYS H 49 3.10 28.47 0.84
C CYS H 49 3.80 28.46 2.19
N GLU H 50 5.05 28.91 2.19
CA GLU H 50 5.81 29.02 3.43
C GLU H 50 5.29 30.19 4.24
N TYR H 51 5.36 30.06 5.56
CA TYR H 51 4.87 31.12 6.42
C TYR H 51 6.04 31.96 6.92
N LYS H 52 5.70 32.99 7.70
CA LYS H 52 6.68 33.90 8.28
C LYS H 52 6.21 34.30 9.65
N THR H 53 7.05 34.13 10.66
CA THR H 53 6.72 34.50 12.03
C THR H 53 7.23 35.90 12.31
N VAL H 54 6.35 36.76 12.79
CA VAL H 54 6.67 38.16 13.07
C VAL H 54 6.79 38.33 14.58
N VAL H 55 7.98 38.66 15.04
CA VAL H 55 8.28 38.84 16.46
C VAL H 55 8.82 40.25 16.65
N PRO H 56 8.01 41.17 17.17
CA PRO H 56 8.47 42.54 17.37
C PRO H 56 9.32 42.64 18.64
N SER H 57 9.83 43.84 18.89
CA SER H 57 10.67 44.07 20.05
C SER H 57 9.84 43.93 21.33
N PRO H 58 10.36 43.23 22.34
CA PRO H 58 9.60 43.08 23.59
C PRO H 58 9.46 44.40 24.32
N TYR H 59 8.35 44.54 25.03
CA TYR H 59 8.07 45.74 25.80
C TYR H 59 8.30 45.45 27.28
N VAL H 60 9.25 46.17 27.89
CA VAL H 60 9.59 46.00 29.29
C VAL H 60 9.24 47.28 30.02
N LYS H 61 8.37 47.15 31.03
CA LYS H 61 7.92 48.29 31.83
C LYS H 61 8.66 48.23 33.17
N CYS H 62 9.66 49.09 33.34
CA CYS H 62 10.35 49.17 34.62
C CYS H 62 9.43 49.75 35.68
N CYS H 63 9.47 49.15 36.88
CA CYS H 63 8.77 49.67 38.05
C CYS H 63 7.28 49.86 37.78
N GLY H 64 6.67 48.84 37.18
CA GLY H 64 5.25 48.88 36.88
C GLY H 64 4.69 47.52 36.56
N ALA H 65 3.66 47.51 35.73
CA ALA H 65 3.03 46.26 35.28
C ALA H 65 2.35 46.52 33.95
N SER H 66 2.12 45.44 33.21
CA SER H 66 1.50 45.51 31.90
C SER H 66 0.29 44.59 31.84
N GLU H 67 -0.44 44.70 30.73
CA GLU H 67 -1.61 43.86 30.48
C GLU H 67 -1.68 43.60 28.98
N CYS H 68 -2.09 42.40 28.62
CA CYS H 68 -2.06 41.97 27.23
C CYS H 68 -3.46 42.04 26.60
N SER H 69 -3.51 42.49 25.36
CA SER H 69 -4.75 42.65 24.61
C SER H 69 -4.74 41.73 23.39
N THR H 70 -5.86 41.03 23.17
CA THR H 70 -5.95 40.15 22.02
C THR H 70 -6.08 40.95 20.74
N LYS H 71 -5.53 40.42 19.66
CA LYS H 71 -5.63 41.01 18.34
C LYS H 71 -6.25 40.00 17.38
N GLU H 72 -6.38 40.40 16.13
CA GLU H 72 -7.03 39.60 15.10
C GLU H 72 -6.05 38.93 14.16
N LYS H 73 -4.75 39.09 14.38
CA LYS H 73 -3.76 38.52 13.49
C LYS H 73 -3.80 37.00 13.54
N PRO H 74 -3.36 36.32 12.48
CA PRO H 74 -3.42 34.85 12.46
C PRO H 74 -2.42 34.24 13.43
N ASP H 75 -2.91 33.29 14.23
CA ASP H 75 -2.07 32.53 15.15
C ASP H 75 -1.33 33.47 16.11
N TYR H 76 -2.10 34.31 16.78
CA TYR H 76 -1.55 35.41 17.58
C TYR H 76 -1.45 35.00 19.04
N GLN H 77 -0.28 35.23 19.63
CA GLN H 77 -0.02 34.90 21.02
C GLN H 77 0.52 36.13 21.75
N CYS H 78 0.09 36.32 22.99
CA CYS H 78 0.56 37.40 23.84
C CYS H 78 0.63 36.92 25.28
N LYS H 79 1.74 37.25 25.96
CA LYS H 79 1.94 36.79 27.32
C LYS H 79 2.72 37.83 28.12
N VAL H 80 2.49 37.87 29.42
CA VAL H 80 3.11 38.81 30.34
C VAL H 80 3.86 38.03 31.41
N TYR H 81 5.12 38.37 31.63
CA TYR H 81 5.97 37.71 32.62
C TYR H 81 6.30 38.70 33.72
N THR H 82 6.12 38.28 34.98
CA THR H 82 5.90 39.23 36.07
C THR H 82 7.20 39.78 36.65
N GLY H 83 8.21 38.94 36.88
CA GLY H 83 9.40 39.47 37.51
C GLY H 83 10.66 39.27 36.68
N VAL H 84 11.20 40.37 36.15
CA VAL H 84 12.33 40.32 35.24
C VAL H 84 13.36 41.35 35.66
N TYR H 85 14.57 41.18 35.15
CA TYR H 85 15.67 42.11 35.43
C TYR H 85 16.58 42.12 34.20
N PRO H 86 16.14 42.79 33.13
CA PRO H 86 16.66 42.47 31.78
C PRO H 86 18.15 42.58 31.59
N PHE H 87 18.84 43.55 32.20
CA PHE H 87 20.27 43.77 31.96
C PHE H 87 20.53 44.02 30.48
N MET H 88 20.04 45.17 30.00
CA MET H 88 20.07 45.47 28.58
C MET H 88 21.48 45.39 28.03
N TRP H 89 22.34 46.33 28.41
CA TRP H 89 23.72 46.35 27.96
C TRP H 89 24.50 47.44 28.68
N GLY H 90 25.65 47.10 29.25
CA GLY H 90 26.36 48.06 30.07
C GLY H 90 25.52 48.64 31.18
N GLY H 91 24.57 47.86 31.70
CA GLY H 91 23.64 48.36 32.68
C GLY H 91 22.51 47.37 32.88
N ALA H 92 21.56 47.76 33.71
CA ALA H 92 20.46 46.89 34.09
C ALA H 92 19.13 47.27 33.45
N TYR H 93 19.01 48.48 32.91
CA TYR H 93 17.85 48.97 32.17
C TYR H 93 16.65 49.24 33.06
N CYS H 94 16.70 48.81 34.31
CA CYS H 94 15.59 49.04 35.24
C CYS H 94 16.18 49.31 36.62
N PHE H 95 15.39 49.92 37.49
CA PHE H 95 15.84 50.19 38.84
C PHE H 95 15.22 49.23 39.85
N CYS H 96 13.90 49.06 39.80
CA CYS H 96 13.23 48.10 40.67
C CYS H 96 13.76 46.69 40.41
N ASP H 97 14.05 45.96 41.48
CA ASP H 97 14.69 44.66 41.34
C ASP H 97 13.72 43.54 40.99
N SER H 98 12.44 43.68 41.34
CA SER H 98 11.50 42.59 41.11
C SER H 98 10.14 43.04 40.57
N GLU H 99 9.92 44.33 40.37
CA GLU H 99 8.65 44.82 39.84
C GLU H 99 8.89 45.33 38.43
N ASN H 100 8.91 44.41 37.48
CA ASN H 100 9.21 44.71 36.08
C ASN H 100 8.56 43.61 35.25
N THR H 101 7.75 43.99 34.26
CA THR H 101 7.06 43.01 33.44
C THR H 101 7.45 43.16 31.98
N GLN H 102 7.64 42.04 31.31
CA GLN H 102 7.89 41.99 29.87
C GLN H 102 6.64 41.51 29.15
N LEU H 103 6.33 42.12 28.01
CA LEU H 103 5.18 41.77 27.20
C LEU H 103 5.67 41.13 25.91
N SER H 104 5.51 39.82 25.79
CA SER H 104 5.96 39.06 24.64
C SER H 104 4.82 38.86 23.66
N GLU H 105 5.12 38.96 22.37
CA GLU H 105 4.10 38.95 21.35
C GLU H 105 4.68 38.41 20.04
N ALA H 106 3.87 37.64 19.32
CA ALA H 106 4.28 37.09 18.03
C ALA H 106 3.05 36.63 17.28
N TYR H 107 3.15 36.63 15.94
CA TYR H 107 2.09 36.13 15.09
C TYR H 107 2.69 35.69 13.76
N VAL H 108 1.82 35.21 12.86
CA VAL H 108 2.20 34.52 11.63
C VAL H 108 1.71 35.32 10.44
N ASP H 109 2.56 35.45 9.42
CA ASP H 109 2.20 36.12 8.18
C ASP H 109 2.56 35.23 7.00
N ARG H 110 1.87 35.47 5.89
CA ARG H 110 2.17 34.82 4.63
C ARG H 110 3.54 35.28 4.11
N SER H 111 4.21 34.40 3.38
CA SER H 111 5.58 34.65 2.96
C SER H 111 5.69 35.87 2.06
N ASP H 112 6.92 36.36 1.91
CA ASP H 112 7.17 37.50 1.04
C ASP H 112 7.03 37.15 -0.43
N VAL H 113 7.35 35.91 -0.80
CA VAL H 113 7.37 35.50 -2.20
C VAL H 113 6.26 34.49 -2.46
N CYS H 114 5.19 34.53 -1.67
CA CYS H 114 4.10 33.58 -1.82
C CYS H 114 3.44 33.68 -3.19
N ARG H 115 3.55 34.82 -3.86
CA ARG H 115 3.08 34.95 -5.24
C ARG H 115 4.06 34.40 -6.25
N HIS H 116 5.30 34.15 -5.85
CA HIS H 116 6.32 33.64 -6.75
C HIS H 116 6.52 32.14 -6.64
N ASP H 117 6.20 31.55 -5.49
CA ASP H 117 6.18 30.09 -5.39
C ASP H 117 5.16 29.69 -4.32
N HIS H 118 4.25 28.80 -4.70
CA HIS H 118 3.16 28.34 -3.85
C HIS H 118 2.55 27.14 -4.54
N ALA H 119 1.62 26.49 -3.86
CA ALA H 119 0.91 25.34 -4.40
C ALA H 119 -0.58 25.63 -4.40
N SER H 120 -1.24 25.31 -5.51
CA SER H 120 -2.66 25.54 -5.69
C SER H 120 -3.42 24.24 -5.52
N ALA H 121 -4.48 24.26 -4.74
CA ALA H 121 -5.38 23.13 -4.59
C ALA H 121 -6.62 23.37 -5.43
N TYR H 122 -6.96 22.39 -6.27
CA TYR H 122 -8.03 22.52 -7.24
C TYR H 122 -9.05 21.40 -7.09
N LYS H 123 -10.14 21.55 -7.82
CA LYS H 123 -11.10 20.48 -8.06
C LYS H 123 -11.34 20.38 -9.56
N ALA H 124 -11.19 19.19 -10.11
CA ALA H 124 -11.19 18.99 -11.56
C ALA H 124 -12.48 18.32 -11.99
N HIS H 125 -13.13 18.90 -13.00
CA HIS H 125 -14.39 18.38 -13.54
C HIS H 125 -14.16 17.95 -14.98
N THR H 126 -15.28 17.66 -15.65
CA THR H 126 -15.31 17.19 -17.04
C THR H 126 -14.30 17.91 -17.91
N ALA H 127 -13.56 17.14 -18.70
CA ALA H 127 -12.50 17.65 -19.55
C ALA H 127 -12.98 17.74 -20.99
N SER H 128 -12.28 18.58 -21.77
CA SER H 128 -12.66 18.87 -23.14
C SER H 128 -11.53 18.45 -24.08
N LEU H 129 -11.82 17.51 -24.96
CA LEU H 129 -10.87 17.14 -25.99
C LEU H 129 -10.72 18.26 -27.02
N LYS H 130 -9.51 18.40 -27.55
CA LYS H 130 -9.23 19.45 -28.53
C LYS H 130 -8.03 18.99 -29.36
N ALA H 131 -8.29 18.48 -30.56
CA ALA H 131 -7.27 17.86 -31.39
C ALA H 131 -6.77 18.84 -32.45
N LYS H 132 -5.84 18.33 -33.26
CA LYS H 132 -5.28 19.08 -34.39
C LYS H 132 -5.07 18.07 -35.51
N VAL H 133 -5.95 18.10 -36.51
CA VAL H 133 -6.04 17.04 -37.52
C VAL H 133 -5.60 17.59 -38.85
N ARG H 134 -4.86 16.78 -39.60
CA ARG H 134 -4.44 17.09 -40.96
C ARG H 134 -5.28 16.28 -41.95
N VAL H 135 -5.91 16.97 -42.90
CA VAL H 135 -6.77 16.35 -43.89
C VAL H 135 -6.12 16.49 -45.26
N MET H 136 -6.18 15.42 -46.05
CA MET H 136 -5.54 15.37 -47.35
C MET H 136 -6.39 14.60 -48.33
N TYR H 137 -6.78 15.24 -49.43
CA TYR H 137 -7.45 14.57 -50.53
C TYR H 137 -7.31 15.45 -51.77
N GLY H 138 -7.09 14.81 -52.92
CA GLY H 138 -6.93 15.57 -54.14
C GLY H 138 -5.71 16.47 -54.12
N ASN H 139 -5.93 17.78 -54.02
CA ASN H 139 -4.85 18.75 -53.99
C ASN H 139 -4.81 19.56 -52.70
N VAL H 140 -5.56 19.17 -51.67
CA VAL H 140 -5.65 19.94 -50.44
C VAL H 140 -4.66 19.36 -49.43
N ASN H 141 -4.04 20.25 -48.66
CA ASN H 141 -3.03 19.89 -47.66
C ASN H 141 -3.17 20.91 -46.53
N GLN H 142 -4.00 20.57 -45.55
CA GLN H 142 -4.27 21.51 -44.46
C GLN H 142 -4.41 20.76 -43.15
N THR H 143 -4.06 21.45 -42.07
CA THR H 143 -4.26 20.97 -40.72
C THR H 143 -5.06 22.01 -39.95
N VAL H 144 -6.08 21.57 -39.24
CA VAL H 144 -7.04 22.46 -38.59
C VAL H 144 -7.08 22.16 -37.10
N ASP H 145 -7.21 23.19 -36.29
CA ASP H 145 -7.44 23.04 -34.86
C ASP H 145 -8.93 22.99 -34.62
N VAL H 146 -9.40 21.90 -34.02
CA VAL H 146 -10.82 21.63 -33.90
C VAL H 146 -11.13 21.15 -32.48
N TYR H 147 -12.35 21.40 -32.03
CA TYR H 147 -12.85 20.90 -30.76
C TYR H 147 -13.53 19.56 -30.99
N VAL H 148 -13.12 18.54 -30.25
CA VAL H 148 -13.66 17.19 -30.47
C VAL H 148 -14.90 17.08 -29.60
N ASN H 149 -15.98 17.67 -30.11
CA ASN H 149 -17.35 17.49 -29.64
C ASN H 149 -18.25 17.68 -30.85
N GLY H 150 -19.47 17.18 -30.75
CA GLY H 150 -20.36 17.25 -31.90
C GLY H 150 -20.63 18.66 -32.40
N ASP H 151 -20.16 19.69 -31.71
CA ASP H 151 -20.55 21.05 -32.03
C ASP H 151 -19.69 21.65 -33.15
N HIS H 152 -18.39 21.82 -32.90
CA HIS H 152 -17.56 22.61 -33.80
C HIS H 152 -17.59 22.06 -35.22
N ALA H 153 -17.81 22.96 -36.18
CA ALA H 153 -17.81 22.63 -37.61
C ALA H 153 -16.78 23.48 -38.33
N VAL H 154 -16.04 22.87 -39.23
CA VAL H 154 -14.95 23.54 -39.93
C VAL H 154 -14.90 23.05 -41.37
N THR H 155 -14.49 23.93 -42.28
CA THR H 155 -14.43 23.63 -43.70
C THR H 155 -12.98 23.63 -44.17
N ILE H 156 -12.58 22.54 -44.83
CA ILE H 156 -11.25 22.41 -45.40
C ILE H 156 -11.41 22.30 -46.91
N GLY H 157 -11.21 23.41 -47.61
CA GLY H 157 -11.31 23.42 -49.05
C GLY H 157 -12.69 23.11 -49.60
N GLY H 158 -13.73 23.60 -48.93
CA GLY H 158 -15.09 23.46 -49.39
C GLY H 158 -15.88 22.33 -48.74
N THR H 159 -15.20 21.37 -48.13
CA THR H 159 -15.85 20.27 -47.41
C THR H 159 -15.94 20.61 -45.94
N GLN H 160 -17.10 20.36 -45.35
CA GLN H 160 -17.37 20.69 -43.95
C GLN H 160 -17.17 19.45 -43.10
N PHE H 161 -16.31 19.55 -42.08
CA PHE H 161 -15.98 18.46 -41.20
C PHE H 161 -16.47 18.74 -39.79
N ILE H 162 -17.00 17.72 -39.13
CA ILE H 162 -17.39 17.79 -37.72
C ILE H 162 -16.84 16.56 -37.02
N PHE H 163 -16.00 16.76 -36.01
CA PHE H 163 -15.33 15.68 -35.30
C PHE H 163 -16.05 15.42 -33.98
N GLY H 164 -16.72 14.27 -33.89
CA GLY H 164 -17.70 14.05 -32.86
C GLY H 164 -17.07 13.68 -31.54
N PRO H 165 -17.92 13.49 -30.53
CA PRO H 165 -17.41 13.27 -29.17
C PRO H 165 -16.64 11.97 -29.08
N LEU H 166 -15.63 11.96 -28.21
CA LEU H 166 -14.84 10.77 -28.02
C LEU H 166 -15.69 9.66 -27.41
N SER H 167 -15.31 8.42 -27.68
CA SER H 167 -16.10 7.27 -27.28
C SER H 167 -15.92 6.88 -25.83
N SER H 168 -14.98 7.49 -25.11
CA SER H 168 -14.74 7.16 -23.70
C SER H 168 -14.60 8.43 -22.89
N ALA H 169 -14.92 8.33 -21.60
CA ALA H 169 -14.83 9.46 -20.68
C ALA H 169 -13.70 9.30 -19.67
N TRP H 170 -12.64 8.59 -20.05
CA TRP H 170 -11.48 8.42 -19.19
C TRP H 170 -10.75 9.73 -19.02
N THR H 171 -10.30 10.00 -17.80
CA THR H 171 -9.47 11.16 -17.50
C THR H 171 -8.33 10.75 -16.59
N PRO H 172 -7.15 11.35 -16.74
CA PRO H 172 -6.04 11.00 -15.86
C PRO H 172 -6.09 11.67 -14.50
N PHE H 173 -6.89 12.72 -14.34
CA PHE H 173 -6.93 13.50 -13.13
C PHE H 173 -8.00 12.97 -12.18
N ASP H 174 -7.77 13.17 -10.89
CA ASP H 174 -8.72 12.81 -9.86
C ASP H 174 -9.61 14.00 -9.55
N ASN H 175 -10.50 13.82 -8.57
CA ASN H 175 -11.38 14.92 -8.19
C ASN H 175 -10.57 16.06 -7.59
N LYS H 176 -9.57 15.75 -6.77
CA LYS H 176 -8.71 16.73 -6.14
C LYS H 176 -7.29 16.59 -6.66
N ILE H 177 -6.70 17.70 -7.08
CA ILE H 177 -5.33 17.71 -7.60
C ILE H 177 -4.60 18.92 -7.05
N VAL H 178 -3.31 18.77 -6.83
CA VAL H 178 -2.44 19.86 -6.38
C VAL H 178 -1.46 20.18 -7.50
N VAL H 179 -1.27 21.46 -7.77
CA VAL H 179 -0.46 21.92 -8.88
C VAL H 179 0.68 22.76 -8.33
N TYR H 180 1.89 22.20 -8.35
CA TYR H 180 3.10 22.98 -8.15
C TYR H 180 3.59 23.41 -9.53
N LYS H 181 4.84 23.87 -9.61
CA LYS H 181 5.31 24.66 -10.76
C LYS H 181 4.92 24.04 -12.10
N ASP H 182 5.45 22.85 -12.42
CA ASP H 182 5.15 22.20 -13.68
C ASP H 182 4.62 20.79 -13.50
N GLU H 183 4.29 20.39 -12.28
CA GLU H 183 3.96 19.01 -11.97
C GLU H 183 2.65 18.93 -11.19
N VAL H 184 1.86 17.92 -11.50
CA VAL H 184 0.51 17.76 -10.99
C VAL H 184 0.45 16.50 -10.15
N PHE H 185 -0.18 16.60 -8.98
CA PHE H 185 -0.26 15.49 -8.04
C PHE H 185 -1.73 15.17 -7.79
N ASN H 186 -2.08 13.89 -7.84
CA ASN H 186 -3.41 13.42 -7.46
C ASN H 186 -3.44 13.27 -5.95
N GLN H 187 -3.66 14.39 -5.27
CA GLN H 187 -3.51 14.47 -3.83
C GLN H 187 -4.79 14.99 -3.18
N ASP H 188 -5.07 14.48 -1.99
CA ASP H 188 -6.31 14.74 -1.27
C ASP H 188 -6.02 15.74 -0.14
N PHE H 189 -6.09 17.02 -0.46
CA PHE H 189 -5.69 18.07 0.48
C PHE H 189 -6.75 18.27 1.56
N PRO H 190 -6.40 18.93 2.66
CA PRO H 190 -7.36 19.17 3.75
C PRO H 190 -8.44 20.15 3.34
N PRO H 191 -9.55 20.19 4.07
CA PRO H 191 -10.56 21.22 3.85
C PRO H 191 -10.02 22.60 4.19
N TYR H 192 -10.75 23.62 3.76
CA TYR H 192 -10.36 24.99 4.06
C TYR H 192 -10.76 25.34 5.48
N GLY H 193 -9.81 25.87 6.25
CA GLY H 193 -10.05 26.17 7.63
C GLY H 193 -9.88 25.01 8.58
N SER H 194 -9.31 23.89 8.12
CA SER H 194 -9.04 22.76 8.99
C SER H 194 -7.70 22.13 8.66
N GLY H 195 -6.68 22.96 8.44
CA GLY H 195 -5.33 22.46 8.23
C GLY H 195 -4.58 22.26 9.53
N GLN H 196 -3.61 21.35 9.50
CA GLN H 196 -2.92 20.87 10.70
C GLN H 196 -1.45 21.27 10.67
N PRO H 197 -0.81 21.39 11.83
CA PRO H 197 0.56 21.91 11.86
C PRO H 197 1.57 20.94 11.28
N GLY H 198 2.54 21.48 10.56
CA GLY H 198 3.65 20.70 10.05
C GLY H 198 3.35 19.89 8.81
N ARG H 199 2.13 19.97 8.29
CA ARG H 199 1.70 19.22 7.13
C ARG H 199 1.22 20.19 6.05
N PHE H 200 1.05 19.67 4.84
CA PHE H 200 0.60 20.50 3.72
C PHE H 200 -0.75 21.11 4.03
N GLY H 201 -0.81 22.44 4.06
CA GLY H 201 -2.02 23.13 4.41
C GLY H 201 -2.05 23.67 5.82
N ASP H 202 -0.89 23.93 6.43
CA ASP H 202 -0.88 24.49 7.77
C ASP H 202 -1.25 25.97 7.76
N ILE H 203 -1.07 26.66 6.64
CA ILE H 203 -1.63 27.98 6.41
C ILE H 203 -2.36 27.95 5.07
N GLN H 204 -3.51 28.61 5.00
CA GLN H 204 -4.34 28.60 3.81
C GLN H 204 -4.78 30.01 3.46
N SER H 205 -5.13 30.20 2.20
CA SER H 205 -5.57 31.48 1.69
C SER H 205 -6.33 31.24 0.39
N ARG H 206 -7.48 31.88 0.23
CA ARG H 206 -8.33 31.56 -0.91
C ARG H 206 -7.71 31.98 -2.23
N THR H 207 -6.96 33.08 -2.24
CA THR H 207 -6.34 33.59 -3.44
C THR H 207 -4.97 34.13 -3.09
N VAL H 208 -4.12 34.29 -4.10
CA VAL H 208 -2.77 34.77 -3.88
C VAL H 208 -2.78 36.15 -3.25
N GLU H 209 -3.65 37.03 -3.73
CA GLU H 209 -3.76 38.40 -3.25
C GLU H 209 -4.89 38.57 -2.24
N SER H 210 -5.48 37.48 -1.77
CA SER H 210 -6.51 37.56 -0.74
C SER H 210 -5.89 38.01 0.59
N ASN H 211 -6.73 38.20 1.59
CA ASN H 211 -6.27 38.71 2.89
C ASN H 211 -6.96 38.01 4.05
N ASP H 212 -7.18 36.70 3.94
CA ASP H 212 -7.77 35.92 5.02
C ASP H 212 -6.71 35.23 5.88
N LEU H 213 -5.92 34.34 5.29
CA LEU H 213 -4.81 33.69 5.95
C LEU H 213 -5.24 32.94 7.22
N TYR H 214 -5.94 31.82 6.98
CA TYR H 214 -6.01 30.81 8.03
C TYR H 214 -4.62 30.29 8.35
N ALA H 215 -4.30 30.17 9.63
CA ALA H 215 -2.99 29.66 10.04
C ALA H 215 -3.13 28.79 11.27
N ASN H 216 -2.52 27.61 11.23
CA ASN H 216 -2.45 26.69 12.37
C ASN H 216 -1.03 26.13 12.37
N THR H 217 -0.12 26.82 13.06
CA THR H 217 1.29 26.46 13.06
C THR H 217 1.82 26.09 14.43
N ALA H 218 0.93 25.90 15.41
CA ALA H 218 1.31 25.51 16.76
C ALA H 218 2.32 26.46 17.38
N LEU H 219 2.12 27.76 17.15
CA LEU H 219 2.97 28.75 17.77
C LEU H 219 2.76 28.74 19.28
N LYS H 220 3.85 28.91 20.02
CA LYS H 220 3.78 28.87 21.47
C LYS H 220 4.92 29.72 22.02
N LEU H 221 4.64 30.45 23.09
CA LEU H 221 5.47 31.56 23.53
C LEU H 221 5.97 31.24 24.94
N ALA H 222 7.27 31.35 25.15
CA ALA H 222 7.92 30.88 26.37
C ALA H 222 8.47 32.04 27.19
N ARG H 223 8.94 31.72 28.41
CA ARG H 223 9.43 32.68 29.39
C ARG H 223 10.91 32.96 29.16
N PRO H 224 11.32 34.23 29.14
CA PRO H 224 12.73 34.55 28.88
C PRO H 224 13.65 34.10 30.00
N SER H 225 14.91 33.86 29.63
CA SER H 225 15.92 33.52 30.62
C SER H 225 16.21 34.71 31.52
N PRO H 226 16.67 34.47 32.75
CA PRO H 226 16.93 35.59 33.66
C PRO H 226 18.03 36.51 33.14
N GLY H 227 17.79 37.81 33.27
CA GLY H 227 18.80 38.81 32.96
C GLY H 227 19.21 38.90 31.51
N MET H 228 18.25 38.80 30.59
CA MET H 228 18.58 38.83 29.17
C MET H 228 17.32 39.10 28.36
N VAL H 229 17.45 40.02 27.40
CA VAL H 229 16.31 40.48 26.61
C VAL H 229 16.22 39.64 25.34
N HIS H 230 15.12 38.90 25.20
CA HIS H 230 14.86 38.10 24.02
C HIS H 230 13.45 37.54 24.14
N VAL H 231 12.84 37.28 23.00
CA VAL H 231 11.52 36.66 22.94
C VAL H 231 11.69 35.21 22.53
N PRO H 232 11.71 34.27 23.48
CA PRO H 232 11.81 32.85 23.11
C PRO H 232 10.44 32.25 22.85
N TYR H 233 10.38 31.41 21.81
CA TYR H 233 9.15 30.76 21.40
C TYR H 233 9.51 29.45 20.72
N THR H 234 8.51 28.60 20.53
CA THR H 234 8.66 27.37 19.78
C THR H 234 7.50 27.24 18.80
N GLN H 235 7.71 26.51 17.72
CA GLN H 235 6.75 26.45 16.63
C GLN H 235 7.12 25.31 15.70
N THR H 236 6.10 24.66 15.14
CA THR H 236 6.30 23.55 14.22
C THR H 236 6.76 24.08 12.86
N PRO H 237 7.77 23.46 12.24
CA PRO H 237 8.28 23.97 10.97
C PRO H 237 7.24 23.88 9.85
N SER H 238 7.53 24.59 8.77
CA SER H 238 6.56 24.79 7.71
C SER H 238 6.14 23.47 7.08
N GLY H 239 4.86 23.35 6.76
CA GLY H 239 4.32 22.16 6.14
C GLY H 239 4.49 22.15 4.64
N PHE H 240 4.64 23.33 4.05
CA PHE H 240 4.93 23.42 2.63
C PHE H 240 6.33 22.89 2.32
N LYS H 241 7.32 23.29 3.11
CA LYS H 241 8.67 22.78 2.93
C LYS H 241 8.75 21.29 3.22
N TYR H 242 7.99 20.82 4.21
CA TYR H 242 7.92 19.39 4.47
C TYR H 242 7.30 18.65 3.30
N TRP H 243 6.25 19.21 2.72
CA TRP H 243 5.59 18.59 1.57
C TRP H 243 6.53 18.51 0.37
N LEU H 244 7.33 19.56 0.16
CA LEU H 244 8.26 19.54 -0.96
C LEU H 244 9.25 18.38 -0.88
N LYS H 245 9.46 17.83 0.31
CA LYS H 245 10.33 16.67 0.51
C LYS H 245 9.59 15.35 0.35
N GLU H 246 8.39 15.24 0.90
CA GLU H 246 7.64 13.99 0.95
C GLU H 246 6.34 14.07 0.16
N LYS H 247 6.39 14.65 -1.04
CA LYS H 247 5.17 14.82 -1.82
C LYS H 247 4.85 13.65 -2.74
N GLY H 248 5.75 12.70 -2.90
CA GLY H 248 5.47 11.53 -3.69
C GLY H 248 5.89 11.67 -5.14
N THR H 249 5.29 10.83 -5.97
CA THR H 249 5.57 10.81 -7.40
C THR H 249 4.46 11.54 -8.15
N ALA H 250 4.84 12.41 -9.07
CA ALA H 250 3.88 13.24 -9.76
C ALA H 250 3.07 12.42 -10.76
N LEU H 251 1.97 13.02 -11.21
CA LEU H 251 1.22 12.43 -12.31
C LEU H 251 2.03 12.38 -13.59
N ASN H 252 3.03 13.25 -13.72
CA ASN H 252 3.85 13.23 -14.93
C ASN H 252 4.61 11.92 -15.06
N THR H 253 5.09 11.39 -13.93
CA THR H 253 5.91 10.18 -13.95
C THR H 253 5.07 8.94 -14.23
N LYS H 254 3.88 8.84 -13.66
CA LYS H 254 2.96 7.74 -13.90
C LYS H 254 1.67 8.30 -14.46
N ALA H 255 1.32 7.89 -15.66
CA ALA H 255 0.07 8.30 -16.28
C ALA H 255 -0.25 7.33 -17.40
N PRO H 256 -1.42 6.73 -17.40
CA PRO H 256 -1.73 5.69 -18.40
C PRO H 256 -1.76 6.25 -19.80
N PHE H 257 -1.60 5.33 -20.75
CA PHE H 257 -1.80 5.60 -22.18
C PHE H 257 -0.83 6.63 -22.73
N GLY H 258 0.27 6.88 -22.05
CA GLY H 258 1.27 7.80 -22.57
C GLY H 258 0.89 9.25 -22.53
N CYS H 259 0.02 9.66 -21.60
CA CYS H 259 -0.31 11.08 -21.47
C CYS H 259 0.93 11.86 -21.05
N GLN H 260 0.99 13.11 -21.51
CA GLN H 260 2.08 14.01 -21.16
C GLN H 260 1.47 15.21 -20.45
N ILE H 261 1.44 15.13 -19.12
CA ILE H 261 0.86 16.20 -18.31
C ILE H 261 1.70 17.45 -18.46
N LYS H 262 1.04 18.57 -18.72
CA LYS H 262 1.74 19.76 -19.18
C LYS H 262 1.37 20.97 -18.32
N THR H 263 1.92 22.10 -18.71
CA THR H 263 2.10 23.30 -17.89
C THR H 263 0.82 24.11 -17.73
N ASN H 264 0.95 25.39 -17.39
CA ASN H 264 -0.01 26.27 -16.70
C ASN H 264 -1.47 25.96 -17.00
N PRO H 265 -1.95 25.94 -18.25
CA PRO H 265 -3.28 25.36 -18.46
C PRO H 265 -3.19 23.85 -18.28
N VAL H 266 -3.69 23.33 -17.16
CA VAL H 266 -3.48 21.93 -16.84
C VAL H 266 -4.13 21.07 -17.91
N ARG H 267 -3.31 20.33 -18.65
CA ARG H 267 -3.78 19.50 -19.75
C ARG H 267 -2.99 18.20 -19.78
N ALA H 268 -3.58 17.19 -20.41
CA ALA H 268 -2.96 15.87 -20.58
C ALA H 268 -2.88 15.60 -22.06
N MET H 269 -1.72 15.88 -22.66
CA MET H 269 -1.59 15.87 -24.10
C MET H 269 -1.21 14.51 -24.64
N ASN H 270 -1.81 14.15 -25.78
CA ASN H 270 -1.40 13.02 -26.61
C ASN H 270 -1.67 11.66 -25.98
N CYS H 271 -2.72 11.55 -25.16
CA CYS H 271 -3.15 10.24 -24.70
C CYS H 271 -3.73 9.45 -25.87
N ALA H 272 -3.65 8.13 -25.79
CA ALA H 272 -4.09 7.24 -26.86
C ALA H 272 -5.19 6.33 -26.32
N VAL H 273 -6.43 6.80 -26.42
CA VAL H 273 -7.57 6.03 -25.96
C VAL H 273 -8.82 6.53 -26.70
N GLY H 274 -9.63 5.58 -27.16
CA GLY H 274 -10.91 5.91 -27.76
C GLY H 274 -10.87 6.07 -29.27
N ASN H 275 -12.05 6.37 -29.82
CA ASN H 275 -12.22 6.62 -31.25
C ASN H 275 -12.92 7.96 -31.44
N ILE H 276 -12.70 8.56 -32.60
CA ILE H 276 -13.30 9.84 -32.95
C ILE H 276 -14.25 9.66 -34.12
N PRO H 277 -15.56 9.82 -33.92
CA PRO H 277 -16.48 9.81 -35.07
C PRO H 277 -16.38 11.10 -35.86
N VAL H 278 -16.43 10.98 -37.19
CA VAL H 278 -16.27 12.11 -38.08
C VAL H 278 -17.44 12.13 -39.06
N SER H 279 -17.88 13.35 -39.41
CA SER H 279 -18.92 13.55 -40.41
C SER H 279 -18.50 14.65 -41.36
N MET H 280 -18.59 14.39 -42.66
CA MET H 280 -18.20 15.36 -43.67
C MET H 280 -19.33 15.60 -44.66
N ASN H 281 -19.26 16.75 -45.34
CA ASN H 281 -20.25 17.17 -46.34
C ASN H 281 -19.49 17.59 -47.59
N LEU H 282 -19.26 16.64 -48.47
CA LEU H 282 -18.40 16.84 -49.63
C LEU H 282 -19.17 17.54 -50.76
N PRO H 283 -18.52 18.45 -51.48
CA PRO H 283 -19.13 19.02 -52.69
C PRO H 283 -18.90 18.12 -53.89
N ASP H 284 -19.51 18.51 -55.01
CA ASP H 284 -19.36 17.74 -56.24
C ASP H 284 -18.02 17.98 -56.92
N SER H 285 -17.40 19.13 -56.71
CA SER H 285 -16.10 19.40 -57.31
C SER H 285 -15.01 18.51 -56.75
N ALA H 286 -15.27 17.80 -55.65
CA ALA H 286 -14.28 16.91 -55.08
C ALA H 286 -14.15 15.60 -55.85
N PHE H 287 -15.24 15.09 -56.39
CA PHE H 287 -15.24 13.81 -57.07
C PHE H 287 -14.91 13.97 -58.55
N THR H 288 -14.87 12.85 -59.26
CA THR H 288 -14.58 12.80 -60.69
C THR H 288 -15.62 11.94 -61.38
N ARG H 289 -16.17 12.44 -62.49
CA ARG H 289 -17.15 11.67 -63.24
C ARG H 289 -16.58 10.33 -63.67
N ILE H 290 -17.38 9.28 -63.53
CA ILE H 290 -16.92 7.93 -63.81
C ILE H 290 -16.49 7.74 -65.26
N VAL H 291 -16.82 8.69 -66.14
CA VAL H 291 -16.38 8.60 -67.53
C VAL H 291 -14.88 8.80 -67.62
N GLU H 292 -14.38 9.83 -66.96
CA GLU H 292 -12.97 10.13 -67.00
C GLU H 292 -12.14 9.00 -66.41
N ALA H 293 -12.67 8.36 -65.37
CA ALA H 293 -11.95 7.34 -64.64
C ALA H 293 -11.60 6.19 -65.59
N PRO H 294 -10.34 5.79 -65.67
CA PRO H 294 -9.99 4.63 -66.50
C PRO H 294 -10.75 3.39 -66.07
N THR H 295 -11.11 2.56 -67.05
CA THR H 295 -11.85 1.34 -66.79
C THR H 295 -10.88 0.19 -66.60
N ILE H 296 -10.91 -0.43 -65.44
CA ILE H 296 -9.96 -1.47 -65.06
C ILE H 296 -10.63 -2.82 -65.23
N ILE H 297 -9.98 -3.71 -65.97
CA ILE H 297 -10.52 -5.03 -66.31
C ILE H 297 -9.49 -6.08 -65.92
N ASP H 298 -9.96 -7.20 -65.38
CA ASP H 298 -9.13 -8.36 -65.05
C ASP H 298 -8.04 -7.98 -64.04
N LEU H 299 -8.49 -7.65 -62.84
CA LEU H 299 -7.59 -7.30 -61.75
C LEU H 299 -7.23 -8.55 -60.95
N THR H 300 -5.94 -8.74 -60.69
CA THR H 300 -5.45 -9.85 -59.90
C THR H 300 -4.41 -9.33 -58.91
N CYS H 301 -4.41 -9.88 -57.71
CA CYS H 301 -3.50 -9.46 -56.65
C CYS H 301 -2.64 -10.63 -56.19
N THR H 302 -1.33 -10.42 -56.18
CA THR H 302 -0.39 -11.43 -55.73
C THR H 302 0.70 -10.77 -54.88
N VAL H 303 1.03 -11.40 -53.76
CA VAL H 303 1.96 -10.85 -52.78
C VAL H 303 3.32 -11.50 -52.99
N ALA H 304 4.34 -10.66 -53.18
CA ALA H 304 5.68 -11.18 -53.43
C ALA H 304 6.39 -11.55 -52.13
N THR H 305 6.63 -10.56 -51.27
CA THR H 305 7.29 -10.76 -49.99
C THR H 305 6.47 -10.12 -48.88
N CYS H 306 6.33 -10.82 -47.77
CA CYS H 306 5.59 -10.31 -46.63
C CYS H 306 6.30 -10.71 -45.34
N THR H 307 6.46 -9.75 -44.44
CA THR H 307 6.84 -10.01 -43.07
C THR H 307 6.01 -9.11 -42.17
N HIS H 308 5.48 -9.66 -41.09
CA HIS H 308 4.53 -8.91 -40.28
C HIS H 308 5.27 -8.15 -39.17
N SER H 309 5.92 -7.08 -39.60
CA SER H 309 6.63 -6.18 -38.71
C SER H 309 5.81 -4.93 -38.44
N SER H 310 6.40 -3.99 -37.72
CA SER H 310 5.67 -2.78 -37.32
C SER H 310 5.52 -1.81 -38.47
N ASP H 311 6.50 -1.71 -39.35
CA ASP H 311 6.43 -0.80 -40.48
C ASP H 311 5.77 -1.53 -41.65
N PHE H 312 5.86 -0.96 -42.84
CA PHE H 312 5.22 -1.54 -44.03
C PHE H 312 6.10 -2.66 -44.56
N GLY H 313 5.90 -3.85 -44.01
CA GLY H 313 6.70 -5.01 -44.36
C GLY H 313 6.20 -5.85 -45.52
N GLY H 314 5.07 -5.50 -46.12
CA GLY H 314 4.50 -6.27 -47.21
C GLY H 314 4.60 -5.52 -48.53
N VAL H 315 4.68 -6.27 -49.62
CA VAL H 315 4.71 -5.71 -50.97
C VAL H 315 3.80 -6.56 -51.85
N LEU H 316 2.93 -5.91 -52.62
CA LEU H 316 2.05 -6.60 -53.55
C LEU H 316 2.06 -5.88 -54.89
N THR H 317 1.74 -6.63 -55.93
CA THR H 317 1.60 -6.09 -57.28
C THR H 317 0.22 -6.44 -57.82
N LEU H 318 -0.41 -5.49 -58.51
CA LEU H 318 -1.69 -5.71 -59.16
C LEU H 318 -1.48 -5.70 -60.66
N THR H 319 -1.97 -6.74 -61.33
CA THR H 319 -1.97 -6.79 -62.78
C THR H 319 -3.38 -6.55 -63.29
N TYR H 320 -3.50 -5.78 -64.37
CA TYR H 320 -4.80 -5.32 -64.83
C TYR H 320 -4.74 -5.03 -66.32
N LYS H 321 -5.92 -4.96 -66.93
CA LYS H 321 -6.08 -4.52 -68.30
C LYS H 321 -6.88 -3.23 -68.30
N THR H 322 -6.31 -2.18 -68.86
CA THR H 322 -6.91 -0.85 -68.83
C THR H 322 -7.21 -0.40 -70.26
N ASP H 323 -7.78 0.80 -70.36
CA ASP H 323 -8.09 1.40 -71.65
C ASP H 323 -7.36 2.74 -71.83
N LYS H 324 -7.07 3.40 -70.72
CA LYS H 324 -6.38 4.70 -70.76
C LYS H 324 -5.65 5.04 -69.46
N ASN H 325 -4.70 5.96 -69.56
CA ASN H 325 -3.91 6.42 -68.41
C ASN H 325 -4.74 7.27 -67.45
N GLY H 326 -4.39 7.25 -66.17
CA GLY H 326 -5.10 8.02 -65.17
C GLY H 326 -4.52 7.74 -63.79
N ASP H 327 -5.21 8.30 -62.79
CA ASP H 327 -4.87 8.08 -61.38
C ASP H 327 -6.07 7.47 -60.70
N CYS H 328 -5.93 6.22 -60.27
CA CYS H 328 -6.99 5.55 -59.53
C CYS H 328 -6.85 5.86 -58.04
N SER H 329 -7.63 5.17 -57.21
CA SER H 329 -7.52 5.30 -55.77
C SER H 329 -7.67 3.91 -55.17
N VAL H 330 -6.68 3.48 -54.41
CA VAL H 330 -6.64 2.15 -53.85
C VAL H 330 -7.21 2.17 -52.44
N HIS H 331 -7.71 1.03 -51.99
CA HIS H 331 -8.21 0.91 -50.64
C HIS H 331 -8.16 -0.55 -50.21
N SER H 332 -8.00 -0.76 -48.91
CA SER H 332 -8.04 -2.08 -48.31
C SER H 332 -9.30 -2.19 -47.47
N HIS H 333 -10.12 -3.19 -47.77
CA HIS H 333 -11.43 -3.29 -47.14
C HIS H 333 -11.42 -4.11 -45.86
N SER H 334 -10.24 -4.38 -45.31
CA SER H 334 -10.12 -5.03 -44.01
C SER H 334 -8.93 -4.44 -43.28
N ASN H 335 -9.09 -4.19 -41.99
CA ASN H 335 -8.03 -3.59 -41.20
C ASN H 335 -6.96 -4.59 -40.79
N VAL H 336 -7.01 -5.81 -41.31
CA VAL H 336 -5.93 -6.76 -41.11
C VAL H 336 -4.68 -6.36 -41.89
N ALA H 337 -4.84 -5.52 -42.92
CA ALA H 337 -3.71 -4.96 -43.65
C ALA H 337 -3.97 -3.49 -43.90
N THR H 338 -2.94 -2.66 -43.70
CA THR H 338 -3.04 -1.22 -43.82
C THR H 338 -2.18 -0.77 -45.00
N LEU H 339 -2.78 -0.11 -45.97
CA LEU H 339 -2.04 0.37 -47.13
C LEU H 339 -1.34 1.69 -46.85
N GLN H 340 -0.22 1.90 -47.54
CA GLN H 340 0.59 3.09 -47.37
C GLN H 340 0.20 4.22 -48.30
N GLU H 341 -0.23 3.90 -49.51
CA GLU H 341 -0.57 4.89 -50.52
C GLU H 341 -2.08 5.03 -50.64
N ALA H 342 -2.53 6.23 -50.98
CA ALA H 342 -3.93 6.50 -51.23
C ALA H 342 -4.30 6.40 -52.70
N THR H 343 -3.58 7.11 -53.56
CA THR H 343 -3.81 7.09 -54.99
C THR H 343 -2.68 6.36 -55.70
N ALA H 344 -3.01 5.76 -56.83
CA ALA H 344 -2.07 5.00 -57.65
C ALA H 344 -1.93 5.67 -59.01
N LYS H 345 -1.18 5.01 -59.90
CA LYS H 345 -1.00 5.47 -61.27
C LYS H 345 -1.22 4.27 -62.18
N VAL H 346 -2.32 4.27 -62.91
CA VAL H 346 -2.63 3.19 -63.85
C VAL H 346 -2.04 3.53 -65.21
N LYS H 347 -1.24 2.62 -65.75
CA LYS H 347 -0.52 2.83 -66.99
C LYS H 347 -1.15 2.00 -68.11
N THR H 348 -0.78 2.35 -69.34
CA THR H 348 -1.44 1.78 -70.50
C THR H 348 -1.25 0.27 -70.57
N ALA H 349 -0.04 -0.21 -70.27
CA ALA H 349 0.21 -1.65 -70.22
C ALA H 349 1.24 -1.88 -69.12
N GLY H 350 0.76 -2.22 -67.94
CA GLY H 350 1.66 -2.41 -66.83
C GLY H 350 0.97 -2.92 -65.60
N LYS H 351 1.66 -2.78 -64.48
CA LYS H 351 1.21 -3.23 -63.18
C LYS H 351 1.19 -2.04 -62.23
N VAL H 352 0.85 -2.30 -60.98
CA VAL H 352 0.99 -1.31 -59.91
C VAL H 352 1.40 -2.05 -58.65
N THR H 353 2.34 -1.49 -57.91
CA THR H 353 2.89 -2.11 -56.72
C THR H 353 2.64 -1.22 -55.51
N LEU H 354 2.22 -1.83 -54.41
CA LEU H 354 1.86 -1.10 -53.21
C LEU H 354 2.43 -1.82 -52.00
N HIS H 355 2.69 -1.06 -50.94
CA HIS H 355 3.20 -1.59 -49.68
C HIS H 355 2.10 -1.56 -48.64
N PHE H 356 2.03 -2.61 -47.83
CA PHE H 356 1.05 -2.70 -46.75
C PHE H 356 1.71 -3.17 -45.47
N SER H 357 0.95 -3.15 -44.38
CA SER H 357 1.45 -3.49 -43.06
C SER H 357 0.44 -4.37 -42.34
N THR H 358 0.94 -5.42 -41.68
CA THR H 358 0.06 -6.40 -41.07
C THR H 358 0.74 -6.97 -39.83
N ALA H 359 -0.05 -7.62 -38.98
CA ALA H 359 0.45 -8.32 -37.81
C ALA H 359 0.11 -9.80 -37.83
N SER H 360 -0.38 -10.32 -38.95
CA SER H 360 -0.86 -11.69 -39.03
C SER H 360 0.01 -12.50 -39.97
N ALA H 361 0.16 -13.79 -39.64
CA ALA H 361 0.96 -14.67 -40.48
C ALA H 361 0.35 -14.84 -41.86
N SER H 362 -0.98 -14.98 -41.93
CA SER H 362 -1.69 -15.20 -43.18
C SER H 362 -2.85 -14.22 -43.28
N PRO H 363 -2.60 -13.01 -43.77
CA PRO H 363 -3.70 -12.06 -43.96
C PRO H 363 -4.45 -12.31 -45.26
N SER H 364 -5.75 -12.02 -45.23
CA SER H 364 -6.57 -12.03 -46.43
C SER H 364 -7.41 -10.77 -46.44
N PHE H 365 -7.36 -10.03 -47.55
CA PHE H 365 -8.04 -8.75 -47.62
C PHE H 365 -8.38 -8.45 -49.08
N VAL H 366 -9.33 -7.54 -49.26
CA VAL H 366 -9.83 -7.17 -50.58
C VAL H 366 -9.26 -5.79 -50.92
N VAL H 367 -8.58 -5.69 -52.05
CA VAL H 367 -8.01 -4.44 -52.52
C VAL H 367 -8.74 -4.02 -53.79
N SER H 368 -9.01 -2.74 -53.91
CA SER H 368 -9.73 -2.20 -55.05
C SER H 368 -8.89 -1.14 -55.75
N LEU H 369 -8.92 -1.16 -57.07
CA LEU H 369 -8.44 -0.07 -57.91
C LEU H 369 -9.64 0.85 -58.15
N CYS H 370 -9.60 1.71 -59.18
CA CYS H 370 -10.69 2.66 -59.42
C CYS H 370 -12.05 2.07 -59.11
N SER H 371 -12.45 1.03 -59.84
CA SER H 371 -13.69 0.34 -59.52
C SER H 371 -13.57 -1.17 -59.55
N ALA H 372 -12.46 -1.73 -60.02
CA ALA H 372 -12.28 -3.17 -60.01
C ALA H 372 -12.00 -3.65 -58.59
N ARG H 373 -11.92 -4.97 -58.41
CA ARG H 373 -11.68 -5.53 -57.10
C ARG H 373 -10.92 -6.83 -57.23
N ALA H 374 -10.29 -7.24 -56.13
CA ALA H 374 -9.49 -8.45 -56.09
C ALA H 374 -9.34 -8.87 -54.64
N THR H 375 -8.94 -10.12 -54.45
CA THR H 375 -8.71 -10.67 -53.12
C THR H 375 -7.25 -11.09 -53.00
N CYS H 376 -6.60 -10.66 -51.93
CA CYS H 376 -5.18 -10.92 -51.70
C CYS H 376 -5.00 -11.92 -50.58
N SER H 377 -4.07 -12.85 -50.77
CA SER H 377 -3.66 -13.79 -49.74
C SER H 377 -2.14 -13.83 -49.70
N ALA H 378 -1.58 -14.07 -48.52
CA ALA H 378 -0.14 -14.06 -48.37
C ALA H 378 0.28 -14.94 -47.21
N SER H 379 1.54 -15.32 -47.23
CA SER H 379 2.20 -16.00 -46.11
C SER H 379 3.33 -15.10 -45.64
N CYS H 380 3.29 -14.72 -44.36
CA CYS H 380 4.20 -13.73 -43.81
C CYS H 380 5.03 -14.34 -42.70
N GLU H 381 6.32 -14.04 -42.71
CA GLU H 381 7.25 -14.54 -41.72
C GLU H 381 7.46 -13.50 -40.62
N PRO H 382 7.71 -13.93 -39.39
CA PRO H 382 7.90 -12.98 -38.31
C PRO H 382 9.14 -12.14 -38.53
N PRO H 383 9.20 -10.93 -37.98
CA PRO H 383 10.39 -10.10 -38.14
C PRO H 383 11.54 -10.62 -37.29
N LYS H 384 12.69 -9.96 -37.38
CA LYS H 384 13.88 -10.41 -36.66
C LYS H 384 14.27 -9.52 -35.51
N ASP H 385 14.17 -8.20 -35.67
CA ASP H 385 14.50 -7.27 -34.59
C ASP H 385 13.49 -7.39 -33.46
N HIS H 386 14.02 -7.41 -32.23
CA HIS H 386 13.15 -7.50 -31.06
C HIS H 386 12.47 -6.18 -30.74
N ILE H 387 13.19 -5.07 -30.89
CA ILE H 387 12.78 -3.77 -30.37
C ILE H 387 12.96 -2.73 -31.46
N VAL H 388 11.96 -1.86 -31.62
CA VAL H 388 12.00 -0.79 -32.62
C VAL H 388 11.67 0.53 -31.95
N PRO H 389 12.12 1.66 -32.49
CA PRO H 389 11.83 2.94 -31.85
C PRO H 389 10.55 3.63 -32.33
N TYR H 390 9.65 2.90 -32.98
CA TYR H 390 8.44 3.50 -33.54
C TYR H 390 7.26 2.58 -33.30
N ALA H 391 6.06 3.14 -33.40
CA ALA H 391 4.83 2.42 -33.14
C ALA H 391 4.32 1.72 -34.40
N ALA H 392 3.46 0.73 -34.18
CA ALA H 392 2.96 -0.08 -35.28
C ALA H 392 2.13 0.75 -36.25
N SER H 393 2.35 0.50 -37.55
CA SER H 393 1.58 1.11 -38.61
C SER H 393 0.33 0.31 -38.95
N HIS H 394 -0.14 -0.52 -38.03
CA HIS H 394 -1.26 -1.41 -38.28
C HIS H 394 -2.09 -1.52 -37.01
N SER H 395 -3.22 -2.22 -37.14
CA SER H 395 -4.04 -2.59 -36.00
C SER H 395 -3.71 -4.04 -35.63
N ASN H 396 -3.61 -4.30 -34.33
CA ASN H 396 -3.12 -5.60 -33.90
C ASN H 396 -4.14 -6.69 -34.16
N VAL H 397 -4.33 -7.04 -35.41
CA VAL H 397 -5.23 -8.12 -35.82
C VAL H 397 -4.36 -9.32 -36.15
N VAL H 398 -4.39 -10.33 -35.29
CA VAL H 398 -3.50 -11.47 -35.41
C VAL H 398 -4.22 -12.74 -35.85
N PHE H 399 -5.53 -12.81 -35.70
CA PHE H 399 -6.26 -14.03 -36.05
C PHE H 399 -6.08 -14.32 -37.53
N PRO H 400 -5.61 -15.52 -37.90
CA PRO H 400 -5.33 -15.81 -39.30
C PRO H 400 -6.59 -15.99 -40.13
N ASP H 401 -6.42 -16.21 -41.43
CA ASP H 401 -7.55 -16.40 -42.33
C ASP H 401 -7.87 -17.87 -42.49
N MET H 402 -9.16 -18.19 -42.50
CA MET H 402 -9.58 -19.52 -42.90
C MET H 402 -9.09 -19.80 -44.31
N SER H 403 -8.62 -21.03 -44.53
CA SER H 403 -7.86 -21.48 -45.70
C SER H 403 -6.40 -21.05 -45.61
N GLY H 404 -5.98 -20.46 -44.50
CA GLY H 404 -4.57 -20.24 -44.26
C GLY H 404 -3.87 -21.53 -43.89
N THR H 405 -2.55 -21.45 -43.77
CA THR H 405 -1.76 -22.64 -43.47
C THR H 405 -2.16 -23.25 -42.13
N ALA H 406 -2.30 -22.41 -41.12
CA ALA H 406 -2.53 -22.92 -39.77
C ALA H 406 -3.94 -23.45 -39.60
N LEU H 407 -4.92 -22.86 -40.27
CA LEU H 407 -6.31 -23.24 -40.10
C LEU H 407 -6.75 -24.33 -41.07
N SER H 408 -6.08 -24.47 -42.22
CA SER H 408 -6.43 -25.55 -43.13
C SER H 408 -6.16 -26.92 -42.52
N TRP H 409 -5.15 -27.03 -41.67
CA TRP H 409 -4.90 -28.29 -40.97
C TRP H 409 -6.07 -28.66 -40.08
N VAL H 410 -6.59 -27.68 -39.33
CA VAL H 410 -7.77 -27.91 -38.51
C VAL H 410 -8.97 -28.26 -39.38
N GLN H 411 -9.10 -27.59 -40.53
CA GLN H 411 -10.17 -27.90 -41.46
C GLN H 411 -10.14 -29.36 -41.87
N LYS H 412 -8.97 -29.83 -42.31
CA LYS H 412 -8.86 -31.21 -42.78
C LYS H 412 -9.09 -32.21 -41.64
N ILE H 413 -8.53 -31.95 -40.47
CA ILE H 413 -8.66 -32.90 -39.36
C ILE H 413 -10.11 -32.97 -38.91
N SER H 414 -10.76 -31.81 -38.72
CA SER H 414 -12.15 -31.80 -38.32
C SER H 414 -13.05 -32.38 -39.40
N GLY H 415 -12.71 -32.20 -40.67
CA GLY H 415 -13.48 -32.83 -41.73
C GLY H 415 -13.36 -34.34 -41.72
N GLY H 416 -12.17 -34.86 -41.49
CA GLY H 416 -12.02 -36.30 -41.36
C GLY H 416 -12.80 -36.85 -40.19
N LEU H 417 -12.72 -36.18 -39.04
CA LEU H 417 -13.48 -36.63 -37.88
C LEU H 417 -14.98 -36.57 -38.15
N GLY H 418 -15.44 -35.52 -38.85
CA GLY H 418 -16.85 -35.42 -39.18
C GLY H 418 -17.30 -36.49 -40.15
N ALA H 419 -16.44 -36.84 -41.12
CA ALA H 419 -16.75 -37.93 -42.03
C ALA H 419 -16.89 -39.24 -41.27
N PHE H 420 -15.97 -39.49 -40.33
CA PHE H 420 -16.08 -40.68 -39.49
C PHE H 420 -17.39 -40.66 -38.69
N ALA H 421 -17.73 -39.51 -38.11
CA ALA H 421 -18.94 -39.41 -37.30
C ALA H 421 -20.19 -39.64 -38.13
N ILE H 422 -20.26 -39.06 -39.32
CA ILE H 422 -21.45 -39.23 -40.15
C ILE H 422 -21.54 -40.66 -40.68
N GLY H 423 -20.40 -41.29 -40.96
CA GLY H 423 -20.42 -42.70 -41.31
C GLY H 423 -20.99 -43.56 -40.21
N ALA H 424 -20.56 -43.30 -38.97
CA ALA H 424 -21.10 -44.04 -37.83
C ALA H 424 -22.59 -43.76 -37.64
N ILE H 425 -23.01 -42.51 -37.80
CA ILE H 425 -24.42 -42.16 -37.72
C ILE H 425 -25.22 -42.96 -38.74
N LEU H 426 -24.75 -42.99 -39.98
CA LEU H 426 -25.44 -43.71 -41.04
C LEU H 426 -25.50 -45.21 -40.73
N VAL H 427 -24.40 -45.77 -40.23
CA VAL H 427 -24.37 -47.20 -39.95
C VAL H 427 -25.39 -47.55 -38.87
N LEU H 428 -25.43 -46.76 -37.79
CA LEU H 428 -26.40 -47.04 -36.73
C LEU H 428 -27.83 -46.87 -37.22
N VAL H 429 -28.09 -45.83 -38.02
CA VAL H 429 -29.45 -45.62 -38.53
C VAL H 429 -29.86 -46.77 -39.45
N VAL H 430 -28.97 -47.21 -40.32
CA VAL H 430 -29.26 -48.31 -41.23
C VAL H 430 -29.53 -49.58 -40.44
N VAL H 431 -28.75 -49.84 -39.41
CA VAL H 431 -28.96 -51.05 -38.61
C VAL H 431 -30.31 -50.98 -37.89
N THR H 432 -30.62 -49.84 -37.26
CA THR H 432 -31.84 -49.75 -36.49
C THR H 432 -33.08 -49.65 -37.37
N CYS H 433 -32.92 -49.37 -38.66
CA CYS H 433 -34.07 -49.45 -39.56
C CYS H 433 -34.20 -50.82 -40.22
N ILE H 434 -33.08 -51.48 -40.53
CA ILE H 434 -33.15 -52.82 -41.08
C ILE H 434 -33.72 -53.79 -40.06
N GLY H 435 -33.26 -53.69 -38.80
CA GLY H 435 -33.83 -54.52 -37.75
C GLY H 435 -35.27 -54.17 -37.41
N LEU H 436 -35.72 -52.98 -37.80
CA LEU H 436 -37.10 -52.59 -37.56
C LEU H 436 -38.08 -53.40 -38.40
N ARG H 437 -37.62 -54.00 -39.49
CA ARG H 437 -38.48 -54.78 -40.37
C ARG H 437 -39.02 -56.03 -39.68
N GLY I 1 -55.90 -89.97 -22.97
CA GLY I 1 -55.14 -88.73 -23.09
C GLY I 1 -53.76 -88.82 -22.46
N LYS I 2 -52.73 -88.89 -23.30
CA LYS I 2 -51.36 -89.05 -22.83
C LYS I 2 -50.49 -87.82 -23.02
N ARG I 3 -50.89 -86.87 -23.88
CA ARG I 3 -50.04 -85.74 -24.19
C ARG I 3 -49.74 -84.91 -22.94
N GLU I 4 -50.75 -84.65 -22.12
CA GLU I 4 -50.57 -83.80 -20.95
C GLU I 4 -49.60 -84.43 -19.96
N ARG I 5 -49.68 -85.76 -19.81
CA ARG I 5 -48.79 -86.44 -18.86
C ARG I 5 -47.38 -86.59 -19.43
N MET I 6 -47.24 -86.81 -20.73
CA MET I 6 -45.91 -86.95 -21.32
C MET I 6 -45.22 -85.62 -21.56
N CYS I 7 -45.94 -84.50 -21.49
CA CYS I 7 -45.29 -83.21 -21.59
C CYS I 7 -44.56 -82.81 -20.32
N MET I 8 -45.05 -83.28 -19.16
CA MET I 8 -44.44 -82.91 -17.89
C MET I 8 -43.11 -83.60 -17.64
N LYS I 9 -42.86 -84.74 -18.29
CA LYS I 9 -41.60 -85.45 -18.05
C LYS I 9 -40.40 -84.63 -18.51
N ILE I 10 -40.49 -84.00 -19.68
CA ILE I 10 -39.41 -83.16 -20.16
C ILE I 10 -39.34 -81.88 -19.35
N GLU I 11 -40.50 -81.32 -19.00
CA GLU I 11 -40.57 -80.09 -18.22
C GLU I 11 -39.96 -80.24 -16.84
N ASN I 12 -39.85 -81.48 -16.34
CA ASN I 12 -39.30 -81.68 -15.00
C ASN I 12 -37.86 -81.18 -14.90
N ASP I 13 -37.04 -81.47 -15.92
CA ASP I 13 -35.65 -81.04 -15.93
C ASP I 13 -35.43 -79.76 -16.72
N CYS I 14 -36.38 -79.37 -17.58
CA CYS I 14 -36.19 -78.19 -18.43
C CYS I 14 -36.38 -76.88 -17.69
N ILE I 15 -37.20 -76.85 -16.64
CA ILE I 15 -37.49 -75.63 -15.90
C ILE I 15 -36.70 -75.62 -14.60
N PHE I 16 -36.00 -74.52 -14.35
CA PHE I 16 -35.30 -74.27 -13.10
C PHE I 16 -35.86 -72.97 -12.54
N GLU I 17 -36.81 -73.09 -11.61
CA GLU I 17 -37.60 -71.94 -11.18
C GLU I 17 -36.73 -70.89 -10.50
N VAL I 18 -37.04 -69.62 -10.78
CA VAL I 18 -36.28 -68.50 -10.27
C VAL I 18 -36.82 -68.10 -8.90
N LYS I 19 -35.92 -68.02 -7.92
CA LYS I 19 -36.25 -67.64 -6.56
C LYS I 19 -35.60 -66.30 -6.25
N HIS I 20 -36.38 -65.34 -5.78
CA HIS I 20 -35.83 -64.02 -5.48
C HIS I 20 -36.70 -63.34 -4.43
N GLU I 21 -36.05 -62.70 -3.45
CA GLU I 21 -36.68 -62.19 -2.24
C GLU I 21 -37.63 -63.21 -1.61
N GLY I 22 -37.23 -64.48 -1.62
CA GLY I 22 -38.02 -65.50 -0.95
C GLY I 22 -39.29 -65.91 -1.67
N LYS I 23 -39.41 -65.65 -2.97
CA LYS I 23 -40.56 -66.08 -3.74
C LYS I 23 -40.09 -66.66 -5.07
N VAL I 24 -40.90 -67.55 -5.63
CA VAL I 24 -40.68 -68.12 -6.96
C VAL I 24 -41.50 -67.31 -7.95
N THR I 25 -40.81 -66.66 -8.89
CA THR I 25 -41.46 -65.70 -9.78
C THR I 25 -41.37 -66.10 -11.24
N GLY I 26 -40.18 -66.45 -11.73
CA GLY I 26 -39.98 -66.78 -13.12
C GLY I 26 -39.46 -68.20 -13.30
N TYR I 27 -39.37 -68.60 -14.56
CA TYR I 27 -38.87 -69.92 -14.93
C TYR I 27 -38.04 -69.80 -16.19
N ALA I 28 -37.06 -70.69 -16.32
CA ALA I 28 -36.20 -70.75 -17.49
C ALA I 28 -36.29 -72.13 -18.12
N CYS I 29 -36.37 -72.16 -19.45
CA CYS I 29 -36.57 -73.40 -20.19
C CYS I 29 -35.37 -73.65 -21.10
N LEU I 30 -34.76 -74.82 -20.95
CA LEU I 30 -33.69 -75.24 -21.85
C LEU I 30 -34.31 -75.66 -23.17
N VAL I 31 -34.02 -74.92 -24.23
CA VAL I 31 -34.56 -75.19 -25.57
C VAL I 31 -33.40 -75.12 -26.54
N GLY I 32 -32.89 -76.28 -26.95
CA GLY I 32 -31.85 -76.34 -27.97
C GLY I 32 -30.59 -75.60 -27.60
N ASP I 33 -29.86 -76.11 -26.61
CA ASP I 33 -28.54 -75.63 -26.22
C ASP I 33 -28.56 -74.23 -25.65
N LYS I 34 -29.73 -73.68 -25.33
CA LYS I 34 -29.82 -72.32 -24.82
C LYS I 34 -30.81 -72.27 -23.65
N VAL I 35 -30.66 -71.23 -22.85
CA VAL I 35 -31.63 -70.88 -21.83
C VAL I 35 -32.57 -69.83 -22.43
N MET I 36 -33.82 -69.84 -22.00
CA MET I 36 -34.79 -68.80 -22.38
C MET I 36 -35.49 -68.34 -21.11
N LYS I 37 -34.96 -67.29 -20.51
CA LYS I 37 -35.42 -66.74 -19.25
C LYS I 37 -35.92 -65.32 -19.50
N PRO I 38 -37.14 -64.99 -19.06
CA PRO I 38 -37.68 -63.66 -19.34
C PRO I 38 -36.91 -62.57 -18.63
N ALA I 39 -36.79 -61.42 -19.28
CA ALA I 39 -35.97 -60.34 -18.75
C ALA I 39 -36.68 -59.52 -17.67
N HIS I 40 -38.00 -59.65 -17.52
CA HIS I 40 -38.69 -58.86 -16.52
C HIS I 40 -38.47 -59.42 -15.12
N VAL I 41 -38.41 -60.75 -14.99
CA VAL I 41 -38.17 -61.34 -13.68
C VAL I 41 -36.69 -61.19 -13.32
N LYS I 42 -36.44 -60.73 -12.09
CA LYS I 42 -35.09 -60.48 -11.61
C LYS I 42 -34.79 -61.44 -10.47
N GLY I 43 -33.60 -62.04 -10.51
CA GLY I 43 -33.19 -62.94 -9.46
C GLY I 43 -32.16 -63.92 -9.97
N VAL I 44 -31.84 -64.88 -9.11
CA VAL I 44 -30.85 -65.91 -9.39
C VAL I 44 -31.58 -67.24 -9.57
N ILE I 45 -31.16 -67.99 -10.59
CA ILE I 45 -31.79 -69.27 -10.88
C ILE I 45 -31.50 -70.29 -9.78
N ASP I 46 -32.39 -71.28 -9.67
CA ASP I 46 -32.25 -72.28 -8.61
C ASP I 46 -30.97 -73.08 -8.77
N ASN I 47 -30.72 -73.62 -9.96
CA ASN I 47 -29.54 -74.44 -10.18
C ASN I 47 -28.28 -73.59 -10.13
N ALA I 48 -27.24 -74.12 -9.48
CA ALA I 48 -25.98 -73.39 -9.36
C ALA I 48 -25.29 -73.23 -10.71
N ASP I 49 -25.39 -74.24 -11.57
CA ASP I 49 -24.66 -74.24 -12.84
C ASP I 49 -25.24 -73.26 -13.85
N LEU I 50 -26.39 -72.66 -13.59
CA LEU I 50 -27.00 -71.70 -14.51
C LEU I 50 -26.95 -70.28 -13.98
N ALA I 51 -26.14 -70.02 -12.96
CA ALA I 51 -25.98 -68.68 -12.39
C ALA I 51 -24.59 -68.11 -12.62
N LYS I 52 -23.89 -68.60 -13.64
CA LYS I 52 -22.51 -68.17 -13.87
C LYS I 52 -22.25 -67.71 -15.30
N LEU I 53 -22.86 -68.36 -16.30
CA LEU I 53 -22.40 -68.18 -17.67
C LEU I 53 -22.55 -66.77 -18.21
N ALA I 54 -23.78 -66.34 -18.45
CA ALA I 54 -24.08 -65.04 -19.06
C ALA I 54 -25.59 -64.93 -19.21
N PHE I 55 -26.05 -63.71 -19.51
CA PHE I 55 -27.42 -63.46 -19.92
C PHE I 55 -27.39 -62.27 -20.87
N LYS I 56 -27.35 -62.53 -22.16
CA LYS I 56 -27.20 -61.49 -23.17
C LYS I 56 -28.57 -60.85 -23.37
N LYS I 57 -28.75 -59.66 -22.80
CA LYS I 57 -30.06 -59.02 -22.74
C LYS I 57 -30.50 -58.50 -24.11
N SER I 58 -31.82 -58.37 -24.26
CA SER I 58 -32.41 -57.71 -25.42
C SER I 58 -33.79 -57.21 -24.99
N SER I 59 -33.88 -55.91 -24.71
CA SER I 59 -35.08 -55.37 -24.08
C SER I 59 -36.29 -55.46 -25.00
N LYS I 60 -36.14 -55.09 -26.28
CA LYS I 60 -37.28 -55.12 -27.19
C LYS I 60 -37.76 -56.55 -27.43
N TYR I 61 -36.86 -57.52 -27.35
CA TYR I 61 -37.22 -58.91 -27.56
C TYR I 61 -37.54 -59.63 -26.26
N ASP I 62 -37.00 -59.15 -25.13
CA ASP I 62 -37.30 -59.68 -23.81
C ASP I 62 -36.85 -61.14 -23.66
N LEU I 63 -35.56 -61.35 -23.91
CA LEU I 63 -35.01 -62.70 -23.82
C LEU I 63 -33.49 -62.60 -23.70
N GLU I 64 -32.92 -63.45 -22.86
CA GLU I 64 -31.47 -63.58 -22.74
C GLU I 64 -31.09 -65.04 -22.65
N CYS I 65 -30.04 -65.41 -23.39
CA CYS I 65 -29.62 -66.80 -23.54
C CYS I 65 -28.23 -66.99 -22.96
N ALA I 66 -27.79 -68.25 -22.91
CA ALA I 66 -26.46 -68.59 -22.44
C ALA I 66 -26.06 -69.94 -23.00
N GLN I 67 -24.78 -70.07 -23.34
CA GLN I 67 -24.26 -71.33 -23.89
C GLN I 67 -24.11 -72.33 -22.76
N ILE I 68 -25.07 -73.23 -22.63
CA ILE I 68 -25.15 -74.13 -21.48
C ILE I 68 -24.04 -75.18 -21.54
N PRO I 69 -23.55 -75.65 -20.39
CA PRO I 69 -22.48 -76.65 -20.39
C PRO I 69 -22.94 -77.97 -21.00
N VAL I 70 -21.96 -78.73 -21.50
CA VAL I 70 -22.24 -79.95 -22.26
C VAL I 70 -22.95 -81.01 -21.42
N HIS I 71 -22.77 -80.98 -20.10
CA HIS I 71 -23.40 -81.98 -19.24
C HIS I 71 -24.88 -81.71 -19.05
N MET I 72 -25.27 -80.45 -18.98
CA MET I 72 -26.66 -80.04 -18.94
C MET I 72 -27.23 -79.75 -20.32
N ARG I 73 -26.40 -79.85 -21.36
CA ARG I 73 -26.83 -79.49 -22.71
C ARG I 73 -27.84 -80.48 -23.25
N SER I 74 -27.63 -81.78 -23.02
CA SER I 74 -28.44 -82.81 -23.66
C SER I 74 -29.89 -82.80 -23.18
N ASP I 75 -30.18 -82.18 -22.04
CA ASP I 75 -31.53 -82.20 -21.47
C ASP I 75 -32.30 -80.95 -21.86
N ALA I 76 -32.55 -80.80 -23.16
CA ALA I 76 -33.29 -79.68 -23.70
C ALA I 76 -34.34 -80.18 -24.68
N SER I 77 -35.47 -79.48 -24.72
CA SER I 77 -36.59 -79.87 -25.58
C SER I 77 -36.28 -79.50 -27.03
N LYS I 78 -37.27 -79.68 -27.91
CA LYS I 78 -37.09 -79.43 -29.33
C LYS I 78 -38.01 -78.28 -29.76
N TYR I 79 -37.43 -77.32 -30.49
CA TYR I 79 -38.14 -76.13 -30.90
C TYR I 79 -38.91 -76.38 -32.20
N THR I 80 -39.86 -75.49 -32.48
CA THR I 80 -40.70 -75.59 -33.67
C THR I 80 -40.69 -74.25 -34.39
N HIS I 81 -40.27 -74.26 -35.65
CA HIS I 81 -40.28 -73.05 -36.48
C HIS I 81 -41.50 -72.99 -37.40
N GLU I 82 -42.37 -73.99 -37.36
CA GLU I 82 -43.62 -73.98 -38.10
C GLU I 82 -44.78 -73.99 -37.11
N LYS I 83 -45.77 -73.13 -37.36
CA LYS I 83 -46.91 -72.95 -36.46
C LYS I 83 -48.20 -73.17 -37.25
N PRO I 84 -48.52 -74.41 -37.58
CA PRO I 84 -49.80 -74.69 -38.23
C PRO I 84 -50.95 -74.56 -37.24
N GLU I 85 -52.14 -74.37 -37.78
CA GLU I 85 -53.32 -74.19 -36.95
C GLU I 85 -53.58 -75.45 -36.12
N GLY I 86 -53.95 -75.25 -34.87
CA GLY I 86 -54.23 -76.37 -33.99
C GLY I 86 -54.40 -75.90 -32.57
N HIS I 87 -54.51 -76.87 -31.67
CA HIS I 87 -54.62 -76.64 -30.24
C HIS I 87 -53.36 -77.13 -29.55
N TYR I 88 -52.91 -76.39 -28.54
CA TYR I 88 -51.62 -76.62 -27.92
C TYR I 88 -51.78 -76.89 -26.43
N ASN I 89 -50.68 -77.34 -25.83
CA ASN I 89 -50.68 -77.87 -24.47
C ASN I 89 -49.84 -76.96 -23.58
N TRP I 90 -50.40 -76.60 -22.42
CA TRP I 90 -49.69 -75.81 -21.43
C TRP I 90 -49.91 -76.43 -20.06
N HIS I 91 -49.20 -75.90 -19.05
CA HIS I 91 -49.33 -76.43 -17.71
C HIS I 91 -50.74 -76.25 -17.17
N HIS I 92 -51.34 -75.07 -17.39
CA HIS I 92 -52.70 -74.81 -16.92
C HIS I 92 -53.68 -75.18 -18.02
N GLY I 93 -53.98 -76.47 -18.09
CA GLY I 93 -54.92 -76.94 -19.10
C GLY I 93 -54.37 -76.80 -20.51
N ALA I 94 -55.28 -76.63 -21.46
CA ALA I 94 -54.92 -76.52 -22.87
C ALA I 94 -55.04 -75.07 -23.34
N VAL I 95 -54.41 -74.80 -24.49
CA VAL I 95 -54.44 -73.49 -25.11
C VAL I 95 -54.72 -73.67 -26.60
N GLN I 96 -55.55 -72.78 -27.15
CA GLN I 96 -55.82 -72.78 -28.58
C GLN I 96 -54.91 -71.78 -29.29
N TYR I 97 -54.96 -71.80 -30.62
CA TYR I 97 -54.09 -70.95 -31.44
C TYR I 97 -54.86 -70.61 -32.71
N SER I 98 -55.53 -69.47 -32.71
CA SER I 98 -56.39 -69.06 -33.80
C SER I 98 -55.99 -67.66 -34.27
N GLY I 99 -55.72 -67.54 -35.57
CA GLY I 99 -55.35 -66.27 -36.16
C GLY I 99 -54.02 -65.72 -35.70
N GLY I 100 -53.01 -66.58 -35.58
CA GLY I 100 -51.69 -66.16 -35.16
C GLY I 100 -51.58 -65.82 -33.70
N ARG I 101 -52.65 -65.97 -32.92
CA ARG I 101 -52.69 -65.55 -31.53
C ARG I 101 -52.86 -66.77 -30.63
N PHE I 102 -52.16 -66.76 -29.49
CA PHE I 102 -52.26 -67.82 -28.50
C PHE I 102 -53.34 -67.45 -27.50
N THR I 103 -54.49 -68.12 -27.57
CA THR I 103 -55.65 -67.80 -26.75
C THR I 103 -55.82 -68.84 -25.65
N ILE I 104 -56.00 -68.37 -24.42
CA ILE I 104 -56.23 -69.22 -23.27
C ILE I 104 -57.45 -68.75 -22.49
N PRO I 105 -58.31 -69.65 -22.01
CA PRO I 105 -59.40 -69.23 -21.13
C PRO I 105 -58.87 -68.59 -19.87
N THR I 106 -59.58 -67.57 -19.39
CA THR I 106 -59.19 -66.90 -18.16
C THR I 106 -59.44 -67.82 -16.97
N GLY I 107 -58.78 -67.50 -15.86
CA GLY I 107 -58.87 -68.34 -14.67
C GLY I 107 -57.90 -69.49 -14.71
N ALA I 108 -57.79 -70.14 -15.87
CA ALA I 108 -56.84 -71.22 -16.09
C ALA I 108 -55.48 -70.62 -16.45
N GLY I 109 -54.88 -69.96 -15.46
CA GLY I 109 -53.61 -69.28 -15.65
C GLY I 109 -53.55 -68.00 -14.83
N LYS I 110 -52.47 -67.81 -14.10
CA LYS I 110 -52.35 -66.68 -13.20
C LYS I 110 -51.04 -65.94 -13.44
N PRO I 111 -51.02 -64.63 -13.21
CA PRO I 111 -49.77 -63.86 -13.36
C PRO I 111 -48.78 -64.24 -12.28
N GLY I 112 -47.64 -64.79 -12.70
CA GLY I 112 -46.65 -65.27 -11.76
C GLY I 112 -45.95 -66.53 -12.23
N ASP I 113 -46.44 -67.09 -13.33
CA ASP I 113 -45.87 -68.28 -13.93
C ASP I 113 -45.22 -67.96 -15.28
N SER I 114 -44.61 -66.78 -15.37
CA SER I 114 -43.97 -66.35 -16.60
C SER I 114 -42.73 -67.19 -16.89
N GLY I 115 -42.45 -67.42 -18.17
CA GLY I 115 -41.37 -68.27 -18.60
C GLY I 115 -41.73 -69.71 -18.81
N ARG I 116 -42.93 -70.13 -18.42
CA ARG I 116 -43.37 -71.50 -18.65
C ARG I 116 -43.63 -71.71 -20.14
N PRO I 117 -43.03 -72.73 -20.77
CA PRO I 117 -43.12 -72.85 -22.23
C PRO I 117 -44.47 -73.32 -22.72
N ILE I 118 -44.64 -73.38 -24.05
CA ILE I 118 -45.88 -73.83 -24.67
C ILE I 118 -45.54 -75.06 -25.51
N PHE I 119 -46.33 -76.11 -25.34
CA PHE I 119 -46.07 -77.40 -25.96
C PHE I 119 -47.09 -77.69 -27.06
N ASP I 120 -46.65 -78.45 -28.07
CA ASP I 120 -47.53 -78.84 -29.16
C ASP I 120 -47.96 -80.29 -28.98
N ASN I 121 -48.70 -80.82 -29.95
CA ASN I 121 -49.20 -82.19 -29.85
C ASN I 121 -48.11 -83.23 -30.01
N LYS I 122 -46.91 -82.83 -30.45
CA LYS I 122 -45.75 -83.72 -30.45
C LYS I 122 -44.86 -83.51 -29.23
N GLY I 123 -45.28 -82.67 -28.28
CA GLY I 123 -44.49 -82.42 -27.09
C GLY I 123 -43.37 -81.42 -27.28
N ARG I 124 -43.23 -80.83 -28.46
CA ARG I 124 -42.19 -79.86 -28.73
C ARG I 124 -42.62 -78.49 -28.22
N VAL I 125 -41.63 -77.60 -28.06
CA VAL I 125 -41.89 -76.25 -27.57
C VAL I 125 -42.14 -75.34 -28.75
N VAL I 126 -43.08 -74.40 -28.57
CA VAL I 126 -43.45 -73.47 -29.63
C VAL I 126 -43.43 -72.01 -29.18
N ALA I 127 -43.57 -71.71 -27.89
CA ALA I 127 -43.56 -70.34 -27.42
C ALA I 127 -43.34 -70.31 -25.91
N ILE I 128 -42.93 -69.15 -25.41
CA ILE I 128 -42.67 -68.94 -24.00
C ILE I 128 -43.56 -67.78 -23.54
N VAL I 129 -44.37 -68.03 -22.52
CA VAL I 129 -45.38 -67.05 -22.12
C VAL I 129 -44.72 -65.88 -21.41
N LEU I 130 -45.29 -64.69 -21.59
CA LEU I 130 -44.92 -63.48 -20.85
C LEU I 130 -46.11 -62.82 -20.17
N GLY I 131 -47.29 -62.87 -20.78
CA GLY I 131 -48.45 -62.24 -20.19
C GLY I 131 -49.63 -62.30 -21.14
N GLY I 132 -50.71 -61.64 -20.73
CA GLY I 132 -51.92 -61.64 -21.53
C GLY I 132 -52.90 -60.59 -21.06
N ALA I 133 -53.98 -60.45 -21.82
CA ALA I 133 -55.02 -59.46 -21.56
C ALA I 133 -56.38 -60.15 -21.48
N ASN I 134 -57.25 -59.57 -20.67
CA ASN I 134 -58.57 -60.14 -20.41
C ASN I 134 -59.58 -59.60 -21.42
N GLU I 135 -60.07 -60.48 -22.30
CA GLU I 135 -61.15 -60.13 -23.24
C GLU I 135 -62.25 -61.20 -23.05
N GLY I 136 -63.10 -60.99 -22.05
CA GLY I 136 -64.12 -61.97 -21.76
C GLY I 136 -63.55 -63.29 -21.28
N SER I 137 -64.25 -64.38 -21.62
CA SER I 137 -63.87 -65.70 -21.17
C SER I 137 -62.52 -66.16 -21.73
N ARG I 138 -62.02 -65.49 -22.75
CA ARG I 138 -60.76 -65.87 -23.37
C ARG I 138 -59.70 -64.81 -23.12
N THR I 139 -58.45 -65.26 -22.98
CA THR I 139 -57.33 -64.36 -22.81
C THR I 139 -56.22 -64.73 -23.78
N ALA I 140 -55.68 -63.71 -24.45
CA ALA I 140 -54.57 -63.94 -25.36
C ALA I 140 -53.27 -64.10 -24.57
N LEU I 141 -52.19 -64.39 -25.28
CA LEU I 141 -50.90 -64.62 -24.64
C LEU I 141 -49.83 -63.79 -25.34
N SER I 142 -49.01 -63.10 -24.56
CA SER I 142 -47.81 -62.44 -25.06
C SER I 142 -46.67 -63.44 -24.94
N VAL I 143 -46.11 -63.86 -26.07
CA VAL I 143 -45.15 -64.95 -26.11
C VAL I 143 -43.91 -64.53 -26.89
N VAL I 144 -42.91 -65.41 -26.87
CA VAL I 144 -41.70 -65.25 -27.66
C VAL I 144 -41.67 -66.40 -28.66
N THR I 145 -41.60 -66.06 -29.94
CA THR I 145 -41.87 -67.01 -31.01
C THR I 145 -40.67 -67.11 -31.95
N TRP I 146 -40.39 -68.34 -32.39
CA TRP I 146 -39.31 -68.57 -33.33
C TRP I 146 -39.82 -68.46 -34.76
N ASN I 147 -39.15 -67.63 -35.55
CA ASN I 147 -39.30 -67.69 -37.00
C ASN I 147 -38.22 -68.62 -37.54
N LYS I 148 -38.02 -68.61 -38.85
CA LYS I 148 -37.07 -69.53 -39.48
C LYS I 148 -35.67 -69.34 -38.91
N ASP I 149 -35.19 -68.10 -38.88
CA ASP I 149 -33.84 -67.79 -38.42
C ASP I 149 -33.85 -66.54 -37.56
N MET I 150 -34.82 -66.42 -36.65
CA MET I 150 -35.06 -65.14 -36.01
C MET I 150 -35.80 -65.41 -34.69
N VAL I 151 -36.21 -64.34 -34.01
CA VAL I 151 -37.05 -64.42 -32.82
C VAL I 151 -38.16 -63.40 -32.96
N THR I 152 -39.40 -63.82 -32.71
CA THR I 152 -40.57 -62.96 -32.86
C THR I 152 -41.16 -62.69 -31.48
N ARG I 153 -41.94 -61.61 -31.39
CA ARG I 153 -42.62 -61.24 -30.17
C ARG I 153 -44.01 -60.70 -30.51
N VAL I 154 -44.92 -60.81 -29.55
CA VAL I 154 -46.30 -60.36 -29.72
C VAL I 154 -46.86 -59.99 -28.37
N THR I 155 -47.71 -58.96 -28.33
CA THR I 155 -48.33 -58.50 -27.10
C THR I 155 -49.60 -57.70 -27.41
N PRO I 156 -50.74 -58.07 -26.84
CA PRO I 156 -51.99 -57.36 -27.12
C PRO I 156 -52.11 -56.07 -26.31
N GLU I 157 -53.00 -55.20 -26.79
CA GLU I 157 -53.24 -53.93 -26.13
C GLU I 157 -53.78 -54.14 -24.74
N GLY I 158 -53.21 -53.41 -23.77
CA GLY I 158 -53.68 -53.50 -22.40
C GLY I 158 -53.49 -54.84 -21.75
N SER I 159 -52.34 -55.48 -21.97
CA SER I 159 -52.08 -56.80 -21.41
C SER I 159 -51.26 -56.65 -20.13
N GLU I 160 -51.89 -56.91 -18.98
CA GLU I 160 -51.15 -57.00 -17.74
C GLU I 160 -50.12 -58.12 -17.84
N GLU I 161 -48.85 -57.73 -17.91
CA GLU I 161 -47.79 -58.70 -18.17
C GLU I 161 -47.68 -59.64 -16.97
N TRP I 162 -47.53 -60.94 -17.25
CA TRP I 162 -47.62 -61.96 -16.22
C TRP I 162 -46.34 -62.11 -15.39
N VAL J 2 73.25 24.67 -22.80
CA VAL J 2 71.82 24.92 -22.86
C VAL J 2 71.48 25.71 -24.12
N SER J 3 72.24 25.48 -25.19
CA SER J 3 71.99 26.17 -26.45
C SER J 3 70.63 25.79 -27.03
N GLN J 4 70.34 24.49 -27.08
CA GLN J 4 69.05 24.00 -27.54
C GLN J 4 68.05 23.84 -26.39
N HIS J 5 68.50 24.00 -25.15
CA HIS J 5 67.61 23.93 -24.01
C HIS J 5 66.71 25.15 -23.95
N PHE J 6 65.48 24.95 -23.52
CA PHE J 6 64.42 25.95 -23.42
C PHE J 6 64.06 26.55 -24.77
N ASN J 7 64.69 26.10 -25.86
CA ASN J 7 64.25 26.50 -27.18
C ASN J 7 62.84 26.00 -27.48
N VAL J 8 62.33 25.06 -26.69
CA VAL J 8 60.93 24.69 -26.78
C VAL J 8 60.05 25.82 -26.25
N TYR J 9 60.48 26.49 -25.19
CA TYR J 9 59.69 27.56 -24.60
C TYR J 9 60.03 28.93 -25.15
N LYS J 10 61.06 29.03 -25.99
CA LYS J 10 61.33 30.29 -26.67
C LYS J 10 60.33 30.55 -27.78
N ALA J 11 59.77 29.49 -28.37
CA ALA J 11 58.88 29.57 -29.52
C ALA J 11 57.44 29.22 -29.16
N THR J 12 56.97 29.68 -28.00
CA THR J 12 55.65 29.32 -27.51
C THR J 12 55.17 30.42 -26.57
N ARG J 13 53.86 30.67 -26.59
CA ARG J 13 53.27 31.69 -25.76
C ARG J 13 52.04 31.15 -25.04
N PRO J 14 51.70 31.71 -23.88
CA PRO J 14 50.44 31.36 -23.24
C PRO J 14 49.27 31.95 -24.01
N TYR J 15 48.09 31.34 -23.82
CA TYR J 15 46.92 31.78 -24.58
C TYR J 15 45.74 32.11 -23.67
N ILE J 16 44.59 32.35 -24.29
CA ILE J 16 43.35 32.68 -23.58
C ILE J 16 42.26 31.76 -24.09
N ALA J 17 41.59 31.06 -23.18
CA ALA J 17 40.53 30.14 -23.53
C ALA J 17 39.28 30.47 -22.73
N TYR J 18 38.24 29.67 -22.90
CA TYR J 18 36.94 29.91 -22.29
C TYR J 18 36.82 29.08 -21.02
N CYS J 19 36.59 29.75 -19.90
CA CYS J 19 36.38 29.10 -18.61
C CYS J 19 34.91 29.24 -18.25
N ALA J 20 34.23 28.10 -18.06
CA ALA J 20 32.78 28.12 -17.84
C ALA J 20 32.40 28.71 -16.49
N ASP J 21 33.20 28.46 -15.46
CA ASP J 21 32.98 29.00 -14.13
C ASP J 21 34.29 29.64 -13.71
N CYS J 22 34.30 30.97 -13.57
CA CYS J 22 35.52 31.72 -13.29
C CYS J 22 35.61 32.15 -11.83
N GLY J 23 35.16 31.30 -10.91
CA GLY J 23 35.24 31.56 -9.50
C GLY J 23 33.98 32.14 -8.87
N ALA J 24 33.08 32.71 -9.67
CA ALA J 24 31.86 33.31 -9.14
C ALA J 24 30.61 32.82 -9.87
N GLY J 25 30.71 31.73 -10.63
CA GLY J 25 29.57 31.16 -11.29
C GLY J 25 29.25 31.72 -12.66
N HIS J 26 30.10 32.60 -13.20
CA HIS J 26 29.90 33.16 -14.52
C HIS J 26 31.06 32.77 -15.43
N SER J 27 30.77 32.63 -16.71
CA SER J 27 31.79 32.29 -17.67
C SER J 27 32.62 33.52 -18.04
N CYS J 28 33.82 33.28 -18.54
CA CYS J 28 34.71 34.35 -18.93
C CYS J 28 35.74 33.80 -19.91
N HIS J 29 36.56 34.70 -20.43
CA HIS J 29 37.72 34.33 -21.24
C HIS J 29 38.93 34.47 -20.34
N SER J 30 39.55 33.34 -20.00
CA SER J 30 40.47 33.38 -18.90
C SER J 30 41.90 33.16 -19.37
N PRO J 31 42.88 33.78 -18.70
CA PRO J 31 44.27 33.42 -18.93
C PRO J 31 44.73 32.20 -18.15
N VAL J 32 43.87 31.61 -17.32
CA VAL J 32 44.23 30.48 -16.48
C VAL J 32 43.26 29.32 -16.71
N ALA J 33 42.73 29.21 -17.92
CA ALA J 33 41.78 28.15 -18.23
C ALA J 33 42.46 26.78 -18.14
N ILE J 34 41.76 25.84 -17.51
CA ILE J 34 42.27 24.50 -17.27
C ILE J 34 41.90 23.60 -18.43
N GLU J 35 42.87 22.85 -18.94
CA GLU J 35 42.66 22.00 -20.10
C GLU J 35 42.46 20.53 -19.76
N ALA J 36 43.19 20.01 -18.78
CA ALA J 36 43.09 18.61 -18.42
C ALA J 36 43.69 18.41 -17.04
N VAL J 37 43.21 17.37 -16.35
CA VAL J 37 43.76 16.94 -15.07
C VAL J 37 44.09 15.47 -15.18
N ARG J 38 45.34 15.12 -14.92
CA ARG J 38 45.82 13.74 -15.03
C ARG J 38 46.08 13.19 -13.64
N SER J 39 45.59 11.98 -13.38
CA SER J 39 45.81 11.31 -12.10
C SER J 39 46.16 9.86 -12.38
N GLU J 40 47.45 9.59 -12.61
CA GLU J 40 47.91 8.25 -12.92
C GLU J 40 48.91 7.72 -11.90
N ALA J 41 49.18 8.47 -10.84
CA ALA J 41 50.12 8.07 -9.81
C ALA J 41 49.33 7.52 -8.62
N THR J 42 49.69 6.30 -8.19
CA THR J 42 49.07 5.70 -7.02
C THR J 42 49.50 6.38 -5.73
N ASP J 43 50.49 7.27 -5.79
CA ASP J 43 50.87 8.05 -4.61
C ASP J 43 49.83 9.08 -4.25
N GLY J 44 48.92 9.41 -5.16
CA GLY J 44 47.90 10.41 -4.93
C GLY J 44 48.17 11.75 -5.58
N MET J 45 49.34 11.93 -6.18
CA MET J 45 49.65 13.16 -6.89
C MET J 45 48.79 13.28 -8.14
N LEU J 46 48.45 14.51 -8.49
CA LEU J 46 47.70 14.77 -9.72
C LEU J 46 48.31 15.95 -10.46
N LYS J 47 48.35 15.84 -11.78
CA LYS J 47 49.04 16.77 -12.67
C LYS J 47 48.02 17.45 -13.58
N ILE J 48 48.08 18.77 -13.67
CA ILE J 48 47.05 19.54 -14.37
C ILE J 48 47.70 20.45 -15.40
N GLN J 49 47.07 20.56 -16.58
CA GLN J 49 47.46 21.63 -17.48
C GLN J 49 46.77 22.94 -17.11
N PHE J 50 46.96 23.92 -17.97
CA PHE J 50 46.90 25.31 -17.57
C PHE J 50 47.12 26.12 -18.84
N SER J 51 46.63 27.35 -18.92
CA SER J 51 46.89 28.13 -20.11
C SER J 51 47.97 29.19 -19.90
N ALA J 52 48.36 29.46 -18.65
CA ALA J 52 49.50 30.33 -18.39
C ALA J 52 50.78 29.51 -18.49
N GLN J 53 51.92 30.10 -18.15
CA GLN J 53 53.19 29.40 -18.14
C GLN J 53 53.99 29.81 -16.92
N ILE J 54 54.63 28.84 -16.28
CA ILE J 54 55.24 29.01 -14.97
C ILE J 54 56.74 28.83 -15.11
N GLY J 55 57.50 29.71 -14.48
CA GLY J 55 58.95 29.63 -14.53
C GLY J 55 59.57 30.28 -15.74
N ILE J 56 58.82 31.10 -16.47
CA ILE J 56 59.32 31.83 -17.63
C ILE J 56 58.86 33.28 -17.50
N ASP J 57 59.70 34.19 -17.95
CA ASP J 57 59.41 35.61 -17.91
C ASP J 57 58.81 36.06 -19.23
N LYS J 58 58.13 37.22 -19.19
CA LYS J 58 57.66 37.83 -20.43
C LYS J 58 58.82 38.21 -21.33
N SER J 59 60.02 38.35 -20.76
CA SER J 59 61.24 38.59 -21.52
C SER J 59 61.75 37.32 -22.19
N ASP J 60 60.97 36.24 -22.14
CA ASP J 60 61.28 34.99 -22.83
C ASP J 60 62.54 34.33 -22.27
N ASN J 61 62.86 34.58 -21.00
CA ASN J 61 63.97 33.95 -20.32
C ASN J 61 63.50 33.32 -19.02
N HIS J 62 64.26 32.36 -18.54
CA HIS J 62 63.84 31.57 -17.38
C HIS J 62 63.88 32.40 -16.10
N ASP J 63 62.87 32.19 -15.26
CA ASP J 63 62.81 32.84 -13.95
C ASP J 63 61.81 32.07 -13.10
N TYR J 64 62.26 31.43 -12.02
CA TYR J 64 61.35 30.62 -11.23
C TYR J 64 60.42 31.46 -10.38
N THR J 65 60.62 32.78 -10.33
CA THR J 65 59.84 33.68 -9.51
C THR J 65 58.67 34.31 -10.28
N LYS J 66 58.51 33.96 -11.56
CA LYS J 66 57.52 34.62 -12.40
C LYS J 66 56.55 33.61 -13.00
N ILE J 67 55.37 34.12 -13.35
CA ILE J 67 54.37 33.41 -14.13
C ILE J 67 54.00 34.28 -15.32
N ARG J 68 53.97 33.69 -16.51
CA ARG J 68 53.79 34.40 -17.76
C ARG J 68 52.40 34.12 -18.31
N TYR J 69 51.59 35.17 -18.48
CA TYR J 69 50.23 35.01 -18.96
C TYR J 69 49.93 36.05 -20.03
N ALA J 70 48.95 35.75 -20.87
CA ALA J 70 48.58 36.59 -22.00
C ALA J 70 47.31 37.36 -21.72
N ASP J 71 47.27 38.61 -22.18
CA ASP J 71 46.05 39.41 -22.05
C ASP J 71 46.03 40.44 -23.20
N GLY J 72 45.24 40.15 -24.23
CA GLY J 72 45.04 41.11 -25.29
C GLY J 72 46.27 41.40 -26.11
N HIS J 73 46.72 40.42 -26.89
CA HIS J 73 47.85 40.50 -27.82
C HIS J 73 49.19 40.62 -27.11
N ALA J 74 49.19 40.78 -25.79
CA ALA J 74 50.39 41.06 -25.04
C ALA J 74 50.67 39.95 -24.03
N ILE J 75 51.92 39.88 -23.59
CA ILE J 75 52.36 38.90 -22.61
C ILE J 75 52.92 39.67 -21.41
N GLU J 76 52.44 39.32 -20.22
CA GLU J 76 52.85 40.03 -19.02
C GLU J 76 53.42 39.09 -17.97
N ASN J 77 53.64 39.58 -16.75
CA ASN J 77 54.22 38.80 -15.69
C ASN J 77 53.32 38.79 -14.46
N ALA J 78 53.42 37.71 -13.69
CA ALA J 78 52.72 37.59 -12.42
C ALA J 78 53.68 37.04 -11.38
N VAL J 79 53.37 37.30 -10.12
CA VAL J 79 54.18 36.81 -9.00
C VAL J 79 53.85 35.34 -8.79
N ARG J 80 54.89 34.49 -8.83
CA ARG J 80 54.67 33.05 -8.69
C ARG J 80 54.17 32.68 -7.30
N SER J 81 54.52 33.46 -6.29
CA SER J 81 54.03 33.20 -4.94
C SER J 81 52.57 33.52 -4.77
N SER J 82 51.86 33.85 -5.83
CA SER J 82 50.41 34.06 -5.77
C SER J 82 49.62 32.91 -6.38
N LEU J 83 50.29 31.87 -6.85
CA LEU J 83 49.60 30.73 -7.41
C LEU J 83 48.95 29.92 -6.30
N LYS J 84 47.69 29.52 -6.53
CA LYS J 84 46.94 28.73 -5.57
C LYS J 84 46.19 27.63 -6.31
N VAL J 85 46.14 26.44 -5.69
CA VAL J 85 45.32 25.33 -6.14
C VAL J 85 44.44 24.92 -4.97
N ALA J 86 43.20 24.54 -5.26
CA ALA J 86 42.27 24.25 -4.18
C ALA J 86 41.27 23.18 -4.60
N THR J 87 40.68 22.58 -3.58
CA THR J 87 39.57 21.63 -3.67
C THR J 87 38.65 22.03 -2.52
N SER J 88 37.86 21.08 -2.03
CA SER J 88 37.18 21.29 -0.74
C SER J 88 38.08 21.97 0.28
N GLY J 89 39.38 21.68 0.25
CA GLY J 89 40.31 22.31 1.17
C GLY J 89 41.35 23.20 0.51
N ASP J 90 42.61 22.79 0.56
CA ASP J 90 43.70 23.61 0.05
C ASP J 90 44.90 22.70 -0.22
N CYS J 91 45.42 22.77 -1.44
CA CYS J 91 46.40 21.79 -1.91
C CYS J 91 47.83 22.29 -1.71
N PHE J 92 48.78 21.37 -1.87
CA PHE J 92 50.19 21.63 -1.70
C PHE J 92 50.89 21.41 -3.03
N VAL J 93 51.49 22.46 -3.58
CA VAL J 93 52.11 22.39 -4.89
C VAL J 93 53.50 21.78 -4.77
N HIS J 94 53.78 20.78 -5.60
CA HIS J 94 55.04 20.05 -5.53
C HIS J 94 56.02 20.37 -6.64
N GLY J 95 55.53 20.82 -7.80
CA GLY J 95 56.42 21.18 -8.89
C GLY J 95 55.66 21.91 -9.97
N THR J 96 56.39 22.70 -10.75
CA THR J 96 55.81 23.52 -11.81
C THR J 96 56.85 23.74 -12.90
N MET J 97 56.43 23.59 -14.16
CA MET J 97 57.26 24.07 -15.26
C MET J 97 56.34 24.28 -16.47
N GLY J 98 56.03 25.54 -16.76
CA GLY J 98 55.27 25.83 -17.97
C GLY J 98 53.80 25.65 -17.75
N HIS J 99 53.14 24.91 -18.64
CA HIS J 99 51.70 24.72 -18.55
C HIS J 99 51.29 23.73 -17.47
N PHE J 100 52.22 23.12 -16.75
CA PHE J 100 51.93 21.99 -15.89
C PHE J 100 52.19 22.31 -14.43
N ILE J 101 51.20 22.04 -13.59
CA ILE J 101 51.34 22.11 -12.14
C ILE J 101 51.31 20.69 -11.60
N LEU J 102 51.74 20.54 -10.36
CA LEU J 102 51.88 19.22 -9.74
C LEU J 102 51.53 19.38 -8.26
N ALA J 103 50.32 18.96 -7.88
CA ALA J 103 49.81 19.22 -6.54
C ALA J 103 49.23 17.97 -5.92
N LYS J 104 49.19 17.97 -4.58
CA LYS J 104 48.57 16.92 -3.80
C LYS J 104 47.46 17.55 -2.96
N CYS J 105 46.26 17.02 -3.08
CA CYS J 105 45.04 17.74 -2.74
C CYS J 105 44.19 16.97 -1.74
N PRO J 106 43.36 17.67 -0.97
CA PRO J 106 42.34 17.00 -0.16
C PRO J 106 41.25 16.43 -1.06
N PRO J 107 40.44 15.51 -0.55
CA PRO J 107 39.26 15.09 -1.32
C PRO J 107 38.27 16.23 -1.46
N GLY J 108 37.60 16.27 -2.60
CA GLY J 108 36.70 17.36 -2.87
C GLY J 108 35.80 17.03 -4.04
N GLU J 109 35.08 18.05 -4.52
CA GLU J 109 34.20 17.89 -5.66
C GLU J 109 34.52 18.81 -6.82
N PHE J 110 35.49 19.71 -6.67
CA PHE J 110 35.88 20.59 -7.76
C PHE J 110 37.36 20.92 -7.61
N LEU J 111 37.90 21.56 -8.63
CA LEU J 111 39.28 22.02 -8.64
C LEU J 111 39.31 23.48 -9.06
N GLN J 112 40.05 24.30 -8.33
CA GLN J 112 40.20 25.71 -8.65
C GLN J 112 41.67 26.09 -8.65
N VAL J 113 42.10 26.78 -9.70
CA VAL J 113 43.44 27.35 -9.78
C VAL J 113 43.30 28.84 -10.09
N SER J 114 44.17 29.65 -9.49
CA SER J 114 44.06 31.09 -9.66
C SER J 114 45.41 31.75 -9.47
N ILE J 115 45.62 32.87 -10.17
CA ILE J 115 46.82 33.69 -10.05
C ILE J 115 46.40 35.13 -9.82
N GLN J 116 47.40 36.01 -9.77
CA GLN J 116 47.25 37.41 -9.36
C GLN J 116 47.88 38.26 -10.45
N ASP J 117 47.05 38.96 -11.23
CA ASP J 117 47.52 39.57 -12.46
C ASP J 117 48.30 40.87 -12.15
N THR J 118 48.69 41.59 -13.21
CA THR J 118 49.50 42.80 -13.04
C THR J 118 48.75 43.90 -12.31
N ARG J 119 47.43 43.92 -12.42
CA ARG J 119 46.60 44.88 -11.71
C ARG J 119 46.23 44.39 -10.32
N ASN J 120 46.77 43.24 -9.90
CA ASN J 120 46.49 42.64 -8.60
C ASN J 120 45.04 42.23 -8.47
N ALA J 121 44.43 41.81 -9.57
CA ALA J 121 43.10 41.23 -9.59
C ALA J 121 43.19 39.72 -9.72
N VAL J 122 42.41 39.01 -8.92
CA VAL J 122 42.45 37.56 -8.93
C VAL J 122 41.75 37.05 -10.18
N ARG J 123 42.41 36.18 -10.92
CA ARG J 123 41.82 35.50 -12.07
C ARG J 123 41.79 34.01 -11.78
N ALA J 124 40.60 33.42 -11.79
CA ALA J 124 40.41 32.03 -11.38
C ALA J 124 39.65 31.26 -12.43
N CYS J 125 39.93 29.96 -12.49
CA CYS J 125 39.13 29.00 -13.25
C CYS J 125 38.72 27.89 -12.31
N ARG J 126 37.48 27.44 -12.42
CA ARG J 126 36.97 26.37 -11.59
C ARG J 126 36.33 25.32 -12.48
N ILE J 127 36.64 24.04 -12.21
CA ILE J 127 36.11 22.93 -12.98
C ILE J 127 35.56 21.89 -12.01
N GLN J 128 34.84 20.92 -12.57
CA GLN J 128 34.29 19.82 -11.80
C GLN J 128 35.22 18.61 -11.94
N TYR J 129 35.80 18.20 -10.82
CA TYR J 129 36.68 17.05 -10.76
C TYR J 129 36.33 16.23 -9.53
N HIS J 130 36.47 14.91 -9.62
CA HIS J 130 36.03 14.07 -8.50
C HIS J 130 37.08 13.99 -7.39
N HIS J 131 38.22 13.34 -7.65
CA HIS J 131 39.34 13.31 -6.72
C HIS J 131 38.95 12.75 -5.35
N ASP J 132 38.72 11.44 -5.32
CA ASP J 132 38.72 10.69 -4.06
C ASP J 132 39.84 9.65 -4.12
N PRO J 133 41.01 9.93 -3.56
CA PRO J 133 42.14 8.99 -3.66
C PRO J 133 42.18 8.00 -2.51
N GLN J 134 42.77 6.85 -2.78
CA GLN J 134 43.02 5.85 -1.76
C GLN J 134 44.45 5.34 -1.86
N PRO J 135 45.06 4.99 -0.73
CA PRO J 135 46.46 4.55 -0.74
C PRO J 135 46.58 3.09 -1.15
N VAL J 136 47.82 2.65 -1.32
CA VAL J 136 48.08 1.28 -1.74
C VAL J 136 48.00 0.36 -0.54
N GLY J 137 47.69 -0.90 -0.79
CA GLY J 137 47.61 -1.88 0.25
C GLY J 137 46.20 -2.25 0.64
N ARG J 138 46.06 -2.74 1.87
CA ARG J 138 44.79 -3.20 2.39
C ARG J 138 44.26 -2.33 3.51
N GLU J 139 44.81 -1.14 3.70
CA GLU J 139 44.38 -0.23 4.76
C GLU J 139 44.22 1.17 4.23
N LYS J 140 43.12 1.82 4.60
CA LYS J 140 42.79 3.17 4.13
C LYS J 140 43.23 4.21 5.14
N PHE J 141 44.54 4.29 5.34
CA PHE J 141 45.10 5.28 6.25
C PHE J 141 45.05 6.67 5.62
N THR J 142 45.59 7.66 6.33
CA THR J 142 45.61 9.00 5.79
C THR J 142 47.01 9.60 5.85
N ILE J 143 47.81 9.19 6.84
CA ILE J 143 49.14 9.76 7.05
C ILE J 143 50.10 8.62 7.39
N ARG J 144 51.30 8.70 6.83
CA ARG J 144 52.27 7.63 7.00
C ARG J 144 52.72 7.55 8.46
N PRO J 145 52.89 6.35 8.99
CA PRO J 145 53.30 6.19 10.39
C PRO J 145 54.82 6.32 10.53
N HIS J 146 55.28 6.23 11.78
CA HIS J 146 56.70 6.13 12.03
C HIS J 146 57.20 4.70 12.02
N TYR J 147 56.31 3.73 12.20
CA TYR J 147 56.65 2.32 12.08
C TYR J 147 55.68 1.66 11.12
N GLY J 148 56.21 0.98 10.11
CA GLY J 148 55.36 0.33 9.15
C GLY J 148 56.12 -0.51 8.16
N LYS J 149 55.45 -0.79 7.05
CA LYS J 149 55.90 -1.65 5.96
C LYS J 149 56.30 -0.79 4.77
N GLU J 150 56.63 -1.44 3.66
CA GLU J 150 57.00 -0.76 2.43
C GLU J 150 56.35 -1.47 1.25
N ILE J 151 55.73 -0.69 0.37
CA ILE J 151 55.07 -1.22 -0.82
C ILE J 151 55.42 -0.33 -2.01
N PRO J 152 55.50 -0.92 -3.21
CA PRO J 152 55.83 -0.13 -4.40
C PRO J 152 54.75 0.91 -4.69
N CYS J 153 55.15 2.11 -5.05
CA CYS J 153 54.22 3.19 -5.36
C CYS J 153 54.65 3.97 -6.60
N THR J 154 53.69 4.60 -7.27
CA THR J 154 53.98 5.38 -8.47
C THR J 154 53.66 6.86 -8.24
N THR J 155 54.61 7.72 -8.58
CA THR J 155 54.45 9.16 -8.42
C THR J 155 54.86 9.84 -9.72
N TYR J 156 54.95 11.16 -9.68
CA TYR J 156 55.41 11.97 -10.81
C TYR J 156 56.75 12.57 -10.42
N GLN J 157 57.83 12.03 -10.99
CA GLN J 157 59.17 12.49 -10.65
C GLN J 157 59.38 13.92 -11.13
N GLN J 158 60.02 14.73 -10.29
CA GLN J 158 60.13 16.17 -10.52
C GLN J 158 61.28 16.54 -11.43
N THR J 159 61.73 15.64 -12.29
CA THR J 159 62.85 15.92 -13.17
C THR J 159 62.34 16.45 -14.53
N THR J 160 63.29 16.81 -15.40
CA THR J 160 62.95 17.29 -16.74
C THR J 160 63.89 16.77 -17.82
N ALA J 161 64.55 15.63 -17.59
CA ALA J 161 65.63 15.19 -18.48
C ALA J 161 65.09 14.65 -19.80
N LYS J 162 64.34 13.56 -19.75
CA LYS J 162 63.85 12.88 -20.94
C LYS J 162 62.36 12.61 -20.80
N THR J 163 61.65 12.66 -21.92
CA THR J 163 60.21 12.40 -21.92
C THR J 163 59.80 11.95 -23.30
N VAL J 164 58.66 11.26 -23.38
CA VAL J 164 58.18 10.74 -24.66
C VAL J 164 56.73 11.13 -24.92
N GLU J 165 56.27 12.22 -24.32
CA GLU J 165 54.83 12.52 -24.34
C GLU J 165 54.40 13.38 -25.51
N GLU J 166 55.09 14.50 -25.77
CA GLU J 166 54.97 15.25 -27.01
C GLU J 166 53.56 15.78 -27.25
N ILE J 167 53.14 16.75 -26.42
CA ILE J 167 51.92 17.49 -26.75
C ILE J 167 52.13 18.30 -28.03
N ASP J 168 51.02 18.77 -28.59
CA ASP J 168 51.01 19.40 -29.91
C ASP J 168 50.91 20.92 -29.80
N MET J 169 51.26 21.58 -30.90
CA MET J 169 51.27 23.04 -31.00
C MET J 169 50.82 23.43 -32.40
N HIS J 170 50.36 24.67 -32.55
CA HIS J 170 50.10 25.21 -33.87
C HIS J 170 50.16 26.73 -33.79
N MET J 171 50.08 27.36 -34.96
CA MET J 171 50.11 28.82 -35.03
C MET J 171 48.77 29.41 -34.60
N PRO J 172 48.78 30.48 -33.80
CA PRO J 172 47.53 31.06 -33.35
C PRO J 172 46.73 31.57 -34.53
N PRO J 173 45.41 31.55 -34.44
CA PRO J 173 44.57 32.07 -35.52
C PRO J 173 44.52 33.59 -35.49
N ASP J 174 43.75 34.15 -36.40
CA ASP J 174 43.58 35.60 -36.45
C ASP J 174 42.71 36.06 -35.29
N THR J 175 43.12 37.17 -34.67
CA THR J 175 42.47 37.65 -33.45
C THR J 175 41.58 38.85 -33.75
N PRO J 176 40.27 38.69 -33.78
CA PRO J 176 39.39 39.85 -33.98
C PRO J 176 39.55 40.88 -32.87
N ASP J 177 39.41 42.15 -33.24
CA ASP J 177 39.53 43.24 -32.28
C ASP J 177 38.76 44.44 -32.80
N ARG J 178 37.79 44.91 -32.03
CA ARG J 178 37.00 46.07 -32.40
C ARG J 178 37.56 47.38 -31.85
N THR J 179 38.64 47.32 -31.07
CA THR J 179 39.21 48.51 -30.45
C THR J 179 40.23 49.19 -31.34
N LEU J 180 40.85 48.47 -32.28
CA LEU J 180 41.79 49.08 -33.22
C LEU J 180 41.12 49.96 -34.25
N LEU J 181 39.82 50.22 -34.14
CA LEU J 181 39.12 51.12 -35.02
C LEU J 181 38.80 52.43 -34.29
N SER J 182 38.83 53.53 -35.04
CA SER J 182 38.43 54.82 -34.54
C SER J 182 37.35 55.38 -35.47
N GLN J 183 36.36 56.05 -34.90
CA GLN J 183 35.28 56.60 -35.71
C GLN J 183 35.82 57.65 -36.67
N GLN J 184 36.31 58.76 -36.12
CA GLN J 184 36.89 59.85 -36.91
C GLN J 184 35.97 60.20 -38.09
N SER J 185 34.80 60.72 -37.73
CA SER J 185 33.56 60.61 -38.51
C SER J 185 33.78 60.58 -40.03
N GLY J 186 34.65 61.45 -40.53
CA GLY J 186 34.94 61.44 -41.96
C GLY J 186 35.47 60.10 -42.44
N ASN J 187 36.45 59.55 -41.73
CA ASN J 187 37.15 58.37 -42.18
C ASN J 187 37.43 57.43 -41.01
N VAL J 188 37.50 56.13 -41.29
CA VAL J 188 37.87 55.15 -40.28
C VAL J 188 39.38 55.15 -40.13
N LYS J 189 39.86 55.34 -38.90
CA LYS J 189 41.29 55.37 -38.61
C LYS J 189 41.71 54.01 -38.06
N ILE J 190 42.60 53.33 -38.78
CA ILE J 190 43.13 52.04 -38.36
C ILE J 190 44.36 52.34 -37.50
N THR J 191 44.16 52.46 -36.20
CA THR J 191 45.30 52.55 -35.30
C THR J 191 45.94 51.17 -35.17
N VAL J 192 47.26 51.14 -35.16
CA VAL J 192 48.02 49.90 -35.08
C VAL J 192 49.07 50.04 -33.97
N GLY J 193 49.15 49.03 -33.11
CA GLY J 193 50.08 49.08 -31.99
C GLY J 193 51.40 48.41 -32.28
N GLY J 194 51.74 48.28 -33.56
CA GLY J 194 53.00 47.70 -33.95
C GLY J 194 52.87 46.23 -34.32
N LYS J 195 51.86 45.91 -35.13
CA LYS J 195 51.57 44.52 -35.48
C LYS J 195 50.64 44.52 -36.69
N LYS J 196 50.94 43.65 -37.64
CA LYS J 196 50.19 43.62 -38.89
C LYS J 196 48.74 43.20 -38.66
N VAL J 197 47.83 43.87 -39.35
CA VAL J 197 46.40 43.72 -39.16
C VAL J 197 45.77 43.35 -40.48
N LYS J 198 44.95 42.29 -40.48
CA LYS J 198 44.19 41.96 -41.67
C LYS J 198 42.97 42.86 -41.77
N TYR J 199 42.30 42.82 -42.92
CA TYR J 199 41.32 43.85 -43.22
C TYR J 199 40.32 43.34 -44.26
N ASN J 200 39.06 43.75 -44.11
CA ASN J 200 38.00 43.39 -45.05
C ASN J 200 36.84 44.33 -44.81
N CYS J 201 36.41 45.05 -45.86
CA CYS J 201 35.33 46.01 -45.74
C CYS J 201 34.41 45.90 -46.94
N THR J 202 33.18 46.35 -46.75
CA THR J 202 32.16 46.35 -47.81
C THR J 202 32.08 47.67 -48.57
N CYS J 203 32.82 48.70 -48.15
CA CYS J 203 32.91 49.93 -48.92
C CYS J 203 34.32 50.16 -49.45
N GLY J 204 35.31 50.16 -48.56
CA GLY J 204 36.69 50.40 -48.92
C GLY J 204 37.42 49.13 -49.32
N THR J 205 38.75 49.22 -49.28
CA THR J 205 39.59 48.13 -49.75
C THR J 205 39.58 46.95 -48.77
N GLY J 206 39.56 45.75 -49.32
CA GLY J 206 39.69 44.52 -48.55
C GLY J 206 40.87 43.71 -49.06
N ASN J 207 41.10 42.58 -48.38
CA ASN J 207 42.20 41.68 -48.70
C ASN J 207 43.54 42.41 -48.70
N VAL J 208 43.79 43.15 -47.62
CA VAL J 208 45.01 43.95 -47.48
C VAL J 208 45.63 43.64 -46.13
N GLY J 209 46.94 43.38 -46.12
CA GLY J 209 47.69 43.20 -44.89
C GLY J 209 48.38 44.48 -44.49
N THR J 210 47.78 45.21 -43.56
CA THR J 210 48.20 46.57 -43.23
C THR J 210 49.39 46.51 -42.26
N THR J 211 50.52 46.02 -42.78
CA THR J 211 51.68 45.73 -41.96
C THR J 211 52.30 47.02 -41.44
N ASN J 212 52.07 47.31 -40.15
CA ASN J 212 52.69 48.43 -39.46
C ASN J 212 52.40 49.75 -40.16
N SER J 213 51.22 49.85 -40.76
CA SER J 213 50.78 51.07 -41.42
C SER J 213 49.42 51.45 -40.86
N ASP J 214 49.17 52.76 -40.79
CA ASP J 214 47.89 53.25 -40.30
C ASP J 214 47.02 53.65 -41.48
N MET J 215 46.51 52.63 -42.16
CA MET J 215 45.75 52.82 -43.38
C MET J 215 44.41 53.48 -43.06
N THR J 216 43.81 54.10 -44.08
CA THR J 216 42.58 54.85 -43.93
C THR J 216 41.61 54.52 -45.06
N ILE J 217 40.32 54.52 -44.73
CA ILE J 217 39.26 54.32 -45.71
C ILE J 217 38.36 55.55 -45.70
N ASN J 218 37.26 55.50 -46.47
CA ASN J 218 36.52 56.71 -46.82
C ASN J 218 35.10 56.75 -46.27
N THR J 219 34.27 55.76 -46.59
CA THR J 219 32.83 55.90 -46.39
C THR J 219 32.25 54.99 -45.32
N CYS J 220 32.89 53.88 -44.99
CA CYS J 220 32.40 53.02 -43.92
C CYS J 220 32.40 53.78 -42.61
N LEU J 221 31.28 53.72 -41.88
CA LEU J 221 31.16 54.51 -40.67
C LEU J 221 32.17 54.07 -39.61
N ILE J 222 31.92 52.92 -38.99
CA ILE J 222 32.97 52.15 -38.30
C ILE J 222 32.73 50.66 -38.51
N GLU J 223 31.50 50.31 -38.87
CA GLU J 223 31.01 48.96 -38.69
C GLU J 223 31.07 48.09 -39.93
N GLN J 224 31.34 48.67 -41.10
CA GLN J 224 31.42 47.90 -42.33
C GLN J 224 32.82 47.36 -42.57
N CYS J 225 33.60 47.18 -41.50
CA CYS J 225 34.96 46.67 -41.60
C CYS J 225 35.18 45.62 -40.52
N HIS J 226 36.14 44.73 -40.76
CA HIS J 226 36.42 43.64 -39.84
C HIS J 226 37.94 43.42 -39.81
N VAL J 227 38.59 43.90 -38.75
CA VAL J 227 40.03 43.83 -38.63
C VAL J 227 40.40 42.70 -37.69
N SER J 228 41.62 42.18 -37.85
CA SER J 228 42.08 41.06 -37.05
C SER J 228 43.60 40.96 -37.14
N VAL J 229 44.25 40.87 -35.98
CA VAL J 229 45.71 40.82 -35.92
C VAL J 229 46.22 39.47 -36.45
N THR J 230 47.49 39.45 -36.85
CA THR J 230 48.13 38.24 -37.34
C THR J 230 49.53 38.14 -36.74
N ASP J 231 49.84 36.99 -36.16
CA ASP J 231 51.16 36.71 -35.58
C ASP J 231 51.54 35.27 -35.86
N HIS J 232 52.72 35.07 -36.46
CA HIS J 232 53.27 33.75 -36.72
C HIS J 232 54.64 33.55 -36.10
N LYS J 233 54.97 34.31 -35.06
CA LYS J 233 56.26 34.11 -34.42
C LYS J 233 56.26 32.88 -33.53
N LYS J 234 55.14 32.60 -32.85
CA LYS J 234 55.15 31.63 -31.77
C LYS J 234 54.04 30.61 -31.93
N TRP J 235 54.26 29.43 -31.34
CA TRP J 235 53.30 28.34 -31.32
C TRP J 235 52.34 28.48 -30.13
N GLN J 236 51.41 27.53 -30.03
CA GLN J 236 50.32 27.59 -29.05
C GLN J 236 49.62 26.24 -29.04
N PHE J 237 49.28 25.75 -27.85
CA PHE J 237 48.70 24.42 -27.71
C PHE J 237 47.34 24.35 -28.38
N ASN J 238 47.05 23.22 -29.03
CA ASN J 238 45.81 23.12 -29.80
C ASN J 238 44.62 22.83 -28.90
N SER J 239 44.29 23.83 -28.09
CA SER J 239 43.10 23.77 -27.26
C SER J 239 41.85 23.67 -28.14
N PRO J 240 40.90 22.81 -27.79
CA PRO J 240 39.63 22.78 -28.54
C PRO J 240 38.75 24.00 -28.31
N PHE J 241 39.15 24.92 -27.46
CA PHE J 241 38.40 26.14 -27.21
C PHE J 241 38.92 27.33 -28.02
N VAL J 242 39.89 27.12 -28.90
CA VAL J 242 40.36 28.16 -29.81
C VAL J 242 40.21 27.65 -31.23
N PRO J 243 39.95 28.50 -32.21
CA PRO J 243 39.76 28.01 -33.58
C PRO J 243 41.05 27.58 -34.22
N ARG J 244 40.94 26.66 -35.17
CA ARG J 244 42.09 26.18 -35.92
C ARG J 244 42.38 27.11 -37.08
N ALA J 245 43.67 27.35 -37.33
CA ALA J 245 44.07 28.23 -38.41
C ALA J 245 43.77 27.59 -39.76
N ASP J 246 44.10 28.34 -40.82
CA ASP J 246 43.81 27.86 -42.17
C ASP J 246 44.54 26.55 -42.46
N GLU J 247 45.79 26.45 -42.06
CA GLU J 247 46.59 25.27 -42.35
C GLU J 247 45.93 24.03 -41.75
N PRO J 248 45.81 22.94 -42.51
CA PRO J 248 45.17 21.73 -41.94
C PRO J 248 45.92 21.18 -40.75
N ALA J 249 47.25 21.29 -40.72
CA ALA J 249 48.02 20.76 -39.59
C ALA J 249 49.36 21.50 -39.53
N ARG J 250 49.47 22.44 -38.60
CA ARG J 250 50.75 23.04 -38.24
C ARG J 250 51.33 22.31 -37.03
N LYS J 251 51.50 21.00 -37.19
CA LYS J 251 51.85 20.16 -36.06
C LYS J 251 53.28 20.42 -35.61
N GLY J 252 53.42 20.95 -34.41
CA GLY J 252 54.70 21.01 -33.74
C GLY J 252 54.56 20.44 -32.34
N LYS J 253 55.64 19.82 -31.87
CA LYS J 253 55.57 19.04 -30.64
C LYS J 253 56.61 19.52 -29.64
N VAL J 254 56.24 19.46 -28.36
CA VAL J 254 57.16 19.73 -27.26
C VAL J 254 56.95 18.67 -26.19
N HIS J 255 58.03 18.35 -25.48
CA HIS J 255 57.96 17.41 -24.38
C HIS J 255 57.36 18.05 -23.15
N ILE J 256 56.72 17.25 -22.31
CA ILE J 256 56.09 17.74 -21.09
C ILE J 256 56.82 17.15 -19.89
N PRO J 257 56.97 17.87 -18.79
CA PRO J 257 57.81 17.41 -17.68
C PRO J 257 57.06 16.40 -16.81
N PHE J 258 57.75 15.96 -15.76
CA PHE J 258 57.21 15.14 -14.69
C PHE J 258 56.72 13.78 -15.18
N PRO J 259 57.62 12.86 -15.50
CA PRO J 259 57.19 11.51 -15.90
C PRO J 259 56.84 10.63 -14.72
N LEU J 260 56.14 9.54 -15.03
CA LEU J 260 55.73 8.58 -14.00
C LEU J 260 56.92 7.73 -13.58
N ASP J 261 56.96 7.35 -12.30
CA ASP J 261 58.13 6.68 -11.76
C ASP J 261 57.75 5.73 -10.64
N ASN J 262 58.66 4.80 -10.34
CA ASN J 262 58.50 3.85 -9.24
C ASN J 262 59.10 4.40 -7.96
N ILE J 263 58.39 4.18 -6.85
CA ILE J 263 58.80 4.59 -5.50
C ILE J 263 58.24 3.60 -4.47
N THR J 264 58.83 3.57 -3.29
CA THR J 264 58.34 2.70 -2.23
C THR J 264 57.55 3.58 -1.27
N CYS J 265 56.30 3.21 -1.02
CA CYS J 265 55.44 4.00 -0.13
C CYS J 265 55.12 3.24 1.15
N ARG J 266 55.40 3.89 2.28
CA ARG J 266 55.14 3.28 3.58
C ARG J 266 53.66 3.14 3.90
N VAL J 267 53.32 2.03 4.53
CA VAL J 267 51.96 1.74 4.96
C VAL J 267 51.98 1.17 6.37
N PRO J 268 50.93 1.33 7.16
CA PRO J 268 50.90 0.78 8.52
C PRO J 268 50.55 -0.70 8.51
N MET J 269 50.52 -1.28 9.71
CA MET J 269 50.15 -2.67 9.90
C MET J 269 49.16 -2.75 11.05
N ALA J 270 48.06 -3.45 10.84
CA ALA J 270 47.00 -3.49 11.85
C ALA J 270 47.45 -4.28 13.07
N ARG J 271 46.96 -3.88 14.23
CA ARG J 271 47.26 -4.59 15.46
C ARG J 271 46.58 -5.95 15.48
N GLU J 272 47.26 -6.92 16.06
CA GLU J 272 46.81 -8.29 16.01
C GLU J 272 45.49 -8.46 16.77
N PRO J 273 44.56 -9.26 16.27
CA PRO J 273 43.28 -9.44 16.96
C PRO J 273 43.37 -10.31 18.20
N THR J 274 42.22 -10.59 18.79
CA THR J 274 42.08 -11.47 19.94
C THR J 274 41.41 -12.76 19.47
N VAL J 275 42.09 -13.88 19.63
CA VAL J 275 41.64 -15.16 19.09
C VAL J 275 41.11 -16.01 20.23
N ILE J 276 39.96 -16.63 20.02
CA ILE J 276 39.27 -17.43 21.03
C ILE J 276 38.94 -18.78 20.42
N HIS J 277 39.68 -19.82 20.81
CA HIS J 277 39.50 -21.14 20.23
C HIS J 277 38.19 -21.77 20.68
N GLY J 278 37.42 -22.28 19.73
CA GLY J 278 36.20 -23.01 20.03
C GLY J 278 36.28 -24.38 19.38
N LYS J 279 35.15 -25.07 19.24
CA LYS J 279 35.17 -26.39 18.62
C LYS J 279 34.96 -26.20 17.12
N ARG J 280 36.03 -26.39 16.35
CA ARG J 280 36.00 -26.25 14.90
C ARG J 280 35.66 -24.82 14.49
N GLU J 281 36.22 -23.84 15.20
CA GLU J 281 36.00 -22.43 14.88
C GLU J 281 36.89 -21.58 15.77
N VAL J 282 37.00 -20.30 15.40
CA VAL J 282 37.65 -19.29 16.22
C VAL J 282 36.79 -18.03 16.16
N THR J 283 36.99 -17.15 17.16
CA THR J 283 36.34 -15.86 17.20
C THR J 283 37.40 -14.78 17.32
N LEU J 284 37.31 -13.75 16.49
CA LEU J 284 38.29 -12.68 16.42
C LEU J 284 37.66 -11.36 16.81
N HIS J 285 38.36 -10.59 17.63
CA HIS J 285 37.99 -9.22 17.94
C HIS J 285 38.91 -8.32 17.14
N LEU J 286 38.34 -7.54 16.22
CA LEU J 286 39.11 -6.69 15.33
C LEU J 286 38.90 -5.24 15.71
N HIS J 287 39.98 -4.52 15.99
CA HIS J 287 39.93 -3.11 16.40
C HIS J 287 40.70 -2.27 15.39
N PRO J 288 40.04 -1.65 14.43
CA PRO J 288 40.76 -0.87 13.42
C PRO J 288 40.86 0.62 13.74
N ASP J 289 41.99 1.19 13.34
CA ASP J 289 42.20 2.64 13.41
C ASP J 289 41.57 3.39 12.25
N HIS J 290 41.21 2.69 11.20
CA HIS J 290 40.76 3.21 9.92
C HIS J 290 40.31 2.03 9.08
N PRO J 291 39.58 2.24 7.97
CA PRO J 291 39.05 1.10 7.20
C PRO J 291 40.11 0.08 6.82
N THR J 292 39.92 -1.16 7.27
CA THR J 292 40.88 -2.23 7.08
C THR J 292 40.20 -3.40 6.39
N LEU J 293 40.91 -4.04 5.49
CA LEU J 293 40.39 -5.17 4.74
C LEU J 293 40.62 -6.46 5.52
N PHE J 294 39.59 -7.29 5.60
CA PHE J 294 39.68 -8.57 6.30
C PHE J 294 39.13 -9.66 5.41
N SER J 295 39.86 -10.77 5.30
CA SER J 295 39.40 -11.88 4.48
C SER J 295 39.86 -13.19 5.10
N TYR J 296 39.24 -14.28 4.66
CA TYR J 296 39.62 -15.61 5.11
C TYR J 296 39.22 -16.63 4.05
N ARG J 297 39.72 -17.85 4.20
CA ARG J 297 39.37 -18.97 3.34
C ARG J 297 39.85 -20.25 3.98
N THR J 298 39.18 -21.35 3.67
CA THR J 298 39.56 -22.66 4.18
C THR J 298 40.46 -23.37 3.17
N LEU J 299 41.37 -24.19 3.68
CA LEU J 299 42.39 -24.83 2.85
C LEU J 299 41.98 -26.24 2.45
N GLY J 300 40.83 -26.34 1.81
CA GLY J 300 40.33 -27.63 1.38
C GLY J 300 39.96 -27.68 -0.09
N GLU J 301 39.04 -28.57 -0.44
CA GLU J 301 38.62 -28.72 -1.84
C GLU J 301 37.53 -27.72 -2.23
N ASP J 302 36.75 -27.24 -1.26
CA ASP J 302 35.71 -26.24 -1.49
C ASP J 302 35.97 -25.05 -0.59
N PRO J 303 36.66 -24.02 -1.07
CA PRO J 303 37.37 -23.10 -0.16
C PRO J 303 36.53 -22.37 0.87
N GLN J 304 35.30 -21.94 0.57
CA GLN J 304 34.45 -21.27 1.57
C GLN J 304 35.12 -20.01 2.13
N TYR J 305 35.22 -18.99 1.27
CA TYR J 305 35.93 -17.76 1.55
C TYR J 305 34.98 -16.61 1.92
N HIS J 306 35.56 -15.44 2.18
CA HIS J 306 34.82 -14.20 2.40
C HIS J 306 35.81 -13.03 2.47
N GLU J 307 35.41 -11.87 1.92
CA GLU J 307 36.11 -10.60 2.10
C GLU J 307 35.17 -9.54 2.62
N GLU J 308 35.73 -8.52 3.27
CA GLU J 308 34.93 -7.48 3.88
C GLU J 308 35.81 -6.34 4.36
N TRP J 309 35.36 -5.10 4.14
CA TRP J 309 36.04 -3.91 4.66
C TRP J 309 35.48 -3.58 6.03
N VAL J 310 36.34 -3.50 7.03
CA VAL J 310 35.94 -3.34 8.43
C VAL J 310 36.28 -1.94 8.87
N THR J 311 35.30 -1.22 9.42
CA THR J 311 35.45 0.17 9.77
C THR J 311 35.34 0.46 11.26
N ALA J 312 34.83 -0.47 12.06
CA ALA J 312 34.71 -0.29 13.50
C ALA J 312 35.09 -1.58 14.20
N ALA J 313 34.98 -1.59 15.52
CA ALA J 313 35.28 -2.77 16.31
C ALA J 313 34.14 -3.78 16.19
N VAL J 314 34.47 -4.99 15.75
CA VAL J 314 33.49 -6.05 15.52
C VAL J 314 34.09 -7.38 15.96
N GLU J 315 33.21 -8.38 16.06
CA GLU J 315 33.61 -9.75 16.37
C GLU J 315 33.17 -10.66 15.23
N ARG J 316 34.06 -11.51 14.77
CA ARG J 316 33.81 -12.38 13.62
C ARG J 316 34.08 -13.83 14.01
N THR J 317 33.15 -14.72 13.66
CA THR J 317 33.30 -16.14 13.91
C THR J 317 33.50 -16.84 12.57
N ILE J 318 34.65 -17.50 12.42
CA ILE J 318 34.97 -18.15 11.15
C ILE J 318 35.29 -19.61 11.40
N PRO J 319 34.97 -20.51 10.48
CA PRO J 319 35.16 -21.94 10.72
C PRO J 319 36.57 -22.43 10.42
N VAL J 320 37.05 -23.34 11.25
CA VAL J 320 38.33 -24.00 11.06
C VAL J 320 38.10 -25.50 10.97
N PRO J 321 38.02 -26.05 9.77
CA PRO J 321 37.88 -27.50 9.62
C PRO J 321 39.23 -28.17 9.86
N VAL J 322 39.21 -29.51 9.79
CA VAL J 322 40.46 -30.24 10.02
C VAL J 322 41.46 -30.00 8.91
N ASP J 323 41.01 -29.53 7.74
CA ASP J 323 41.88 -29.26 6.60
C ASP J 323 42.68 -27.98 6.76
N GLY J 324 42.20 -27.02 7.53
CA GLY J 324 42.89 -25.78 7.74
C GLY J 324 42.00 -24.59 7.47
N MET J 325 42.58 -23.41 7.66
CA MET J 325 41.92 -22.13 7.43
C MET J 325 42.98 -21.05 7.57
N GLU J 326 42.95 -20.04 6.71
CA GLU J 326 43.82 -18.90 6.92
C GLU J 326 43.02 -17.60 6.80
N TYR J 327 43.44 -16.61 7.57
CA TYR J 327 42.84 -15.29 7.53
C TYR J 327 43.92 -14.26 7.24
N HIS J 328 43.53 -13.19 6.58
CA HIS J 328 44.39 -12.09 6.21
C HIS J 328 43.76 -10.82 6.77
N TRP J 329 44.50 -10.09 7.60
CA TRP J 329 43.96 -8.95 8.34
C TRP J 329 44.83 -7.74 8.08
N GLY J 330 44.37 -6.83 7.24
CA GLY J 330 45.10 -5.61 6.98
C GLY J 330 46.36 -5.85 6.19
N ASN J 331 47.40 -5.09 6.51
CA ASN J 331 48.70 -5.20 5.86
C ASN J 331 49.61 -6.21 6.53
N ASN J 332 49.06 -7.16 7.28
CA ASN J 332 49.83 -8.20 7.93
C ASN J 332 49.93 -9.42 7.01
N ASP J 333 50.64 -10.41 7.46
CA ASP J 333 50.74 -11.65 6.71
C ASP J 333 49.58 -12.57 7.05
N PRO J 334 49.22 -13.47 6.16
CA PRO J 334 48.18 -14.45 6.47
C PRO J 334 48.60 -15.40 7.57
N VAL J 335 47.62 -15.87 8.33
CA VAL J 335 47.83 -16.76 9.46
C VAL J 335 46.98 -18.01 9.27
N ARG J 336 47.60 -19.18 9.37
CA ARG J 336 46.92 -20.45 9.18
C ARG J 336 46.72 -21.16 10.51
N LEU J 337 45.56 -21.79 10.69
CA LEU J 337 45.25 -22.57 11.87
C LEU J 337 44.57 -23.86 11.44
N TRP J 338 44.79 -24.92 12.20
CA TRP J 338 44.19 -26.22 11.95
C TRP J 338 43.45 -26.70 13.19
N SER J 339 42.51 -27.62 12.99
CA SER J 339 41.65 -28.12 14.04
C SER J 339 42.00 -29.56 14.35
N GLN J 340 42.20 -29.86 15.63
CA GLN J 340 42.51 -31.21 16.08
C GLN J 340 41.25 -32.03 16.30
N LEU J 341 41.42 -33.33 16.41
CA LEU J 341 40.30 -34.27 16.56
C LEU J 341 39.97 -34.39 18.04
N THR J 342 39.12 -33.48 18.52
CA THR J 342 38.69 -33.46 19.90
C THR J 342 37.23 -33.88 19.97
N THR J 343 36.83 -34.47 21.10
CA THR J 343 35.54 -35.13 21.17
C THR J 343 35.04 -35.11 22.61
N GLU J 344 33.73 -35.30 22.77
CA GLU J 344 33.10 -35.56 24.05
C GLU J 344 32.76 -37.04 24.12
N GLY J 345 33.53 -37.80 24.89
CA GLY J 345 33.27 -39.21 25.03
C GLY J 345 34.52 -39.93 25.51
N LYS J 346 34.45 -41.26 25.44
CA LYS J 346 35.57 -42.11 25.82
C LYS J 346 35.79 -43.16 24.74
N PRO J 347 36.95 -43.16 24.06
CA PRO J 347 37.20 -44.18 23.03
C PRO J 347 37.17 -45.59 23.55
N HIS J 348 37.62 -45.82 24.78
CA HIS J 348 37.70 -47.14 25.38
C HIS J 348 36.87 -47.12 26.66
N GLY J 349 35.58 -47.37 26.52
CA GLY J 349 34.68 -47.41 27.65
C GLY J 349 33.48 -48.23 27.29
N TRP J 350 32.35 -47.94 27.92
CA TRP J 350 31.13 -48.66 27.60
C TRP J 350 30.69 -48.31 26.18
N PRO J 351 29.96 -49.20 25.51
CA PRO J 351 29.59 -48.94 24.11
C PRO J 351 28.87 -47.62 23.91
N HIS J 352 28.03 -47.21 24.85
CA HIS J 352 27.35 -45.93 24.72
C HIS J 352 28.31 -44.75 24.80
N GLN J 353 29.52 -44.94 25.31
CA GLN J 353 30.52 -43.90 25.30
C GLN J 353 31.40 -43.94 24.06
N ILE J 354 31.67 -45.13 23.53
CA ILE J 354 32.34 -45.23 22.23
C ILE J 354 31.50 -44.60 21.15
N VAL J 355 30.18 -44.79 21.21
CA VAL J 355 29.30 -44.20 20.20
C VAL J 355 29.35 -42.68 20.28
N GLN J 356 29.38 -42.12 21.49
CA GLN J 356 29.52 -40.68 21.62
C GLN J 356 30.87 -40.19 21.12
N TYR J 357 31.92 -40.97 21.37
CA TYR J 357 33.24 -40.59 20.85
C TYR J 357 33.26 -40.53 19.34
N TYR J 358 32.64 -41.50 18.68
CA TYR J 358 32.64 -41.49 17.22
C TYR J 358 31.55 -40.60 16.64
N TYR J 359 30.62 -40.13 17.46
CA TYR J 359 29.65 -39.15 17.01
C TYR J 359 30.17 -37.72 17.15
N GLY J 360 31.05 -37.46 18.11
CA GLY J 360 31.65 -36.15 18.23
C GLY J 360 32.64 -35.82 17.14
N LEU J 361 32.96 -36.78 16.27
CA LEU J 361 33.88 -36.60 15.17
C LEU J 361 33.19 -36.69 13.81
N TYR J 362 32.39 -37.72 13.60
CA TYR J 362 31.73 -37.98 12.31
C TYR J 362 30.26 -38.29 12.57
N PRO J 363 29.43 -37.26 12.72
CA PRO J 363 28.05 -37.51 13.15
C PRO J 363 27.24 -38.37 12.20
N ALA J 364 27.16 -37.99 10.92
CA ALA J 364 26.28 -38.68 9.98
C ALA J 364 26.71 -40.12 9.76
N ALA J 365 28.00 -40.34 9.56
CA ALA J 365 28.50 -41.69 9.35
C ALA J 365 28.27 -42.56 10.56
N THR J 366 28.49 -42.01 11.76
CA THR J 366 28.25 -42.77 12.98
C THR J 366 26.78 -43.15 13.11
N VAL J 367 25.88 -42.20 12.86
CA VAL J 367 24.46 -42.49 13.00
C VAL J 367 24.04 -43.57 12.01
N SER J 368 24.49 -43.45 10.75
CA SER J 368 24.10 -44.44 9.76
C SER J 368 24.67 -45.82 10.10
N ALA J 369 25.93 -45.88 10.55
CA ALA J 369 26.52 -47.18 10.89
C ALA J 369 25.80 -47.83 12.08
N VAL J 370 25.49 -47.05 13.11
CA VAL J 370 24.81 -47.61 14.27
C VAL J 370 23.43 -48.10 13.89
N VAL J 371 22.70 -47.31 13.09
CA VAL J 371 21.37 -47.72 12.66
C VAL J 371 21.44 -48.99 11.84
N GLY J 372 22.41 -49.10 10.93
CA GLY J 372 22.54 -50.30 10.13
C GLY J 372 22.83 -51.53 10.97
N MET J 373 23.79 -51.40 11.91
CA MET J 373 24.13 -52.54 12.76
C MET J 373 22.94 -52.96 13.62
N SER J 374 22.19 -51.98 14.15
CA SER J 374 21.00 -52.31 14.92
C SER J 374 19.96 -53.01 14.06
N LEU J 375 19.79 -52.58 12.81
CA LEU J 375 18.84 -53.23 11.93
C LEU J 375 19.23 -54.69 11.67
N LEU J 376 20.52 -54.93 11.43
CA LEU J 376 20.98 -56.31 11.28
C LEU J 376 20.73 -57.13 12.54
N ALA J 377 20.95 -56.54 13.71
CA ALA J 377 20.70 -57.26 14.96
C ALA J 377 19.23 -57.66 15.08
N LEU J 378 18.32 -56.70 14.86
CA LEU J 378 16.89 -57.02 14.95
C LEU J 378 16.46 -58.04 13.91
N ILE J 379 16.96 -57.92 12.68
CA ILE J 379 16.57 -58.87 11.63
C ILE J 379 17.03 -60.28 12.00
N SER J 380 18.27 -60.41 12.47
CA SER J 380 18.78 -61.73 12.85
C SER J 380 17.99 -62.30 14.00
N ILE J 381 17.70 -61.49 15.02
CA ILE J 381 16.98 -62.01 16.18
C ILE J 381 15.56 -62.42 15.80
N PHE J 382 14.91 -61.65 14.91
CA PHE J 382 13.56 -62.02 14.50
C PHE J 382 13.56 -63.30 13.69
N ALA J 383 14.54 -63.46 12.79
CA ALA J 383 14.64 -64.70 12.02
C ALA J 383 14.84 -65.90 12.93
N SER J 384 15.71 -65.75 13.93
CA SER J 384 15.94 -66.87 14.85
C SER J 384 14.67 -67.21 15.63
N CYS J 385 13.98 -66.20 16.15
CA CYS J 385 12.76 -66.46 16.92
C CYS J 385 11.71 -67.13 16.06
N TYR J 386 11.57 -66.68 14.80
CA TYR J 386 10.63 -67.31 13.89
C TYR J 386 11.01 -68.75 13.60
N MET J 387 12.31 -69.04 13.47
CA MET J 387 12.72 -70.42 13.25
C MET J 387 12.36 -71.30 14.44
N LEU J 388 12.56 -70.83 15.66
CA LEU J 388 12.12 -71.62 16.82
C LEU J 388 10.61 -71.82 16.82
N VAL J 389 9.85 -70.77 16.50
CA VAL J 389 8.39 -70.92 16.46
C VAL J 389 7.99 -71.97 15.43
N ALA J 390 8.60 -71.91 14.24
CA ALA J 390 8.29 -72.87 13.19
C ALA J 390 8.68 -74.28 13.58
N ALA J 391 9.82 -74.44 14.26
CA ALA J 391 10.24 -75.77 14.70
C ALA J 391 9.27 -76.35 15.73
N ARG J 392 8.85 -75.52 16.69
CA ARG J 392 7.88 -76.00 17.68
C ARG J 392 6.57 -76.39 17.02
N SER J 393 6.11 -75.58 16.06
CA SER J 393 4.89 -75.95 15.34
C SER J 393 5.08 -77.25 14.57
N LYS J 394 6.23 -77.40 13.90
CA LYS J 394 6.49 -78.59 13.10
C LYS J 394 6.58 -79.84 13.96
N CYS J 395 7.00 -79.70 15.21
CA CYS J 395 7.05 -80.84 16.11
C CYS J 395 5.71 -81.13 16.78
N LEU J 396 4.93 -80.11 17.11
CA LEU J 396 3.68 -80.31 17.82
C LEU J 396 2.47 -80.52 16.91
N THR J 397 2.62 -80.33 15.59
CA THR J 397 1.48 -80.50 14.71
C THR J 397 0.92 -81.93 14.66
N PRO J 398 1.70 -83.01 14.61
CA PRO J 398 1.10 -84.33 14.44
C PRO J 398 0.50 -84.89 15.72
N TYR J 399 0.57 -84.16 16.83
CA TYR J 399 -0.07 -84.56 18.07
C TYR J 399 -1.39 -83.84 18.32
N ALA J 400 -1.67 -82.79 17.56
CA ALA J 400 -2.95 -82.10 17.65
C ALA J 400 -3.98 -82.65 16.69
N LEU J 401 -3.60 -83.62 15.86
CA LEU J 401 -4.52 -84.24 14.92
C LEU J 401 -5.00 -85.61 15.37
N THR J 402 -4.27 -86.27 16.27
CA THR J 402 -4.73 -87.53 16.82
C THR J 402 -5.81 -87.27 17.87
N PRO J 403 -6.94 -87.97 17.81
CA PRO J 403 -8.03 -87.69 18.76
C PRO J 403 -7.65 -87.90 20.21
N GLY J 404 -6.70 -88.79 20.50
CA GLY J 404 -6.28 -89.03 21.87
C GLY J 404 -4.78 -89.03 22.07
N ALA J 405 -4.07 -88.13 21.38
CA ALA J 405 -2.61 -88.19 21.38
C ALA J 405 -2.03 -87.98 22.77
N ALA J 406 -2.56 -87.00 23.51
CA ALA J 406 -2.23 -86.64 24.89
C ALA J 406 -0.92 -85.86 25.04
N VAL J 407 -0.18 -85.60 23.95
CA VAL J 407 0.99 -84.72 24.00
C VAL J 407 1.99 -85.15 25.06
N PRO J 408 2.83 -86.17 24.80
CA PRO J 408 3.65 -86.80 25.85
C PRO J 408 4.39 -85.82 26.75
N TRP J 409 4.71 -86.31 27.96
CA TRP J 409 5.22 -85.46 29.02
C TRP J 409 6.53 -84.77 28.64
N THR J 410 7.49 -85.54 28.12
CA THR J 410 8.81 -84.99 27.83
C THR J 410 8.72 -83.88 26.79
N LEU J 411 7.96 -84.11 25.72
CA LEU J 411 7.77 -83.07 24.71
C LEU J 411 6.86 -81.96 25.20
N GLY J 412 6.01 -82.24 26.19
CA GLY J 412 5.18 -81.20 26.78
C GLY J 412 5.96 -80.23 27.65
N ILE J 413 7.08 -80.68 28.22
CA ILE J 413 7.91 -79.78 29.02
C ILE J 413 8.87 -78.99 28.13
N LEU J 414 9.57 -79.67 27.22
CA LEU J 414 10.56 -78.99 26.40
C LEU J 414 9.93 -77.92 25.51
N CYS J 415 8.79 -78.23 24.89
CA CYS J 415 8.11 -77.29 24.03
C CYS J 415 7.03 -76.49 24.75
N CYS J 416 6.88 -76.68 26.06
CA CYS J 416 5.92 -75.94 26.86
C CYS J 416 4.51 -76.07 26.29
N ALA J 417 4.18 -77.27 25.84
CA ALA J 417 2.89 -77.52 25.20
C ALA J 417 1.77 -77.50 26.23
N PRO J 418 0.75 -76.65 26.07
CA PRO J 418 -0.40 -76.62 26.99
C PRO J 418 -1.44 -77.67 26.64
N TYR K 1 70.96 -50.96 -7.36
CA TYR K 1 69.72 -51.52 -6.86
C TYR K 1 68.55 -50.60 -7.15
N GLU K 2 67.44 -51.16 -7.60
CA GLU K 2 66.27 -50.38 -7.99
C GLU K 2 65.20 -50.44 -6.90
N HIS K 3 64.67 -49.28 -6.53
CA HIS K 3 63.57 -49.19 -5.58
C HIS K 3 62.59 -48.13 -6.07
N SER K 4 61.33 -48.29 -5.69
CA SER K 4 60.30 -47.35 -6.11
C SER K 4 59.28 -47.18 -4.99
N THR K 5 59.03 -45.93 -4.60
CA THR K 5 58.08 -45.56 -3.56
C THR K 5 57.04 -44.60 -4.11
N VAL K 6 56.16 -44.13 -3.23
CA VAL K 6 55.13 -43.15 -3.56
C VAL K 6 55.00 -42.21 -2.37
N MET K 7 55.44 -40.97 -2.54
CA MET K 7 55.34 -40.03 -1.44
C MET K 7 54.23 -39.00 -1.70
N PRO K 8 53.55 -38.54 -0.66
CA PRO K 8 52.47 -37.58 -0.86
C PRO K 8 53.00 -36.19 -1.22
N ASN K 9 52.16 -35.42 -1.92
CA ASN K 9 52.51 -34.05 -2.30
C ASN K 9 51.96 -33.12 -1.22
N VAL K 10 52.67 -33.08 -0.10
CA VAL K 10 52.36 -32.18 1.02
C VAL K 10 53.65 -31.52 1.44
N VAL K 11 53.64 -30.20 1.53
CA VAL K 11 54.84 -29.46 1.92
C VAL K 11 55.04 -29.56 3.42
N GLY K 12 56.18 -30.11 3.82
CA GLY K 12 56.53 -30.26 5.22
C GLY K 12 56.33 -31.65 5.78
N PHE K 13 55.58 -32.51 5.10
CA PHE K 13 55.37 -33.85 5.62
C PHE K 13 56.66 -34.67 5.52
N PRO K 14 57.14 -35.25 6.62
CA PRO K 14 58.36 -36.07 6.56
C PRO K 14 58.05 -37.49 6.12
N TYR K 15 58.47 -37.82 4.90
CA TYR K 15 58.30 -39.16 4.36
C TYR K 15 59.56 -39.97 4.61
N LYS K 16 59.39 -41.26 4.91
CA LYS K 16 60.51 -42.14 5.22
C LYS K 16 60.33 -43.44 4.46
N ALA K 17 61.30 -43.77 3.61
CA ALA K 17 61.25 -44.94 2.75
C ALA K 17 62.22 -46.00 3.26
N HIS K 18 61.82 -47.27 3.16
CA HIS K 18 62.57 -48.38 3.70
C HIS K 18 63.01 -49.29 2.55
N ILE K 19 64.32 -49.56 2.46
CA ILE K 19 64.87 -50.42 1.43
C ILE K 19 65.47 -51.65 2.09
N GLU K 20 64.92 -52.81 1.76
CA GLU K 20 65.40 -54.09 2.27
C GLU K 20 66.13 -54.82 1.15
N ARG K 21 67.46 -54.73 1.16
CA ARG K 21 68.26 -55.44 0.18
C ARG K 21 68.90 -56.65 0.84
N PRO K 22 68.52 -57.88 0.47
CA PRO K 22 69.04 -59.05 1.16
C PRO K 22 70.56 -59.12 1.11
N GLY K 23 71.15 -59.57 2.22
CA GLY K 23 72.57 -59.57 2.39
C GLY K 23 73.14 -58.27 2.92
N TYR K 24 72.32 -57.24 3.06
CA TYR K 24 72.74 -55.94 3.55
C TYR K 24 71.77 -55.48 4.63
N SER K 25 72.23 -54.56 5.48
CA SER K 25 71.32 -54.04 6.48
C SER K 25 70.37 -53.02 5.86
N PRO K 26 69.12 -52.98 6.31
CA PRO K 26 68.14 -52.08 5.69
C PRO K 26 68.52 -50.62 5.84
N LEU K 27 68.03 -49.81 4.88
CA LEU K 27 68.29 -48.38 4.83
C LEU K 27 66.98 -47.62 4.83
N THR K 28 66.94 -46.51 5.56
CA THR K 28 65.77 -45.65 5.62
C THR K 28 66.12 -44.29 5.02
N LEU K 29 65.32 -43.87 4.04
CA LEU K 29 65.49 -42.61 3.32
C LEU K 29 64.56 -41.56 3.90
N GLN K 30 65.09 -40.37 4.13
CA GLN K 30 64.28 -39.21 4.52
C GLN K 30 64.21 -38.27 3.35
N MET K 31 62.99 -37.92 2.93
CA MET K 31 62.83 -36.98 1.83
C MET K 31 61.47 -36.28 1.96
N GLN K 32 61.51 -34.95 1.89
CA GLN K 32 60.33 -34.12 2.02
C GLN K 32 60.45 -32.94 1.08
N VAL K 33 59.30 -32.44 0.63
CA VAL K 33 59.27 -31.32 -0.31
C VAL K 33 59.30 -30.02 0.47
N VAL K 34 60.14 -29.09 0.02
CA VAL K 34 60.27 -27.79 0.67
C VAL K 34 59.31 -26.76 0.06
N GLU K 35 59.23 -26.72 -1.28
CA GLU K 35 58.21 -25.92 -1.92
C GLU K 35 57.90 -26.53 -3.28
N THR K 36 56.72 -26.17 -3.80
CA THR K 36 56.18 -26.73 -5.02
C THR K 36 55.60 -25.61 -5.86
N SER K 37 55.92 -25.59 -7.16
CA SER K 37 55.45 -24.56 -8.07
C SER K 37 54.78 -25.19 -9.27
N LEU K 38 53.61 -24.69 -9.63
CA LEU K 38 52.83 -25.20 -10.76
C LEU K 38 52.56 -24.06 -11.73
N GLU K 39 53.11 -24.16 -12.94
CA GLU K 39 53.04 -23.09 -13.93
C GLU K 39 52.35 -23.59 -15.19
N PRO K 40 51.35 -22.88 -15.69
CA PRO K 40 50.76 -23.23 -16.99
C PRO K 40 51.44 -22.47 -18.12
N THR K 41 51.12 -22.88 -19.34
CA THR K 41 51.62 -22.22 -20.54
C THR K 41 50.59 -21.20 -21.01
N LEU K 42 51.04 -19.96 -21.23
CA LEU K 42 50.14 -18.84 -21.49
C LEU K 42 50.40 -18.28 -22.87
N ASN K 43 49.34 -18.13 -23.66
CA ASN K 43 49.39 -17.46 -24.95
C ASN K 43 48.62 -16.16 -24.84
N LEU K 44 49.29 -15.06 -25.14
CA LEU K 44 48.66 -13.74 -25.03
C LEU K 44 47.61 -13.56 -26.12
N GLU K 45 46.42 -13.12 -25.72
CA GLU K 45 45.38 -12.74 -26.67
C GLU K 45 45.49 -11.26 -27.02
N TYR K 46 45.39 -10.40 -26.02
CA TYR K 46 45.50 -8.97 -26.26
C TYR K 46 45.81 -8.25 -24.95
N ILE K 47 46.02 -6.94 -25.06
CA ILE K 47 46.38 -6.07 -23.96
C ILE K 47 45.36 -4.94 -23.89
N THR K 48 44.85 -4.66 -22.70
CA THR K 48 43.85 -3.62 -22.54
C THR K 48 44.28 -2.63 -21.48
N CYS K 49 43.94 -1.37 -21.69
CA CYS K 49 44.18 -0.31 -20.71
C CYS K 49 43.08 0.72 -20.86
N GLU K 50 43.28 1.88 -20.26
CA GLU K 50 42.32 2.97 -20.42
C GLU K 50 42.72 3.83 -21.60
N TYR K 51 41.74 4.53 -22.17
CA TYR K 51 41.94 5.24 -23.42
C TYR K 51 42.15 6.73 -23.19
N LYS K 52 42.49 7.41 -24.28
CA LYS K 52 42.67 8.84 -24.28
C LYS K 52 41.98 9.40 -25.52
N THR K 53 41.10 10.39 -25.32
CA THR K 53 40.35 10.97 -26.42
C THR K 53 41.10 12.18 -26.96
N VAL K 54 41.41 12.14 -28.25
CA VAL K 54 42.16 13.20 -28.91
C VAL K 54 41.18 14.13 -29.59
N VAL K 55 41.22 15.40 -29.20
CA VAL K 55 40.27 16.39 -29.71
C VAL K 55 41.05 17.61 -30.17
N PRO K 56 41.15 17.85 -31.48
CA PRO K 56 41.94 18.98 -31.97
C PRO K 56 41.11 20.27 -31.98
N SER K 57 41.80 21.36 -32.32
CA SER K 57 41.12 22.64 -32.45
C SER K 57 40.18 22.60 -33.65
N PRO K 58 39.02 23.24 -33.54
CA PRO K 58 38.04 23.15 -34.64
C PRO K 58 38.34 24.13 -35.75
N TYR K 59 38.06 23.69 -36.99
CA TYR K 59 38.27 24.51 -38.16
C TYR K 59 37.00 25.29 -38.48
N VAL K 60 37.09 26.61 -38.39
CA VAL K 60 35.97 27.49 -38.69
C VAL K 60 36.26 28.18 -40.01
N LYS K 61 35.40 27.96 -41.00
CA LYS K 61 35.58 28.48 -42.34
C LYS K 61 34.65 29.67 -42.51
N CYS K 62 35.16 30.86 -42.26
CA CYS K 62 34.37 32.07 -42.44
C CYS K 62 34.05 32.26 -43.91
N CYS K 63 32.78 32.55 -44.20
CA CYS K 63 32.32 32.85 -45.56
C CYS K 63 32.68 31.72 -46.53
N GLY K 64 32.11 30.55 -46.28
CA GLY K 64 32.37 29.40 -47.14
C GLY K 64 31.73 28.14 -46.60
N ALA K 65 32.29 27.01 -47.00
CA ALA K 65 31.84 25.70 -46.53
C ALA K 65 32.97 24.71 -46.71
N SER K 66 32.85 23.57 -46.02
CA SER K 66 33.85 22.53 -46.06
C SER K 66 33.15 21.17 -46.02
N GLU K 67 33.92 20.10 -46.22
CA GLU K 67 33.38 18.76 -46.28
C GLU K 67 34.23 17.80 -45.46
N CYS K 68 33.62 16.68 -45.09
CA CYS K 68 34.28 15.67 -44.29
C CYS K 68 35.30 14.90 -45.12
N SER K 69 36.15 14.13 -44.43
CA SER K 69 37.16 13.31 -45.09
C SER K 69 37.52 12.19 -44.13
N THR K 70 37.12 10.96 -44.45
CA THR K 70 37.34 9.84 -43.55
C THR K 70 38.83 9.58 -43.36
N LYS K 71 39.19 9.17 -42.15
CA LYS K 71 40.55 8.79 -41.81
C LYS K 71 40.53 7.41 -41.17
N GLU K 72 41.71 6.82 -41.02
CA GLU K 72 41.86 5.46 -40.49
C GLU K 72 42.20 5.46 -39.01
N LYS K 73 41.68 6.41 -38.26
CA LYS K 73 41.92 6.49 -36.83
C LYS K 73 40.95 5.58 -36.08
N PRO K 74 41.28 5.19 -34.85
CA PRO K 74 40.38 4.33 -34.09
C PRO K 74 39.16 5.10 -33.62
N ASP K 75 37.97 4.57 -33.94
CA ASP K 75 36.70 5.11 -33.47
C ASP K 75 36.57 6.59 -33.87
N TYR K 76 36.75 6.87 -35.15
CA TYR K 76 36.90 8.22 -35.67
C TYR K 76 35.56 8.83 -36.04
N GLN K 77 35.40 10.12 -35.73
CA GLN K 77 34.17 10.86 -36.02
C GLN K 77 34.52 12.22 -36.60
N CYS K 78 33.73 12.67 -37.56
CA CYS K 78 33.90 13.97 -38.19
C CYS K 78 32.53 14.47 -38.65
N LYS K 79 32.26 15.74 -38.39
CA LYS K 79 30.97 16.34 -38.71
C LYS K 79 31.17 17.78 -39.14
N VAL K 80 30.22 18.28 -39.94
CA VAL K 80 30.22 19.65 -40.42
C VAL K 80 28.90 20.29 -40.01
N TYR K 81 28.97 21.46 -39.41
CA TYR K 81 27.81 22.19 -38.92
C TYR K 81 27.66 23.47 -39.72
N THR K 82 26.44 23.74 -40.19
CA THR K 82 26.25 24.63 -41.33
C THR K 82 26.40 26.09 -40.97
N GLY K 83 25.51 26.62 -40.13
CA GLY K 83 25.55 28.05 -39.89
C GLY K 83 25.91 28.45 -38.48
N VAL K 84 27.12 28.98 -38.29
CA VAL K 84 27.63 29.32 -36.98
C VAL K 84 28.22 30.72 -37.04
N TYR K 85 28.30 31.38 -35.89
CA TYR K 85 28.78 32.76 -35.81
C TYR K 85 29.59 32.85 -34.52
N PRO K 86 30.88 32.49 -34.57
CA PRO K 86 31.59 32.02 -33.36
C PRO K 86 31.69 33.00 -32.20
N PHE K 87 31.94 34.29 -32.42
CA PHE K 87 32.30 35.20 -31.34
C PHE K 87 33.50 34.68 -30.54
N MET K 88 34.66 34.64 -31.20
CA MET K 88 35.84 34.09 -30.57
C MET K 88 36.18 34.80 -29.26
N TRP K 89 36.58 36.07 -29.34
CA TRP K 89 36.87 36.86 -28.15
C TRP K 89 37.13 38.31 -28.53
N GLY K 90 36.46 39.25 -27.87
CA GLY K 90 36.62 40.65 -28.22
C GLY K 90 36.17 40.97 -29.62
N GLY K 91 35.41 40.05 -30.24
CA GLY K 91 34.97 40.22 -31.61
C GLY K 91 34.04 39.12 -32.05
N ALA K 92 34.00 38.85 -33.36
CA ALA K 92 33.13 37.83 -33.91
C ALA K 92 33.86 36.78 -34.74
N TYR K 93 35.11 37.04 -35.14
CA TYR K 93 35.99 36.10 -35.82
C TYR K 93 35.56 35.83 -37.26
N CYS K 94 34.36 36.27 -37.63
CA CYS K 94 33.84 36.08 -38.97
C CYS K 94 33.18 37.38 -39.41
N PHE K 95 32.80 37.45 -40.68
CA PHE K 95 32.08 38.62 -41.14
C PHE K 95 30.74 38.26 -41.76
N CYS K 96 30.68 37.18 -42.54
CA CYS K 96 29.39 36.65 -42.95
C CYS K 96 28.61 36.15 -41.74
N ASP K 97 27.29 36.22 -41.82
CA ASP K 97 26.46 35.91 -40.66
C ASP K 97 26.03 34.45 -40.61
N SER K 98 25.72 33.84 -41.75
CA SER K 98 25.23 32.47 -41.75
C SER K 98 25.88 31.62 -42.82
N GLU K 99 27.08 31.99 -43.26
CA GLU K 99 27.80 31.24 -44.27
C GLU K 99 29.14 30.73 -43.74
N ASN K 100 29.16 30.31 -42.48
CA ASN K 100 30.36 29.87 -41.81
C ASN K 100 30.14 28.48 -41.24
N THR K 101 31.03 27.54 -41.58
CA THR K 101 30.91 26.18 -41.10
C THR K 101 32.05 25.83 -40.14
N GLN K 102 31.74 24.98 -39.17
CA GLN K 102 32.72 24.45 -38.22
C GLN K 102 32.92 22.97 -38.50
N LEU K 103 34.18 22.55 -38.61
CA LEU K 103 34.51 21.14 -38.77
C LEU K 103 35.00 20.60 -37.44
N SER K 104 34.28 19.60 -36.92
CA SER K 104 34.60 18.98 -35.65
C SER K 104 35.04 17.55 -35.87
N GLU K 105 36.08 17.13 -35.15
CA GLU K 105 36.53 15.75 -35.23
C GLU K 105 37.13 15.32 -33.90
N ALA K 106 37.10 14.01 -33.67
CA ALA K 106 37.72 13.41 -32.49
C ALA K 106 38.02 11.95 -32.80
N TYR K 107 38.95 11.38 -32.05
CA TYR K 107 39.24 9.96 -32.17
C TYR K 107 39.84 9.46 -30.87
N VAL K 108 39.79 8.15 -30.71
CA VAL K 108 40.24 7.47 -29.49
C VAL K 108 41.68 7.03 -29.66
N ASP K 109 42.49 7.26 -28.65
CA ASP K 109 43.88 6.88 -28.62
C ASP K 109 44.12 5.88 -27.49
N ARG K 110 45.38 5.59 -27.23
CA ARG K 110 45.78 4.76 -26.11
C ARG K 110 46.38 5.65 -25.03
N SER K 111 46.32 5.18 -23.78
CA SER K 111 46.78 6.00 -22.67
C SER K 111 48.28 6.24 -22.75
N ASP K 112 48.72 7.33 -22.14
CA ASP K 112 50.14 7.66 -22.11
C ASP K 112 50.94 6.73 -21.22
N VAL K 113 50.27 5.93 -20.39
CA VAL K 113 50.94 5.07 -19.42
C VAL K 113 50.48 3.63 -19.59
N CYS K 114 50.08 3.25 -20.80
CA CYS K 114 49.59 1.90 -21.03
C CYS K 114 50.66 0.85 -20.83
N ARG K 115 51.94 1.22 -20.79
CA ARG K 115 53.00 0.27 -20.53
C ARG K 115 52.98 -0.19 -19.08
N HIS K 116 52.77 0.75 -18.15
CA HIS K 116 52.83 0.43 -16.74
C HIS K 116 51.50 -0.12 -16.23
N ASP K 117 50.39 0.45 -16.66
CA ASP K 117 49.06 0.08 -16.16
C ASP K 117 48.27 -0.57 -17.29
N HIS K 118 48.29 -1.90 -17.33
CA HIS K 118 47.47 -2.64 -18.28
C HIS K 118 47.18 -4.01 -17.73
N ALA K 119 46.12 -4.63 -18.25
CA ALA K 119 45.80 -6.01 -17.95
C ALA K 119 46.20 -6.87 -19.13
N SER K 120 46.01 -8.19 -19.01
CA SER K 120 46.46 -9.12 -20.03
C SER K 120 45.53 -10.31 -20.06
N ALA K 121 44.95 -10.59 -21.23
CA ALA K 121 44.10 -11.74 -21.43
C ALA K 121 44.93 -12.88 -22.00
N TYR K 122 44.83 -14.05 -21.38
CA TYR K 122 45.68 -15.19 -21.69
C TYR K 122 44.83 -16.41 -21.97
N LYS K 123 45.47 -17.45 -22.50
CA LYS K 123 44.88 -18.78 -22.61
C LYS K 123 45.83 -19.76 -21.97
N ALA K 124 45.33 -20.55 -21.03
CA ALA K 124 46.16 -21.41 -20.19
C ALA K 124 45.94 -22.87 -20.56
N HIS K 125 47.04 -23.59 -20.76
CA HIS K 125 47.01 -24.99 -21.15
C HIS K 125 47.81 -25.80 -20.14
N THR K 126 48.11 -27.05 -20.50
CA THR K 126 48.78 -28.01 -19.62
C THR K 126 49.92 -27.36 -18.85
N ALA K 127 49.92 -27.59 -17.55
CA ALA K 127 50.86 -26.96 -16.64
C ALA K 127 51.99 -27.93 -16.27
N SER K 128 53.16 -27.37 -15.97
CA SER K 128 54.34 -28.13 -15.62
C SER K 128 54.62 -27.98 -14.13
N LEU K 129 54.78 -29.10 -13.44
CA LEU K 129 55.12 -29.10 -12.03
C LEU K 129 56.63 -29.07 -11.83
N LYS K 130 57.05 -28.41 -10.76
CA LYS K 130 58.46 -28.32 -10.41
C LYS K 130 58.56 -28.11 -8.90
N ALA K 131 59.09 -29.09 -8.19
CA ALA K 131 59.17 -29.05 -6.73
C ALA K 131 60.61 -28.86 -6.29
N LYS K 132 60.81 -28.89 -4.97
CA LYS K 132 62.13 -28.79 -4.37
C LYS K 132 62.16 -29.71 -3.16
N VAL K 133 63.00 -30.74 -3.20
CA VAL K 133 62.98 -31.83 -2.24
C VAL K 133 64.32 -31.93 -1.54
N ARG K 134 64.29 -32.09 -0.22
CA ARG K 134 65.48 -32.35 0.58
C ARG K 134 65.58 -33.84 0.86
N VAL K 135 66.75 -34.41 0.61
CA VAL K 135 67.00 -35.84 0.79
C VAL K 135 68.00 -36.01 1.93
N MET K 136 67.66 -36.86 2.89
CA MET K 136 68.54 -37.17 4.02
C MET K 136 68.65 -38.68 4.15
N TYR K 137 69.87 -39.20 4.12
CA TYR K 137 70.15 -40.60 4.41
C TYR K 137 71.64 -40.74 4.62
N GLY K 138 72.02 -41.65 5.50
CA GLY K 138 73.41 -41.83 5.81
C GLY K 138 74.04 -40.58 6.38
N ASN K 139 74.90 -39.93 5.60
CA ASN K 139 75.63 -38.75 6.07
C ASN K 139 75.50 -37.61 5.07
N VAL K 140 74.41 -37.55 4.29
CA VAL K 140 74.20 -36.53 3.28
C VAL K 140 72.89 -35.82 3.56
N ASN K 141 72.88 -34.50 3.33
CA ASN K 141 71.74 -33.65 3.66
C ASN K 141 71.49 -32.65 2.53
N GLN K 142 71.42 -33.14 1.30
CA GLN K 142 71.27 -32.28 0.14
C GLN K 142 69.80 -31.96 -0.15
N THR K 143 69.57 -30.81 -0.79
CA THR K 143 68.28 -30.43 -1.34
C THR K 143 68.47 -30.01 -2.79
N VAL K 144 67.55 -30.43 -3.66
CA VAL K 144 67.71 -30.27 -5.09
C VAL K 144 66.44 -29.71 -5.71
N ASP K 145 66.61 -29.17 -6.93
CA ASP K 145 65.50 -28.72 -7.76
C ASP K 145 65.21 -29.78 -8.82
N VAL K 146 63.94 -30.15 -8.96
CA VAL K 146 63.57 -31.23 -9.84
C VAL K 146 62.24 -30.91 -10.53
N TYR K 147 62.09 -31.38 -11.76
CA TYR K 147 60.82 -31.32 -12.47
C TYR K 147 60.04 -32.58 -12.18
N VAL K 148 58.80 -32.44 -11.74
CA VAL K 148 58.02 -33.59 -11.31
C VAL K 148 57.35 -34.14 -12.57
N ASN K 149 58.13 -34.91 -13.33
CA ASN K 149 57.69 -35.75 -14.43
C ASN K 149 58.78 -36.78 -14.64
N GLY K 150 58.44 -37.86 -15.31
CA GLY K 150 59.38 -38.96 -15.39
C GLY K 150 60.56 -38.73 -16.30
N ASP K 151 60.91 -37.46 -16.54
CA ASP K 151 61.92 -37.10 -17.53
C ASP K 151 63.03 -36.25 -16.94
N HIS K 152 63.20 -36.26 -15.63
CA HIS K 152 64.30 -35.53 -15.00
C HIS K 152 64.89 -36.40 -13.89
N ALA K 153 66.21 -36.52 -13.89
CA ALA K 153 66.92 -37.31 -12.89
C ALA K 153 67.95 -36.44 -12.21
N VAL K 154 67.96 -36.45 -10.89
CA VAL K 154 68.95 -35.75 -10.07
C VAL K 154 69.69 -36.78 -9.25
N THR K 155 70.92 -36.44 -8.88
CA THR K 155 71.82 -37.37 -8.19
C THR K 155 72.26 -36.76 -6.88
N ILE K 156 71.96 -37.44 -5.77
CA ILE K 156 72.39 -37.05 -4.44
C ILE K 156 73.22 -38.17 -3.86
N GLY K 157 74.50 -37.90 -3.62
CA GLY K 157 75.37 -38.90 -3.02
C GLY K 157 75.50 -40.18 -3.80
N GLY K 158 75.52 -40.10 -5.13
CA GLY K 158 75.68 -41.27 -5.96
C GLY K 158 74.42 -42.05 -6.23
N THR K 159 73.26 -41.58 -5.76
CA THR K 159 71.99 -42.22 -6.02
C THR K 159 71.22 -41.42 -7.07
N GLN K 160 70.41 -42.11 -7.86
CA GLN K 160 69.63 -41.49 -8.92
C GLN K 160 68.17 -41.40 -8.50
N PHE K 161 67.64 -40.18 -8.47
CA PHE K 161 66.25 -39.93 -8.10
C PHE K 161 65.48 -39.40 -9.30
N ILE K 162 64.39 -40.07 -9.65
CA ILE K 162 63.43 -39.59 -10.63
C ILE K 162 62.09 -39.46 -9.93
N PHE K 163 61.51 -38.26 -9.99
CA PHE K 163 60.22 -37.99 -9.37
C PHE K 163 59.16 -37.99 -10.45
N GLY K 164 58.27 -38.97 -10.40
CA GLY K 164 57.38 -39.25 -11.51
C GLY K 164 56.23 -38.29 -11.57
N PRO K 165 55.42 -38.46 -12.62
CA PRO K 165 54.29 -37.54 -12.83
C PRO K 165 53.29 -37.64 -11.69
N LEU K 166 52.75 -36.49 -11.31
CA LEU K 166 51.81 -36.46 -10.20
C LEU K 166 50.52 -37.18 -10.59
N SER K 167 49.84 -37.74 -9.59
CA SER K 167 48.76 -38.68 -9.86
C SER K 167 47.52 -38.02 -10.43
N SER K 168 47.40 -36.70 -10.39
CA SER K 168 46.21 -36.02 -10.87
C SER K 168 46.61 -34.80 -11.67
N ALA K 169 45.73 -34.38 -12.58
CA ALA K 169 45.97 -33.26 -13.47
C ALA K 169 45.17 -32.03 -13.06
N TRP K 170 44.86 -31.91 -11.77
CA TRP K 170 44.13 -30.76 -11.26
C TRP K 170 44.92 -29.47 -11.48
N THR K 171 44.21 -28.39 -11.81
CA THR K 171 44.80 -27.08 -11.98
C THR K 171 43.83 -26.04 -11.44
N PRO K 172 44.33 -24.96 -10.83
CA PRO K 172 43.45 -23.93 -10.30
C PRO K 172 42.94 -22.98 -11.37
N PHE K 173 43.78 -22.73 -12.37
CA PHE K 173 43.44 -21.80 -13.43
C PHE K 173 42.46 -22.44 -14.41
N ASP K 174 41.63 -21.59 -15.03
CA ASP K 174 40.76 -22.03 -16.11
C ASP K 174 41.42 -21.75 -17.46
N ASN K 175 40.66 -21.93 -18.53
CA ASN K 175 41.24 -21.79 -19.87
C ASN K 175 41.48 -20.32 -20.21
N LYS K 176 40.75 -19.42 -19.58
CA LYS K 176 40.90 -17.98 -19.80
C LYS K 176 41.17 -17.29 -18.47
N ILE K 177 42.27 -16.55 -18.40
CA ILE K 177 42.64 -15.82 -17.19
C ILE K 177 43.01 -14.39 -17.55
N VAL K 178 42.92 -13.51 -16.57
CA VAL K 178 43.34 -12.13 -16.68
C VAL K 178 44.35 -11.86 -15.57
N VAL K 179 45.45 -11.21 -15.91
CA VAL K 179 46.55 -10.95 -14.98
C VAL K 179 46.75 -9.45 -14.92
N TYR K 180 46.43 -8.81 -13.79
CA TYR K 180 46.56 -7.35 -13.68
C TYR K 180 47.88 -6.83 -13.08
N LYS K 181 48.15 -7.12 -11.81
CA LYS K 181 49.43 -6.72 -11.24
C LYS K 181 50.12 -7.84 -10.47
N ASP K 182 49.44 -8.35 -9.46
CA ASP K 182 49.91 -9.45 -8.63
C ASP K 182 48.80 -10.46 -8.45
N GLU K 183 47.71 -10.30 -9.18
CA GLU K 183 46.48 -11.03 -8.95
C GLU K 183 45.92 -11.53 -10.26
N VAL K 184 45.27 -12.70 -10.20
CA VAL K 184 44.82 -13.43 -11.36
C VAL K 184 43.32 -13.66 -11.22
N PHE K 185 42.60 -13.52 -12.33
CA PHE K 185 41.14 -13.64 -12.33
C PHE K 185 40.72 -14.66 -13.38
N ASN K 186 39.94 -15.65 -12.96
CA ASN K 186 39.36 -16.63 -13.88
C ASN K 186 38.18 -15.96 -14.58
N GLN K 187 38.48 -15.23 -15.65
CA GLN K 187 37.53 -14.37 -16.32
C GLN K 187 37.39 -14.75 -17.80
N ASP K 188 36.16 -14.70 -18.30
CA ASP K 188 35.86 -14.98 -19.70
C ASP K 188 35.80 -13.65 -20.44
N PHE K 189 36.91 -13.30 -21.08
CA PHE K 189 37.04 -12.03 -21.76
C PHE K 189 36.50 -12.10 -23.19
N PRO K 190 36.07 -10.96 -23.76
CA PRO K 190 35.59 -10.97 -25.13
C PRO K 190 36.72 -11.28 -26.09
N PRO K 191 36.42 -11.85 -27.26
CA PRO K 191 37.47 -12.09 -28.25
C PRO K 191 38.02 -10.79 -28.79
N TYR K 192 39.07 -10.90 -29.58
CA TYR K 192 39.67 -9.71 -30.17
C TYR K 192 38.78 -9.15 -31.26
N GLY K 193 38.68 -7.83 -31.32
CA GLY K 193 37.78 -7.20 -32.24
C GLY K 193 36.31 -7.31 -31.86
N SER K 194 36.02 -7.58 -30.59
CA SER K 194 34.64 -7.78 -30.17
C SER K 194 34.31 -7.08 -28.86
N GLY K 195 35.07 -6.06 -28.47
CA GLY K 195 34.79 -5.36 -27.25
C GLY K 195 33.58 -4.45 -27.37
N GLN K 196 33.03 -4.09 -26.23
CA GLN K 196 31.84 -3.26 -26.11
C GLN K 196 32.13 -2.07 -25.22
N PRO K 197 31.40 -0.96 -25.40
CA PRO K 197 31.71 0.24 -24.63
C PRO K 197 31.46 0.08 -23.14
N GLY K 198 32.31 0.74 -22.35
CA GLY K 198 32.10 0.79 -20.92
C GLY K 198 32.26 -0.52 -20.19
N ARG K 199 32.75 -1.57 -20.86
CA ARG K 199 33.04 -2.85 -20.25
C ARG K 199 34.49 -3.20 -20.52
N PHE K 200 34.94 -4.31 -19.94
CA PHE K 200 36.32 -4.74 -20.12
C PHE K 200 36.55 -5.13 -21.57
N GLY K 201 37.57 -4.55 -22.18
CA GLY K 201 37.88 -4.79 -23.56
C GLY K 201 37.31 -3.79 -24.54
N ASP K 202 36.89 -2.61 -24.09
CA ASP K 202 36.36 -1.62 -25.01
C ASP K 202 37.42 -1.13 -25.99
N ILE K 203 38.68 -1.10 -25.56
CA ILE K 203 39.81 -0.90 -26.46
C ILE K 203 40.79 -2.03 -26.22
N GLN K 204 41.30 -2.61 -27.31
CA GLN K 204 42.16 -3.79 -27.24
C GLN K 204 43.37 -3.60 -28.13
N SER K 205 44.47 -4.23 -27.75
CA SER K 205 45.72 -4.14 -28.48
C SER K 205 46.41 -5.50 -28.43
N ARG K 206 47.02 -5.90 -29.54
CA ARG K 206 47.60 -7.24 -29.61
C ARG K 206 48.80 -7.39 -28.68
N THR K 207 49.56 -6.32 -28.46
CA THR K 207 50.75 -6.37 -27.64
C THR K 207 51.02 -4.95 -27.15
N VAL K 208 51.80 -4.85 -26.06
CA VAL K 208 52.07 -3.55 -25.47
C VAL K 208 52.74 -2.61 -26.45
N GLU K 209 53.47 -3.16 -27.42
CA GLU K 209 54.17 -2.36 -28.42
C GLU K 209 53.50 -2.41 -29.79
N SER K 210 52.27 -2.91 -29.88
CA SER K 210 51.58 -3.00 -31.15
C SER K 210 51.13 -1.63 -31.61
N ASN K 211 50.48 -1.59 -32.78
CA ASN K 211 49.92 -0.37 -33.33
C ASN K 211 48.43 -0.41 -33.75
N ASP K 212 47.79 -1.57 -33.68
CA ASP K 212 46.41 -1.73 -34.14
C ASP K 212 45.36 -0.87 -33.44
N LEU K 213 45.41 -0.82 -32.10
CA LEU K 213 44.51 0.02 -31.31
C LEU K 213 42.99 -0.10 -31.54
N TYR K 214 42.46 -1.32 -31.57
CA TYR K 214 41.02 -1.53 -31.80
C TYR K 214 40.26 -0.74 -30.74
N ALA K 215 39.15 -0.09 -31.13
CA ALA K 215 38.48 0.76 -30.15
C ALA K 215 36.98 0.77 -30.40
N ASN K 216 36.22 0.59 -29.33
CA ASN K 216 34.74 0.67 -29.37
C ASN K 216 34.30 1.39 -28.10
N THR K 217 34.18 2.71 -28.18
CA THR K 217 33.88 3.53 -27.00
C THR K 217 32.62 4.36 -27.18
N ALA K 218 31.86 4.16 -28.25
CA ALA K 218 30.60 4.87 -28.50
C ALA K 218 30.79 6.38 -28.48
N LEU K 219 31.89 6.85 -29.05
CA LEU K 219 32.13 8.28 -29.14
C LEU K 219 31.14 8.89 -30.14
N LYS K 220 30.50 9.98 -29.71
CA LYS K 220 29.52 10.68 -30.53
C LYS K 220 29.81 12.17 -30.46
N LEU K 221 29.43 12.88 -31.51
CA LEU K 221 29.80 14.28 -31.69
C LEU K 221 28.54 15.12 -31.71
N ALA K 222 28.62 16.33 -31.16
CA ALA K 222 27.44 17.18 -30.98
C ALA K 222 27.67 18.53 -31.64
N ARG K 223 26.59 19.32 -31.74
CA ARG K 223 26.61 20.63 -32.40
C ARG K 223 26.97 21.72 -31.41
N PRO K 224 27.94 22.57 -31.73
CA PRO K 224 28.34 23.63 -30.78
C PRO K 224 27.20 24.60 -30.51
N SER K 225 27.11 25.04 -29.27
CA SER K 225 26.07 26.00 -28.89
C SER K 225 26.36 27.35 -29.53
N PRO K 226 25.33 28.16 -29.78
CA PRO K 226 25.54 29.41 -30.53
C PRO K 226 26.41 30.39 -29.77
N GLY K 227 27.36 30.96 -30.49
CA GLY K 227 28.14 32.07 -29.98
C GLY K 227 29.42 31.73 -29.28
N MET K 228 29.92 30.50 -29.41
CA MET K 228 31.12 30.12 -28.69
C MET K 228 31.86 29.03 -29.44
N VAL K 229 33.18 29.07 -29.34
CA VAL K 229 34.06 28.13 -30.03
C VAL K 229 34.38 26.99 -29.08
N HIS K 230 33.88 25.81 -29.40
CA HIS K 230 34.18 24.61 -28.62
C HIS K 230 33.60 23.43 -29.37
N VAL K 231 34.19 22.25 -29.16
CA VAL K 231 33.69 21.02 -29.73
C VAL K 231 33.15 20.14 -28.60
N PRO K 232 31.84 19.99 -28.48
CA PRO K 232 31.27 19.05 -27.51
C PRO K 232 31.15 17.64 -28.08
N TYR K 233 31.16 16.66 -27.17
CA TYR K 233 31.06 15.27 -27.55
C TYR K 233 30.56 14.47 -26.36
N THR K 234 30.21 13.22 -26.63
CA THR K 234 29.75 12.28 -25.61
C THR K 234 30.42 10.93 -25.82
N GLN K 235 30.89 10.33 -24.72
CA GLN K 235 31.56 9.05 -24.79
C GLN K 235 31.25 8.24 -23.54
N THR K 236 31.11 6.94 -23.70
CA THR K 236 30.94 6.06 -22.55
C THR K 236 32.25 5.97 -21.78
N PRO K 237 32.23 6.18 -20.46
CA PRO K 237 33.49 6.21 -19.71
C PRO K 237 34.20 4.88 -19.72
N SER K 238 35.51 4.93 -19.49
CA SER K 238 36.40 3.83 -19.81
C SER K 238 35.97 2.54 -19.11
N GLY K 239 36.06 1.43 -19.83
CA GLY K 239 35.72 0.14 -19.28
C GLY K 239 36.81 -0.49 -18.44
N PHE K 240 38.06 -0.04 -18.61
CA PHE K 240 39.14 -0.49 -17.75
C PHE K 240 38.96 0.01 -16.33
N LYS K 241 38.60 1.29 -16.18
CA LYS K 241 38.30 1.83 -14.86
C LYS K 241 37.03 1.22 -14.27
N TYR K 242 36.07 0.84 -15.11
CA TYR K 242 34.92 0.12 -14.59
C TYR K 242 35.32 -1.25 -14.07
N TRP K 243 36.19 -1.96 -14.79
CA TRP K 243 36.64 -3.27 -14.36
C TRP K 243 37.47 -3.19 -13.09
N LEU K 244 38.29 -2.15 -12.95
CA LEU K 244 39.10 -2.02 -11.74
C LEU K 244 38.26 -1.91 -10.48
N LYS K 245 36.98 -1.58 -10.61
CA LYS K 245 36.08 -1.47 -9.47
C LYS K 245 35.08 -2.61 -9.37
N GLU K 246 34.91 -3.39 -10.44
CA GLU K 246 33.87 -4.40 -10.50
C GLU K 246 34.43 -5.80 -10.76
N LYS K 247 35.75 -5.98 -10.61
CA LYS K 247 36.35 -7.24 -11.03
C LYS K 247 36.24 -8.32 -9.99
N GLY K 248 35.05 -8.53 -9.44
CA GLY K 248 34.81 -9.58 -8.46
C GLY K 248 35.91 -9.79 -7.44
N THR K 249 36.18 -11.05 -7.13
CA THR K 249 37.24 -11.45 -6.21
C THR K 249 38.30 -12.24 -6.98
N ALA K 250 39.56 -12.01 -6.62
CA ALA K 250 40.66 -12.58 -7.37
C ALA K 250 40.75 -14.09 -7.12
N LEU K 251 41.59 -14.75 -7.91
CA LEU K 251 41.92 -16.13 -7.61
C LEU K 251 42.75 -16.26 -6.35
N ASN K 252 43.47 -15.21 -5.95
CA ASN K 252 44.31 -15.30 -4.77
C ASN K 252 43.47 -15.52 -3.51
N THR K 253 42.31 -14.87 -3.44
CA THR K 253 41.45 -14.98 -2.29
C THR K 253 40.75 -16.33 -2.21
N LYS K 254 40.45 -16.94 -3.34
CA LYS K 254 39.74 -18.22 -3.39
C LYS K 254 40.53 -19.19 -4.24
N ALA K 255 41.10 -20.20 -3.64
CA ALA K 255 41.84 -21.19 -4.40
C ALA K 255 41.94 -22.46 -3.56
N PRO K 256 41.52 -23.59 -4.10
CA PRO K 256 41.48 -24.81 -3.30
C PRO K 256 42.88 -25.26 -2.91
N PHE K 257 42.94 -26.02 -1.82
CA PHE K 257 44.16 -26.65 -1.32
C PHE K 257 45.21 -25.63 -0.90
N GLY K 258 44.81 -24.40 -0.62
CA GLY K 258 45.76 -23.41 -0.15
C GLY K 258 46.85 -23.06 -1.14
N CYS K 259 46.51 -23.04 -2.42
CA CYS K 259 47.45 -22.56 -3.43
C CYS K 259 47.75 -21.09 -3.20
N GLN K 260 48.98 -20.68 -3.51
CA GLN K 260 49.38 -19.29 -3.42
C GLN K 260 49.75 -18.80 -4.81
N ILE K 261 48.94 -17.92 -5.36
CA ILE K 261 49.11 -17.45 -6.73
C ILE K 261 50.14 -16.34 -6.74
N LYS K 262 51.04 -16.36 -7.73
CA LYS K 262 52.20 -15.49 -7.65
C LYS K 262 52.48 -14.67 -8.89
N THR K 263 53.65 -14.05 -8.91
CA THR K 263 54.04 -12.91 -9.75
C THR K 263 54.35 -13.31 -11.18
N ASN K 264 55.11 -12.46 -11.89
CA ASN K 264 55.33 -12.42 -13.33
C ASN K 264 55.28 -13.79 -14.01
N PRO K 265 56.00 -14.82 -13.54
CA PRO K 265 55.68 -16.17 -14.01
C PRO K 265 54.46 -16.68 -13.25
N VAL K 266 53.32 -16.69 -13.92
CA VAL K 266 52.06 -17.04 -13.26
C VAL K 266 52.14 -18.47 -12.78
N ARG K 267 51.99 -18.66 -11.46
CA ARG K 267 52.16 -19.97 -10.86
C ARG K 267 51.30 -20.09 -9.61
N ALA K 268 50.95 -21.32 -9.27
CA ALA K 268 50.23 -21.65 -8.04
C ALA K 268 51.15 -22.50 -7.19
N MET K 269 51.59 -21.96 -6.05
CA MET K 269 52.61 -22.60 -5.24
C MET K 269 52.03 -23.31 -4.04
N ASN K 270 52.56 -24.50 -3.75
CA ASN K 270 52.28 -25.24 -2.52
C ASN K 270 50.82 -25.68 -2.42
N CYS K 271 50.34 -26.31 -3.49
CA CYS K 271 49.01 -26.91 -3.49
C CYS K 271 49.11 -28.34 -2.97
N ALA K 272 48.31 -28.66 -1.97
CA ALA K 272 48.36 -29.98 -1.33
C ALA K 272 47.40 -30.92 -2.03
N VAL K 273 47.86 -31.57 -3.09
CA VAL K 273 47.04 -32.51 -3.83
C VAL K 273 47.95 -33.51 -4.53
N GLY K 274 47.48 -34.76 -4.63
CA GLY K 274 48.13 -35.76 -5.45
C GLY K 274 49.25 -36.52 -4.75
N ASN K 275 49.80 -37.48 -5.49
CA ASN K 275 50.90 -38.32 -5.03
C ASN K 275 52.04 -38.24 -6.02
N ILE K 276 53.26 -38.40 -5.52
CA ILE K 276 54.47 -38.27 -6.32
C ILE K 276 55.21 -39.60 -6.32
N PRO K 277 55.08 -40.39 -7.39
CA PRO K 277 55.91 -41.60 -7.50
C PRO K 277 57.39 -41.24 -7.58
N VAL K 278 58.22 -42.06 -6.94
CA VAL K 278 59.66 -41.86 -6.93
C VAL K 278 60.35 -43.16 -7.26
N SER K 279 61.38 -43.10 -8.11
CA SER K 279 62.20 -44.25 -8.45
C SER K 279 63.65 -43.96 -8.11
N MET K 280 64.34 -44.95 -7.57
CA MET K 280 65.71 -44.79 -7.09
C MET K 280 66.61 -45.86 -7.69
N ASN K 281 67.89 -45.52 -7.80
CA ASN K 281 68.93 -46.45 -8.25
C ASN K 281 70.13 -46.24 -7.34
N LEU K 282 70.22 -47.03 -6.28
CA LEU K 282 71.22 -46.89 -5.22
C LEU K 282 72.48 -47.67 -5.55
N PRO K 283 73.65 -47.06 -5.33
CA PRO K 283 74.91 -47.79 -5.51
C PRO K 283 75.15 -48.78 -4.39
N ASP K 284 76.06 -49.71 -4.64
CA ASP K 284 76.42 -50.68 -3.61
C ASP K 284 77.13 -50.03 -2.44
N SER K 285 77.84 -48.93 -2.69
CA SER K 285 78.60 -48.26 -1.64
C SER K 285 77.73 -47.54 -0.64
N ALA K 286 76.42 -47.44 -0.88
CA ALA K 286 75.51 -46.79 0.04
C ALA K 286 74.87 -47.76 1.02
N PHE K 287 75.23 -49.02 0.97
CA PHE K 287 74.67 -50.05 1.84
C PHE K 287 75.71 -50.48 2.87
N THR K 288 75.33 -51.46 3.68
CA THR K 288 76.19 -51.97 4.73
C THR K 288 76.03 -53.47 4.82
N ARG K 289 77.15 -54.19 4.83
CA ARG K 289 77.12 -55.64 4.96
C ARG K 289 76.52 -56.02 6.30
N ILE K 290 75.79 -57.14 6.34
CA ILE K 290 75.22 -57.58 7.61
C ILE K 290 76.29 -58.01 8.60
N VAL K 291 77.50 -58.30 8.12
CA VAL K 291 78.61 -58.65 9.00
C VAL K 291 79.20 -57.45 9.71
N GLU K 292 78.63 -56.25 9.51
CA GLU K 292 79.10 -55.05 10.16
C GLU K 292 78.01 -54.33 10.94
N ALA K 293 76.80 -54.86 10.96
CA ALA K 293 75.68 -54.29 11.68
C ALA K 293 75.32 -55.14 12.90
N PRO K 294 74.90 -54.53 14.01
CA PRO K 294 74.60 -55.32 15.20
C PRO K 294 73.48 -56.31 14.95
N THR K 295 73.63 -57.50 15.51
CA THR K 295 72.65 -58.57 15.34
C THR K 295 71.66 -58.52 16.50
N ILE K 296 70.40 -58.26 16.18
CA ILE K 296 69.36 -58.03 17.17
C ILE K 296 68.40 -59.20 17.14
N ILE K 297 68.15 -59.78 18.31
CA ILE K 297 67.30 -60.96 18.44
C ILE K 297 66.25 -60.69 19.50
N ASP K 298 65.05 -61.23 19.28
CA ASP K 298 63.94 -61.18 20.23
C ASP K 298 63.58 -59.74 20.61
N LEU K 299 63.06 -59.03 19.60
CA LEU K 299 62.57 -57.68 19.80
C LEU K 299 61.10 -57.69 20.21
N THR K 300 60.78 -56.89 21.22
CA THR K 300 59.41 -56.73 21.69
C THR K 300 59.10 -55.26 21.85
N CYS K 301 57.83 -54.90 21.65
CA CYS K 301 57.38 -53.52 21.65
C CYS K 301 56.22 -53.34 22.62
N THR K 302 56.31 -52.30 23.46
CA THR K 302 55.24 -51.92 24.36
C THR K 302 55.12 -50.40 24.37
N VAL K 303 53.89 -49.90 24.23
CA VAL K 303 53.64 -48.47 24.13
C VAL K 303 53.43 -47.89 25.52
N ALA K 304 54.17 -46.83 25.83
CA ALA K 304 53.99 -46.16 27.11
C ALA K 304 52.72 -45.32 27.11
N THR K 305 52.67 -44.30 26.26
CA THR K 305 51.55 -43.38 26.15
C THR K 305 51.19 -43.20 24.69
N CYS K 306 49.93 -42.84 24.44
CA CYS K 306 49.51 -42.50 23.08
C CYS K 306 48.41 -41.47 23.14
N THR K 307 48.56 -40.42 22.34
CA THR K 307 47.55 -39.38 22.16
C THR K 307 47.44 -39.10 20.68
N HIS K 308 46.26 -39.34 20.10
CA HIS K 308 46.12 -39.18 18.66
C HIS K 308 45.87 -37.71 18.35
N SER K 309 46.96 -36.95 18.39
CA SER K 309 46.97 -35.53 18.09
C SER K 309 47.74 -35.27 16.80
N SER K 310 47.87 -33.99 16.46
CA SER K 310 48.57 -33.61 15.24
C SER K 310 50.08 -33.80 15.37
N ASP K 311 50.60 -33.70 16.58
CA ASP K 311 52.04 -33.78 16.81
C ASP K 311 52.43 -35.24 17.01
N PHE K 312 53.65 -35.48 17.50
CA PHE K 312 54.11 -36.83 17.80
C PHE K 312 53.68 -37.18 19.21
N GLY K 313 52.45 -37.66 19.34
CA GLY K 313 51.83 -37.88 20.63
C GLY K 313 51.88 -39.29 21.17
N GLY K 314 52.72 -40.15 20.62
CA GLY K 314 52.86 -41.50 21.14
C GLY K 314 54.30 -41.83 21.42
N VAL K 315 54.50 -42.70 22.41
CA VAL K 315 55.82 -43.19 22.79
C VAL K 315 55.75 -44.71 22.94
N LEU K 316 56.74 -45.39 22.40
CA LEU K 316 56.85 -46.84 22.54
C LEU K 316 58.29 -47.19 22.88
N THR K 317 58.46 -48.27 23.64
CA THR K 317 59.77 -48.75 24.07
C THR K 317 60.03 -50.12 23.47
N LEU K 318 61.26 -50.34 23.03
CA LEU K 318 61.66 -51.60 22.41
C LEU K 318 62.76 -52.25 23.24
N THR K 319 62.59 -53.54 23.52
CA THR K 319 63.58 -54.33 24.25
C THR K 319 64.14 -55.41 23.33
N TYR K 320 65.45 -55.61 23.41
CA TYR K 320 66.15 -56.48 22.47
C TYR K 320 67.38 -57.05 23.15
N LYS K 321 67.96 -58.07 22.51
CA LYS K 321 69.28 -58.60 22.88
C LYS K 321 70.21 -58.40 21.69
N THR K 322 71.24 -57.59 21.87
CA THR K 322 72.20 -57.29 20.83
C THR K 322 73.48 -58.08 21.05
N ASP K 323 74.50 -57.78 20.24
CA ASP K 323 75.83 -58.32 20.46
C ASP K 323 76.95 -57.28 20.41
N LYS K 324 76.70 -56.09 19.89
CA LYS K 324 77.68 -55.01 19.93
C LYS K 324 76.94 -53.68 19.80
N ASN K 325 77.66 -52.61 20.11
CA ASN K 325 77.10 -51.27 19.98
C ASN K 325 77.16 -50.81 18.53
N GLY K 326 76.08 -50.15 18.10
CA GLY K 326 76.00 -49.69 16.72
C GLY K 326 74.65 -49.04 16.48
N ASP K 327 74.45 -48.61 15.24
CA ASP K 327 73.25 -47.90 14.82
C ASP K 327 72.46 -48.74 13.84
N CYS K 328 71.16 -48.91 14.11
CA CYS K 328 70.25 -49.57 13.20
C CYS K 328 69.26 -48.54 12.64
N SER K 329 68.42 -49.00 11.72
CA SER K 329 67.39 -48.16 11.11
C SER K 329 66.01 -48.69 11.51
N VAL K 330 65.16 -47.78 11.96
CA VAL K 330 63.83 -48.13 12.43
C VAL K 330 62.81 -47.72 11.38
N HIS K 331 61.67 -48.40 11.37
CA HIS K 331 60.65 -48.13 10.37
C HIS K 331 59.31 -48.68 10.86
N SER K 332 58.24 -48.04 10.42
CA SER K 332 56.88 -48.51 10.65
C SER K 332 56.33 -49.06 9.34
N HIS K 333 55.70 -50.23 9.40
CA HIS K 333 55.20 -50.91 8.21
C HIS K 333 53.71 -50.65 7.99
N SER K 334 53.23 -49.47 8.37
CA SER K 334 51.88 -49.05 8.11
C SER K 334 51.85 -47.53 8.15
N ASN K 335 50.87 -46.95 7.45
CA ASN K 335 50.72 -45.50 7.45
C ASN K 335 49.78 -45.02 8.55
N VAL K 336 49.36 -45.93 9.44
CA VAL K 336 48.51 -45.56 10.56
C VAL K 336 49.33 -45.09 11.76
N ALA K 337 50.66 -45.02 11.62
CA ALA K 337 51.52 -44.46 12.67
C ALA K 337 52.83 -44.05 12.03
N THR K 338 53.22 -42.79 12.21
CA THR K 338 54.39 -42.21 11.56
C THR K 338 55.50 -42.04 12.58
N LEU K 339 56.60 -42.76 12.39
CA LEU K 339 57.75 -42.59 13.26
C LEU K 339 58.41 -41.23 13.04
N GLN K 340 59.09 -40.76 14.07
CA GLN K 340 59.82 -39.51 13.99
C GLN K 340 61.26 -39.69 13.57
N GLU K 341 61.88 -40.80 13.93
CA GLU K 341 63.30 -41.02 13.73
C GLU K 341 63.52 -42.02 12.60
N ALA K 342 64.67 -41.87 11.94
CA ALA K 342 65.09 -42.83 10.92
C ALA K 342 66.07 -43.86 11.46
N THR K 343 66.90 -43.48 12.43
CA THR K 343 67.87 -44.38 13.03
C THR K 343 67.78 -44.31 14.55
N ALA K 344 68.24 -45.37 15.20
CA ALA K 344 68.38 -45.44 16.64
C ALA K 344 69.81 -45.81 16.97
N LYS K 345 70.20 -45.54 18.22
CA LYS K 345 71.48 -45.98 18.75
C LYS K 345 71.25 -47.22 19.61
N VAL K 346 71.82 -48.33 19.19
CA VAL K 346 71.63 -49.62 19.86
C VAL K 346 72.75 -49.83 20.86
N LYS K 347 72.38 -50.14 22.09
CA LYS K 347 73.32 -50.42 23.18
C LYS K 347 73.04 -51.79 23.77
N THR K 348 73.96 -52.28 24.56
CA THR K 348 73.79 -53.57 25.22
C THR K 348 72.68 -53.51 26.26
N ALA K 349 72.37 -52.32 26.76
CA ALA K 349 71.42 -52.18 27.85
C ALA K 349 70.05 -52.77 27.51
N GLY K 350 69.70 -52.87 26.24
CA GLY K 350 68.46 -53.48 25.83
C GLY K 350 67.26 -52.57 25.77
N LYS K 351 67.47 -51.25 25.69
CA LYS K 351 66.38 -50.29 25.69
C LYS K 351 66.56 -49.28 24.58
N VAL K 352 65.47 -48.98 23.87
CA VAL K 352 65.41 -47.86 22.95
C VAL K 352 63.96 -47.43 22.83
N THR K 353 63.74 -46.11 22.70
CA THR K 353 62.41 -45.54 22.70
C THR K 353 62.23 -44.61 21.51
N LEU K 354 61.04 -44.67 20.90
CA LEU K 354 60.73 -43.92 19.69
C LEU K 354 59.38 -43.23 19.84
N HIS K 355 59.28 -42.06 19.20
CA HIS K 355 58.05 -41.27 19.19
C HIS K 355 57.33 -41.44 17.86
N PHE K 356 56.00 -41.43 17.90
CA PHE K 356 55.21 -41.63 16.70
C PHE K 356 53.94 -40.78 16.75
N SER K 357 53.27 -40.67 15.61
CA SER K 357 52.08 -39.86 15.46
C SER K 357 50.99 -40.66 14.78
N THR K 358 49.75 -40.45 15.21
CA THR K 358 48.64 -41.26 14.71
C THR K 358 47.34 -40.49 14.87
N ALA K 359 46.31 -40.96 14.18
CA ALA K 359 44.96 -40.42 14.32
C ALA K 359 43.96 -41.48 14.76
N SER K 360 44.39 -42.72 14.96
CA SER K 360 43.50 -43.79 15.34
C SER K 360 43.32 -43.83 16.85
N ALA K 361 42.14 -44.28 17.27
CA ALA K 361 41.90 -44.52 18.68
C ALA K 361 42.57 -45.80 19.16
N SER K 362 42.89 -46.70 18.25
CA SER K 362 43.50 -47.99 18.61
C SER K 362 44.32 -48.49 17.44
N PRO K 363 45.52 -47.95 17.24
CA PRO K 363 46.35 -48.37 16.12
C PRO K 363 47.03 -49.70 16.38
N SER K 364 47.50 -50.31 15.29
CA SER K 364 48.30 -51.52 15.37
C SER K 364 49.18 -51.56 14.13
N PHE K 365 50.46 -51.85 14.33
CA PHE K 365 51.43 -51.77 13.24
C PHE K 365 52.66 -52.57 13.62
N VAL K 366 53.56 -52.71 12.65
CA VAL K 366 54.80 -53.45 12.82
C VAL K 366 55.96 -52.46 12.81
N VAL K 367 56.82 -52.55 13.82
CA VAL K 367 58.05 -51.77 13.87
C VAL K 367 59.21 -52.74 13.69
N SER K 368 60.32 -52.24 13.17
CA SER K 368 61.48 -53.08 12.91
C SER K 368 62.75 -52.33 13.21
N LEU K 369 63.65 -52.95 13.97
CA LEU K 369 65.03 -52.50 14.05
C LEU K 369 65.76 -52.96 12.80
N CYS K 370 67.08 -52.87 12.80
CA CYS K 370 67.84 -53.19 11.60
C CYS K 370 67.67 -54.64 11.16
N SER K 371 67.27 -55.52 12.04
CA SER K 371 67.04 -56.87 11.51
C SER K 371 65.69 -57.45 11.88
N ALA K 372 65.24 -57.25 13.11
CA ALA K 372 64.07 -57.94 13.63
C ALA K 372 62.85 -57.04 13.62
N ARG K 373 61.69 -57.66 13.78
CA ARG K 373 60.41 -56.97 13.72
C ARG K 373 59.55 -57.32 14.93
N ALA K 374 58.70 -56.38 15.31
CA ALA K 374 57.78 -56.55 16.43
C ALA K 374 56.45 -55.91 16.07
N THR K 375 55.41 -56.28 16.80
CA THR K 375 54.07 -55.75 16.60
C THR K 375 53.68 -54.88 17.80
N CYS K 376 53.23 -53.66 17.52
CA CYS K 376 52.82 -52.71 18.55
C CYS K 376 51.32 -52.49 18.49
N SER K 377 50.66 -52.64 19.61
CA SER K 377 49.24 -52.35 19.76
C SER K 377 49.05 -51.32 20.86
N ALA K 378 48.20 -50.34 20.61
CA ALA K 378 48.05 -49.22 21.51
C ALA K 378 46.59 -48.88 21.69
N SER K 379 46.30 -48.18 22.79
CA SER K 379 45.01 -47.56 23.05
C SER K 379 45.25 -46.08 23.27
N CYS K 380 44.83 -45.26 22.30
CA CYS K 380 45.14 -43.84 22.30
C CYS K 380 43.93 -43.02 22.72
N GLU K 381 44.21 -41.84 23.26
CA GLU K 381 43.17 -40.95 23.77
C GLU K 381 43.17 -39.64 23.01
N PRO K 382 42.01 -39.00 22.86
CA PRO K 382 41.95 -37.76 22.06
C PRO K 382 42.62 -36.62 22.80
N PRO K 383 43.10 -35.62 22.07
CA PRO K 383 43.65 -34.42 22.73
C PRO K 383 42.54 -33.58 23.33
N LYS K 384 42.95 -32.55 24.05
CA LYS K 384 42.02 -31.63 24.68
C LYS K 384 42.10 -30.21 24.15
N ASP K 385 43.10 -29.89 23.34
CA ASP K 385 43.22 -28.58 22.72
C ASP K 385 42.53 -28.59 21.36
N HIS K 386 41.87 -27.48 21.04
CA HIS K 386 41.00 -27.42 19.87
C HIS K 386 41.74 -27.01 18.60
N ILE K 387 42.58 -25.97 18.68
CA ILE K 387 43.19 -25.35 17.52
C ILE K 387 44.70 -25.37 17.68
N VAL K 388 45.41 -25.70 16.61
CA VAL K 388 46.87 -25.71 16.61
C VAL K 388 47.39 -24.90 15.43
N PRO K 389 48.56 -24.30 15.53
CA PRO K 389 49.09 -23.51 14.41
C PRO K 389 49.91 -24.29 13.41
N TYR K 390 49.81 -25.62 13.38
CA TYR K 390 50.61 -26.44 12.48
C TYR K 390 49.75 -27.59 11.97
N ALA K 391 50.28 -28.29 10.98
CA ALA K 391 49.56 -29.36 10.29
C ALA K 391 49.91 -30.73 10.85
N ALA K 392 49.03 -31.68 10.59
CA ALA K 392 49.19 -33.03 11.13
C ALA K 392 50.45 -33.68 10.58
N SER K 393 51.10 -34.48 11.42
CA SER K 393 52.25 -35.28 11.03
C SER K 393 51.86 -36.71 10.66
N HIS K 394 50.59 -36.94 10.36
CA HIS K 394 50.10 -38.28 10.06
C HIS K 394 49.20 -38.22 8.84
N SER K 395 48.84 -39.40 8.35
CA SER K 395 47.82 -39.56 7.33
C SER K 395 46.51 -39.90 8.03
N ASN K 396 45.44 -39.20 7.66
CA ASN K 396 44.23 -39.27 8.47
C ASN K 396 43.56 -40.63 8.33
N VAL K 397 44.23 -41.68 8.79
CA VAL K 397 43.71 -43.04 8.77
C VAL K 397 43.09 -43.29 10.12
N VAL K 398 41.76 -43.27 10.17
CA VAL K 398 41.02 -43.22 11.43
C VAL K 398 40.52 -44.61 11.81
N PHE K 399 40.22 -45.45 10.81
CA PHE K 399 39.55 -46.71 11.05
C PHE K 399 40.33 -47.57 12.03
N PRO K 400 39.73 -48.01 13.13
CA PRO K 400 40.50 -48.69 14.18
C PRO K 400 40.81 -50.13 13.81
N ASP K 401 41.99 -50.57 14.24
CA ASP K 401 42.40 -51.95 14.03
C ASP K 401 41.54 -52.89 14.84
N MET K 402 41.21 -54.05 14.27
CA MET K 402 40.45 -55.04 15.00
C MET K 402 41.26 -55.52 16.21
N SER K 403 40.56 -56.17 17.14
CA SER K 403 41.04 -56.52 18.47
C SER K 403 41.19 -55.28 19.34
N GLY K 404 40.80 -54.11 18.86
CA GLY K 404 40.67 -52.96 19.73
C GLY K 404 39.38 -53.01 20.50
N THR K 405 39.22 -52.04 21.40
CA THR K 405 38.05 -52.04 22.27
C THR K 405 36.76 -51.90 21.47
N ALA K 406 36.76 -51.03 20.46
CA ALA K 406 35.54 -50.76 19.71
C ALA K 406 35.06 -51.98 18.92
N LEU K 407 35.98 -52.70 18.30
CA LEU K 407 35.61 -53.80 17.42
C LEU K 407 35.56 -55.15 18.13
N SER K 408 36.21 -55.27 19.29
CA SER K 408 36.02 -56.47 20.10
C SER K 408 34.57 -56.61 20.52
N TRP K 409 33.93 -55.51 20.89
CA TRP K 409 32.50 -55.55 21.23
C TRP K 409 31.67 -56.01 20.04
N VAL K 410 31.94 -55.47 18.85
CA VAL K 410 31.18 -55.86 17.68
C VAL K 410 31.34 -57.35 17.43
N GLN K 411 32.57 -57.86 17.55
CA GLN K 411 32.79 -59.29 17.38
C GLN K 411 32.05 -60.10 18.43
N LYS K 412 32.00 -59.61 19.67
CA LYS K 412 31.35 -60.36 20.74
C LYS K 412 29.85 -60.50 20.50
N ILE K 413 29.17 -59.38 20.22
CA ILE K 413 27.74 -59.47 19.92
C ILE K 413 27.50 -60.26 18.62
N SER K 414 28.39 -60.11 17.63
CA SER K 414 28.23 -60.90 16.41
C SER K 414 28.30 -62.39 16.71
N GLY K 415 29.26 -62.80 17.54
CA GLY K 415 29.36 -64.19 17.90
C GLY K 415 28.16 -64.70 18.66
N GLY K 416 27.65 -63.89 19.60
CA GLY K 416 26.46 -64.30 20.33
C GLY K 416 25.26 -64.49 19.41
N LEU K 417 25.00 -63.51 18.55
CA LEU K 417 23.86 -63.60 17.64
C LEU K 417 24.02 -64.75 16.66
N GLY K 418 25.23 -64.97 16.16
CA GLY K 418 25.46 -66.07 15.24
C GLY K 418 25.29 -67.42 15.91
N ALA K 419 25.73 -67.55 17.16
CA ALA K 419 25.51 -68.79 17.89
C ALA K 419 24.02 -69.05 18.08
N PHE K 420 23.26 -68.01 18.43
CA PHE K 420 21.82 -68.19 18.56
C PHE K 420 21.19 -68.61 17.24
N ALA K 421 21.60 -67.97 16.14
CA ALA K 421 21.03 -68.28 14.84
C ALA K 421 21.35 -69.71 14.41
N ILE K 422 22.60 -70.15 14.61
CA ILE K 422 22.94 -71.51 14.20
C ILE K 422 22.26 -72.52 15.10
N GLY K 423 22.04 -72.18 16.38
CA GLY K 423 21.24 -73.05 17.22
C GLY K 423 19.83 -73.21 16.68
N ALA K 424 19.22 -72.10 16.27
CA ALA K 424 17.89 -72.16 15.66
C ALA K 424 17.90 -73.04 14.41
N ILE K 425 18.89 -72.86 13.54
CA ILE K 425 18.95 -73.63 12.31
C ILE K 425 19.12 -75.11 12.60
N LEU K 426 20.00 -75.45 13.54
CA LEU K 426 20.23 -76.85 13.88
C LEU K 426 18.96 -77.49 14.44
N VAL K 427 18.28 -76.79 15.35
CA VAL K 427 17.04 -77.33 15.92
C VAL K 427 16.02 -77.56 14.81
N LEU K 428 15.85 -76.58 13.93
CA LEU K 428 14.87 -76.74 12.86
C LEU K 428 15.23 -77.90 11.95
N VAL K 429 16.50 -78.05 11.60
CA VAL K 429 16.90 -79.11 10.68
C VAL K 429 16.69 -80.48 11.30
N VAL K 430 17.05 -80.64 12.58
CA VAL K 430 16.83 -81.92 13.23
C VAL K 430 15.34 -82.25 13.31
N VAL K 431 14.52 -81.26 13.70
CA VAL K 431 13.09 -81.51 13.82
C VAL K 431 12.50 -81.89 12.46
N THR K 432 12.88 -81.16 11.40
CA THR K 432 12.29 -81.44 10.10
C THR K 432 12.78 -82.76 9.52
N CYS K 433 14.02 -83.17 9.82
CA CYS K 433 14.47 -84.47 9.34
C CYS K 433 13.78 -85.60 10.07
N ILE K 434 13.52 -85.43 11.37
CA ILE K 434 12.76 -86.44 12.11
C ILE K 434 11.33 -86.52 11.57
N GLY K 435 10.71 -85.37 11.33
CA GLY K 435 9.36 -85.36 10.78
C GLY K 435 9.27 -85.69 9.31
N LEU K 436 10.41 -85.81 8.64
CA LEU K 436 10.46 -86.12 7.22
C LEU K 436 10.37 -87.61 6.94
N ARG K 437 10.52 -88.46 7.95
CA ARG K 437 10.45 -89.91 7.76
C ARG K 437 9.21 -90.48 8.42
N GLY L 1 -23.20 -110.55 9.20
CA GLY L 1 -24.56 -110.24 9.61
C GLY L 1 -24.67 -108.89 10.27
N LYS L 2 -24.74 -108.89 11.60
CA LYS L 2 -24.82 -107.63 12.35
C LYS L 2 -23.51 -106.86 12.33
N ARG L 3 -22.43 -107.45 11.81
CA ARG L 3 -21.19 -106.71 11.65
C ARG L 3 -21.38 -105.53 10.71
N GLU L 4 -22.13 -105.72 9.62
CA GLU L 4 -22.39 -104.64 8.68
C GLU L 4 -23.74 -103.97 8.90
N ARG L 5 -24.75 -104.70 9.35
CA ARG L 5 -26.10 -104.14 9.44
C ARG L 5 -26.14 -102.97 10.41
N MET L 6 -25.45 -103.09 11.55
CA MET L 6 -25.43 -102.00 12.52
C MET L 6 -24.57 -100.83 12.05
N CYS L 7 -23.60 -101.08 11.17
CA CYS L 7 -22.63 -100.05 10.79
C CYS L 7 -23.26 -98.86 10.06
N MET L 8 -24.45 -99.02 9.45
CA MET L 8 -25.03 -97.92 8.70
C MET L 8 -25.63 -96.82 9.56
N LYS L 9 -25.79 -97.05 10.87
CA LYS L 9 -26.32 -96.02 11.76
C LYS L 9 -25.22 -95.32 12.54
N ILE L 10 -24.03 -95.17 11.94
CA ILE L 10 -22.94 -94.41 12.53
C ILE L 10 -22.51 -93.25 11.63
N GLU L 11 -22.34 -93.50 10.33
CA GLU L 11 -21.91 -92.42 9.44
C GLU L 11 -22.91 -91.28 9.43
N ASN L 12 -24.20 -91.61 9.33
CA ASN L 12 -25.23 -90.61 9.55
C ASN L 12 -25.21 -90.17 11.00
N ASP L 13 -25.60 -88.91 11.23
CA ASP L 13 -25.57 -88.23 12.52
C ASP L 13 -24.15 -87.93 13.00
N CYS L 14 -23.12 -88.33 12.24
CA CYS L 14 -21.73 -88.03 12.59
C CYS L 14 -20.96 -87.47 11.40
N ILE L 15 -21.66 -87.02 10.36
CA ILE L 15 -21.04 -86.45 9.18
C ILE L 15 -21.82 -85.21 8.78
N PHE L 16 -21.12 -84.10 8.57
CA PHE L 16 -21.72 -82.86 8.10
C PHE L 16 -21.08 -82.50 6.76
N GLU L 17 -21.91 -82.23 5.76
CA GLU L 17 -21.42 -82.15 4.39
C GLU L 17 -20.67 -80.86 4.12
N VAL L 18 -19.63 -80.95 3.31
CA VAL L 18 -18.81 -79.80 2.92
C VAL L 18 -19.33 -79.30 1.58
N LYS L 19 -19.83 -78.07 1.55
CA LYS L 19 -20.47 -77.50 0.38
C LYS L 19 -19.65 -76.33 -0.13
N HIS L 20 -19.29 -76.38 -1.41
CA HIS L 20 -18.63 -75.26 -2.09
C HIS L 20 -19.36 -75.03 -3.40
N GLU L 21 -20.09 -73.91 -3.48
CA GLU L 21 -20.90 -73.56 -4.65
C GLU L 21 -21.93 -74.65 -4.96
N GLY L 22 -22.81 -74.87 -3.99
CA GLY L 22 -23.90 -75.80 -4.17
C GLY L 22 -23.50 -77.27 -4.13
N LYS L 23 -22.77 -77.72 -5.14
CA LYS L 23 -22.40 -79.12 -5.23
C LYS L 23 -21.43 -79.51 -4.12
N VAL L 24 -21.62 -80.72 -3.58
CA VAL L 24 -20.73 -81.19 -2.53
C VAL L 24 -19.34 -81.45 -3.10
N THR L 25 -18.34 -81.43 -2.22
CA THR L 25 -16.96 -81.66 -2.59
C THR L 25 -16.30 -82.77 -1.80
N GLY L 26 -16.74 -83.02 -0.58
CA GLY L 26 -16.14 -84.06 0.24
C GLY L 26 -16.90 -84.19 1.55
N TYR L 27 -16.55 -85.23 2.29
CA TYR L 27 -17.23 -85.58 3.53
C TYR L 27 -16.32 -85.28 4.72
N ALA L 28 -16.86 -84.54 5.68
CA ALA L 28 -16.22 -84.33 6.96
C ALA L 28 -16.77 -85.32 7.99
N CYS L 29 -15.91 -85.74 8.92
CA CYS L 29 -16.26 -86.78 9.86
C CYS L 29 -16.00 -86.33 11.29
N LEU L 30 -16.74 -86.94 12.22
CA LEU L 30 -16.62 -86.67 13.64
C LEU L 30 -16.04 -87.89 14.34
N VAL L 31 -15.02 -87.69 15.16
CA VAL L 31 -14.38 -88.80 15.84
C VAL L 31 -13.66 -88.33 17.10
N GLY L 32 -13.83 -89.07 18.19
CA GLY L 32 -13.15 -88.76 19.43
C GLY L 32 -13.54 -87.40 19.99
N ASP L 33 -12.63 -86.44 19.89
CA ASP L 33 -12.89 -85.07 20.30
C ASP L 33 -12.34 -84.09 19.27
N LYS L 34 -12.45 -84.42 17.99
CA LYS L 34 -12.02 -83.50 16.95
C LYS L 34 -12.67 -83.85 15.62
N VAL L 35 -13.11 -82.82 14.90
CA VAL L 35 -13.56 -83.01 13.52
C VAL L 35 -12.37 -83.31 12.63
N MET L 36 -12.65 -83.88 11.46
CA MET L 36 -11.61 -84.14 10.47
C MET L 36 -12.14 -83.83 9.08
N LYS L 37 -11.48 -82.89 8.41
CA LYS L 37 -11.76 -82.56 7.02
C LYS L 37 -10.43 -82.58 6.25
N PRO L 38 -10.37 -83.27 5.11
CA PRO L 38 -9.14 -83.23 4.32
C PRO L 38 -8.86 -81.83 3.79
N ALA L 39 -7.57 -81.49 3.71
CA ALA L 39 -7.17 -80.14 3.30
C ALA L 39 -7.35 -79.89 1.82
N HIS L 40 -7.51 -80.93 1.02
CA HIS L 40 -7.65 -80.76 -0.43
C HIS L 40 -9.09 -80.46 -0.86
N VAL L 41 -10.07 -80.62 0.02
CA VAL L 41 -11.46 -80.35 -0.33
C VAL L 41 -11.81 -78.94 0.13
N LYS L 42 -12.72 -78.30 -0.59
CA LYS L 42 -13.08 -76.92 -0.33
C LYS L 42 -14.57 -76.80 -0.03
N GLY L 43 -14.91 -75.87 0.87
CA GLY L 43 -16.29 -75.61 1.20
C GLY L 43 -16.56 -75.49 2.67
N VAL L 44 -17.64 -74.79 3.03
CA VAL L 44 -17.99 -74.58 4.43
C VAL L 44 -18.74 -75.78 4.96
N ILE L 45 -18.49 -76.10 6.24
CA ILE L 45 -19.14 -77.25 6.87
C ILE L 45 -20.65 -77.01 6.94
N ASP L 46 -21.42 -78.10 6.82
CA ASP L 46 -22.87 -77.97 6.84
C ASP L 46 -23.36 -77.43 8.18
N ASN L 47 -22.79 -77.91 9.29
CA ASN L 47 -23.20 -77.44 10.60
C ASN L 47 -22.92 -75.95 10.74
N ALA L 48 -23.92 -75.21 11.22
CA ALA L 48 -23.72 -73.79 11.49
C ALA L 48 -22.75 -73.58 12.64
N ASP L 49 -22.84 -74.42 13.68
CA ASP L 49 -21.93 -74.30 14.81
C ASP L 49 -20.50 -74.60 14.40
N LEU L 50 -20.30 -75.58 13.52
CA LEU L 50 -18.97 -75.92 13.03
C LEU L 50 -18.49 -74.99 11.93
N ALA L 51 -19.34 -74.07 11.46
CA ALA L 51 -18.91 -73.13 10.42
C ALA L 51 -17.76 -72.28 10.90
N LYS L 52 -17.82 -71.81 12.15
CA LYS L 52 -16.75 -71.03 12.76
C LYS L 52 -16.05 -71.87 13.81
N LEU L 53 -14.74 -72.06 13.63
CA LEU L 53 -13.93 -72.83 14.56
C LEU L 53 -12.47 -72.48 14.36
N ALA L 54 -11.66 -72.77 15.38
CA ALA L 54 -10.23 -72.55 15.33
C ALA L 54 -9.56 -73.82 14.80
N PHE L 55 -9.66 -74.00 13.48
CA PHE L 55 -9.09 -75.17 12.84
C PHE L 55 -7.57 -75.09 12.82
N LYS L 56 -6.94 -76.26 12.75
CA LYS L 56 -5.51 -76.39 12.61
C LYS L 56 -5.19 -77.04 11.27
N LYS L 57 -4.06 -76.66 10.68
CA LYS L 57 -3.71 -77.07 9.33
C LYS L 57 -2.43 -77.90 9.35
N SER L 58 -2.40 -78.92 8.50
CA SER L 58 -1.17 -79.68 8.28
C SER L 58 -1.26 -80.33 6.90
N SER L 59 -0.58 -79.73 5.92
CA SER L 59 -0.59 -80.26 4.57
C SER L 59 0.18 -81.56 4.45
N LYS L 60 1.16 -81.79 5.32
CA LYS L 60 1.92 -83.04 5.29
C LYS L 60 1.00 -84.23 5.56
N TYR L 61 0.14 -84.12 6.57
CA TYR L 61 -0.86 -85.13 6.85
C TYR L 61 -2.17 -84.88 6.16
N ASP L 62 -2.37 -83.69 5.59
CA ASP L 62 -3.50 -83.38 4.73
C ASP L 62 -4.84 -83.56 5.47
N LEU L 63 -5.01 -82.76 6.51
CA LEU L 63 -6.21 -82.86 7.35
C LEU L 63 -6.29 -81.66 8.27
N GLU L 64 -7.50 -81.17 8.51
CA GLU L 64 -7.76 -80.16 9.53
C GLU L 64 -8.56 -80.78 10.67
N CYS L 65 -8.29 -80.31 11.88
CA CYS L 65 -8.98 -80.78 13.08
C CYS L 65 -9.32 -79.59 13.96
N ALA L 66 -10.34 -79.77 14.78
CA ALA L 66 -10.80 -78.72 15.70
C ALA L 66 -11.17 -79.38 17.02
N GLN L 67 -11.88 -78.65 17.87
CA GLN L 67 -12.39 -79.18 19.12
C GLN L 67 -13.89 -79.38 19.00
N ILE L 68 -14.36 -80.57 19.35
CA ILE L 68 -15.79 -80.87 19.29
C ILE L 68 -16.48 -80.18 20.47
N PRO L 69 -17.57 -79.47 20.25
CA PRO L 69 -18.27 -78.82 21.36
C PRO L 69 -18.95 -79.83 22.26
N VAL L 70 -19.13 -79.44 23.53
CA VAL L 70 -19.67 -80.36 24.53
C VAL L 70 -21.11 -80.74 24.19
N HIS L 71 -21.94 -79.77 23.82
CA HIS L 71 -23.33 -80.06 23.48
C HIS L 71 -23.44 -81.04 22.31
N MET L 72 -22.47 -81.00 21.39
CA MET L 72 -22.46 -81.89 20.24
C MET L 72 -21.46 -83.03 20.38
N ARG L 73 -20.83 -83.18 21.55
CA ARG L 73 -19.86 -84.26 21.72
C ARG L 73 -20.53 -85.61 21.91
N SER L 74 -21.77 -85.64 22.43
CA SER L 74 -22.44 -86.90 22.66
C SER L 74 -22.72 -87.64 21.36
N ASP L 75 -22.90 -86.90 20.26
CA ASP L 75 -23.14 -87.51 18.96
C ASP L 75 -21.84 -87.58 18.16
N ALA L 76 -20.93 -88.40 18.67
CA ALA L 76 -19.61 -88.56 18.08
C ALA L 76 -19.26 -90.04 17.97
N SER L 77 -18.32 -90.34 17.09
CA SER L 77 -17.95 -91.71 16.76
C SER L 77 -17.03 -92.29 17.83
N LYS L 78 -16.45 -93.45 17.52
CA LYS L 78 -15.47 -94.10 18.38
C LYS L 78 -14.28 -94.52 17.53
N TYR L 79 -13.10 -94.51 18.13
CA TYR L 79 -11.85 -94.65 17.41
C TYR L 79 -10.97 -95.71 18.05
N THR L 80 -10.22 -96.42 17.21
CA THR L 80 -9.24 -97.40 17.66
C THR L 80 -7.98 -97.29 16.81
N HIS L 81 -6.91 -97.91 17.29
CA HIS L 81 -5.60 -97.79 16.67
C HIS L 81 -4.98 -99.09 16.22
N GLU L 82 -5.57 -100.24 16.52
CA GLU L 82 -5.01 -101.53 16.17
C GLU L 82 -5.66 -102.06 14.89
N LYS L 83 -4.83 -102.65 14.02
CA LYS L 83 -5.25 -103.09 12.69
C LYS L 83 -4.89 -104.56 12.51
N PRO L 84 -5.74 -105.47 12.98
CA PRO L 84 -5.52 -106.89 12.67
C PRO L 84 -5.74 -107.18 11.19
N GLU L 85 -5.04 -108.21 10.72
CA GLU L 85 -5.16 -108.66 9.33
C GLU L 85 -6.54 -109.30 9.13
N GLY L 86 -7.46 -108.58 8.50
CA GLY L 86 -8.81 -109.08 8.32
C GLY L 86 -9.69 -108.31 7.37
N HIS L 87 -10.99 -108.33 7.63
CA HIS L 87 -11.99 -107.74 6.75
C HIS L 87 -12.64 -106.54 7.43
N TYR L 88 -12.81 -105.45 6.67
CA TYR L 88 -13.41 -104.24 7.18
C TYR L 88 -14.55 -103.83 6.26
N ASN L 89 -15.41 -102.95 6.77
CA ASN L 89 -16.59 -102.51 6.04
C ASN L 89 -16.56 -101.01 5.77
N TRP L 90 -17.20 -100.61 4.68
CA TRP L 90 -17.15 -99.25 4.17
C TRP L 90 -18.53 -98.85 3.68
N HIS L 91 -18.66 -97.58 3.29
CA HIS L 91 -19.91 -97.12 2.68
C HIS L 91 -20.17 -97.83 1.36
N HIS L 92 -19.15 -97.98 0.51
CA HIS L 92 -19.28 -98.69 -0.75
C HIS L 92 -18.75 -100.10 -0.58
N GLY L 93 -19.58 -100.95 0.03
CA GLY L 93 -19.21 -102.34 0.21
C GLY L 93 -18.29 -102.55 1.40
N ALA L 94 -17.45 -103.58 1.30
CA ALA L 94 -16.51 -103.93 2.36
C ALA L 94 -15.09 -103.92 1.80
N VAL L 95 -14.17 -103.39 2.60
CA VAL L 95 -12.77 -103.24 2.21
C VAL L 95 -11.93 -104.32 2.87
N GLN L 96 -11.01 -104.90 2.10
CA GLN L 96 -10.07 -105.90 2.59
C GLN L 96 -8.74 -105.21 2.92
N TYR L 97 -8.18 -105.54 4.06
CA TYR L 97 -6.94 -104.95 4.54
C TYR L 97 -5.87 -106.02 4.62
N SER L 98 -4.76 -105.80 3.92
CA SER L 98 -3.67 -106.78 3.92
C SER L 98 -2.35 -106.06 3.69
N GLY L 99 -1.36 -106.37 4.52
CA GLY L 99 -0.05 -105.76 4.37
C GLY L 99 -0.05 -104.26 4.55
N GLY L 100 -0.87 -103.75 5.45
CA GLY L 100 -0.96 -102.32 5.68
C GLY L 100 -1.61 -101.54 4.56
N ARG L 101 -2.25 -102.21 3.62
CA ARG L 101 -2.80 -101.58 2.42
C ARG L 101 -4.30 -101.85 2.37
N PHE L 102 -5.10 -100.81 2.57
CA PHE L 102 -6.53 -100.93 2.41
C PHE L 102 -6.86 -101.12 0.93
N THR L 103 -7.35 -102.30 0.58
CA THR L 103 -7.55 -102.68 -0.82
C THR L 103 -9.04 -102.78 -1.11
N ILE L 104 -9.45 -102.22 -2.25
CA ILE L 104 -10.86 -102.21 -2.66
C ILE L 104 -10.98 -102.69 -4.10
N PRO L 105 -11.94 -103.56 -4.41
CA PRO L 105 -12.14 -103.96 -5.81
C PRO L 105 -12.46 -102.75 -6.66
N THR L 106 -11.91 -102.73 -7.89
CA THR L 106 -11.94 -101.52 -8.69
C THR L 106 -13.36 -101.11 -9.02
N GLY L 107 -13.58 -99.80 -9.13
CA GLY L 107 -14.89 -99.26 -9.42
C GLY L 107 -15.77 -99.05 -8.22
N ALA L 108 -15.36 -99.50 -7.04
CA ALA L 108 -16.11 -99.33 -5.80
C ALA L 108 -15.56 -98.10 -5.10
N GLY L 109 -16.17 -96.94 -5.34
CA GLY L 109 -15.66 -95.70 -4.81
C GLY L 109 -15.26 -94.73 -5.91
N LYS L 110 -16.03 -93.66 -6.06
CA LYS L 110 -15.86 -92.68 -7.12
C LYS L 110 -15.23 -91.40 -6.57
N PRO L 111 -14.63 -90.58 -7.43
CA PRO L 111 -14.14 -89.27 -6.98
C PRO L 111 -15.28 -88.40 -6.46
N GLY L 112 -14.93 -87.50 -5.54
CA GLY L 112 -15.90 -86.62 -4.93
C GLY L 112 -16.41 -87.04 -3.56
N ASP L 113 -15.80 -88.06 -2.95
CA ASP L 113 -16.23 -88.54 -1.65
C ASP L 113 -15.05 -88.69 -0.70
N SER L 114 -14.01 -87.88 -0.88
CA SER L 114 -12.85 -87.94 0.00
C SER L 114 -13.24 -87.48 1.40
N GLY L 115 -12.84 -88.25 2.41
CA GLY L 115 -13.14 -87.93 3.78
C GLY L 115 -14.13 -88.83 4.47
N ARG L 116 -14.46 -89.98 3.89
CA ARG L 116 -15.38 -90.88 4.58
C ARG L 116 -14.61 -91.92 5.40
N PRO L 117 -15.12 -92.28 6.57
CA PRO L 117 -14.39 -93.21 7.44
C PRO L 117 -14.45 -94.65 6.95
N ILE L 118 -13.58 -95.47 7.53
CA ILE L 118 -13.58 -96.91 7.34
C ILE L 118 -13.72 -97.58 8.70
N PHE L 119 -14.71 -98.45 8.84
CA PHE L 119 -15.02 -99.09 10.11
C PHE L 119 -14.52 -100.53 10.11
N ASP L 120 -14.79 -101.23 11.22
CA ASP L 120 -14.41 -102.62 11.38
C ASP L 120 -15.61 -103.45 11.82
N ASN L 121 -15.37 -104.70 12.22
CA ASN L 121 -16.46 -105.54 12.70
C ASN L 121 -17.14 -104.95 13.93
N LYS L 122 -16.38 -104.22 14.75
CA LYS L 122 -16.89 -103.67 15.99
C LYS L 122 -17.44 -102.26 15.82
N GLY L 123 -17.50 -101.75 14.59
CA GLY L 123 -18.07 -100.44 14.35
C GLY L 123 -17.29 -99.28 14.94
N ARG L 124 -15.98 -99.28 14.79
CA ARG L 124 -15.12 -98.19 15.21
C ARG L 124 -14.24 -97.77 14.06
N VAL L 125 -14.04 -96.46 13.90
CA VAL L 125 -13.29 -95.95 12.75
C VAL L 125 -11.83 -96.39 12.86
N VAL L 126 -11.20 -96.54 11.70
CA VAL L 126 -9.80 -96.96 11.65
C VAL L 126 -8.99 -95.95 10.85
N ALA L 127 -9.63 -95.27 9.91
CA ALA L 127 -8.92 -94.37 9.01
C ALA L 127 -9.94 -93.51 8.26
N ILE L 128 -9.42 -92.49 7.58
CA ILE L 128 -10.23 -91.54 6.82
C ILE L 128 -9.73 -91.51 5.39
N VAL L 129 -10.63 -91.72 4.44
CA VAL L 129 -10.24 -91.95 3.05
C VAL L 129 -9.88 -90.63 2.37
N LEU L 130 -8.73 -90.61 1.68
CA LEU L 130 -8.28 -89.44 0.95
C LEU L 130 -8.23 -89.64 -0.57
N GLY L 131 -8.07 -90.87 -1.05
CA GLY L 131 -7.98 -91.11 -2.47
C GLY L 131 -7.91 -92.57 -2.85
N GLY L 132 -7.10 -92.91 -3.85
CA GLY L 132 -6.94 -94.31 -4.23
C GLY L 132 -6.25 -94.50 -5.57
N ALA L 133 -5.53 -95.62 -5.70
CA ALA L 133 -4.79 -95.95 -6.90
C ALA L 133 -5.35 -97.22 -7.52
N ASN L 134 -5.40 -97.26 -8.85
CA ASN L 134 -5.93 -98.40 -9.59
C ASN L 134 -4.77 -99.28 -10.03
N GLU L 135 -4.80 -100.55 -9.60
CA GLU L 135 -3.81 -101.55 -10.02
C GLU L 135 -4.57 -102.86 -10.16
N GLY L 136 -5.01 -103.14 -11.39
CA GLY L 136 -5.80 -104.33 -11.62
C GLY L 136 -7.23 -104.19 -11.13
N SER L 137 -7.85 -105.34 -10.88
CA SER L 137 -9.22 -105.39 -10.40
C SER L 137 -9.38 -104.82 -9.00
N ARG L 138 -8.29 -104.61 -8.28
CA ARG L 138 -8.32 -104.13 -6.91
C ARG L 138 -7.64 -102.78 -6.82
N THR L 139 -8.13 -101.93 -5.92
CA THR L 139 -7.61 -100.58 -5.74
C THR L 139 -7.21 -100.37 -4.28
N ALA L 140 -6.02 -99.82 -4.06
CA ALA L 140 -5.52 -99.52 -2.73
C ALA L 140 -5.63 -98.02 -2.48
N LEU L 141 -6.19 -97.66 -1.34
CA LEU L 141 -6.54 -96.27 -1.07
C LEU L 141 -5.35 -95.52 -0.48
N SER L 142 -5.24 -94.24 -0.84
CA SER L 142 -4.40 -93.29 -0.14
C SER L 142 -5.22 -92.77 1.02
N VAL L 143 -4.95 -93.26 2.22
CA VAL L 143 -5.82 -93.07 3.36
C VAL L 143 -4.98 -92.61 4.55
N VAL L 144 -5.48 -91.64 5.30
CA VAL L 144 -4.80 -91.19 6.51
C VAL L 144 -5.20 -92.09 7.67
N THR L 145 -4.20 -92.64 8.35
CA THR L 145 -4.43 -93.62 9.40
C THR L 145 -3.76 -93.16 10.70
N TRP L 146 -3.68 -94.05 11.68
CA TRP L 146 -3.18 -93.69 13.00
C TRP L 146 -2.15 -94.70 13.47
N ASN L 147 -1.55 -94.38 14.61
CA ASN L 147 -0.82 -95.34 15.43
C ASN L 147 -1.43 -95.27 16.82
N LYS L 148 -0.79 -95.92 17.80
CA LYS L 148 -1.29 -95.80 19.17
C LYS L 148 -1.19 -94.39 19.70
N ASP L 149 -0.28 -93.57 19.15
CA ASP L 149 -0.14 -92.18 19.58
C ASP L 149 0.07 -91.18 18.44
N MET L 150 0.25 -91.62 17.20
CA MET L 150 0.66 -90.75 16.12
C MET L 150 -0.26 -90.92 14.92
N VAL L 151 -0.48 -89.84 14.17
CA VAL L 151 -1.17 -89.93 12.89
C VAL L 151 -0.21 -90.39 11.81
N THR L 152 -0.77 -90.96 10.75
CA THR L 152 0.04 -91.51 9.67
C THR L 152 -0.78 -91.45 8.38
N ARG L 153 -0.08 -91.33 7.26
CA ARG L 153 -0.72 -91.39 5.95
C ARG L 153 0.05 -92.34 5.05
N VAL L 154 -0.70 -93.04 4.20
CA VAL L 154 -0.13 -93.93 3.19
C VAL L 154 -0.69 -93.51 1.84
N THR L 155 0.18 -93.40 0.84
CA THR L 155 -0.28 -92.96 -0.47
C THR L 155 0.36 -93.79 -1.58
N PRO L 156 -0.38 -94.69 -2.21
CA PRO L 156 0.18 -95.49 -3.30
C PRO L 156 0.53 -94.63 -4.51
N GLU L 157 1.46 -95.16 -5.31
CA GLU L 157 1.91 -94.44 -6.50
C GLU L 157 0.79 -94.30 -7.51
N GLY L 158 0.67 -93.11 -8.08
CA GLY L 158 -0.33 -92.83 -9.10
C GLY L 158 -1.73 -92.63 -8.58
N SER L 159 -1.93 -92.67 -7.27
CA SER L 159 -3.26 -92.50 -6.72
C SER L 159 -3.79 -91.11 -7.01
N GLU L 160 -5.10 -91.02 -7.25
CA GLU L 160 -5.74 -89.77 -7.64
C GLU L 160 -6.48 -89.18 -6.44
N GLU L 161 -6.29 -87.89 -6.22
CA GLU L 161 -6.98 -87.16 -5.15
C GLU L 161 -8.46 -87.09 -5.49
N TRP L 162 -9.27 -87.89 -4.80
CA TRP L 162 -10.70 -87.92 -5.05
C TRP L 162 -11.41 -86.78 -4.33
N ARG M 1 -29.21 38.03 52.04
CA ARG M 1 -28.06 38.48 51.27
C ARG M 1 -26.98 37.42 51.24
N THR M 2 -25.85 37.76 50.63
CA THR M 2 -24.70 36.86 50.50
C THR M 2 -25.11 35.52 49.88
N CYS M 3 -25.57 35.60 48.65
CA CYS M 3 -26.03 34.42 47.92
C CYS M 3 -24.85 33.82 47.15
N ARG M 4 -25.13 32.89 46.23
CA ARG M 4 -24.08 32.30 45.42
C ARG M 4 -23.41 33.37 44.57
N ILE M 5 -22.14 33.16 44.23
CA ILE M 5 -21.40 34.16 43.47
C ILE M 5 -22.09 34.46 42.14
N HIS M 6 -22.63 33.41 41.51
CA HIS M 6 -23.33 33.57 40.23
C HIS M 6 -24.59 34.45 40.34
N GLU M 7 -25.29 34.34 41.47
CA GLU M 7 -26.55 35.06 41.66
C GLU M 7 -26.54 36.21 42.67
N ILE M 8 -27.09 37.35 42.24
CA ILE M 8 -27.20 38.55 43.05
C ILE M 8 -28.57 38.59 43.70
N SER M 9 -28.67 39.36 44.79
CA SER M 9 -29.91 39.49 45.54
C SER M 9 -30.65 40.75 45.13
N CYS M 10 -31.98 40.72 45.31
CA CYS M 10 -32.83 41.82 44.87
C CYS M 10 -33.87 42.14 45.94
N GLY M 11 -33.46 42.16 47.19
CA GLY M 11 -34.38 42.49 48.27
C GLY M 11 -33.64 42.65 49.58
N ALA M 12 -34.33 43.29 50.52
CA ALA M 12 -33.83 43.47 51.87
C ALA M 12 -34.58 42.63 52.89
N HIS M 13 -35.92 42.65 52.85
CA HIS M 13 -36.71 41.79 53.72
C HIS M 13 -36.74 40.36 53.22
N SER M 14 -36.76 40.17 51.91
CA SER M 14 -37.00 38.87 51.29
C SER M 14 -35.70 38.21 50.85
N THR M 15 -35.76 36.88 50.74
CA THR M 15 -34.68 36.08 50.17
C THR M 15 -35.15 35.50 48.84
N GLN M 16 -34.58 36.02 47.75
CA GLN M 16 -34.92 35.54 46.41
C GLN M 16 -33.72 35.86 45.53
N CYS M 17 -32.91 34.84 45.23
CA CYS M 17 -31.71 35.00 44.43
C CYS M 17 -32.04 34.92 42.95
N ILE M 18 -31.30 35.66 42.13
CA ILE M 18 -31.45 35.61 40.68
C ILE M 18 -30.09 35.57 40.04
N PRO M 19 -29.99 34.96 38.86
CA PRO M 19 -28.73 34.99 38.12
C PRO M 19 -28.34 36.43 37.76
N VAL M 20 -27.04 36.65 37.65
CA VAL M 20 -26.52 37.96 37.32
C VAL M 20 -27.02 38.40 35.95
N SER M 21 -27.08 37.45 35.02
CA SER M 21 -27.49 37.76 33.66
C SER M 21 -28.90 38.36 33.60
N TRP M 22 -29.75 38.06 34.58
CA TRP M 22 -31.09 38.63 34.62
C TRP M 22 -31.10 40.11 34.98
N ARG M 23 -29.97 40.66 35.40
CA ARG M 23 -29.93 42.02 35.92
C ARG M 23 -29.87 43.00 34.76
N CYS M 24 -30.84 43.91 34.70
CA CYS M 24 -30.93 44.93 33.66
C CYS M 24 -31.02 44.30 32.26
N ASP M 25 -32.09 43.55 32.05
CA ASP M 25 -32.37 42.97 30.74
C ASP M 25 -33.77 43.33 30.27
N GLY M 26 -34.30 44.45 30.74
CA GLY M 26 -35.53 45.01 30.21
C GLY M 26 -36.80 44.36 30.68
N GLU M 27 -36.74 43.39 31.59
CA GLU M 27 -37.93 42.76 32.12
C GLU M 27 -37.74 42.45 33.59
N ASN M 28 -38.79 42.65 34.39
CA ASN M 28 -38.70 42.48 35.82
C ASN M 28 -38.59 41.00 36.19
N ASP M 29 -37.88 40.73 37.28
CA ASP M 29 -37.78 39.38 37.81
C ASP M 29 -37.92 39.31 39.33
N CYS M 30 -38.07 40.44 40.01
CA CYS M 30 -38.19 40.48 41.46
C CYS M 30 -39.38 41.33 41.84
N ASP M 31 -40.00 40.99 42.97
CA ASP M 31 -41.16 41.76 43.44
C ASP M 31 -40.79 43.22 43.64
N SER M 32 -39.65 43.47 44.29
CA SER M 32 -39.05 44.81 44.31
C SER M 32 -38.24 44.94 43.04
N GLY M 33 -38.84 45.52 42.01
CA GLY M 33 -38.27 45.45 40.67
C GLY M 33 -37.01 46.26 40.49
N GLU M 34 -36.00 45.98 41.33
CA GLU M 34 -34.73 46.70 41.27
C GLU M 34 -33.72 46.03 40.36
N ASP M 35 -34.12 44.97 39.64
CA ASP M 35 -33.27 44.45 38.57
C ASP M 35 -33.11 45.46 37.45
N GLU M 36 -34.09 46.35 37.28
CA GLU M 36 -34.09 47.32 36.20
C GLU M 36 -33.92 48.75 36.69
N GLU M 37 -33.34 48.95 37.87
CA GLU M 37 -33.04 50.28 38.35
C GLU M 37 -31.55 50.55 38.22
N ASN M 38 -31.22 51.79 37.81
CA ASN M 38 -29.83 52.23 37.64
C ASN M 38 -29.11 51.39 36.59
N CYS M 39 -29.64 51.43 35.38
CA CYS M 39 -29.00 50.78 34.24
C CYS M 39 -28.02 51.73 33.55
N ARG N 1 -29.78 34.37 70.25
CA ARG N 1 -28.55 34.24 71.02
C ARG N 1 -28.71 33.20 72.12
N THR N 2 -27.76 33.20 73.06
CA THR N 2 -27.78 32.31 74.22
C THR N 2 -27.92 30.85 73.80
N CYS N 3 -26.95 30.39 73.00
CA CYS N 3 -26.88 29.01 72.57
C CYS N 3 -25.78 28.31 73.37
N ARG N 4 -25.49 27.05 73.02
CA ARG N 4 -24.49 26.24 73.72
C ARG N 4 -23.08 26.82 73.63
N ILE N 5 -22.29 26.62 74.68
CA ILE N 5 -20.94 27.20 74.70
C ILE N 5 -20.13 26.74 73.49
N HIS N 6 -20.31 25.49 73.07
CA HIS N 6 -19.55 24.94 71.95
C HIS N 6 -19.86 25.63 70.64
N GLU N 7 -20.93 26.42 70.57
CA GLU N 7 -21.37 27.04 69.34
C GLU N 7 -21.75 28.50 69.61
N ILE N 8 -21.94 29.26 68.54
CA ILE N 8 -22.37 30.64 68.64
C ILE N 8 -23.74 30.77 68.00
N SER N 9 -24.30 31.97 68.06
CA SER N 9 -25.52 32.32 67.36
C SER N 9 -25.21 33.39 66.32
N CYS N 10 -25.73 33.19 65.10
CA CYS N 10 -25.44 34.12 64.01
C CYS N 10 -26.72 34.78 63.52
N GLY N 11 -27.52 35.28 64.46
CA GLY N 11 -28.69 36.05 64.12
C GLY N 11 -29.26 36.76 65.33
N ALA N 12 -29.93 37.90 65.10
CA ALA N 12 -30.63 38.61 66.16
C ALA N 12 -32.13 38.42 66.04
N HIS N 13 -32.72 38.75 64.89
CA HIS N 13 -34.13 38.46 64.65
C HIS N 13 -34.37 36.96 64.58
N SER N 14 -33.48 36.22 63.90
CA SER N 14 -33.64 34.79 63.72
C SER N 14 -32.56 34.03 64.47
N THR N 15 -32.91 32.85 64.95
CA THR N 15 -32.00 32.00 65.71
C THR N 15 -31.38 30.97 64.77
N GLN N 16 -30.05 30.85 64.83
CA GLN N 16 -29.33 29.88 64.02
C GLN N 16 -28.00 29.61 64.72
N CYS N 17 -27.91 28.48 65.43
CA CYS N 17 -26.67 28.10 66.09
C CYS N 17 -25.72 27.46 65.08
N ILE N 18 -24.47 27.92 65.08
CA ILE N 18 -23.43 27.31 64.26
C ILE N 18 -22.23 27.02 65.13
N PRO N 19 -21.50 25.93 64.89
CA PRO N 19 -20.29 25.66 65.66
C PRO N 19 -19.25 26.76 65.49
N VAL N 20 -18.43 26.94 66.51
CA VAL N 20 -17.41 27.98 66.48
C VAL N 20 -16.45 27.78 65.32
N SER N 21 -16.21 26.52 64.93
CA SER N 21 -15.33 26.25 63.81
C SER N 21 -15.85 26.84 62.51
N TRP N 22 -17.16 27.09 62.41
CA TRP N 22 -17.73 27.71 61.22
C TRP N 22 -17.57 29.23 61.24
N ARG N 23 -17.05 29.80 62.32
CA ARG N 23 -16.89 31.24 62.43
C ARG N 23 -15.59 31.64 61.74
N CYS N 24 -15.72 32.45 60.69
CA CYS N 24 -14.59 32.90 59.88
C CYS N 24 -13.79 31.71 59.35
N ASP N 25 -14.48 30.86 58.60
CA ASP N 25 -13.84 29.72 57.94
C ASP N 25 -13.72 29.92 56.43
N GLY N 26 -13.99 31.12 55.94
CA GLY N 26 -13.92 31.39 54.52
C GLY N 26 -15.17 31.08 53.73
N GLU N 27 -16.26 30.76 54.42
CA GLU N 27 -17.52 30.46 53.77
C GLU N 27 -18.67 31.05 54.58
N ASN N 28 -19.73 31.47 53.90
CA ASN N 28 -20.90 32.01 54.59
C ASN N 28 -21.77 30.88 55.09
N ASP N 29 -21.63 30.54 56.37
CA ASP N 29 -22.35 29.43 56.98
C ASP N 29 -23.73 29.85 57.48
N CYS N 30 -24.12 31.10 57.32
CA CYS N 30 -25.40 31.58 57.81
C CYS N 30 -26.12 32.34 56.71
N ASP N 31 -27.43 32.54 56.93
CA ASP N 31 -28.23 33.28 55.96
C ASP N 31 -27.72 34.70 55.77
N SER N 32 -27.33 35.36 56.86
CA SER N 32 -26.66 36.66 56.80
C SER N 32 -25.16 36.42 56.94
N GLY N 33 -24.38 36.92 55.99
CA GLY N 33 -22.95 36.66 55.97
C GLY N 33 -22.18 37.39 57.05
N GLU N 34 -22.54 37.16 58.32
CA GLU N 34 -21.84 37.76 59.44
C GLU N 34 -20.85 36.80 60.09
N ASP N 35 -20.60 35.65 59.48
CA ASP N 35 -19.50 34.80 59.92
C ASP N 35 -18.17 35.29 59.37
N GLU N 36 -18.17 35.90 58.19
CA GLU N 36 -16.96 36.34 57.52
C GLU N 36 -16.81 37.86 57.55
N GLU N 37 -17.40 38.51 58.56
CA GLU N 37 -17.26 39.94 58.76
C GLU N 37 -16.24 40.21 59.88
N ASN N 38 -15.40 41.21 59.66
CA ASN N 38 -14.45 41.68 60.67
C ASN N 38 -13.64 40.53 61.26
N CYS N 39 -13.03 39.75 60.38
CA CYS N 39 -12.18 38.65 60.82
C CYS N 39 -10.86 39.17 61.37
N ARG O 1 -0.32 12.71 -81.97
CA ARG O 1 -0.42 14.02 -81.33
C ARG O 1 -1.87 14.45 -81.23
N THR O 2 -2.09 15.69 -80.77
CA THR O 2 -3.42 16.29 -80.65
C THR O 2 -4.38 15.36 -79.93
N CYS O 3 -4.08 15.11 -78.66
CA CYS O 3 -4.88 14.23 -77.83
C CYS O 3 -5.94 15.06 -77.09
N ARG O 4 -6.52 14.46 -76.05
CA ARG O 4 -7.57 15.08 -75.23
C ARG O 4 -7.09 16.31 -74.47
N ILE O 5 -7.99 17.26 -74.23
CA ILE O 5 -7.61 18.51 -73.58
C ILE O 5 -6.89 18.28 -72.25
N HIS O 6 -7.40 17.33 -71.48
CA HIS O 6 -6.84 17.01 -70.16
C HIS O 6 -5.41 16.47 -70.20
N GLU O 7 -5.12 15.61 -71.17
CA GLU O 7 -3.81 14.98 -71.27
C GLU O 7 -3.01 15.37 -72.51
N ILE O 8 -1.76 15.75 -72.30
CA ILE O 8 -0.86 16.13 -73.38
C ILE O 8 -0.08 14.90 -73.82
N SER O 9 0.53 14.99 -75.00
CA SER O 9 1.36 13.94 -75.55
C SER O 9 2.81 14.39 -75.57
N CYS O 10 3.71 13.47 -75.27
CA CYS O 10 5.12 13.77 -75.05
C CYS O 10 5.99 13.29 -76.19
N GLY O 11 5.48 13.39 -77.42
CA GLY O 11 6.24 12.93 -78.56
C GLY O 11 5.51 13.20 -79.86
N ALA O 12 6.15 12.77 -80.95
CA ALA O 12 5.60 12.93 -82.29
C ALA O 12 5.52 11.61 -83.05
N HIS O 13 6.47 10.70 -82.83
CA HIS O 13 6.47 9.42 -83.52
C HIS O 13 5.47 8.43 -82.92
N SER O 14 5.05 8.65 -81.68
CA SER O 14 4.24 7.69 -80.95
C SER O 14 2.90 8.30 -80.54
N THR O 15 1.91 7.44 -80.36
CA THR O 15 0.59 7.83 -79.87
C THR O 15 0.45 7.36 -78.42
N GLN O 16 0.60 8.32 -77.52
CA GLN O 16 0.44 8.10 -76.09
C GLN O 16 -0.05 9.43 -75.53
N CYS O 17 -0.85 9.37 -74.48
CA CYS O 17 -1.34 10.58 -73.85
C CYS O 17 -1.21 10.45 -72.34
N ILE O 18 -0.60 11.46 -71.72
CA ILE O 18 -0.44 11.46 -70.26
C ILE O 18 -1.10 12.71 -69.70
N PRO O 19 -1.69 12.64 -68.51
CA PRO O 19 -2.30 13.83 -67.91
C PRO O 19 -1.27 14.93 -67.66
N VAL O 20 -1.75 16.17 -67.70
CA VAL O 20 -0.88 17.33 -67.50
C VAL O 20 -0.23 17.28 -66.12
N SER O 21 -0.94 16.77 -65.12
CA SER O 21 -0.38 16.70 -63.77
C SER O 21 0.85 15.80 -63.72
N TRP O 22 0.96 14.83 -64.63
CA TRP O 22 2.13 13.97 -64.64
C TRP O 22 3.36 14.67 -65.19
N ARG O 23 3.18 15.75 -65.95
CA ARG O 23 4.29 16.39 -66.63
C ARG O 23 5.14 17.17 -65.63
N CYS O 24 6.44 16.87 -65.60
CA CYS O 24 7.39 17.49 -64.68
C CYS O 24 6.94 17.31 -63.23
N ASP O 25 6.93 16.04 -62.82
CA ASP O 25 6.51 15.68 -61.47
C ASP O 25 7.56 14.87 -60.72
N GLY O 26 8.78 14.81 -61.23
CA GLY O 26 9.83 14.04 -60.59
C GLY O 26 9.88 12.57 -60.97
N GLU O 27 9.12 12.15 -61.97
CA GLU O 27 9.17 10.77 -62.42
C GLU O 27 8.97 10.73 -63.93
N ASN O 28 9.73 9.85 -64.59
CA ASN O 28 9.62 9.68 -66.03
C ASN O 28 8.43 8.79 -66.35
N ASP O 29 7.53 9.28 -67.20
CA ASP O 29 6.30 8.58 -67.53
C ASP O 29 6.23 8.14 -68.98
N CYS O 30 7.15 8.59 -69.82
CA CYS O 30 7.12 8.33 -71.25
C CYS O 30 8.28 7.43 -71.66
N ASP O 31 8.14 6.80 -72.82
CA ASP O 31 9.26 6.10 -73.43
C ASP O 31 10.39 7.07 -73.76
N SER O 32 10.03 8.23 -74.33
CA SER O 32 10.96 9.34 -74.49
C SER O 32 10.65 10.32 -73.36
N GLY O 33 11.44 10.24 -72.30
CA GLY O 33 11.16 11.00 -71.09
C GLY O 33 11.42 12.49 -71.23
N GLU O 34 10.71 13.13 -72.15
CA GLU O 34 10.83 14.57 -72.33
C GLU O 34 9.99 15.36 -71.34
N ASP O 35 9.39 14.69 -70.36
CA ASP O 35 8.52 15.36 -69.41
C ASP O 35 9.29 16.30 -68.50
N GLU O 36 10.48 15.87 -68.06
CA GLU O 36 11.24 16.59 -67.04
C GLU O 36 12.23 17.60 -67.62
N GLU O 37 12.32 17.71 -68.94
CA GLU O 37 13.14 18.73 -69.58
C GLU O 37 12.30 19.96 -69.85
N ASN O 38 12.93 21.13 -69.79
CA ASN O 38 12.24 22.41 -69.91
C ASN O 38 11.14 22.55 -68.86
N CYS O 39 11.49 22.26 -67.60
CA CYS O 39 10.57 22.43 -66.49
C CYS O 39 10.46 23.91 -66.09
C1 NAG P . -11.13 59.32 -74.95
C2 NAG P . -10.62 58.18 -74.06
C3 NAG P . -10.35 56.94 -74.91
C4 NAG P . -11.58 56.58 -75.72
C5 NAG P . -12.04 57.77 -76.54
C6 NAG P . -13.32 57.51 -77.30
C7 NAG P . -9.45 58.97 -72.06
C8 NAG P . -8.12 59.33 -71.46
N2 NAG P . -9.43 58.58 -73.33
O3 NAG P . -9.99 55.86 -74.06
O4 NAG P . -11.30 55.49 -76.58
O5 NAG P . -12.28 58.89 -75.68
O6 NAG P . -14.17 58.65 -77.29
O7 NAG P . -10.48 59.02 -71.41
C1 NAG Q . -22.88 50.45 -19.24
C2 NAG Q . -21.65 50.55 -20.15
C3 NAG Q . -21.15 49.16 -20.57
C4 NAG Q . -20.96 48.28 -19.34
C5 NAG Q . -22.24 48.26 -18.51
C6 NAG Q . -22.09 47.48 -17.23
C7 NAG Q . -22.69 51.34 -22.33
C8 NAG Q . -23.61 50.16 -22.35
N2 NAG Q . -21.83 51.44 -21.30
O3 NAG Q . -19.91 49.29 -21.27
O4 NAG Q . -20.64 46.96 -19.74
O5 NAG Q . -22.60 49.60 -18.14
O6 NAG Q . -23.21 46.65 -16.98
O7 NAG Q . -22.71 52.19 -23.21
C1 NAG R . -29.02 38.66 16.26
C2 NAG R . -30.39 39.02 16.85
C3 NAG R . -31.28 39.60 15.76
C4 NAG R . -30.60 40.77 15.09
C5 NAG R . -29.22 40.35 14.59
C6 NAG R . -28.42 41.51 14.01
C7 NAG R . -31.39 37.83 18.75
C8 NAG R . -32.02 36.55 19.21
N2 NAG R . -31.01 37.86 17.46
O3 NAG R . -32.51 40.02 16.34
O4 NAG R . -31.38 41.24 13.99
O5 NAG R . -28.45 39.82 15.67
O6 NAG R . -29.20 42.69 13.92
O7 NAG R . -31.22 38.78 19.49
C1 NAG S . 86.06 4.91 21.01
C2 NAG S . 85.28 4.17 22.10
C3 NAG S . 85.72 2.71 22.16
C4 NAG S . 85.58 2.07 20.79
C5 NAG S . 86.35 2.88 19.75
C6 NAG S . 86.16 2.36 18.35
C7 NAG S . 84.46 5.02 24.24
C8 NAG S . 84.81 5.70 25.53
N2 NAG S . 85.46 4.81 23.40
O3 NAG S . 84.93 2.02 23.12
O4 NAG S . 86.09 0.74 20.81
O5 NAG S . 85.88 4.24 19.75
O6 NAG S . 86.14 0.94 18.33
O7 NAG S . 83.30 4.69 23.98
C1 NAG T . 33.18 18.04 39.28
C2 NAG T . 34.59 17.58 39.67
C3 NAG T . 34.55 16.21 40.32
C4 NAG T . 33.57 16.19 41.47
C5 NAG T . 32.20 16.63 40.98
C6 NAG T . 31.16 16.70 42.07
C7 NAG T . 36.43 18.49 38.32
C8 NAG T . 37.25 18.33 37.08
N2 NAG T . 35.47 17.58 38.51
O3 NAG T . 35.84 15.85 40.77
O4 NAG T . 33.48 14.88 42.03
O5 NAG T . 32.30 17.94 40.42
O6 NAG T . 31.66 17.37 43.22
O7 NAG T . 36.63 19.40 39.12
C1 NAG U . -2.44 21.55 53.86
C2 NAG U . -1.11 21.43 53.12
C3 NAG U . -1.30 21.84 51.65
C4 NAG U . -2.46 21.09 51.03
C5 NAG U . -3.71 21.21 51.88
C6 NAG U . -4.88 20.39 51.39
C7 NAG U . 1.22 22.05 53.55
C8 NAG U . 2.14 22.98 54.28
N2 NAG U . -0.09 22.24 53.75
O3 NAG U . -0.10 21.59 50.93
O4 NAG U . -2.73 21.61 49.73
O5 NAG U . -3.42 20.75 53.21
O6 NAG U . -5.95 20.42 52.32
O7 NAG U . 1.65 21.15 52.84
C1 NAG V . 12.37 56.25 40.08
C2 NAG V . 11.08 56.03 39.28
C3 NAG V . 9.94 55.64 40.21
C4 NAG V . 10.34 54.45 41.06
C5 NAG V . 11.63 54.76 41.81
C6 NAG V . 12.13 53.58 42.61
C7 NAG V . 10.67 57.22 37.18
C8 NAG V . 10.31 58.53 36.55
N2 NAG V . 10.74 57.21 38.51
O3 NAG V . 8.79 55.32 39.44
O4 NAG V . 9.31 54.14 42.00
O5 NAG V . 12.66 55.08 40.86
O6 NAG V . 11.06 52.71 42.95
O7 NAG V . 10.91 56.22 36.51
C1 NAG W . 9.05 34.45 -13.31
C2 NAG W . 8.48 35.31 -12.18
C3 NAG W . 7.06 34.89 -11.85
C4 NAG W . 6.19 34.88 -13.10
C5 NAG W . 6.84 34.00 -14.16
C6 NAG W . 6.09 34.02 -15.47
C7 NAG W . 9.95 36.30 -10.48
C8 NAG W . 10.77 36.04 -9.27
N2 NAG W . 9.33 35.24 -11.01
O3 NAG W . 6.51 35.77 -10.88
O4 NAG W . 4.90 34.38 -12.81
O5 NAG W . 8.16 34.48 -14.43
O6 NAG W . 6.19 32.77 -16.14
O7 NAG W . 9.84 37.42 -10.96
C1 NAG X . 1.72 18.28 -47.58
C2 NAG X . 2.44 18.64 -46.28
C3 NAG X . 3.68 17.76 -46.10
C4 NAG X . 3.33 16.28 -46.30
C5 NAG X . 2.57 16.10 -47.60
C6 NAG X . 2.14 14.68 -47.85
C7 NAG X . 3.16 20.71 -45.17
C8 NAG X . 3.51 22.15 -45.35
N2 NAG X . 2.81 20.04 -46.27
O3 NAG X . 4.22 17.95 -44.80
O4 NAG X . 4.53 15.51 -46.34
O5 NAG X . 1.40 16.91 -47.58
O6 NAG X . 1.74 14.50 -49.20
O7 NAG X . 3.19 20.17 -44.06
C1 NAG Y . 35.68 39.89 -47.42
C2 NAG Y . 35.99 38.45 -47.84
C3 NAG Y . 34.98 37.98 -48.87
C4 NAG Y . 33.57 38.14 -48.33
C5 NAG Y . 33.34 39.58 -47.87
C6 NAG Y . 32.00 39.78 -47.20
C7 NAG Y . 38.26 37.53 -47.81
C8 NAG Y . 39.61 37.54 -48.47
N2 NAG Y . 37.34 38.34 -48.36
O3 NAG Y . 35.22 36.62 -49.19
O4 NAG Y . 32.60 37.81 -49.33
O5 NAG Y . 34.34 39.96 -46.91
O6 NAG Y . 31.01 38.96 -47.78
O7 NAG Y . 38.02 36.84 -46.84
C1 NAG Z . 58.35 0.37 -12.53
C2 NAG Z . 58.79 0.76 -13.94
C3 NAG Z . 58.12 -0.15 -14.97
C4 NAG Z . 58.40 -1.62 -14.63
C5 NAG Z . 58.00 -1.91 -13.19
C6 NAG Z . 58.37 -3.30 -12.75
C7 NAG Z . 57.29 2.72 -14.23
C8 NAG Z . 57.24 4.17 -14.54
N2 NAG Z . 58.51 2.16 -14.23
O3 NAG Z . 58.62 0.15 -16.27
O4 NAG Z . 57.67 -2.46 -15.51
O5 NAG Z . 58.67 -1.00 -12.30
O6 NAG Z . 59.60 -3.31 -12.03
O7 NAG Z . 56.28 2.06 -13.99
C1 NAG AA . 69.93 -30.48 6.99
C2 NAG AA . 69.73 -30.74 8.47
C3 NAG AA . 68.64 -29.84 9.02
C4 NAG AA . 68.98 -28.38 8.72
C5 NAG AA . 69.20 -28.20 7.22
C6 NAG AA . 69.64 -26.82 6.84
C7 NAG AA . 69.97 -32.87 9.68
C8 NAG AA . 69.52 -34.28 9.80
N2 NAG AA . 69.39 -32.14 8.73
O3 NAG AA . 68.54 -30.02 10.43
O4 NAG AA . 67.92 -27.53 9.15
O5 NAG AA . 70.23 -29.09 6.78
O6 NAG AA . 71.02 -26.79 6.49
O7 NAG AA . 70.81 -32.39 10.44
CA CA BA . -34.45 41.59 34.91
CA CA CA . -18.26 30.93 58.09
CA CA DA . 6.40 12.84 -65.43
#